data_7TN9
#
_entry.id   7TN9
#
_cell.length_a   1.00
_cell.length_b   1.00
_cell.length_c   1.00
_cell.angle_alpha   90.00
_cell.angle_beta   90.00
_cell.angle_gamma   90.00
#
_symmetry.space_group_name_H-M   'P 1'
#
loop_
_entity.id
_entity.type
_entity.pdbx_description
1 polymer 'REGN3471 heavy chain'
2 polymer 'Envelope glycoprotein'
3 polymer 'REGN3479 light chain'
4 polymer 'REGN3471 light chain'
5 polymer GP2
6 polymer 'REGN3479 heavy chain'
7 polymer 'REGN3470 heavy chain'
8 polymer 'REGN3470 light chain'
9 branched alpha-D-mannopyranose-(1-6)-alpha-D-mannopyranose-(1-6)-[alpha-D-mannopyranose-(1-3)]beta-D-mannopyranose-(1-4)-2-acetamido-2-deoxy-beta-D-glucopyranose-(1-4)-2-acetamido-2-deoxy-beta-D-glucopyranose
10 non-polymer 2-acetamido-2-deoxy-beta-D-glucopyranose
#
loop_
_entity_poly.entity_id
_entity_poly.type
_entity_poly.pdbx_seq_one_letter_code
_entity_poly.pdbx_strand_id
1 'polypeptide(L)'
;EVQLVESGGGLVQPGGSLRLSCAASGFTFSSYDMHWVRQATGKGLEWVSAIGTAGDTYYPGSVKGRFTISRENAKNSLYL
QMNSLRAGDTAVYYCARTWFGELYFDYWGQGTLVTVSSASTKGPSVFPLAPSSKSTSGGTAALGCLVKDYFPEPVTVSWN
SGALTSGVHTFPAVLQSSGLYSLSSVVTVPSSSLGTQTYICNVNHKPSNTKVDKKVE
;
A,C,E
2 'polypeptide(L)'
;RSIPLGVIHNSTLQVSDVDKLVCRDKLSSTNQLRSVGLNLEGNGVATDVPSATKRWGFRSGVPPKVVNYEAGEWAENCYN
LEIKKPDGSECLPAAPDGIRGFPRCRYVHKVSGTGPCAGDFAFHKEGAFFLYDRLASTVIYRGTTFAEGVVAFLILPQAK
KDFFSSHPLREPVNATEDPSSGYYSTTIRYQATGFGTNETEYLFEVDNLTYVQLESRFTPQFLLQLNETIYTSGKRSNTT
GKLIWKVNPEIDTTIGEWAFWETKKNLTRKIRSEELSFTVVNTHHQDTGEESASSGKLGLITNTIAGVAGLITGGRRTRR
E
;
T,S,U
3 'polypeptide(L)'
;DIQMTQSPSSLSASVGDRVTITCRASQSISSFLNWYQQKPGKAPKLLIYAASSLQSGVPSRFSGSGSGTDFTLTISSLQP
EDFATYYCQQSYSTLTFGQGTRLEIKRTVAAPSVFIFPPSDEQLKSGTASVVCLLNNFYPREAKVQWKVDNALQSGNSQE
SVTEQDSKDSTYSLSSTLTLSKADYEKHKVYACEVTHQGLSSPVTKSFNRGEC
;
R,N,P
4 'polypeptide(L)'
;DIVMTQSPDSLAVSLGERATINCKSSQSVLYSSNNKNYLAWYQQKPGQPPKLLIYWASTRESGVPDRFSGSGSGTEFTLT
ITSLQAEDVAVYYCQQYYSSPLTFGGGTKVEIKRTVAAPSVFIFPPSDEQLKSGTASVVCLLNNFYPREAKVQWKVDNAL
QSGNSQESVTEQDSKDSTYSLSSTLTLSKADYEKHKVYACEVTHQGLSSPVTKSFNRGEC
;
F,B,D
5 'polypeptide(L)'
;AIVNAQPKCNPNLHYWTTQDEGAAIGLAWIPYFGPAAEGIYTEGLMHNQDGLICGLRQLANETTQALQLFLRATTELRTF
SILNRKAIDFLLQRWGGTCHILGPDCCIEPHDWTKNITDKIDQIIHDFVDKTLPDDDDDK
;
W,V,X
6 'polypeptide(L)'
;EVQLVESGGGLVQPGGSLRLSCAASGFTSSSYAMNWVRQAPGKGLEWVSTISGMGGSTYYADSVKGRFTISRDNSKNTLY
LQMNSLRAEDTAVYYCAKRGYPHSFDIWGQGTMVTVSSASTKGPSVFPLAPSSKSTSGGTAALGCLVKDYFPEPVTVSWN
SGALTSGVHTFPAVLQSSGLYSLSSVVTVPSSSLGTQTYICNVNHKPSNTKVDKKVE
;
Q,M,O
7 'polypeptide(L)'
;QVQLVESGGGVVQPGRSLRLSCAASGFTFNNYGMHWVRQAPGMGLEWVAVIWHDGSDKYYADSVKGRFTISRDNSKNTLY
LQMNSLRAEDTAVYYCARNWNLFDYWGQGTLVTVSSASTKGPSVFPLAPSSKSTSGGTAALGCLVKDYFPEPVTVSWNSG
ALTSGVHTFPAVLQSSGLYSLSSVVTVPSSSLGTQTYICNVNHKPSNTKVDKKVE
;
G,I
8 'polypeptide(L)'
;DIQMTQSPSSLSASVGDRITITCRASQSISTYLHWYQQKPGKAPKLLIYAASTLQSGVPSRFSGSGSGTDFTLTISSLQP
EDFATYYCQQSFSTPPINFGQGTKLEIKRTVAAPSVFIFPPSDEQLKSGTASVVCLLNNFYPREAKVQWKVDNALQSGNS
QESVTEQDSKDSTYSLSSTLTLSKADYEKHKVYACEVTHQGLSSPVTKSFNRGEC
;
H,J
#
loop_
_chem_comp.id
_chem_comp.type
_chem_comp.name
_chem_comp.formula
BMA D-saccharide, beta linking beta-D-mannopyranose 'C6 H12 O6'
MAN D-saccharide, alpha linking alpha-D-mannopyranose 'C6 H12 O6'
NAG D-saccharide, beta linking 2-acetamido-2-deoxy-beta-D-glucopyranose 'C8 H15 N O6'
#
# COMPACT_ATOMS: atom_id res chain seq x y z
N GLU A 1 8.97 43.07 21.74
CA GLU A 1 9.63 43.01 20.44
C GLU A 1 10.89 42.14 20.53
N VAL A 2 10.92 41.07 19.74
CA VAL A 2 12.02 40.13 19.79
C VAL A 2 13.29 40.82 19.32
N GLN A 3 14.31 40.81 20.17
CA GLN A 3 15.61 41.38 19.84
C GLN A 3 16.67 40.39 20.28
N LEU A 4 17.51 39.96 19.35
CA LEU A 4 18.54 38.96 19.60
C LEU A 4 19.92 39.59 19.55
N VAL A 5 20.71 39.38 20.61
CA VAL A 5 22.06 39.92 20.71
C VAL A 5 23.03 38.75 20.65
N GLU A 6 24.00 38.83 19.76
CA GLU A 6 24.99 37.76 19.60
C GLU A 6 26.35 38.27 20.05
N SER A 7 27.10 37.40 20.71
CA SER A 7 28.40 37.73 21.24
C SER A 7 29.38 36.61 20.90
N GLY A 8 30.65 36.87 21.15
CA GLY A 8 31.67 35.93 20.77
C GLY A 8 32.14 36.18 19.36
N GLY A 9 32.97 35.28 18.87
CA GLY A 9 33.52 35.45 17.54
C GLY A 9 34.88 36.11 17.59
N GLY A 10 35.63 35.93 16.51
CA GLY A 10 36.99 36.43 16.45
C GLY A 10 37.86 35.44 15.72
N LEU A 11 39.17 35.57 15.94
CA LEU A 11 40.14 34.72 15.27
C LEU A 11 40.48 33.54 16.17
N VAL A 12 40.21 32.34 15.68
CA VAL A 12 40.55 31.10 16.37
C VAL A 12 41.39 30.24 15.45
N GLN A 13 42.48 29.69 15.96
CA GLN A 13 43.35 28.88 15.14
C GLN A 13 42.62 27.60 14.72
N PRO A 14 42.95 27.06 13.56
CA PRO A 14 42.27 25.84 13.10
C PRO A 14 42.40 24.74 14.14
N GLY A 15 41.29 24.06 14.40
CA GLY A 15 41.27 23.07 15.45
C GLY A 15 41.05 23.64 16.83
N GLY A 16 40.91 24.95 16.96
CA GLY A 16 40.66 25.58 18.24
C GLY A 16 39.20 25.50 18.63
N SER A 17 38.90 26.10 19.78
CA SER A 17 37.56 26.05 20.34
C SER A 17 37.04 27.47 20.55
N LEU A 18 35.75 27.65 20.29
CA LEU A 18 35.10 28.93 20.45
C LEU A 18 33.71 28.74 21.04
N ARG A 19 33.23 29.75 21.75
CA ARG A 19 31.89 29.77 22.32
C ARG A 19 31.14 30.99 21.80
N LEU A 20 30.00 30.77 21.16
CA LEU A 20 29.14 31.83 20.67
C LEU A 20 27.90 31.92 21.54
N SER A 21 27.60 33.12 22.03
CA SER A 21 26.47 33.36 22.91
C SER A 21 25.45 34.25 22.24
N CYS A 22 24.21 33.79 22.20
CA CYS A 22 23.08 34.58 21.68
C CYS A 22 22.14 34.89 22.82
N ALA A 23 22.25 36.10 23.37
CA ALA A 23 21.29 36.55 24.36
C ALA A 23 20.00 36.96 23.68
N ALA A 24 18.88 36.59 24.29
CA ALA A 24 17.56 36.83 23.72
C ALA A 24 16.70 37.65 24.67
N SER A 25 15.96 38.61 24.13
CA SER A 25 15.09 39.45 24.92
C SER A 25 13.80 39.69 24.15
N GLY A 26 12.72 39.95 24.90
CA GLY A 26 11.46 40.33 24.31
C GLY A 26 10.50 39.20 24.02
N PHE A 27 10.88 37.95 24.27
CA PHE A 27 9.95 36.85 24.11
C PHE A 27 10.27 35.78 25.13
N THR A 28 9.33 34.86 25.32
CA THR A 28 9.54 33.76 26.25
C THR A 28 10.53 32.79 25.62
N PHE A 29 11.73 32.72 26.17
CA PHE A 29 12.78 31.92 25.55
C PHE A 29 12.45 30.44 25.60
N SER A 30 11.88 29.98 26.72
CA SER A 30 11.65 28.55 26.88
C SER A 30 10.71 28.01 25.82
N SER A 31 9.68 28.78 25.47
CA SER A 31 8.67 28.28 24.54
C SER A 31 9.25 28.03 23.15
N TYR A 32 10.17 28.89 22.70
CA TYR A 32 10.64 28.87 21.33
C TYR A 32 11.93 28.08 21.21
N ASP A 33 11.96 27.13 20.29
CA ASP A 33 13.20 26.47 19.94
C ASP A 33 14.05 27.38 19.06
N MET A 34 15.37 27.29 19.24
CA MET A 34 16.31 28.24 18.66
C MET A 34 17.30 27.52 17.76
N HIS A 35 17.77 28.23 16.74
CA HIS A 35 18.67 27.67 15.75
C HIS A 35 19.84 28.60 15.53
N TRP A 36 20.95 28.02 15.06
CA TRP A 36 22.10 28.78 14.59
C TRP A 36 22.20 28.62 13.09
N VAL A 37 22.32 29.73 12.37
CA VAL A 37 22.52 29.74 10.94
C VAL A 37 23.76 30.55 10.63
N ARG A 38 24.64 30.00 9.81
CA ARG A 38 25.88 30.67 9.44
C ARG A 38 25.84 31.00 7.95
N GLN A 39 26.23 32.22 7.62
CA GLN A 39 26.33 32.65 6.23
C GLN A 39 27.80 32.79 5.89
N ALA A 40 28.29 31.93 5.00
CA ALA A 40 29.67 32.06 4.53
C ALA A 40 29.82 33.37 3.77
N THR A 41 31.01 33.95 3.85
CA THR A 41 31.24 35.27 3.25
C THR A 41 30.93 35.26 1.76
N GLY A 42 31.31 34.18 1.07
CA GLY A 42 31.06 34.04 -0.35
C GLY A 42 29.95 33.07 -0.72
N LYS A 43 29.14 32.63 0.23
CA LYS A 43 28.14 31.61 -0.03
C LYS A 43 26.84 32.00 0.67
N GLY A 44 25.76 31.31 0.32
CA GLY A 44 24.47 31.56 0.92
C GLY A 44 24.37 30.99 2.32
N LEU A 45 23.25 31.31 2.97
CA LEU A 45 23.03 30.87 4.34
C LEU A 45 23.02 29.35 4.43
N GLU A 46 23.62 28.84 5.50
CA GLU A 46 23.65 27.41 5.79
C GLU A 46 23.21 27.20 7.23
N TRP A 47 22.24 26.30 7.43
CA TRP A 47 21.78 26.00 8.77
C TRP A 47 22.81 25.11 9.46
N VAL A 48 23.21 25.49 10.66
CA VAL A 48 24.34 24.82 11.31
C VAL A 48 23.97 24.13 12.61
N SER A 49 22.88 24.49 13.27
CA SER A 49 22.50 23.79 14.50
C SER A 49 21.10 24.18 14.90
N ALA A 50 20.48 23.34 15.73
CA ALA A 50 19.17 23.64 16.27
C ALA A 50 19.07 23.08 17.68
N ILE A 51 18.40 23.82 18.55
CA ILE A 51 18.12 23.38 19.92
C ILE A 51 16.62 23.38 20.11
N GLY A 52 16.11 22.32 20.69
CA GLY A 52 14.70 22.28 21.03
C GLY A 52 14.42 22.97 22.33
N THR A 53 13.14 23.15 22.62
CA THR A 53 12.78 23.74 23.89
C THR A 53 13.18 22.86 25.07
N ALA A 54 13.25 21.55 24.86
CA ALA A 54 13.58 20.61 25.92
C ALA A 54 15.08 20.37 26.04
N GLY A 55 15.90 21.10 25.30
CA GLY A 55 17.33 20.98 25.38
C GLY A 55 17.96 19.94 24.47
N ASP A 56 17.17 19.23 23.67
CA ASP A 56 17.75 18.31 22.70
C ASP A 56 18.50 19.07 21.60
N THR A 57 19.68 18.57 21.27
CA THR A 57 20.60 19.22 20.34
C THR A 57 20.59 18.48 19.01
N TYR A 58 20.41 19.22 17.93
CA TYR A 58 20.31 18.65 16.59
C TYR A 58 21.29 19.32 15.65
N TYR A 59 22.09 18.53 14.93
CA TYR A 59 23.11 19.12 14.08
C TYR A 59 23.11 18.52 12.69
N PRO A 60 23.51 19.31 11.69
CA PRO A 60 23.78 18.77 10.36
C PRO A 60 25.12 18.06 10.34
N GLY A 61 25.37 17.36 9.23
CA GLY A 61 26.55 16.52 9.14
C GLY A 61 27.85 17.27 9.30
N SER A 62 27.92 18.50 8.79
CA SER A 62 29.19 19.23 8.76
C SER A 62 29.74 19.44 10.16
N VAL A 63 28.86 19.73 11.11
CA VAL A 63 29.28 20.04 12.46
C VAL A 63 28.75 18.98 13.42
N LYS A 64 28.53 17.76 12.90
CA LYS A 64 27.81 16.76 13.69
C LYS A 64 28.52 16.46 14.99
N GLY A 65 29.83 16.29 14.95
CA GLY A 65 30.55 15.90 16.16
C GLY A 65 31.37 17.01 16.78
N ARG A 66 31.39 18.17 16.14
CA ARG A 66 32.29 19.25 16.54
C ARG A 66 31.58 20.41 17.22
N PHE A 67 30.26 20.51 17.13
CA PHE A 67 29.52 21.65 17.64
C PHE A 67 28.61 21.18 18.75
N THR A 68 28.60 21.91 19.86
CA THR A 68 27.68 21.66 20.95
C THR A 68 26.84 22.91 21.17
N ILE A 69 25.53 22.75 21.06
CA ILE A 69 24.58 23.84 21.23
C ILE A 69 23.87 23.64 22.56
N SER A 70 23.76 24.71 23.34
CA SER A 70 23.10 24.63 24.62
C SER A 70 22.29 25.89 24.88
N ARG A 71 21.13 25.71 25.52
CA ARG A 71 20.30 26.81 25.97
C ARG A 71 20.08 26.66 27.48
N GLU A 72 20.27 27.75 28.21
CA GLU A 72 19.88 27.77 29.61
C GLU A 72 18.74 28.79 29.72
N ASN A 73 17.53 28.29 29.91
CA ASN A 73 16.37 29.17 29.93
C ASN A 73 16.44 30.18 31.06
N ALA A 74 17.10 29.80 32.17
CA ALA A 74 17.05 30.61 33.38
C ALA A 74 17.57 32.02 33.15
N LYS A 75 18.74 32.15 32.52
CA LYS A 75 19.31 33.46 32.26
C LYS A 75 19.02 33.96 30.85
N ASN A 76 18.20 33.22 30.10
CA ASN A 76 17.70 33.67 28.81
C ASN A 76 18.83 33.93 27.81
N SER A 77 19.80 33.01 27.78
CA SER A 77 20.91 33.10 26.85
C SER A 77 21.13 31.73 26.22
N LEU A 78 21.53 31.74 24.95
CA LEU A 78 21.81 30.53 24.20
C LEU A 78 23.24 30.49 23.70
N TYR A 79 23.91 29.36 23.88
CA TYR A 79 25.30 29.17 23.53
C TYR A 79 25.50 28.10 22.47
N LEU A 80 26.34 28.39 21.50
CA LEU A 80 26.88 27.40 20.58
C LEU A 80 28.37 27.30 20.87
N GLN A 81 28.83 26.11 21.24
CA GLN A 81 30.23 25.90 21.56
C GLN A 81 30.85 25.10 20.43
N MET A 82 31.87 25.68 19.81
CA MET A 82 32.49 25.13 18.61
C MET A 82 33.86 24.57 18.95
N ASN A 83 34.09 23.33 18.59
CA ASN A 83 35.37 22.67 18.80
C ASN A 83 35.93 22.17 17.48
N SER A 84 37.26 22.08 17.41
CA SER A 84 37.95 21.56 16.22
C SER A 84 37.56 22.32 14.96
N LEU A 85 37.49 23.65 15.08
CA LEU A 85 37.08 24.47 13.96
C LEU A 85 38.05 24.32 12.79
N ARG A 86 37.50 24.06 11.61
CA ARG A 86 38.26 23.98 10.38
C ARG A 86 38.09 25.28 9.60
N ALA A 87 38.91 25.43 8.56
CA ALA A 87 38.87 26.66 7.78
C ALA A 87 37.52 26.88 7.13
N GLY A 88 36.78 25.80 6.87
CA GLY A 88 35.46 25.95 6.28
C GLY A 88 34.51 26.73 7.16
N ASP A 89 34.60 26.54 8.48
CA ASP A 89 33.69 27.19 9.42
C ASP A 89 34.18 28.61 9.76
N THR A 90 34.28 29.43 8.72
CA THR A 90 34.70 30.82 8.87
C THR A 90 33.58 31.80 8.54
N ALA A 91 32.34 31.36 8.64
CA ALA A 91 31.19 32.15 8.21
C ALA A 91 30.79 33.16 9.28
N VAL A 92 29.74 33.91 8.99
CA VAL A 92 29.08 34.77 9.95
C VAL A 92 27.92 34.00 10.54
N TYR A 93 27.88 33.85 11.85
CA TYR A 93 26.90 33.00 12.51
C TYR A 93 25.75 33.83 13.05
N TYR A 94 24.53 33.45 12.69
CA TYR A 94 23.32 34.13 13.13
C TYR A 94 22.52 33.18 14.00
N CYS A 95 22.19 33.60 15.21
CA CYS A 95 21.22 32.85 15.99
C CYS A 95 19.85 33.26 15.51
N ALA A 96 18.97 32.28 15.31
CA ALA A 96 17.67 32.53 14.74
C ALA A 96 16.61 31.85 15.58
N ARG A 97 15.45 32.46 15.64
CA ARG A 97 14.31 31.92 16.36
C ARG A 97 13.30 31.42 15.34
N THR A 98 13.03 30.12 15.37
CA THR A 98 11.96 29.63 14.52
C THR A 98 10.63 30.06 15.10
N TRP A 99 9.64 30.25 14.23
CA TRP A 99 8.33 30.58 14.73
C TRP A 99 7.79 29.42 15.55
N PHE A 100 6.94 29.75 16.51
CA PHE A 100 6.40 28.76 17.43
C PHE A 100 5.84 27.58 16.66
N GLY A 101 6.44 26.42 16.85
CA GLY A 101 5.95 25.21 16.24
C GLY A 101 6.25 25.08 14.75
N GLU A 102 6.98 26.02 14.17
CA GLU A 102 7.26 26.00 12.75
C GLU A 102 8.74 26.23 12.54
N LEU A 103 9.21 25.86 11.35
CA LEU A 103 10.64 25.76 11.11
C LEU A 103 11.23 26.91 10.30
N TYR A 104 10.46 27.95 10.01
CA TYR A 104 11.01 29.12 9.35
C TYR A 104 11.47 30.15 10.38
N PHE A 105 12.66 30.70 10.15
CA PHE A 105 13.32 31.56 11.13
C PHE A 105 12.79 32.98 11.01
N ASP A 106 11.82 33.32 11.86
CA ASP A 106 11.22 34.65 11.76
C ASP A 106 12.16 35.76 12.22
N TYR A 107 12.85 35.57 13.34
CA TYR A 107 13.68 36.61 13.91
C TYR A 107 15.14 36.18 13.97
N TRP A 108 16.02 37.05 13.51
CA TRP A 108 17.44 36.82 13.47
C TRP A 108 18.15 37.85 14.33
N GLY A 109 19.41 37.58 14.65
CA GLY A 109 20.20 38.55 15.38
C GLY A 109 21.41 38.96 14.56
N GLN A 110 21.98 40.13 14.85
CA GLN A 110 23.12 40.59 14.09
C GLN A 110 24.24 39.57 14.19
N GLY A 111 24.84 39.24 13.06
CA GLY A 111 25.79 38.15 13.05
C GLY A 111 27.10 38.48 13.74
N THR A 112 27.81 37.43 14.12
CA THR A 112 29.14 37.53 14.67
C THR A 112 30.09 36.79 13.75
N LEU A 113 31.18 37.46 13.36
CA LEU A 113 32.12 36.90 12.40
C LEU A 113 33.18 36.09 13.12
N VAL A 114 33.32 34.84 12.71
CA VAL A 114 34.38 33.97 13.21
C VAL A 114 35.33 33.66 12.06
N THR A 115 36.61 33.86 12.29
CA THR A 115 37.63 33.66 11.28
C THR A 115 38.61 32.60 11.74
N VAL A 116 38.86 31.61 10.90
CA VAL A 116 39.74 30.51 11.24
C VAL A 116 41.06 30.63 10.48
N SER B 2 -22.78 -12.40 4.02
CA SER B 2 -23.72 -13.39 3.52
C SER B 2 -23.57 -13.56 2.01
N ILE B 3 -22.32 -13.72 1.56
CA ILE B 3 -22.09 -13.97 0.13
C ILE B 3 -22.74 -15.29 -0.26
N PRO B 4 -23.37 -15.38 -1.42
CA PRO B 4 -23.98 -16.66 -1.81
C PRO B 4 -22.91 -17.71 -1.98
N LEU B 5 -23.13 -18.87 -1.37
CA LEU B 5 -22.19 -19.98 -1.42
C LEU B 5 -22.83 -21.12 -2.19
N GLY B 6 -22.34 -21.38 -3.40
CA GLY B 6 -22.95 -22.40 -4.23
C GLY B 6 -22.62 -23.79 -3.71
N VAL B 7 -23.62 -24.66 -3.74
CA VAL B 7 -23.45 -26.06 -3.36
C VAL B 7 -23.64 -26.90 -4.61
N ILE B 8 -22.66 -27.74 -4.90
CA ILE B 8 -22.73 -28.66 -6.03
C ILE B 8 -23.21 -30.01 -5.52
N HIS B 9 -24.38 -30.44 -5.99
CA HIS B 9 -24.93 -31.75 -5.66
C HIS B 9 -25.23 -32.50 -6.94
N ASN B 10 -24.61 -33.67 -7.12
CA ASN B 10 -24.89 -34.55 -8.25
C ASN B 10 -24.74 -33.81 -9.57
N SER B 11 -23.68 -33.00 -9.67
CA SER B 11 -23.38 -32.22 -10.87
C SER B 11 -24.48 -31.22 -11.19
N THR B 12 -25.21 -30.79 -10.17
CA THR B 12 -26.22 -29.76 -10.30
C THR B 12 -25.93 -28.68 -9.27
N LEU B 13 -26.01 -27.42 -9.69
CA LEU B 13 -25.64 -26.29 -8.84
C LEU B 13 -26.87 -25.77 -8.12
N GLN B 14 -26.97 -26.07 -6.83
CA GLN B 14 -27.98 -25.49 -5.97
C GLN B 14 -27.29 -24.48 -5.07
N VAL B 15 -27.65 -23.20 -5.21
CA VAL B 15 -27.11 -22.19 -4.30
C VAL B 15 -27.65 -22.48 -2.91
N SER B 16 -26.78 -22.33 -1.90
CA SER B 16 -27.17 -22.71 -0.56
C SER B 16 -28.18 -21.74 0.04
N ASP B 17 -28.89 -22.22 1.05
CA ASP B 17 -29.87 -21.41 1.78
C ASP B 17 -29.35 -21.27 3.21
N VAL B 18 -29.00 -20.03 3.59
CA VAL B 18 -28.37 -19.79 4.89
C VAL B 18 -29.25 -20.33 6.02
N ASP B 19 -30.49 -19.87 6.11
CA ASP B 19 -31.37 -20.22 7.22
C ASP B 19 -31.68 -21.72 7.27
N LYS B 20 -31.86 -22.36 6.11
CA LYS B 20 -32.33 -23.74 6.08
C LYS B 20 -31.38 -24.69 6.80
N LEU B 21 -30.07 -24.48 6.67
CA LEU B 21 -29.06 -25.41 7.20
C LEU B 21 -29.38 -26.85 6.76
N VAL B 22 -29.57 -26.99 5.44
CA VAL B 22 -30.01 -28.26 4.87
C VAL B 22 -29.12 -29.38 5.36
N CYS B 23 -29.74 -30.47 5.80
CA CYS B 23 -28.99 -31.60 6.33
C CYS B 23 -28.14 -32.28 5.26
N ARG B 24 -28.69 -32.41 4.05
CA ARG B 24 -28.02 -33.15 2.98
C ARG B 24 -26.56 -32.73 2.77
N ASP B 25 -26.32 -31.46 2.47
CA ASP B 25 -24.97 -31.02 2.12
C ASP B 25 -23.97 -31.35 3.22
N LYS B 26 -22.81 -31.87 2.83
CA LYS B 26 -21.78 -32.27 3.77
C LYS B 26 -20.49 -31.54 3.41
N LEU B 27 -19.94 -30.80 4.35
CA LEU B 27 -18.66 -30.13 4.18
C LEU B 27 -17.65 -30.90 5.03
N SER B 28 -16.93 -31.82 4.41
CA SER B 28 -15.98 -32.63 5.15
C SER B 28 -14.76 -31.84 5.60
N SER B 29 -14.23 -30.97 4.73
CA SER B 29 -12.99 -30.27 5.04
C SER B 29 -12.93 -29.00 4.22
N THR B 30 -11.98 -28.13 4.59
CA THR B 30 -11.83 -26.85 3.90
C THR B 30 -11.38 -27.03 2.46
N ASN B 31 -10.83 -28.19 2.11
CA ASN B 31 -10.48 -28.46 0.72
C ASN B 31 -11.71 -28.38 -0.16
N GLN B 32 -12.85 -28.85 0.34
CA GLN B 32 -14.07 -28.83 -0.44
C GLN B 32 -14.47 -27.40 -0.78
N LEU B 33 -14.30 -26.48 0.15
CA LEU B 33 -14.54 -25.07 -0.13
C LEU B 33 -13.58 -24.59 -1.18
N ARG B 34 -14.10 -23.87 -2.17
CA ARG B 34 -13.25 -23.35 -3.23
C ARG B 34 -13.82 -22.03 -3.71
N SER B 35 -12.94 -21.18 -4.22
CA SER B 35 -13.33 -19.92 -4.84
C SER B 35 -12.95 -19.98 -6.30
N VAL B 36 -13.89 -19.70 -7.18
CA VAL B 36 -13.68 -19.81 -8.62
C VAL B 36 -13.78 -18.43 -9.23
N GLY B 37 -12.79 -18.06 -10.03
CA GLY B 37 -12.84 -16.81 -10.75
C GLY B 37 -13.18 -17.02 -12.21
N LEU B 38 -14.41 -16.70 -12.60
CA LEU B 38 -14.88 -16.92 -13.95
C LEU B 38 -14.79 -15.64 -14.75
N ASN B 39 -14.23 -15.74 -15.94
CA ASN B 39 -13.97 -14.56 -16.75
C ASN B 39 -15.25 -13.97 -17.31
N LEU B 40 -15.23 -12.66 -17.57
CA LEU B 40 -16.37 -12.03 -18.21
C LEU B 40 -16.51 -12.46 -19.65
N GLU B 41 -15.39 -12.81 -20.31
CA GLU B 41 -15.46 -13.18 -21.72
C GLU B 41 -16.41 -14.36 -21.93
N GLY B 42 -16.53 -15.22 -20.92
CA GLY B 42 -17.42 -16.36 -21.00
C GLY B 42 -18.88 -15.99 -20.89
N ASN B 43 -19.14 -14.76 -20.52
CA ASN B 43 -20.48 -14.24 -20.26
C ASN B 43 -21.09 -13.56 -21.47
N GLY B 44 -20.40 -13.59 -22.62
CA GLY B 44 -20.92 -13.01 -23.84
C GLY B 44 -20.70 -11.53 -23.97
N VAL B 45 -20.01 -10.90 -23.01
CA VAL B 45 -19.74 -9.47 -23.12
C VAL B 45 -18.74 -9.25 -24.24
N ALA B 46 -18.81 -8.08 -24.85
CA ALA B 46 -17.82 -7.76 -25.88
C ALA B 46 -16.44 -7.78 -25.23
N THR B 47 -15.46 -8.33 -25.94
CA THR B 47 -14.16 -8.55 -25.37
C THR B 47 -13.05 -7.80 -26.10
N ASP B 48 -13.36 -7.12 -27.18
CA ASP B 48 -12.37 -6.35 -27.90
C ASP B 48 -11.97 -5.12 -27.09
N VAL B 49 -10.72 -4.69 -27.25
CA VAL B 49 -10.21 -3.61 -26.40
C VAL B 49 -10.98 -2.31 -26.54
N PRO B 50 -11.46 -1.88 -27.72
CA PRO B 50 -12.24 -0.63 -27.74
C PRO B 50 -13.47 -0.69 -26.87
N SER B 51 -14.27 -1.74 -26.97
CA SER B 51 -15.45 -1.86 -26.11
C SER B 51 -15.05 -2.13 -24.67
N ALA B 52 -14.05 -2.99 -24.46
CA ALA B 52 -13.69 -3.39 -23.10
C ALA B 52 -13.23 -2.18 -22.30
N THR B 53 -12.46 -1.29 -22.91
CA THR B 53 -11.99 -0.11 -22.20
C THR B 53 -13.16 0.73 -21.69
N LYS B 54 -14.26 0.76 -22.43
CA LYS B 54 -15.40 1.56 -22.01
C LYS B 54 -15.92 1.10 -20.65
N ARG B 55 -15.95 -0.20 -20.42
CA ARG B 55 -16.42 -0.70 -19.14
C ARG B 55 -15.49 -0.31 -17.99
N TRP B 56 -14.19 -0.23 -18.24
CA TRP B 56 -13.28 0.24 -17.21
C TRP B 56 -13.45 1.73 -17.00
N GLY B 57 -13.22 2.19 -15.77
CA GLY B 57 -13.37 3.60 -15.48
C GLY B 57 -12.52 4.02 -14.30
N PHE B 58 -12.21 5.32 -14.26
CA PHE B 58 -11.33 5.89 -13.26
C PHE B 58 -12.14 6.69 -12.25
N ARG B 59 -11.92 6.40 -10.97
CA ARG B 59 -12.56 7.12 -9.89
C ARG B 59 -11.53 7.29 -8.77
N SER B 60 -11.77 8.28 -7.93
CA SER B 60 -10.87 8.56 -6.82
C SER B 60 -11.68 8.69 -5.54
N GLY B 61 -11.03 8.40 -4.42
CA GLY B 61 -11.68 8.43 -3.13
C GLY B 61 -12.14 7.08 -2.62
N VAL B 62 -11.96 6.03 -3.39
CA VAL B 62 -12.30 4.66 -2.98
C VAL B 62 -11.01 3.86 -2.88
N PRO B 63 -10.75 3.19 -1.76
CA PRO B 63 -9.55 2.36 -1.64
C PRO B 63 -9.68 1.09 -2.46
N PRO B 64 -8.58 0.62 -3.05
CA PRO B 64 -8.61 -0.66 -3.76
C PRO B 64 -8.70 -1.83 -2.79
N LYS B 65 -9.39 -2.89 -3.23
CA LYS B 65 -9.51 -4.11 -2.46
C LYS B 65 -9.19 -5.29 -3.36
N VAL B 66 -8.64 -6.36 -2.77
CA VAL B 66 -8.31 -7.55 -3.53
C VAL B 66 -8.80 -8.78 -2.78
N VAL B 67 -9.06 -9.84 -3.54
CA VAL B 67 -9.55 -11.11 -3.01
C VAL B 67 -8.75 -12.22 -3.69
N ASN B 68 -8.69 -13.38 -3.06
CA ASN B 68 -8.04 -14.52 -3.67
C ASN B 68 -9.08 -15.50 -4.20
N TYR B 69 -8.90 -15.93 -5.44
CA TYR B 69 -9.68 -17.01 -6.02
C TYR B 69 -8.73 -18.17 -6.24
N GLU B 70 -9.04 -19.31 -5.65
CA GLU B 70 -8.12 -20.44 -5.68
C GLU B 70 -7.95 -20.98 -7.09
N ALA B 71 -9.03 -21.03 -7.86
CA ALA B 71 -8.97 -21.58 -9.20
C ALA B 71 -9.61 -20.59 -10.17
N GLY B 72 -9.22 -20.69 -11.44
CA GLY B 72 -9.68 -19.73 -12.42
C GLY B 72 -9.85 -20.40 -13.77
N GLU B 73 -10.42 -19.63 -14.69
CA GLU B 73 -10.75 -20.10 -16.02
C GLU B 73 -9.81 -19.48 -17.04
N TRP B 74 -9.37 -20.27 -18.01
CA TRP B 74 -8.63 -19.71 -19.12
C TRP B 74 -9.45 -18.63 -19.81
N ALA B 75 -8.80 -17.51 -20.10
CA ALA B 75 -9.48 -16.38 -20.71
C ALA B 75 -8.92 -16.19 -22.11
N GLU B 76 -9.81 -16.05 -23.08
CA GLU B 76 -9.36 -15.84 -24.45
C GLU B 76 -8.63 -14.50 -24.57
N ASN B 77 -9.15 -13.47 -23.92
CA ASN B 77 -8.60 -12.13 -24.03
C ASN B 77 -8.26 -11.60 -22.65
N CYS B 78 -7.02 -11.18 -22.48
CA CYS B 78 -6.55 -10.55 -21.26
C CYS B 78 -5.93 -9.22 -21.64
N TYR B 79 -5.93 -8.28 -20.71
CA TYR B 79 -5.47 -6.94 -21.01
C TYR B 79 -4.34 -6.55 -20.09
N ASN B 80 -3.32 -5.94 -20.66
CA ASN B 80 -2.20 -5.38 -19.93
C ASN B 80 -2.10 -3.92 -20.30
N LEU B 81 -2.17 -3.04 -19.30
CA LEU B 81 -2.25 -1.61 -19.55
C LEU B 81 -0.96 -0.92 -19.14
N GLU B 82 -0.49 -0.03 -20.00
CA GLU B 82 0.70 0.78 -19.76
C GLU B 82 0.37 2.26 -19.81
N ILE B 83 -0.85 2.62 -19.39
CA ILE B 83 -1.31 3.99 -19.56
C ILE B 83 -0.46 4.97 -18.77
N LYS B 84 -0.16 6.09 -19.40
CA LYS B 84 0.55 7.20 -18.79
C LYS B 84 -0.24 8.47 -19.10
N LYS B 85 -0.14 9.47 -18.22
CA LYS B 85 -0.84 10.70 -18.48
C LYS B 85 -0.19 11.42 -19.66
N PRO B 86 -0.91 12.33 -20.31
CA PRO B 86 -0.35 13.00 -21.49
C PRO B 86 0.91 13.79 -21.23
N ASP B 87 1.20 14.13 -19.98
CA ASP B 87 2.47 14.76 -19.66
C ASP B 87 3.52 13.74 -19.23
N GLY B 88 3.16 12.47 -19.16
CA GLY B 88 4.07 11.44 -18.72
C GLY B 88 3.92 11.04 -17.27
N SER B 89 2.99 11.64 -16.54
CA SER B 89 2.77 11.26 -15.16
C SER B 89 2.15 9.87 -15.10
N GLU B 90 2.37 9.19 -13.98
CA GLU B 90 1.78 7.88 -13.78
C GLU B 90 0.27 7.97 -13.67
N CYS B 91 -0.43 7.06 -14.34
CA CYS B 91 -1.88 6.96 -14.25
C CYS B 91 -2.35 5.76 -13.46
N LEU B 92 -1.75 4.63 -13.69
CA LEU B 92 -2.19 3.44 -13.02
C LEU B 92 -1.20 3.05 -11.94
N PRO B 93 -1.67 2.69 -10.75
CA PRO B 93 -0.73 2.38 -9.67
C PRO B 93 0.14 1.21 -10.04
N ALA B 94 1.37 1.21 -9.54
CA ALA B 94 2.25 0.09 -9.83
C ALA B 94 1.74 -1.13 -9.08
N ALA B 95 2.05 -2.30 -9.62
CA ALA B 95 1.53 -3.52 -9.02
C ALA B 95 2.17 -3.74 -7.66
N PRO B 96 1.40 -4.14 -6.66
CA PRO B 96 2.00 -4.56 -5.39
C PRO B 96 2.75 -5.85 -5.60
N ASP B 97 3.58 -6.19 -4.61
CA ASP B 97 4.50 -7.32 -4.77
C ASP B 97 3.77 -8.62 -5.09
N GLY B 98 2.69 -8.92 -4.36
CA GLY B 98 2.00 -10.18 -4.57
C GLY B 98 1.36 -10.28 -5.94
N ILE B 99 0.82 -9.17 -6.45
CA ILE B 99 0.07 -9.20 -7.70
C ILE B 99 0.96 -9.64 -8.84
N ARG B 100 0.47 -10.58 -9.64
CA ARG B 100 1.16 -11.06 -10.83
C ARG B 100 0.15 -11.21 -11.95
N GLY B 101 0.64 -11.36 -13.18
CA GLY B 101 -0.23 -11.39 -14.33
C GLY B 101 -1.12 -12.62 -14.34
N PHE B 102 -2.23 -12.49 -15.03
CA PHE B 102 -3.19 -13.61 -15.13
C PHE B 102 -2.48 -14.81 -15.74
N PRO B 103 -2.65 -16.01 -15.16
CA PRO B 103 -1.82 -17.14 -15.57
C PRO B 103 -2.00 -17.59 -17.01
N ARG B 104 -3.23 -17.79 -17.46
CA ARG B 104 -3.49 -18.40 -18.77
C ARG B 104 -4.34 -17.46 -19.61
N CYS B 105 -3.73 -16.91 -20.67
CA CYS B 105 -4.41 -16.00 -21.57
C CYS B 105 -4.12 -16.39 -23.00
N ARG B 106 -5.16 -16.61 -23.80
CA ARG B 106 -4.95 -16.90 -25.21
C ARG B 106 -4.37 -15.69 -25.93
N TYR B 107 -4.97 -14.52 -25.71
CA TYR B 107 -4.54 -13.27 -26.34
C TYR B 107 -4.36 -12.23 -25.26
N VAL B 108 -3.16 -11.67 -25.16
CA VAL B 108 -2.88 -10.60 -24.22
C VAL B 108 -2.94 -9.29 -24.98
N HIS B 109 -3.93 -8.46 -24.66
CA HIS B 109 -4.09 -7.16 -25.30
C HIS B 109 -3.29 -6.16 -24.50
N LYS B 110 -2.11 -5.80 -25.00
CA LYS B 110 -1.21 -4.91 -24.28
C LYS B 110 -1.43 -3.50 -24.81
N VAL B 111 -2.07 -2.66 -24.00
CA VAL B 111 -2.42 -1.30 -24.39
C VAL B 111 -1.45 -0.35 -23.72
N SER B 112 -0.66 0.36 -24.53
CA SER B 112 0.26 1.37 -24.03
C SER B 112 -0.09 2.68 -24.72
N GLY B 113 -0.35 3.71 -23.92
CA GLY B 113 -0.79 4.96 -24.51
C GLY B 113 -1.00 6.01 -23.45
N THR B 114 -1.58 7.12 -23.87
CA THR B 114 -1.81 8.27 -23.01
C THR B 114 -3.29 8.56 -22.93
N GLY B 115 -3.81 8.68 -21.72
CA GLY B 115 -5.20 9.03 -21.54
C GLY B 115 -5.43 9.91 -20.34
N PRO B 116 -6.50 10.71 -20.37
CA PRO B 116 -6.90 11.44 -19.18
C PRO B 116 -7.14 10.45 -18.07
N CYS B 117 -6.64 10.77 -16.89
CA CYS B 117 -6.65 9.82 -15.80
C CYS B 117 -7.25 10.53 -14.59
N ALA B 118 -8.58 10.62 -14.58
CA ALA B 118 -9.27 11.44 -13.59
C ALA B 118 -9.05 10.92 -12.18
N GLY B 119 -9.24 9.63 -11.98
CA GLY B 119 -9.22 9.06 -10.65
C GLY B 119 -7.86 8.55 -10.23
N ASP B 120 -7.74 8.32 -8.92
CA ASP B 120 -6.54 7.70 -8.40
C ASP B 120 -6.38 6.29 -8.95
N PHE B 121 -7.48 5.56 -9.04
CA PHE B 121 -7.49 4.16 -9.45
C PHE B 121 -8.54 3.95 -10.51
N ALA B 122 -8.38 2.87 -11.27
CA ALA B 122 -9.32 2.50 -12.31
C ALA B 122 -10.21 1.38 -11.79
N PHE B 123 -11.51 1.53 -11.97
CA PHE B 123 -12.48 0.59 -11.45
C PHE B 123 -13.34 0.07 -12.58
N HIS B 124 -13.93 -1.10 -12.36
CA HIS B 124 -14.76 -1.74 -13.37
C HIS B 124 -16.17 -1.19 -13.23
N LYS B 125 -16.70 -0.61 -14.31
CA LYS B 125 -18.04 -0.04 -14.25
C LYS B 125 -19.12 -1.12 -14.14
N GLU B 126 -18.78 -2.37 -14.44
CA GLU B 126 -19.73 -3.46 -14.42
C GLU B 126 -19.81 -4.09 -13.04
N GLY B 127 -18.94 -3.69 -12.13
CA GLY B 127 -18.91 -4.23 -10.79
C GLY B 127 -18.03 -5.45 -10.66
N ALA B 128 -17.44 -5.90 -11.76
CA ALA B 128 -16.64 -7.11 -11.75
C ALA B 128 -15.26 -6.81 -11.20
N PHE B 129 -14.48 -7.86 -11.02
CA PHE B 129 -13.14 -7.75 -10.50
C PHE B 129 -12.14 -7.93 -11.63
N PHE B 130 -10.95 -7.39 -11.43
CA PHE B 130 -9.83 -7.64 -12.33
C PHE B 130 -9.02 -8.77 -11.73
N LEU B 131 -8.88 -9.86 -12.47
CA LEU B 131 -8.27 -11.07 -11.94
C LEU B 131 -6.77 -11.06 -12.22
N TYR B 132 -5.96 -11.22 -11.19
CA TYR B 132 -4.50 -11.29 -11.33
C TYR B 132 -4.01 -12.51 -10.57
N ASP B 133 -3.64 -13.56 -11.29
CA ASP B 133 -2.87 -14.69 -10.77
C ASP B 133 -3.36 -15.03 -9.36
N ARG B 134 -4.61 -15.47 -9.29
CA ARG B 134 -5.23 -15.95 -8.06
C ARG B 134 -5.57 -14.82 -7.11
N LEU B 135 -5.51 -13.58 -7.58
CA LEU B 135 -5.92 -12.43 -6.79
C LEU B 135 -6.91 -11.64 -7.61
N ALA B 136 -8.09 -11.39 -7.05
CA ALA B 136 -9.13 -10.64 -7.74
C ALA B 136 -9.20 -9.26 -7.13
N SER B 137 -8.96 -8.24 -7.95
CA SER B 137 -8.89 -6.88 -7.47
C SER B 137 -10.01 -6.06 -8.10
N THR B 138 -10.36 -4.98 -7.44
CA THR B 138 -11.31 -4.03 -8.00
C THR B 138 -10.63 -2.90 -8.74
N VAL B 139 -9.30 -2.93 -8.84
CA VAL B 139 -8.54 -1.83 -9.42
C VAL B 139 -7.54 -2.38 -10.42
N ILE B 140 -7.36 -1.66 -11.52
CA ILE B 140 -6.37 -2.03 -12.53
C ILE B 140 -4.98 -1.64 -12.05
N TYR B 141 -4.02 -2.54 -12.23
CA TYR B 141 -2.64 -2.30 -11.86
C TYR B 141 -1.77 -2.24 -13.11
N ARG B 142 -0.81 -1.33 -13.11
CA ARG B 142 -0.02 -1.05 -14.31
C ARG B 142 0.83 -2.25 -14.68
N GLY B 143 0.88 -2.53 -15.99
CA GLY B 143 1.83 -3.49 -16.52
C GLY B 143 1.69 -4.91 -16.03
N THR B 144 0.50 -5.32 -15.62
CA THR B 144 0.25 -6.70 -15.23
C THR B 144 -0.95 -7.24 -15.96
N THR B 145 -0.76 -8.37 -16.63
CA THR B 145 -1.84 -8.95 -17.44
C THR B 145 -2.99 -9.36 -16.54
N PHE B 146 -4.18 -8.91 -16.89
CA PHE B 146 -5.36 -9.18 -16.08
C PHE B 146 -6.51 -9.56 -17.00
N ALA B 147 -7.42 -10.37 -16.48
CA ALA B 147 -8.64 -10.71 -17.19
C ALA B 147 -9.82 -10.37 -16.30
N GLU B 148 -10.68 -9.49 -16.78
CA GLU B 148 -11.82 -9.05 -15.99
C GLU B 148 -12.80 -10.19 -15.77
N GLY B 149 -13.21 -10.38 -14.54
CA GLY B 149 -14.01 -11.54 -14.18
C GLY B 149 -14.68 -11.36 -12.84
N VAL B 150 -15.52 -12.33 -12.51
CA VAL B 150 -16.25 -12.35 -11.25
C VAL B 150 -15.88 -13.61 -10.49
N VAL B 151 -15.92 -13.53 -9.17
CA VAL B 151 -15.47 -14.59 -8.29
C VAL B 151 -16.67 -15.29 -7.68
N ALA B 152 -16.71 -16.62 -7.79
CA ALA B 152 -17.78 -17.44 -7.27
C ALA B 152 -17.22 -18.42 -6.25
N PHE B 153 -17.92 -18.57 -5.13
CA PHE B 153 -17.48 -19.43 -4.05
C PHE B 153 -18.27 -20.72 -4.09
N LEU B 154 -17.56 -21.85 -4.03
CA LEU B 154 -18.17 -23.14 -4.27
C LEU B 154 -17.86 -24.12 -3.15
N ILE B 155 -18.84 -24.95 -2.81
CA ILE B 155 -18.65 -26.11 -1.96
C ILE B 155 -18.57 -27.33 -2.86
N LEU B 156 -17.38 -27.86 -3.06
CA LEU B 156 -17.20 -28.92 -4.04
C LEU B 156 -17.81 -30.23 -3.51
N PRO B 157 -18.13 -31.17 -4.40
CA PRO B 157 -18.89 -32.34 -3.97
C PRO B 157 -18.06 -33.50 -3.44
N GLN B 158 -18.16 -33.74 -2.13
CA GLN B 158 -17.67 -34.94 -1.45
C GLN B 158 -16.16 -35.15 -1.57
N ALA B 159 -15.45 -34.22 -2.20
CA ALA B 159 -13.99 -34.28 -2.31
C ALA B 159 -13.53 -35.65 -2.79
N LYS B 160 -14.26 -36.22 -3.73
CA LYS B 160 -13.97 -37.54 -4.28
C LYS B 160 -13.17 -37.45 -5.58
N LYS B 161 -12.46 -36.34 -5.79
CA LYS B 161 -11.67 -36.03 -6.98
C LYS B 161 -12.56 -35.79 -8.19
N ASP B 162 -13.88 -35.72 -7.99
CA ASP B 162 -14.81 -35.55 -9.09
C ASP B 162 -14.65 -34.19 -9.75
N PHE B 163 -14.46 -33.16 -8.94
CA PHE B 163 -14.50 -31.77 -9.40
C PHE B 163 -13.18 -31.08 -9.09
N PHE B 164 -12.60 -30.43 -10.09
CA PHE B 164 -11.38 -29.61 -9.97
C PHE B 164 -10.17 -30.42 -9.53
N SER B 165 -10.25 -31.74 -9.64
CA SER B 165 -9.13 -32.61 -9.38
C SER B 165 -8.68 -33.39 -10.60
N SER B 166 -9.55 -33.54 -11.60
CA SER B 166 -9.23 -34.23 -12.83
C SER B 166 -10.10 -33.65 -13.94
N HIS B 167 -9.66 -33.87 -15.17
CA HIS B 167 -10.41 -33.49 -16.38
C HIS B 167 -11.46 -34.55 -16.72
N PRO B 168 -12.72 -34.34 -16.35
CA PRO B 168 -13.75 -35.33 -16.73
C PRO B 168 -13.74 -35.64 -18.21
N LEU B 169 -13.65 -34.60 -19.05
CA LEU B 169 -13.54 -34.72 -20.50
C LEU B 169 -14.42 -35.81 -21.12
N GLY B 182 -1.57 -27.26 -24.31
CA GLY B 182 -0.55 -26.27 -24.60
C GLY B 182 -0.97 -24.86 -24.26
N TYR B 183 -0.08 -24.13 -23.59
CA TYR B 183 -0.31 -22.72 -23.26
C TYR B 183 0.58 -21.87 -24.17
N TYR B 184 -0.02 -21.27 -25.20
CA TYR B 184 0.65 -20.34 -26.09
C TYR B 184 -0.09 -19.00 -26.07
N SER B 185 0.54 -17.98 -25.51
CA SER B 185 -0.06 -16.67 -25.36
C SER B 185 0.57 -15.69 -26.34
N THR B 186 -0.26 -15.02 -27.12
CA THR B 186 0.19 -14.07 -28.13
C THR B 186 -0.18 -12.66 -27.69
N THR B 187 0.78 -11.75 -27.77
CA THR B 187 0.61 -10.39 -27.30
C THR B 187 0.19 -9.49 -28.46
N ILE B 188 -1.05 -9.00 -28.42
CA ILE B 188 -1.52 -8.02 -29.37
C ILE B 188 -1.28 -6.64 -28.78
N ARG B 189 -0.36 -5.89 -29.37
CA ARG B 189 0.10 -4.63 -28.80
C ARG B 189 -0.69 -3.47 -29.41
N TYR B 190 -1.35 -2.69 -28.56
CA TYR B 190 -2.15 -1.57 -28.97
C TYR B 190 -1.56 -0.26 -28.44
N GLN B 191 -1.86 0.83 -29.14
CA GLN B 191 -1.49 2.16 -28.68
C GLN B 191 -2.75 3.00 -28.66
N ALA B 192 -2.93 3.79 -27.59
CA ALA B 192 -4.18 4.48 -27.39
C ALA B 192 -3.96 5.91 -26.93
N THR B 193 -4.80 6.82 -27.40
CA THR B 193 -4.86 8.17 -26.90
C THR B 193 -6.25 8.44 -26.36
N GLY B 194 -6.34 9.31 -25.36
CA GLY B 194 -7.61 9.54 -24.71
C GLY B 194 -8.17 8.29 -24.08
N PHE B 195 -7.30 7.47 -23.49
CA PHE B 195 -7.74 6.27 -22.80
C PHE B 195 -8.66 6.62 -21.64
N GLY B 196 -9.72 5.84 -21.48
CA GLY B 196 -10.63 6.04 -20.38
C GLY B 196 -11.66 7.13 -20.58
N THR B 197 -11.82 7.60 -21.82
CA THR B 197 -12.85 8.58 -22.16
C THR B 197 -13.57 8.07 -23.40
N ASN B 198 -14.73 8.68 -23.68
CA ASN B 198 -15.47 8.30 -24.88
C ASN B 198 -14.65 8.57 -26.13
N GLU B 199 -13.90 9.67 -26.14
CA GLU B 199 -13.08 10.03 -27.30
C GLU B 199 -11.72 9.34 -27.20
N THR B 200 -11.74 8.04 -27.41
CA THR B 200 -10.55 7.21 -27.37
C THR B 200 -10.30 6.59 -28.73
N GLU B 201 -9.06 6.66 -29.20
CA GLU B 201 -8.66 6.07 -30.46
C GLU B 201 -7.51 5.10 -30.23
N TYR B 202 -7.58 3.94 -30.87
CA TYR B 202 -6.58 2.91 -30.71
C TYR B 202 -5.93 2.60 -32.05
N LEU B 203 -4.64 2.28 -32.00
CA LEU B 203 -3.89 1.87 -33.17
C LEU B 203 -3.29 0.52 -32.87
N PHE B 204 -3.65 -0.49 -33.66
CA PHE B 204 -3.02 -1.78 -33.54
C PHE B 204 -1.60 -1.66 -34.08
N GLU B 205 -0.63 -2.12 -33.30
CA GLU B 205 0.78 -1.99 -33.67
C GLU B 205 1.23 -3.28 -34.33
N VAL B 206 1.24 -3.29 -35.67
CA VAL B 206 1.73 -4.45 -36.39
C VAL B 206 3.22 -4.62 -36.16
N ASP B 207 3.96 -3.52 -36.24
CA ASP B 207 5.39 -3.51 -36.01
C ASP B 207 5.78 -2.07 -35.67
N ASN B 208 7.09 -1.85 -35.48
CA ASN B 208 7.55 -0.54 -35.03
C ASN B 208 7.06 0.57 -35.96
N LEU B 209 7.10 0.34 -37.26
CA LEU B 209 6.82 1.40 -38.23
C LEU B 209 5.41 1.35 -38.82
N THR B 210 4.61 0.35 -38.49
CA THR B 210 3.29 0.23 -39.10
C THR B 210 2.22 0.08 -38.03
N TYR B 211 1.19 0.92 -38.11
CA TYR B 211 0.07 0.88 -37.20
C TYR B 211 -1.22 0.81 -38.00
N VAL B 212 -2.23 0.18 -37.42
CA VAL B 212 -3.52 -0.02 -38.07
C VAL B 212 -4.60 0.57 -37.16
N GLN B 213 -5.46 1.42 -37.73
CA GLN B 213 -6.53 1.97 -36.93
C GLN B 213 -7.43 0.83 -36.49
N LEU B 214 -7.86 0.89 -35.24
CA LEU B 214 -8.57 -0.22 -34.63
C LEU B 214 -10.04 0.10 -34.47
N GLU B 215 -10.89 -0.86 -34.81
CA GLU B 215 -12.33 -0.76 -34.62
C GLU B 215 -12.80 -1.96 -33.82
N SER B 216 -13.98 -1.83 -33.21
CA SER B 216 -14.48 -2.90 -32.38
C SER B 216 -14.68 -4.18 -33.16
N ARG B 217 -15.03 -4.07 -34.45
CA ARG B 217 -15.33 -5.26 -35.24
C ARG B 217 -14.16 -6.23 -35.26
N PHE B 218 -12.94 -5.70 -35.28
CA PHE B 218 -11.75 -6.53 -35.44
C PHE B 218 -11.55 -7.43 -34.24
N THR B 219 -11.45 -8.73 -34.50
CA THR B 219 -11.22 -9.75 -33.50
C THR B 219 -9.75 -10.12 -33.47
N PRO B 220 -9.28 -10.76 -32.39
CA PRO B 220 -7.85 -11.10 -32.33
C PRO B 220 -7.37 -11.96 -33.47
N GLN B 221 -8.19 -12.93 -33.91
CA GLN B 221 -7.78 -13.74 -35.06
C GLN B 221 -7.64 -12.87 -36.29
N PHE B 222 -8.56 -11.93 -36.46
CA PHE B 222 -8.47 -11.01 -37.58
C PHE B 222 -7.21 -10.18 -37.48
N LEU B 223 -6.89 -9.70 -36.28
CA LEU B 223 -5.71 -8.85 -36.13
C LEU B 223 -4.43 -9.61 -36.44
N LEU B 224 -4.33 -10.87 -36.00
CA LEU B 224 -3.15 -11.66 -36.34
C LEU B 224 -3.07 -11.92 -37.84
N GLN B 225 -4.21 -12.21 -38.48
CA GLN B 225 -4.22 -12.37 -39.93
C GLN B 225 -3.79 -11.08 -40.61
N LEU B 226 -4.24 -9.94 -40.08
CA LEU B 226 -3.86 -8.64 -40.63
C LEU B 226 -2.36 -8.43 -40.50
N ASN B 227 -1.79 -8.87 -39.38
CA ASN B 227 -0.35 -8.74 -39.17
C ASN B 227 0.41 -9.54 -40.23
N GLU B 228 -0.06 -10.75 -40.50
CA GLU B 228 0.56 -11.55 -41.56
C GLU B 228 0.43 -10.86 -42.91
N THR B 229 -0.77 -10.35 -43.21
CA THR B 229 -1.00 -9.73 -44.51
C THR B 229 -0.14 -8.50 -44.70
N ILE B 230 0.00 -7.69 -43.64
CA ILE B 230 0.88 -6.52 -43.72
C ILE B 230 2.31 -6.97 -43.95
N TYR B 231 2.76 -8.03 -43.27
CA TYR B 231 4.13 -8.46 -43.40
C TYR B 231 4.42 -8.93 -44.82
N THR B 232 3.53 -9.76 -45.37
CA THR B 232 3.80 -10.37 -46.68
C THR B 232 3.74 -9.34 -47.80
N SER B 233 2.70 -8.50 -47.82
CA SER B 233 2.50 -7.66 -49.00
C SER B 233 2.00 -6.26 -48.67
N GLY B 234 2.19 -5.78 -47.44
CA GLY B 234 1.67 -4.49 -47.06
C GLY B 234 2.58 -3.31 -47.31
N LYS B 235 3.77 -3.53 -47.86
CA LYS B 235 4.78 -2.49 -48.10
C LYS B 235 4.95 -1.63 -46.84
N ARG B 236 5.01 -2.31 -45.70
CA ARG B 236 5.04 -1.63 -44.41
C ARG B 236 6.27 -0.74 -44.26
N SER B 237 7.42 -1.16 -44.79
CA SER B 237 8.65 -0.41 -44.61
C SER B 237 8.74 0.71 -45.64
N ASN B 238 8.92 1.93 -45.16
CA ASN B 238 9.04 3.10 -46.03
C ASN B 238 9.76 4.21 -45.28
N THR B 239 10.23 5.19 -46.04
CA THR B 239 10.91 6.34 -45.45
C THR B 239 9.97 7.48 -45.10
N THR B 240 8.69 7.38 -45.45
CA THR B 240 7.76 8.47 -45.14
C THR B 240 7.60 8.65 -43.63
N GLY B 241 7.49 7.56 -42.91
CA GLY B 241 7.28 7.60 -41.48
C GLY B 241 6.45 6.42 -41.05
N LYS B 242 6.04 6.44 -39.78
CA LYS B 242 5.11 5.43 -39.30
C LYS B 242 3.81 5.55 -40.06
N LEU B 243 3.27 4.41 -40.50
CA LEU B 243 2.08 4.38 -41.32
C LEU B 243 0.90 3.91 -40.48
N ILE B 244 -0.16 4.69 -40.47
CA ILE B 244 -1.42 4.30 -39.85
C ILE B 244 -2.39 3.95 -40.95
N TRP B 245 -2.84 2.70 -40.97
CA TRP B 245 -3.66 2.16 -42.04
C TRP B 245 -5.08 1.94 -41.54
N LYS B 246 -6.06 2.46 -42.27
CA LYS B 246 -7.43 2.06 -42.05
C LYS B 246 -7.66 0.76 -42.80
N VAL B 247 -8.30 -0.19 -42.14
CA VAL B 247 -8.50 -1.51 -42.71
C VAL B 247 -9.97 -1.88 -42.63
N ASN B 248 -10.49 -2.41 -43.72
CA ASN B 248 -11.84 -2.96 -43.69
C ASN B 248 -11.87 -4.29 -44.40
N PRO B 249 -12.33 -5.36 -43.75
CA PRO B 249 -12.55 -6.62 -44.47
C PRO B 249 -13.72 -6.41 -45.42
N GLU B 250 -13.45 -6.48 -46.72
CA GLU B 250 -14.48 -6.22 -47.70
C GLU B 250 -15.14 -7.54 -48.12
N ILE B 251 -15.82 -8.12 -47.15
CA ILE B 251 -16.55 -9.37 -47.30
C ILE B 251 -17.96 -9.12 -46.80
N ASP B 252 -18.94 -9.76 -47.44
CA ASP B 252 -20.33 -9.48 -47.10
C ASP B 252 -20.65 -9.85 -45.67
N THR B 253 -20.14 -10.98 -45.20
CA THR B 253 -20.42 -11.42 -43.84
C THR B 253 -19.69 -10.54 -42.82
N THR B 254 -20.22 -10.51 -41.61
CA THR B 254 -19.58 -9.80 -40.53
C THR B 254 -18.34 -10.53 -40.05
N ILE B 255 -17.40 -9.77 -39.49
CA ILE B 255 -16.16 -10.34 -38.98
C ILE B 255 -16.32 -10.68 -37.50
N GLY B 256 -16.14 -11.97 -37.18
CA GLY B 256 -16.14 -12.43 -35.81
C GLY B 256 -17.36 -12.11 -34.99
N GLU B 257 -18.56 -12.32 -35.56
CA GLU B 257 -19.78 -12.15 -34.77
C GLU B 257 -19.83 -13.18 -33.65
N TRP B 258 -19.47 -14.42 -33.95
CA TRP B 258 -19.56 -15.51 -32.98
C TRP B 258 -18.51 -15.36 -31.90
N ALA B 259 -18.78 -15.94 -30.73
CA ALA B 259 -17.81 -15.88 -29.65
C ALA B 259 -16.83 -17.03 -29.81
N PHE B 260 -15.77 -17.02 -28.99
CA PHE B 260 -14.72 -18.03 -29.17
C PHE B 260 -15.27 -19.44 -28.98
N TRP B 261 -16.10 -19.64 -27.96
CA TRP B 261 -16.70 -20.96 -27.80
C TRP B 261 -17.72 -21.23 -28.90
N GLU B 262 -18.39 -20.18 -29.38
CA GLU B 262 -19.54 -20.34 -30.26
C GLU B 262 -19.19 -21.11 -31.52
N THR B 263 -19.98 -22.16 -31.78
CA THR B 263 -19.92 -23.04 -32.95
C THR B 263 -18.54 -23.65 -33.13
N LYS B 264 -17.75 -23.67 -32.05
CA LYS B 264 -16.35 -24.12 -31.99
C LYS B 264 -15.48 -23.35 -32.97
N LYS B 265 -15.93 -22.15 -33.34
CA LYS B 265 -15.29 -21.29 -34.34
C LYS B 265 -14.98 -22.03 -35.62
N ASN B 266 -15.95 -22.79 -36.11
CA ASN B 266 -15.74 -23.62 -37.28
C ASN B 266 -16.68 -23.15 -38.38
N LEU B 267 -16.39 -23.59 -39.60
CA LEU B 267 -17.12 -23.21 -40.81
C LEU B 267 -17.17 -21.70 -40.94
N THR B 268 -16.15 -21.05 -40.39
CA THR B 268 -16.05 -19.60 -40.37
C THR B 268 -15.35 -19.14 -41.64
N ARG B 269 -15.93 -18.17 -42.33
CA ARG B 269 -15.34 -17.73 -43.58
C ARG B 269 -13.94 -17.21 -43.31
N LYS B 270 -12.99 -17.59 -44.17
CA LYS B 270 -11.63 -17.09 -44.05
C LYS B 270 -11.43 -15.95 -45.02
N ILE B 271 -11.02 -14.80 -44.48
CA ILE B 271 -10.82 -13.59 -45.27
C ILE B 271 -9.42 -13.63 -45.90
N ARG B 272 -9.32 -14.17 -47.11
CA ARG B 272 -8.04 -14.21 -47.79
C ARG B 272 -7.42 -12.82 -47.84
N SER B 273 -6.09 -12.75 -47.97
CA SER B 273 -5.40 -11.47 -47.87
C SER B 273 -5.93 -10.46 -48.88
N GLU B 274 -6.34 -10.92 -50.06
CA GLU B 274 -6.82 -9.99 -51.08
C GLU B 274 -8.05 -9.22 -50.62
N GLU B 275 -8.91 -9.85 -49.81
CA GLU B 275 -10.16 -9.20 -49.42
C GLU B 275 -9.91 -7.92 -48.63
N LEU B 276 -8.95 -7.93 -47.71
CA LEU B 276 -8.70 -6.74 -46.90
C LEU B 276 -8.27 -5.57 -47.78
N SER B 277 -8.79 -4.40 -47.45
CA SER B 277 -8.51 -3.18 -48.19
C SER B 277 -7.82 -2.18 -47.28
N PHE B 278 -6.76 -1.55 -47.77
CA PHE B 278 -5.94 -0.68 -46.96
C PHE B 278 -5.88 0.71 -47.57
N THR B 279 -6.10 1.73 -46.74
CA THR B 279 -5.89 3.11 -47.11
C THR B 279 -5.14 3.80 -45.99
N VAL B 280 -4.38 4.83 -46.34
CA VAL B 280 -3.56 5.54 -45.38
C VAL B 280 -4.37 6.71 -44.83
N VAL B 281 -4.55 6.73 -43.51
CA VAL B 281 -5.20 7.89 -42.89
C VAL B 281 -4.23 9.05 -42.84
N ASN B 282 -4.74 10.24 -43.14
CA ASN B 282 -3.97 11.50 -43.25
C ASN B 282 -4.78 12.61 -43.90
N SER C 2 -3.13 -30.16 3.18
CA SER C 2 -2.96 -31.43 3.87
C SER C 2 -1.65 -31.49 4.63
N ILE C 3 -1.38 -30.45 5.42
CA ILE C 3 -0.15 -30.41 6.20
C ILE C 3 -0.24 -31.45 7.31
N PRO C 4 0.77 -32.30 7.48
CA PRO C 4 0.73 -33.28 8.58
C PRO C 4 0.64 -32.57 9.92
N LEU C 5 -0.26 -33.04 10.76
CA LEU C 5 -0.48 -32.49 12.09
C LEU C 5 -0.17 -33.58 13.11
N GLY C 6 0.68 -33.24 14.09
CA GLY C 6 1.14 -34.22 15.06
C GLY C 6 0.40 -34.03 16.38
N VAL C 7 -0.19 -35.12 16.86
CA VAL C 7 -0.94 -35.12 18.10
C VAL C 7 -0.05 -35.70 19.19
N ILE C 8 0.18 -34.92 20.24
CA ILE C 8 0.98 -35.35 21.37
C ILE C 8 0.02 -35.81 22.46
N HIS C 9 -0.01 -37.11 22.70
CA HIS C 9 -0.83 -37.69 23.77
C HIS C 9 0.04 -38.58 24.64
N ASN C 10 -0.01 -38.37 25.96
CA ASN C 10 0.74 -39.16 26.92
C ASN C 10 2.24 -39.12 26.64
N SER C 11 2.72 -37.94 26.22
CA SER C 11 4.14 -37.69 25.97
C SER C 11 4.68 -38.57 24.85
N THR C 12 3.81 -39.02 23.95
CA THR C 12 4.22 -39.74 22.76
C THR C 12 3.61 -39.06 21.55
N LEU C 13 4.41 -38.89 20.51
CA LEU C 13 3.99 -38.17 19.31
C LEU C 13 3.54 -39.17 18.26
N GLN C 14 2.27 -39.08 17.88
CA GLN C 14 1.73 -39.87 16.78
C GLN C 14 1.07 -38.89 15.81
N VAL C 15 1.55 -38.88 14.56
CA VAL C 15 1.01 -37.94 13.60
C VAL C 15 -0.46 -38.24 13.35
N SER C 16 -1.28 -37.19 13.33
CA SER C 16 -2.71 -37.36 13.25
C SER C 16 -3.12 -38.00 11.94
N ASP C 17 -3.99 -38.99 12.02
CA ASP C 17 -4.55 -39.65 10.85
C ASP C 17 -5.92 -39.04 10.60
N VAL C 18 -5.97 -38.09 9.66
CA VAL C 18 -7.21 -37.38 9.38
C VAL C 18 -8.29 -38.35 8.91
N ASP C 19 -7.90 -39.37 8.15
CA ASP C 19 -8.88 -40.32 7.63
C ASP C 19 -9.57 -41.10 8.74
N LYS C 20 -8.80 -41.53 9.74
CA LYS C 20 -9.36 -42.42 10.77
C LYS C 20 -10.24 -41.70 11.77
N LEU C 21 -10.13 -40.37 11.88
CA LEU C 21 -10.99 -39.57 12.76
C LEU C 21 -10.93 -40.12 14.19
N VAL C 22 -9.71 -40.37 14.66
CA VAL C 22 -9.53 -40.96 15.99
C VAL C 22 -10.02 -39.98 17.04
N CYS C 23 -10.69 -40.50 18.06
CA CYS C 23 -11.35 -39.68 19.06
C CYS C 23 -10.55 -39.53 20.35
N ARG C 24 -9.33 -40.06 20.40
CA ARG C 24 -8.50 -39.83 21.59
C ARG C 24 -8.14 -38.36 21.73
N ASP C 25 -7.78 -37.71 20.63
CA ASP C 25 -7.40 -36.31 20.67
C ASP C 25 -8.63 -35.42 20.83
N LYS C 26 -8.49 -34.40 21.67
CA LYS C 26 -9.54 -33.39 21.82
C LYS C 26 -8.90 -32.02 21.67
N LEU C 27 -9.54 -31.17 20.88
CA LEU C 27 -9.05 -29.80 20.67
C LEU C 27 -9.91 -28.83 21.48
N SER C 28 -9.69 -28.85 22.79
CA SER C 28 -10.49 -28.02 23.68
C SER C 28 -10.41 -26.55 23.29
N SER C 29 -9.22 -26.06 22.96
CA SER C 29 -9.01 -24.66 22.67
C SER C 29 -8.02 -24.49 21.54
N THR C 30 -8.03 -23.31 20.92
CA THR C 30 -7.08 -23.00 19.88
C THR C 30 -5.65 -22.95 20.41
N ASN C 31 -5.48 -22.72 21.72
CA ASN C 31 -4.14 -22.67 22.29
C ASN C 31 -3.42 -23.99 22.11
N GLN C 32 -4.14 -25.11 22.13
CA GLN C 32 -3.50 -26.41 21.99
C GLN C 32 -2.78 -26.53 20.66
N LEU C 33 -3.34 -25.95 19.61
CA LEU C 33 -2.63 -25.89 18.33
C LEU C 33 -1.41 -25.01 18.47
N ARG C 34 -0.27 -25.50 18.01
CA ARG C 34 0.95 -24.73 18.11
C ARG C 34 1.85 -25.09 16.93
N SER C 35 2.58 -24.10 16.42
CA SER C 35 3.55 -24.32 15.35
C SER C 35 4.93 -24.07 15.93
N VAL C 36 5.77 -25.09 15.90
CA VAL C 36 7.10 -25.03 16.48
C VAL C 36 8.12 -25.09 15.36
N GLY C 37 9.08 -24.18 15.39
CA GLY C 37 10.14 -24.18 14.40
C GLY C 37 11.41 -24.82 14.92
N LEU C 38 11.68 -26.05 14.49
CA LEU C 38 12.83 -26.80 14.97
C LEU C 38 14.02 -26.54 14.06
N ASN C 39 15.16 -26.20 14.66
CA ASN C 39 16.32 -25.82 13.88
C ASN C 39 16.90 -27.00 13.11
N LEU C 40 17.42 -26.70 11.93
CA LEU C 40 17.99 -27.74 11.08
C LEU C 40 19.26 -28.33 11.69
N GLU C 41 19.97 -27.56 12.51
CA GLU C 41 21.20 -28.06 13.12
C GLU C 41 20.93 -29.26 14.01
N GLY C 42 19.74 -29.32 14.62
CA GLY C 42 19.42 -30.46 15.46
C GLY C 42 19.47 -31.78 14.71
N ASN C 43 19.02 -31.77 13.45
CA ASN C 43 19.01 -33.00 12.68
C ASN C 43 20.40 -33.57 12.46
N GLY C 44 21.44 -32.76 12.64
CA GLY C 44 22.81 -33.24 12.57
C GLY C 44 23.64 -32.66 11.44
N VAL C 45 23.10 -31.78 10.61
CA VAL C 45 23.85 -31.26 9.49
C VAL C 45 24.93 -30.32 10.00
N ALA C 46 26.00 -30.18 9.21
CA ALA C 46 27.08 -29.28 9.60
C ALA C 46 26.56 -27.85 9.68
N THR C 47 27.03 -27.11 10.68
CA THR C 47 26.51 -25.78 10.93
C THR C 47 27.50 -24.67 10.65
N ASP C 48 28.75 -25.00 10.34
CA ASP C 48 29.74 -23.97 10.08
C ASP C 48 29.47 -23.31 8.74
N VAL C 49 29.98 -22.09 8.58
CA VAL C 49 29.63 -21.27 7.42
C VAL C 49 30.03 -21.93 6.10
N PRO C 50 31.23 -22.48 5.93
CA PRO C 50 31.55 -23.10 4.64
C PRO C 50 30.59 -24.19 4.23
N SER C 51 30.21 -25.08 5.16
CA SER C 51 29.25 -26.13 4.82
C SER C 51 27.84 -25.56 4.65
N ALA C 52 27.45 -24.65 5.53
CA ALA C 52 26.07 -24.14 5.49
C ALA C 52 25.81 -23.37 4.22
N THR C 53 26.80 -22.62 3.73
CA THR C 53 26.61 -21.84 2.51
C THR C 53 26.25 -22.73 1.33
N LYS C 54 26.78 -23.95 1.30
CA LYS C 54 26.48 -24.86 0.19
C LYS C 54 24.99 -25.12 0.08
N ARG C 55 24.30 -25.20 1.21
CA ARG C 55 22.86 -25.45 1.19
C ARG C 55 22.11 -24.28 0.56
N TRP C 56 22.55 -23.05 0.80
CA TRP C 56 21.84 -21.88 0.29
C TRP C 56 22.14 -21.70 -1.18
N GLY C 57 21.09 -21.43 -1.97
CA GLY C 57 21.26 -21.22 -3.39
C GLY C 57 20.37 -20.09 -3.86
N PHE C 58 20.74 -19.52 -4.99
CA PHE C 58 20.05 -18.36 -5.55
C PHE C 58 19.24 -18.79 -6.75
N ARG C 59 17.96 -18.40 -6.76
CA ARG C 59 17.07 -18.70 -7.87
C ARG C 59 16.21 -17.48 -8.13
N SER C 60 15.72 -17.36 -9.35
CA SER C 60 14.84 -16.27 -9.74
C SER C 60 13.56 -16.82 -10.33
N GLY C 61 12.49 -16.04 -10.20
CA GLY C 61 11.20 -16.44 -10.73
C GLY C 61 10.30 -17.13 -9.76
N VAL C 62 10.74 -17.36 -8.52
CA VAL C 62 9.93 -17.97 -7.49
C VAL C 62 9.64 -16.90 -6.44
N PRO C 63 8.39 -16.60 -6.13
CA PRO C 63 8.08 -15.59 -5.13
C PRO C 63 8.43 -16.06 -3.74
N PRO C 64 8.99 -15.19 -2.90
CA PRO C 64 9.25 -15.56 -1.51
C PRO C 64 7.95 -15.73 -0.74
N LYS C 65 7.94 -16.69 0.18
CA LYS C 65 6.79 -16.96 1.02
C LYS C 65 7.23 -17.00 2.47
N VAL C 66 6.32 -16.60 3.36
CA VAL C 66 6.60 -16.51 4.78
C VAL C 66 5.48 -17.19 5.55
N VAL C 67 5.85 -17.97 6.57
CA VAL C 67 4.89 -18.60 7.47
C VAL C 67 5.35 -18.38 8.90
N ASN C 68 4.41 -18.10 9.79
CA ASN C 68 4.75 -17.87 11.18
C ASN C 68 4.78 -19.17 11.95
N TYR C 69 5.69 -19.25 12.91
CA TYR C 69 5.75 -20.35 13.86
C TYR C 69 5.72 -19.77 15.27
N GLU C 70 4.74 -20.19 16.06
CA GLU C 70 4.50 -19.55 17.35
C GLU C 70 5.67 -19.77 18.31
N ALA C 71 6.24 -20.97 18.33
CA ALA C 71 7.32 -21.29 19.25
C ALA C 71 8.51 -21.81 18.46
N GLY C 72 9.68 -21.75 19.07
CA GLY C 72 10.88 -22.12 18.37
C GLY C 72 11.89 -22.80 19.28
N GLU C 73 13.07 -23.07 18.76
CA GLU C 73 14.13 -23.70 19.52
C GLU C 73 15.37 -22.82 19.53
N TRP C 74 16.11 -22.84 20.63
CA TRP C 74 17.40 -22.16 20.67
C TRP C 74 18.31 -22.72 19.59
N ALA C 75 18.97 -21.83 18.88
CA ALA C 75 19.82 -22.20 17.77
C ALA C 75 21.25 -21.99 18.19
N GLU C 76 22.06 -23.05 18.12
CA GLU C 76 23.46 -22.92 18.47
C GLU C 76 24.19 -22.01 17.49
N ASN C 77 23.86 -22.12 16.21
CA ASN C 77 24.50 -21.32 15.17
C ASN C 77 23.43 -20.61 14.37
N CYS C 78 23.60 -19.31 14.20
CA CYS C 78 22.73 -18.49 13.37
C CYS C 78 23.60 -17.70 12.41
N TYR C 79 23.02 -17.33 11.27
CA TYR C 79 23.77 -16.68 10.22
C TYR C 79 23.16 -15.34 9.90
N ASN C 80 24.02 -14.33 9.76
CA ASN C 80 23.61 -13.02 9.28
C ASN C 80 24.39 -12.74 8.02
N LEU C 81 23.69 -12.40 6.94
CA LEU C 81 24.31 -12.24 5.64
C LEU C 81 24.24 -10.79 5.20
N GLU C 82 25.37 -10.27 4.73
CA GLU C 82 25.51 -8.93 4.21
C GLU C 82 26.22 -8.97 2.87
N ILE C 83 25.72 -9.78 1.96
CA ILE C 83 26.40 -10.05 0.70
C ILE C 83 25.99 -9.01 -0.33
N LYS C 84 26.98 -8.39 -0.94
CA LYS C 84 26.78 -7.42 -2.01
C LYS C 84 27.43 -7.96 -3.27
N LYS C 85 26.84 -7.69 -4.42
CA LYS C 85 27.49 -8.05 -5.65
C LYS C 85 28.77 -7.23 -5.79
N PRO C 86 29.73 -7.71 -6.57
CA PRO C 86 31.00 -6.98 -6.72
C PRO C 86 30.82 -5.50 -7.06
N ASP C 87 29.72 -5.13 -7.69
CA ASP C 87 29.43 -3.70 -7.86
C ASP C 87 29.12 -3.05 -6.53
N GLY C 88 28.34 -3.72 -5.70
CA GLY C 88 27.74 -3.11 -4.54
C GLY C 88 26.23 -3.19 -4.62
N SER C 89 25.70 -3.61 -5.77
CA SER C 89 24.27 -3.78 -5.91
C SER C 89 23.81 -4.81 -4.91
N GLU C 90 22.61 -4.62 -4.37
CA GLU C 90 22.14 -5.52 -3.34
C GLU C 90 21.96 -6.91 -3.92
N CYS C 91 22.30 -7.91 -3.13
CA CYS C 91 22.20 -9.30 -3.53
C CYS C 91 21.07 -10.03 -2.82
N LEU C 92 20.76 -9.60 -1.61
CA LEU C 92 19.72 -10.16 -0.80
C LEU C 92 18.67 -9.09 -0.54
N PRO C 93 17.39 -9.42 -0.65
CA PRO C 93 16.36 -8.40 -0.49
C PRO C 93 16.43 -7.78 0.89
N ALA C 94 16.10 -6.50 0.96
CA ALA C 94 16.08 -5.84 2.24
C ALA C 94 14.99 -6.44 3.11
N ALA C 95 15.24 -6.49 4.42
CA ALA C 95 14.32 -7.15 5.31
C ALA C 95 12.97 -6.44 5.29
N PRO C 96 11.87 -7.16 5.19
CA PRO C 96 10.56 -6.52 5.31
C PRO C 96 10.34 -6.05 6.74
N ASP C 97 9.32 -5.22 6.90
CA ASP C 97 9.09 -4.57 8.19
C ASP C 97 8.85 -5.59 9.30
N GLY C 98 8.02 -6.59 9.04
CA GLY C 98 7.71 -7.56 10.08
C GLY C 98 8.90 -8.42 10.48
N ILE C 99 9.74 -8.78 9.51
CA ILE C 99 10.83 -9.71 9.76
C ILE C 99 11.83 -9.10 10.73
N ARG C 100 12.28 -9.92 11.68
CA ARG C 100 13.32 -9.53 12.62
C ARG C 100 14.27 -10.70 12.82
N GLY C 101 15.43 -10.40 13.41
CA GLY C 101 16.44 -11.42 13.56
C GLY C 101 15.96 -12.55 14.46
N PHE C 102 16.49 -13.74 14.20
CA PHE C 102 16.15 -14.88 15.03
C PHE C 102 16.62 -14.62 16.45
N PRO C 103 15.77 -14.77 17.45
CA PRO C 103 16.22 -14.60 18.83
C PRO C 103 16.88 -15.88 19.33
N ARG C 104 17.56 -15.76 20.46
CA ARG C 104 18.16 -16.90 21.14
C ARG C 104 19.13 -17.64 20.23
N CYS C 105 20.15 -16.93 19.78
CA CYS C 105 21.23 -17.49 18.99
C CYS C 105 22.50 -17.48 19.84
N ARG C 106 23.10 -18.65 20.04
CA ARG C 106 24.33 -18.68 20.80
C ARG C 106 25.48 -18.09 20.00
N TYR C 107 25.58 -18.44 18.72
CA TYR C 107 26.58 -17.87 17.83
C TYR C 107 25.90 -17.32 16.60
N VAL C 108 26.16 -16.06 16.29
CA VAL C 108 25.66 -15.43 15.08
C VAL C 108 26.81 -15.33 14.11
N HIS C 109 26.76 -16.08 13.02
CA HIS C 109 27.82 -16.06 12.02
C HIS C 109 27.49 -14.96 11.03
N LYS C 110 28.05 -13.77 11.25
CA LYS C 110 27.75 -12.63 10.40
C LYS C 110 28.68 -12.69 9.22
N VAL C 111 28.15 -13.10 8.07
CA VAL C 111 28.93 -13.24 6.84
C VAL C 111 28.70 -11.99 6.00
N SER C 112 29.78 -11.27 5.72
CA SER C 112 29.73 -10.10 4.86
C SER C 112 30.77 -10.27 3.78
N GLY C 113 30.42 -9.90 2.56
CA GLY C 113 31.33 -10.10 1.46
C GLY C 113 30.63 -9.90 0.13
N THR C 114 31.29 -10.37 -0.92
CA THR C 114 30.79 -10.23 -2.28
C THR C 114 30.68 -11.60 -2.93
N GLY C 115 29.63 -11.80 -3.70
CA GLY C 115 29.46 -13.02 -4.44
C GLY C 115 28.53 -12.85 -5.62
N PRO C 116 28.71 -13.65 -6.66
CA PRO C 116 27.73 -13.68 -7.74
C PRO C 116 26.38 -14.08 -7.19
N CYS C 117 25.35 -13.41 -7.66
CA CYS C 117 24.00 -13.61 -7.16
C CYS C 117 23.08 -13.80 -8.35
N ALA C 118 23.02 -15.05 -8.85
CA ALA C 118 22.26 -15.31 -10.06
C ALA C 118 20.78 -15.03 -9.87
N GLY C 119 20.22 -15.49 -8.77
CA GLY C 119 18.81 -15.35 -8.54
C GLY C 119 18.42 -14.04 -7.88
N ASP C 120 17.14 -13.71 -7.97
CA ASP C 120 16.62 -12.57 -7.22
C ASP C 120 16.69 -12.84 -5.73
N PHE C 121 16.37 -14.06 -5.31
CA PHE C 121 16.32 -14.43 -3.90
C PHE C 121 17.20 -15.64 -3.66
N ALA C 122 17.58 -15.83 -2.41
CA ALA C 122 18.38 -16.97 -2.00
C ALA C 122 17.46 -18.00 -1.37
N PHE C 123 17.57 -19.24 -1.80
CA PHE C 123 16.69 -20.31 -1.36
C PHE C 123 17.50 -21.43 -0.73
N HIS C 124 16.83 -22.24 0.07
CA HIS C 124 17.47 -23.37 0.73
C HIS C 124 17.34 -24.58 -0.18
N LYS C 125 18.48 -25.15 -0.57
CA LYS C 125 18.45 -26.30 -1.48
C LYS C 125 17.80 -27.50 -0.83
N GLU C 126 18.03 -27.70 0.47
CA GLU C 126 17.46 -28.86 1.14
C GLU C 126 15.94 -28.74 1.30
N GLY C 127 15.37 -27.57 1.08
CA GLY C 127 13.95 -27.36 1.21
C GLY C 127 13.52 -26.81 2.55
N ALA C 128 14.45 -26.52 3.44
CA ALA C 128 14.12 -26.02 4.76
C ALA C 128 13.76 -24.54 4.70
N PHE C 129 13.32 -24.02 5.83
CA PHE C 129 12.94 -22.63 5.97
C PHE C 129 14.01 -21.87 6.72
N PHE C 130 14.18 -20.61 6.35
CA PHE C 130 14.99 -19.69 7.13
C PHE C 130 14.10 -19.07 8.19
N LEU C 131 14.51 -19.18 9.45
CA LEU C 131 13.67 -18.78 10.57
C LEU C 131 14.03 -17.38 11.03
N TYR C 132 13.02 -16.52 11.14
CA TYR C 132 13.18 -15.14 11.58
C TYR C 132 12.12 -14.84 12.63
N ASP C 133 12.51 -14.80 13.90
CA ASP C 133 11.72 -14.21 14.98
C ASP C 133 10.23 -14.50 14.79
N ARG C 134 9.91 -15.79 14.79
CA ARG C 134 8.55 -16.31 14.70
C ARG C 134 8.00 -16.22 13.29
N LEU C 135 8.83 -15.89 12.30
CA LEU C 135 8.42 -15.89 10.91
C LEU C 135 9.40 -16.75 10.13
N ALA C 136 8.92 -17.82 9.54
CA ALA C 136 9.75 -18.71 8.74
C ALA C 136 9.59 -18.33 7.28
N SER C 137 10.71 -18.05 6.61
CA SER C 137 10.68 -17.59 5.24
C SER C 137 11.51 -18.52 4.38
N THR C 138 11.08 -18.69 3.13
CA THR C 138 11.84 -19.50 2.19
C THR C 138 13.08 -18.79 1.66
N VAL C 139 13.22 -17.49 1.92
CA VAL C 139 14.31 -16.72 1.33
C VAL C 139 15.14 -16.08 2.43
N ILE C 140 16.35 -15.68 2.06
CA ILE C 140 17.27 -15.00 2.95
C ILE C 140 17.09 -13.50 2.79
N TYR C 141 17.04 -12.78 3.92
CA TYR C 141 16.87 -11.34 3.92
C TYR C 141 18.15 -10.68 4.39
N ARG C 142 18.55 -9.61 3.70
CA ARG C 142 19.83 -8.99 3.99
C ARG C 142 19.87 -8.43 5.40
N GLY C 143 20.95 -8.71 6.12
CA GLY C 143 21.22 -8.07 7.38
C GLY C 143 20.44 -8.61 8.56
N THR C 144 19.65 -9.67 8.37
CA THR C 144 18.77 -10.17 9.41
C THR C 144 19.21 -11.55 9.83
N THR C 145 19.45 -11.74 11.13
CA THR C 145 19.93 -13.00 11.64
C THR C 145 18.87 -14.08 11.48
N PHE C 146 19.26 -15.22 10.93
CA PHE C 146 18.33 -16.32 10.72
C PHE C 146 18.98 -17.63 11.12
N ALA C 147 18.14 -18.62 11.40
CA ALA C 147 18.59 -19.97 11.67
C ALA C 147 17.84 -20.93 10.76
N GLU C 148 18.57 -21.82 10.08
CA GLU C 148 17.93 -22.78 9.20
C GLU C 148 17.07 -23.71 10.02
N GLY C 149 15.86 -23.97 9.55
CA GLY C 149 14.95 -24.77 10.36
C GLY C 149 13.77 -25.24 9.56
N VAL C 150 12.99 -26.10 10.20
CA VAL C 150 11.78 -26.66 9.62
C VAL C 150 10.64 -26.48 10.61
N VAL C 151 9.50 -26.01 10.14
CA VAL C 151 8.35 -25.75 10.98
C VAL C 151 7.52 -27.02 11.12
N ALA C 152 7.06 -27.29 12.34
CA ALA C 152 6.19 -28.42 12.62
C ALA C 152 4.94 -27.93 13.31
N PHE C 153 3.82 -28.56 13.02
CA PHE C 153 2.53 -28.17 13.57
C PHE C 153 2.07 -29.23 14.56
N LEU C 154 1.73 -28.80 15.77
CA LEU C 154 1.46 -29.70 16.88
C LEU C 154 0.12 -29.39 17.53
N ILE C 155 -0.58 -30.44 17.95
CA ILE C 155 -1.72 -30.33 18.85
C ILE C 155 -1.19 -30.61 20.26
N LEU C 156 -1.12 -29.58 21.08
CA LEU C 156 -0.57 -29.75 22.41
C LEU C 156 -1.54 -30.57 23.26
N PRO C 157 -1.06 -31.20 24.34
CA PRO C 157 -1.91 -32.18 25.01
C PRO C 157 -2.91 -31.62 26.02
N GLN C 158 -4.17 -31.59 25.59
CA GLN C 158 -5.35 -31.48 26.45
C GLN C 158 -5.24 -30.34 27.46
N ALA C 159 -4.66 -29.22 27.04
CA ALA C 159 -4.55 -28.01 27.86
C ALA C 159 -3.83 -28.24 29.18
N LYS C 160 -3.12 -29.37 29.32
CA LYS C 160 -2.32 -29.61 30.50
C LYS C 160 -1.24 -28.55 30.69
N LYS C 161 -0.84 -27.89 29.60
CA LYS C 161 0.12 -26.79 29.56
C LYS C 161 1.49 -27.15 30.13
N ASP C 162 1.72 -28.42 30.45
CA ASP C 162 3.07 -28.84 30.83
C ASP C 162 4.03 -28.63 29.67
N PHE C 163 3.52 -28.79 28.44
CA PHE C 163 4.31 -28.72 27.22
C PHE C 163 4.23 -27.30 26.68
N PHE C 164 5.38 -26.63 26.58
CA PHE C 164 5.57 -25.33 25.95
C PHE C 164 4.98 -24.17 26.74
N SER C 165 4.43 -24.40 27.92
CA SER C 165 4.02 -23.33 28.82
C SER C 165 4.81 -23.35 30.11
N SER C 166 5.58 -24.41 30.34
CA SER C 166 6.48 -24.56 31.47
C SER C 166 7.58 -25.51 31.01
N HIS C 167 8.74 -25.42 31.64
CA HIS C 167 9.83 -26.34 31.33
C HIS C 167 9.68 -27.62 32.15
N PRO C 168 9.31 -28.75 31.55
CA PRO C 168 9.23 -29.99 32.32
C PRO C 168 10.58 -30.41 32.88
N LEU C 169 11.66 -30.11 32.16
CA LEU C 169 13.03 -30.45 32.55
C LEU C 169 13.16 -31.95 32.82
N GLY C 182 20.66 -15.15 30.97
CA GLY C 182 21.53 -16.25 30.58
C GLY C 182 21.68 -16.39 29.09
N TYR C 183 21.12 -15.44 28.35
CA TYR C 183 21.24 -15.40 26.90
C TYR C 183 22.38 -14.46 26.52
N TYR C 184 23.47 -15.04 26.01
CA TYR C 184 24.59 -14.27 25.50
C TYR C 184 24.86 -14.70 24.06
N SER C 185 24.92 -13.71 23.16
CA SER C 185 25.10 -13.96 21.74
C SER C 185 26.48 -13.48 21.31
N THR C 186 27.23 -14.37 20.68
CA THR C 186 28.58 -14.07 20.21
C THR C 186 28.55 -13.93 18.69
N THR C 187 29.04 -12.82 18.18
CA THR C 187 28.97 -12.50 16.76
C THR C 187 30.29 -12.88 16.09
N ILE C 188 30.32 -14.05 15.49
CA ILE C 188 31.43 -14.46 14.64
C ILE C 188 31.29 -13.80 13.28
N ARG C 189 32.36 -13.19 12.79
CA ARG C 189 32.31 -12.36 11.60
C ARG C 189 33.23 -12.91 10.52
N TYR C 190 32.72 -13.02 9.29
CA TYR C 190 33.49 -13.54 8.16
C TYR C 190 33.46 -12.57 7.00
N GLN C 191 34.54 -12.58 6.22
CA GLN C 191 34.59 -11.92 4.92
C GLN C 191 34.65 -12.98 3.84
N ALA C 192 33.82 -12.86 2.82
CA ALA C 192 33.71 -13.87 1.78
C ALA C 192 33.75 -13.26 0.39
N THR C 193 34.34 -13.99 -0.55
CA THR C 193 34.28 -13.65 -1.96
C THR C 193 33.78 -14.86 -2.73
N GLY C 194 33.08 -14.59 -3.82
CA GLY C 194 32.46 -15.67 -4.58
C GLY C 194 31.44 -16.41 -3.75
N PHE C 195 30.70 -15.68 -2.91
CA PHE C 195 29.66 -16.31 -2.11
C PHE C 195 28.58 -16.88 -3.00
N GLY C 196 28.07 -18.06 -2.62
CA GLY C 196 27.00 -18.69 -3.36
C GLY C 196 27.45 -19.61 -4.48
N THR C 197 28.76 -19.76 -4.68
CA THR C 197 29.30 -20.66 -5.68
C THR C 197 30.34 -21.53 -5.00
N ASN C 198 30.75 -22.60 -5.68
CA ASN C 198 31.72 -23.52 -5.08
C ASN C 198 33.04 -22.81 -4.81
N GLU C 199 33.43 -21.88 -5.67
CA GLU C 199 34.67 -21.12 -5.48
C GLU C 199 34.40 -19.95 -4.53
N THR C 200 34.21 -20.30 -3.26
CA THR C 200 33.99 -19.31 -2.21
C THR C 200 35.11 -19.43 -1.19
N GLU C 201 35.71 -18.30 -0.83
CA GLU C 201 36.79 -18.27 0.15
C GLU C 201 36.37 -17.41 1.34
N TYR C 202 36.64 -17.92 2.54
CA TYR C 202 36.26 -17.26 3.77
C TYR C 202 37.52 -17.05 4.61
N LEU C 203 37.70 -15.82 5.12
CA LEU C 203 38.75 -15.54 6.08
C LEU C 203 38.10 -14.91 7.31
N PHE C 204 38.26 -15.56 8.45
CA PHE C 204 37.58 -15.13 9.67
C PHE C 204 38.23 -13.87 10.22
N GLU C 205 37.39 -12.91 10.60
CA GLU C 205 37.85 -11.60 11.06
C GLU C 205 38.07 -11.67 12.57
N VAL C 206 39.29 -12.08 12.97
CA VAL C 206 39.63 -12.04 14.39
C VAL C 206 39.69 -10.60 14.88
N ASP C 207 40.21 -9.71 14.05
CA ASP C 207 40.42 -8.31 14.42
C ASP C 207 40.37 -7.48 13.15
N ASN C 208 40.44 -6.16 13.32
CA ASN C 208 40.35 -5.26 12.17
C ASN C 208 41.45 -5.52 11.16
N LEU C 209 42.68 -5.73 11.63
CA LEU C 209 43.83 -5.89 10.75
C LEU C 209 44.27 -7.33 10.58
N THR C 210 43.64 -8.28 11.28
CA THR C 210 44.07 -9.66 11.28
C THR C 210 42.92 -10.58 10.89
N TYR C 211 43.18 -11.47 9.94
CA TYR C 211 42.18 -12.43 9.46
C TYR C 211 42.79 -13.81 9.36
N VAL C 212 41.97 -14.84 9.60
CA VAL C 212 42.39 -16.22 9.46
C VAL C 212 41.50 -16.91 8.43
N GLN C 213 42.12 -17.61 7.48
CA GLN C 213 41.39 -18.28 6.42
C GLN C 213 40.59 -19.46 6.98
N LEU C 214 39.38 -19.65 6.46
CA LEU C 214 38.49 -20.67 6.99
C LEU C 214 38.74 -22.05 6.41
N GLU C 215 38.45 -23.06 7.22
CA GLU C 215 38.35 -24.45 6.82
C GLU C 215 37.03 -24.99 7.35
N SER C 216 36.52 -26.03 6.70
CA SER C 216 35.23 -26.58 7.10
C SER C 216 35.27 -27.12 8.52
N ARG C 217 36.40 -27.72 8.92
CA ARG C 217 36.48 -28.36 10.24
C ARG C 217 36.28 -27.37 11.39
N PHE C 218 36.64 -26.10 11.20
CA PHE C 218 36.62 -25.14 12.29
C PHE C 218 35.21 -24.98 12.87
N THR C 219 35.15 -24.92 14.20
CA THR C 219 33.93 -24.73 14.97
C THR C 219 33.95 -23.36 15.63
N PRO C 220 32.80 -22.86 16.10
CA PRO C 220 32.81 -21.54 16.75
C PRO C 220 33.76 -21.45 17.93
N GLN C 221 33.88 -22.52 18.72
CA GLN C 221 34.78 -22.48 19.88
C GLN C 221 36.21 -22.27 19.43
N PHE C 222 36.65 -23.00 18.40
CA PHE C 222 38.03 -22.87 17.95
C PHE C 222 38.25 -21.47 17.41
N LEU C 223 37.25 -20.93 16.69
CA LEU C 223 37.42 -19.60 16.14
C LEU C 223 37.56 -18.59 17.26
N LEU C 224 36.80 -18.77 18.34
CA LEU C 224 36.90 -17.86 19.47
C LEU C 224 38.27 -17.92 20.11
N GLN C 225 38.83 -19.12 20.27
CA GLN C 225 40.20 -19.19 20.80
C GLN C 225 41.22 -18.62 19.83
N LEU C 226 40.91 -18.62 18.53
CA LEU C 226 41.88 -18.14 17.55
C LEU C 226 42.31 -16.70 17.84
N ASN C 227 41.41 -15.90 18.43
CA ASN C 227 41.78 -14.55 18.82
C ASN C 227 42.91 -14.57 19.86
N GLU C 228 42.79 -15.45 20.85
CA GLU C 228 43.84 -15.56 21.86
C GLU C 228 45.12 -16.11 21.26
N THR C 229 44.99 -17.05 20.32
CA THR C 229 46.16 -17.74 19.78
C THR C 229 47.14 -16.79 19.10
N ILE C 230 46.62 -15.81 18.35
CA ILE C 230 47.50 -14.95 17.55
C ILE C 230 48.43 -14.15 18.45
N TYR C 231 47.92 -13.61 19.55
CA TYR C 231 48.76 -12.84 20.48
C TYR C 231 48.81 -13.51 21.85
N GLY C 241 47.53 -3.32 5.17
CA GLY C 241 48.37 -4.48 5.38
C GLY C 241 47.71 -5.57 6.20
N LYS C 242 46.43 -5.82 5.92
CA LYS C 242 45.70 -6.83 6.66
C LYS C 242 46.30 -8.21 6.43
N LEU C 243 46.35 -9.01 7.48
CA LEU C 243 47.06 -10.29 7.47
C LEU C 243 46.08 -11.44 7.41
N ILE C 244 46.29 -12.35 6.46
CA ILE C 244 45.53 -13.59 6.37
C ILE C 244 46.39 -14.73 6.90
N TRP C 245 45.91 -15.41 7.93
CA TRP C 245 46.66 -16.47 8.58
C TRP C 245 46.08 -17.83 8.22
N LYS C 246 46.93 -18.72 7.73
CA LYS C 246 46.56 -20.12 7.60
C LYS C 246 46.82 -20.80 8.94
N VAL C 247 45.80 -21.45 9.49
CA VAL C 247 45.88 -21.98 10.85
C VAL C 247 45.65 -23.49 10.83
N ASN C 248 46.55 -24.23 11.49
CA ASN C 248 46.45 -25.66 11.66
C ASN C 248 46.46 -25.99 13.15
N PRO C 249 45.40 -26.57 13.72
CA PRO C 249 45.39 -26.95 15.13
C PRO C 249 45.64 -28.43 15.35
N THR C 253 43.61 -35.09 13.85
CA THR C 253 42.51 -36.00 14.17
C THR C 253 41.17 -35.39 13.74
N THR C 254 40.20 -35.42 14.65
CA THR C 254 38.89 -34.83 14.43
C THR C 254 38.59 -33.81 15.52
N ILE C 255 38.08 -32.65 15.11
CA ILE C 255 37.68 -31.59 16.02
C ILE C 255 36.17 -31.46 15.96
N GLY C 256 35.53 -31.47 17.13
CA GLY C 256 34.09 -31.30 17.21
C GLY C 256 33.30 -32.34 16.43
N GLU C 257 33.70 -33.61 16.50
CA GLU C 257 32.93 -34.65 15.84
C GLU C 257 31.55 -34.77 16.47
N TRP C 258 31.45 -34.58 17.78
CA TRP C 258 30.17 -34.55 18.45
C TRP C 258 29.37 -33.33 18.00
N ALA C 259 28.06 -33.44 18.06
CA ALA C 259 27.20 -32.29 17.79
C ALA C 259 27.27 -31.32 18.96
N PHE C 260 26.68 -30.13 18.77
CA PHE C 260 26.79 -29.10 19.78
C PHE C 260 26.18 -29.55 21.10
N TRP C 261 25.06 -30.29 21.06
CA TRP C 261 24.43 -30.71 22.29
C TRP C 261 25.30 -31.71 23.05
N GLU C 262 25.99 -32.58 22.33
CA GLU C 262 26.81 -33.63 22.95
C GLU C 262 27.95 -33.03 23.76
N SER D 2 -6.78 -15.56 25.22
CA SER D 2 -7.54 -15.39 26.46
C SER D 2 -8.21 -14.02 26.51
N ILE D 3 -8.44 -13.44 25.34
CA ILE D 3 -9.12 -12.15 25.27
C ILE D 3 -10.53 -12.30 25.82
N PRO D 4 -10.96 -11.46 26.75
CA PRO D 4 -12.32 -11.56 27.27
C PRO D 4 -13.35 -11.30 26.17
N LEU D 5 -14.39 -12.13 26.16
CA LEU D 5 -15.49 -12.03 25.22
C LEU D 5 -16.77 -11.75 25.98
N GLY D 6 -17.57 -10.82 25.47
CA GLY D 6 -18.75 -10.41 26.19
C GLY D 6 -20.05 -10.81 25.54
N VAL D 7 -20.89 -11.53 26.27
CA VAL D 7 -22.15 -12.04 25.76
C VAL D 7 -23.27 -11.14 26.25
N ILE D 8 -24.07 -10.63 25.33
CA ILE D 8 -25.22 -9.79 25.66
C ILE D 8 -26.47 -10.65 25.72
N HIS D 9 -26.98 -10.89 26.93
CA HIS D 9 -28.21 -11.65 27.14
C HIS D 9 -29.29 -10.68 27.63
N ASN D 10 -30.38 -10.59 26.86
CA ASN D 10 -31.55 -9.81 27.26
C ASN D 10 -31.18 -8.37 27.59
N SER D 11 -30.32 -7.78 26.77
CA SER D 11 -29.88 -6.40 26.92
C SER D 11 -29.12 -6.19 28.23
N THR D 12 -28.49 -7.26 28.72
CA THR D 12 -27.62 -7.21 29.89
C THR D 12 -26.31 -7.88 29.52
N LEU D 13 -25.20 -7.27 29.91
CA LEU D 13 -23.88 -7.75 29.51
C LEU D 13 -23.22 -8.51 30.63
N GLN D 14 -22.94 -9.79 30.38
CA GLN D 14 -22.16 -10.62 31.27
C GLN D 14 -20.98 -11.15 30.47
N VAL D 15 -19.78 -11.05 31.03
CA VAL D 15 -18.62 -11.60 30.34
C VAL D 15 -18.79 -13.11 30.21
N SER D 16 -18.32 -13.65 29.09
CA SER D 16 -18.54 -15.06 28.79
C SER D 16 -17.80 -15.93 29.80
N ASP D 17 -18.50 -16.94 30.33
CA ASP D 17 -17.91 -17.91 31.23
C ASP D 17 -17.22 -19.01 30.42
N VAL D 18 -16.09 -18.63 29.82
CA VAL D 18 -15.37 -19.55 28.94
C VAL D 18 -14.96 -20.82 29.68
N ASP D 19 -14.36 -20.68 30.86
CA ASP D 19 -14.02 -21.84 31.66
C ASP D 19 -15.26 -22.63 32.09
N LYS D 20 -16.39 -21.95 32.26
CA LYS D 20 -17.61 -22.62 32.70
C LYS D 20 -18.36 -23.22 31.53
N LEU D 21 -18.18 -22.62 30.35
CA LEU D 21 -18.74 -23.13 29.10
C LEU D 21 -20.26 -23.27 29.18
N VAL D 22 -20.94 -22.22 29.66
CA VAL D 22 -22.39 -22.32 29.63
C VAL D 22 -22.83 -22.35 28.18
N CYS D 23 -23.76 -23.25 27.87
CA CYS D 23 -24.29 -23.32 26.52
C CYS D 23 -25.33 -22.25 26.21
N ARG D 24 -25.80 -21.49 27.20
CA ARG D 24 -26.90 -20.55 26.95
C ARG D 24 -26.53 -19.60 25.83
N ASP D 25 -25.31 -19.10 25.83
CA ASP D 25 -24.90 -18.16 24.78
C ASP D 25 -24.95 -18.91 23.45
N LYS D 26 -25.48 -18.26 22.42
CA LYS D 26 -25.68 -18.93 21.13
C LYS D 26 -25.17 -18.07 19.99
N LEU D 27 -24.03 -18.45 19.45
CA LEU D 27 -23.41 -17.78 18.32
C LEU D 27 -23.90 -18.47 17.06
N SER D 28 -24.96 -17.94 16.46
CA SER D 28 -25.52 -18.53 15.25
C SER D 28 -24.57 -18.39 14.07
N SER D 29 -23.95 -17.22 13.94
CA SER D 29 -23.09 -16.93 12.79
C SER D 29 -22.14 -15.82 13.19
N THR D 30 -21.13 -15.58 12.34
CA THR D 30 -20.16 -14.55 12.64
C THR D 30 -20.79 -13.16 12.72
N ASN D 31 -21.94 -12.95 12.09
CA ASN D 31 -22.57 -11.64 12.16
C ASN D 31 -22.81 -11.26 13.61
N GLN D 32 -23.12 -12.24 14.46
CA GLN D 32 -23.29 -11.99 15.88
C GLN D 32 -22.01 -11.43 16.48
N LEU D 33 -20.86 -11.98 16.09
CA LEU D 33 -19.59 -11.54 16.63
C LEU D 33 -19.26 -10.15 16.12
N ARG D 34 -18.89 -9.26 17.03
CA ARG D 34 -18.49 -7.92 16.63
C ARG D 34 -17.41 -7.40 17.56
N SER D 35 -16.65 -6.45 17.05
CA SER D 35 -15.61 -5.77 17.80
C SER D 35 -15.95 -4.28 17.82
N VAL D 36 -15.93 -3.67 18.99
CA VAL D 36 -16.37 -2.30 19.16
C VAL D 36 -15.19 -1.46 19.62
N GLY D 37 -14.91 -0.38 18.91
CA GLY D 37 -13.86 0.54 19.30
C GLY D 37 -14.34 1.68 20.17
N LEU D 38 -14.69 1.39 21.42
CA LEU D 38 -15.09 2.46 22.33
C LEU D 38 -13.93 3.41 22.58
N ASN D 39 -14.19 4.71 22.46
CA ASN D 39 -13.18 5.73 22.66
C ASN D 39 -13.06 6.10 24.13
N LEU D 40 -11.88 6.56 24.53
CA LEU D 40 -11.68 6.96 25.92
C LEU D 40 -12.45 8.22 26.28
N GLU D 41 -12.83 9.04 25.29
CA GLU D 41 -13.51 10.29 25.62
C GLU D 41 -14.75 10.01 26.45
N GLY D 42 -15.47 8.95 26.12
CA GLY D 42 -16.64 8.55 26.88
C GLY D 42 -16.29 8.17 28.29
N ASN D 43 -15.12 7.59 28.48
CA ASN D 43 -14.67 7.11 29.78
C ASN D 43 -14.48 8.22 30.81
N GLY D 44 -14.46 9.48 30.39
CA GLY D 44 -14.41 10.61 31.28
C GLY D 44 -13.02 11.16 31.52
N VAL D 45 -12.01 10.63 30.85
CA VAL D 45 -10.68 11.20 30.92
C VAL D 45 -10.69 12.55 30.22
N ALA D 46 -9.84 13.46 30.68
CA ALA D 46 -9.81 14.79 30.07
C ALA D 46 -9.38 14.66 28.62
N THR D 47 -9.98 15.45 27.76
CA THR D 47 -9.75 15.30 26.33
C THR D 47 -9.09 16.52 25.71
N ASP D 48 -8.73 17.51 26.50
CA ASP D 48 -8.08 18.70 25.97
C ASP D 48 -6.66 18.36 25.53
N VAL D 49 -6.15 19.10 24.55
CA VAL D 49 -4.86 18.75 23.97
C VAL D 49 -3.74 18.73 24.99
N PRO D 50 -3.62 19.69 25.92
CA PRO D 50 -2.51 19.61 26.88
C PRO D 50 -2.53 18.36 27.74
N SER D 51 -3.67 18.01 28.32
CA SER D 51 -3.71 16.82 29.16
C SER D 51 -3.59 15.56 28.31
N ALA D 52 -4.29 15.54 27.17
CA ALA D 52 -4.30 14.33 26.36
C ALA D 52 -2.90 13.99 25.87
N THR D 53 -2.13 15.00 25.49
CA THR D 53 -0.80 14.73 24.97
C THR D 53 0.07 14.04 26.02
N LYS D 54 -0.13 14.39 27.30
CA LYS D 54 0.69 13.81 28.35
C LYS D 54 0.54 12.30 28.40
N ARG D 55 -0.67 11.81 28.11
CA ARG D 55 -0.88 10.36 28.07
C ARG D 55 -0.05 9.71 26.98
N TRP D 56 0.09 10.38 25.84
CA TRP D 56 0.87 9.86 24.73
C TRP D 56 2.35 9.88 25.06
N GLY D 57 3.06 8.85 24.62
CA GLY D 57 4.49 8.76 24.95
C GLY D 57 5.25 8.12 23.81
N PHE D 58 6.55 8.33 23.82
CA PHE D 58 7.44 7.90 22.75
C PHE D 58 8.37 6.80 23.23
N ARG D 59 8.50 5.75 22.42
CA ARG D 59 9.36 4.63 22.74
C ARG D 59 9.97 4.11 21.44
N SER D 60 11.05 3.36 21.57
CA SER D 60 11.68 2.70 20.44
C SER D 60 11.94 1.26 20.82
N GLY D 61 11.98 0.39 19.82
CA GLY D 61 12.24 -1.01 20.06
C GLY D 61 11.00 -1.87 20.23
N VAL D 62 9.81 -1.27 20.19
CA VAL D 62 8.56 -2.00 20.26
C VAL D 62 7.86 -1.86 18.91
N PRO D 63 7.54 -2.96 18.24
CA PRO D 63 6.95 -2.87 16.91
C PRO D 63 5.50 -2.44 16.98
N PRO D 64 5.04 -1.65 16.00
CA PRO D 64 3.63 -1.27 15.98
C PRO D 64 2.74 -2.47 15.70
N LYS D 65 1.58 -2.50 16.33
CA LYS D 65 0.60 -3.54 16.09
C LYS D 65 -0.76 -2.90 15.82
N VAL D 66 -1.52 -3.49 14.90
CA VAL D 66 -2.80 -2.96 14.48
C VAL D 66 -3.86 -4.05 14.66
N VAL D 67 -5.07 -3.63 15.07
CA VAL D 67 -6.19 -4.53 15.27
C VAL D 67 -7.36 -4.00 14.45
N ASN D 68 -8.31 -4.88 14.15
CA ASN D 68 -9.49 -4.51 13.40
C ASN D 68 -10.68 -4.50 14.34
N TYR D 69 -11.34 -3.35 14.44
CA TYR D 69 -12.60 -3.21 15.16
C TYR D 69 -13.68 -2.87 14.15
N GLU D 70 -14.70 -3.72 14.07
CA GLU D 70 -15.71 -3.57 13.01
C GLU D 70 -16.54 -2.31 13.20
N ALA D 71 -16.98 -2.03 14.41
CA ALA D 71 -17.82 -0.87 14.67
C ALA D 71 -17.14 0.03 15.69
N GLY D 72 -17.69 1.22 15.87
CA GLY D 72 -17.01 2.17 16.74
C GLY D 72 -17.96 3.24 17.21
N GLU D 73 -17.45 4.06 18.12
CA GLU D 73 -18.22 5.11 18.76
C GLU D 73 -17.85 6.48 18.25
N TRP D 74 -18.86 7.33 18.07
CA TRP D 74 -18.62 8.72 17.71
C TRP D 74 -17.78 9.37 18.78
N ALA D 75 -16.77 10.12 18.38
CA ALA D 75 -15.84 10.67 19.34
C ALA D 75 -15.95 12.18 19.32
N GLU D 76 -16.10 12.77 20.50
CA GLU D 76 -16.22 14.22 20.56
C GLU D 76 -14.95 14.90 20.09
N ASN D 77 -13.80 14.38 20.54
CA ASN D 77 -12.51 14.97 20.26
C ASN D 77 -11.60 13.95 19.61
N CYS D 78 -10.96 14.33 18.53
CA CYS D 78 -10.02 13.49 17.82
C CYS D 78 -8.79 14.34 17.52
N TYR D 79 -7.67 13.67 17.27
CA TYR D 79 -6.43 14.40 17.12
C TYR D 79 -5.76 14.05 15.81
N ASN D 80 -5.04 15.02 15.25
CA ASN D 80 -4.31 14.85 14.00
C ASN D 80 -2.91 15.43 14.16
N LEU D 81 -2.01 14.67 14.78
CA LEU D 81 -0.68 15.18 15.05
C LEU D 81 0.12 15.32 13.76
N GLU D 82 0.86 16.41 13.65
CA GLU D 82 1.76 16.67 12.54
C GLU D 82 3.13 17.05 13.08
N ILE D 83 3.54 16.37 14.15
CA ILE D 83 4.77 16.71 14.84
C ILE D 83 5.99 16.47 13.97
N LYS D 84 6.96 17.37 14.06
CA LYS D 84 8.24 17.27 13.38
C LYS D 84 9.33 17.57 14.38
N LYS D 85 10.50 16.97 14.18
CA LYS D 85 11.60 17.27 15.08
C LYS D 85 12.12 18.67 14.77
N PRO D 86 12.83 19.29 15.72
CA PRO D 86 13.27 20.67 15.47
C PRO D 86 14.10 20.84 14.21
N ASP D 87 14.85 19.82 13.79
CA ASP D 87 15.53 19.92 12.50
C ASP D 87 14.55 20.01 11.37
N GLY D 88 13.45 19.29 11.46
CA GLY D 88 12.55 19.08 10.35
C GLY D 88 12.49 17.62 10.01
N SER D 89 13.26 16.82 10.73
CA SER D 89 13.29 15.39 10.51
C SER D 89 11.97 14.79 10.94
N GLU D 90 11.66 13.64 10.35
CA GLU D 90 10.38 13.02 10.63
C GLU D 90 10.36 12.48 12.05
N CYS D 91 9.20 12.60 12.70
CA CYS D 91 9.02 12.13 14.06
C CYS D 91 7.97 11.03 14.13
N LEU D 92 6.78 11.29 13.68
CA LEU D 92 5.73 10.29 13.70
C LEU D 92 5.78 9.49 12.42
N PRO D 93 5.70 8.18 12.47
CA PRO D 93 5.83 7.38 11.24
C PRO D 93 4.72 7.73 10.28
N ALA D 94 5.03 7.68 8.99
CA ALA D 94 4.03 8.01 8.00
C ALA D 94 2.95 6.95 7.97
N ALA D 95 1.74 7.35 7.61
CA ALA D 95 0.64 6.42 7.68
C ALA D 95 0.81 5.30 6.67
N PRO D 96 0.54 4.06 7.04
CA PRO D 96 0.52 2.98 6.07
C PRO D 96 -0.71 3.10 5.18
N ASP D 97 -0.73 2.31 4.11
CA ASP D 97 -1.75 2.48 3.08
C ASP D 97 -3.16 2.31 3.64
N GLY D 98 -3.39 1.26 4.43
CA GLY D 98 -4.73 0.99 4.91
C GLY D 98 -5.26 2.04 5.87
N ILE D 99 -4.38 2.55 6.74
CA ILE D 99 -4.81 3.46 7.79
C ILE D 99 -5.43 4.72 7.21
N ARG D 100 -6.54 5.14 7.79
CA ARG D 100 -7.23 6.37 7.39
C ARG D 100 -7.76 7.04 8.65
N GLY D 101 -8.24 8.27 8.50
CA GLY D 101 -8.64 9.04 9.65
C GLY D 101 -9.85 8.43 10.33
N PHE D 102 -9.95 8.67 11.63
CA PHE D 102 -11.11 8.20 12.38
C PHE D 102 -12.37 8.85 11.82
N PRO D 103 -13.40 8.07 11.50
CA PRO D 103 -14.65 8.67 11.03
C PRO D 103 -15.43 9.25 12.20
N ARG D 104 -16.31 10.19 11.87
CA ARG D 104 -17.29 10.71 12.82
C ARG D 104 -16.61 11.30 14.06
N CYS D 105 -15.86 12.37 13.82
CA CYS D 105 -15.22 13.14 14.88
C CYS D 105 -15.82 14.53 14.90
N ARG D 106 -16.39 14.92 16.03
CA ARG D 106 -17.03 16.24 16.08
C ARG D 106 -15.99 17.35 16.05
N TYR D 107 -14.92 17.21 16.82
CA TYR D 107 -13.82 18.16 16.81
C TYR D 107 -12.52 17.41 16.56
N VAL D 108 -11.78 17.84 15.56
CA VAL D 108 -10.48 17.27 15.24
C VAL D 108 -9.42 18.27 15.69
N HIS D 109 -8.61 17.88 16.66
CA HIS D 109 -7.58 18.77 17.20
C HIS D 109 -6.32 18.53 16.39
N LYS D 110 -6.08 19.35 15.38
CA LYS D 110 -4.95 19.15 14.47
C LYS D 110 -3.71 19.79 15.08
N VAL D 111 -3.13 19.12 16.07
CA VAL D 111 -1.91 19.62 16.69
C VAL D 111 -0.80 19.63 15.66
N SER D 112 -0.08 20.73 15.59
CA SER D 112 1.07 20.88 14.71
C SER D 112 2.20 21.49 15.50
N GLY D 113 3.41 21.26 15.05
CA GLY D 113 4.52 21.87 15.74
C GLY D 113 5.69 20.93 15.81
N THR D 114 6.60 21.23 16.73
CA THR D 114 7.84 20.50 16.86
C THR D 114 7.98 20.00 18.29
N GLY D 115 8.60 18.84 18.44
CA GLY D 115 8.88 18.30 19.74
C GLY D 115 10.02 17.33 19.72
N PRO D 116 10.67 17.14 20.87
CA PRO D 116 11.69 16.10 20.97
C PRO D 116 11.01 14.74 20.85
N CYS D 117 11.47 13.95 19.90
CA CYS D 117 10.96 12.60 19.73
C CYS D 117 12.06 11.62 20.06
N ALA D 118 11.95 10.97 21.21
CA ALA D 118 13.00 10.09 21.70
C ALA D 118 12.81 8.65 21.26
N GLY D 119 11.73 8.35 20.55
CA GLY D 119 11.41 6.99 20.19
C GLY D 119 10.97 6.90 18.74
N ASP D 120 11.07 5.69 18.20
CA ASP D 120 10.63 5.47 16.83
C ASP D 120 9.14 5.71 16.68
N PHE D 121 8.35 5.28 17.66
CA PHE D 121 6.91 5.35 17.57
C PHE D 121 6.35 5.94 18.86
N ALA D 122 5.13 6.45 18.76
CA ALA D 122 4.45 7.07 19.89
C ALA D 122 3.39 6.11 20.41
N PHE D 123 3.39 5.87 21.71
CA PHE D 123 2.51 4.88 22.30
C PHE D 123 1.67 5.51 23.40
N HIS D 124 0.57 4.85 23.73
CA HIS D 124 -0.35 5.33 24.75
C HIS D 124 0.13 4.81 26.10
N LYS D 125 0.40 5.71 27.03
CA LYS D 125 0.89 5.26 28.34
C LYS D 125 -0.18 4.48 29.08
N GLU D 126 -1.44 4.88 28.94
CA GLU D 126 -2.52 4.21 29.66
C GLU D 126 -2.80 2.82 29.10
N GLY D 127 -2.22 2.48 27.95
CA GLY D 127 -2.40 1.18 27.35
C GLY D 127 -3.51 1.11 26.31
N ALA D 128 -4.15 2.23 26.01
CA ALA D 128 -5.25 2.26 25.07
C ALA D 128 -4.74 2.20 23.64
N PHE D 129 -5.67 2.04 22.71
CA PHE D 129 -5.38 1.89 21.29
C PHE D 129 -5.81 3.15 20.55
N PHE D 130 -4.88 3.73 19.79
CA PHE D 130 -5.26 4.81 18.90
C PHE D 130 -6.14 4.21 17.80
N LEU D 131 -7.29 4.81 17.56
CA LEU D 131 -8.27 4.25 16.64
C LEU D 131 -8.24 5.01 15.32
N TYR D 132 -8.07 4.26 14.23
CA TYR D 132 -8.10 4.85 12.89
C TYR D 132 -9.03 4.02 12.02
N ASP D 133 -10.16 4.59 11.62
CA ASP D 133 -10.99 4.06 10.53
C ASP D 133 -11.05 2.54 10.54
N ARG D 134 -11.57 1.99 11.63
CA ARG D 134 -11.78 0.55 11.76
C ARG D 134 -10.47 -0.21 11.90
N LEU D 135 -9.38 0.48 12.25
CA LEU D 135 -8.08 -0.16 12.44
C LEU D 135 -7.42 0.42 13.68
N ALA D 136 -7.74 -0.16 14.84
CA ALA D 136 -7.09 0.27 16.07
C ALA D 136 -5.60 -0.03 16.01
N SER D 137 -4.79 0.92 16.48
CA SER D 137 -3.35 0.78 16.42
C SER D 137 -2.75 1.17 17.75
N THR D 138 -1.57 0.63 18.04
CA THR D 138 -0.86 0.94 19.26
C THR D 138 0.09 2.12 19.09
N VAL D 139 0.20 2.68 17.89
CA VAL D 139 1.12 3.76 17.60
C VAL D 139 0.38 4.89 16.91
N ILE D 140 0.97 6.08 16.95
CA ILE D 140 0.40 7.27 16.35
C ILE D 140 1.01 7.47 14.97
N TYR D 141 0.17 7.62 13.97
CA TYR D 141 0.59 7.83 12.59
C TYR D 141 0.41 9.29 12.20
N ARG D 142 1.36 9.82 11.45
CA ARG D 142 1.34 11.24 11.15
C ARG D 142 0.20 11.61 10.21
N GLY D 143 -0.48 12.70 10.52
CA GLY D 143 -1.42 13.28 9.59
C GLY D 143 -2.77 12.62 9.50
N THR D 144 -3.04 11.59 10.30
CA THR D 144 -4.29 10.86 10.21
C THR D 144 -5.06 11.06 11.50
N THR D 145 -6.32 11.48 11.37
CA THR D 145 -7.15 11.73 12.53
C THR D 145 -7.41 10.44 13.29
N PHE D 146 -7.23 10.48 14.60
CA PHE D 146 -7.42 9.32 15.44
C PHE D 146 -8.11 9.75 16.72
N ALA D 147 -8.73 8.78 17.38
CA ALA D 147 -9.32 9.00 18.69
C ALA D 147 -8.86 7.87 19.60
N GLU D 148 -8.20 8.22 20.69
CA GLU D 148 -7.66 7.20 21.57
C GLU D 148 -8.81 6.40 22.19
N GLY D 149 -8.66 5.09 22.20
CA GLY D 149 -9.77 4.25 22.60
C GLY D 149 -9.35 2.83 22.91
N VAL D 150 -10.33 2.03 23.29
CA VAL D 150 -10.12 0.62 23.61
C VAL D 150 -11.14 -0.20 22.84
N VAL D 151 -10.74 -1.41 22.46
CA VAL D 151 -11.54 -2.27 21.61
C VAL D 151 -12.16 -3.38 22.45
N ALA D 152 -13.46 -3.60 22.27
CA ALA D 152 -14.20 -4.62 23.01
C ALA D 152 -14.83 -5.60 22.04
N PHE D 153 -14.72 -6.89 22.36
CA PHE D 153 -15.26 -7.95 21.52
C PHE D 153 -16.60 -8.39 22.09
N LEU D 154 -17.63 -8.45 21.23
CA LEU D 154 -18.98 -8.72 21.66
C LEU D 154 -19.62 -9.83 20.85
N ILE D 155 -20.38 -10.69 21.54
CA ILE D 155 -21.27 -11.64 20.90
C ILE D 155 -22.65 -11.02 20.91
N LEU D 156 -23.03 -10.39 19.80
CA LEU D 156 -24.30 -9.68 19.75
C LEU D 156 -25.46 -10.68 19.75
N PRO D 157 -26.59 -10.30 20.33
CA PRO D 157 -27.79 -11.14 20.21
C PRO D 157 -28.28 -11.16 18.78
N GLN D 158 -28.82 -12.30 18.37
CA GLN D 158 -29.28 -12.51 17.01
C GLN D 158 -30.79 -12.39 16.86
N ALA D 159 -31.47 -11.87 17.89
CA ALA D 159 -32.93 -11.91 17.90
C ALA D 159 -33.53 -11.21 16.69
N LYS D 160 -33.17 -9.94 16.48
CA LYS D 160 -33.64 -9.20 15.31
C LYS D 160 -32.58 -8.24 14.81
N LYS D 161 -31.31 -8.64 14.91
CA LYS D 161 -30.19 -7.74 14.60
C LYS D 161 -30.34 -6.43 15.38
N ASP D 162 -30.69 -6.57 16.66
CA ASP D 162 -31.04 -5.42 17.49
C ASP D 162 -29.91 -4.42 17.63
N PHE D 163 -28.67 -4.89 17.74
CA PHE D 163 -27.55 -4.02 18.02
C PHE D 163 -26.70 -3.82 16.78
N PHE D 164 -26.31 -2.56 16.54
CA PHE D 164 -25.42 -2.18 15.44
C PHE D 164 -26.07 -2.36 14.07
N SER D 165 -27.27 -2.94 14.04
CA SER D 165 -28.03 -3.07 12.81
C SER D 165 -29.40 -2.40 12.90
N SER D 166 -29.77 -1.87 14.07
CA SER D 166 -31.03 -1.19 14.26
C SER D 166 -30.84 -0.09 15.29
N HIS D 167 -31.58 0.99 15.12
CA HIS D 167 -31.55 2.07 16.09
C HIS D 167 -32.41 1.71 17.30
N PRO D 168 -31.85 1.61 18.51
CA PRO D 168 -32.69 1.35 19.69
C PRO D 168 -33.73 2.43 19.91
N LEU D 169 -33.37 3.70 19.71
CA LEU D 169 -34.28 4.84 19.82
C LEU D 169 -35.22 4.76 21.02
N GLY D 182 -25.53 15.72 7.07
CA GLY D 182 -24.27 15.08 7.37
C GLY D 182 -23.58 15.68 8.59
N TYR D 183 -22.81 14.86 9.29
CA TYR D 183 -22.04 15.36 10.42
C TYR D 183 -21.01 16.38 9.97
N TYR D 184 -20.87 17.45 10.75
CA TYR D 184 -19.92 18.52 10.49
C TYR D 184 -18.76 18.43 11.49
N SER D 185 -17.55 18.26 10.98
CA SER D 185 -16.35 18.17 11.81
C SER D 185 -15.58 19.48 11.74
N THR D 186 -15.33 20.08 12.90
CA THR D 186 -14.53 21.28 13.00
C THR D 186 -13.08 20.93 13.34
N THR D 187 -12.14 21.55 12.64
CA THR D 187 -10.72 21.36 12.88
C THR D 187 -10.19 22.48 13.75
N ILE D 188 -9.83 22.17 14.99
CA ILE D 188 -9.20 23.12 15.89
C ILE D 188 -7.69 22.95 15.75
N ARG D 189 -7.01 23.96 15.25
CA ARG D 189 -5.59 23.86 14.94
C ARG D 189 -4.76 24.39 16.09
N TYR D 190 -3.87 23.54 16.61
CA TYR D 190 -2.97 23.87 17.71
C TYR D 190 -1.54 23.89 17.21
N GLN D 191 -0.79 24.92 17.58
CA GLN D 191 0.63 25.00 17.29
C GLN D 191 1.37 24.68 18.59
N ALA D 192 2.37 23.81 18.52
CA ALA D 192 2.98 23.32 19.74
C ALA D 192 4.49 23.23 19.61
N THR D 193 5.17 23.38 20.75
CA THR D 193 6.60 23.15 20.84
C THR D 193 6.88 22.22 21.99
N GLY D 194 7.95 21.44 21.87
CA GLY D 194 8.25 20.48 22.91
C GLY D 194 7.17 19.43 23.09
N PHE D 195 6.55 19.00 22.00
CA PHE D 195 5.52 17.99 22.07
C PHE D 195 6.10 16.71 22.67
N GLY D 196 5.32 16.08 23.56
CA GLY D 196 5.73 14.84 24.16
C GLY D 196 6.61 14.97 25.38
N THR D 197 6.78 16.17 25.92
CA THR D 197 7.56 16.39 27.13
C THR D 197 6.76 17.27 28.08
N ASN D 198 7.21 17.34 29.33
CA ASN D 198 6.52 18.16 30.31
C ASN D 198 6.60 19.65 30.00
N GLU D 199 7.52 20.05 29.12
CA GLU D 199 7.72 21.45 28.78
C GLU D 199 6.90 21.89 27.57
N THR D 200 5.95 21.06 27.13
CA THR D 200 5.19 21.38 25.93
C THR D 200 4.39 22.66 26.12
N GLU D 201 4.36 23.48 25.08
CA GLU D 201 3.61 24.73 25.06
C GLU D 201 2.73 24.76 23.83
N TYR D 202 1.47 25.15 24.00
CA TYR D 202 0.51 25.13 22.91
C TYR D 202 -0.07 26.50 22.64
N LEU D 203 -0.17 26.84 21.37
CA LEU D 203 -0.87 28.03 20.91
C LEU D 203 -2.03 27.61 20.03
N PHE D 204 -3.23 28.06 20.37
CA PHE D 204 -4.38 27.82 19.52
C PHE D 204 -4.37 28.84 18.40
N GLU D 205 -4.49 28.37 17.17
CA GLU D 205 -4.38 29.21 15.98
C GLU D 205 -5.78 29.59 15.51
N VAL D 206 -6.29 30.71 16.02
CA VAL D 206 -7.57 31.22 15.56
C VAL D 206 -7.46 31.70 14.11
N ASP D 207 -6.35 32.32 13.75
CA ASP D 207 -6.17 32.90 12.44
C ASP D 207 -4.67 32.88 12.16
N ASN D 208 -4.29 33.27 10.94
CA ASN D 208 -2.91 33.14 10.52
C ASN D 208 -1.99 34.17 11.17
N LEU D 209 -2.54 35.26 11.69
CA LEU D 209 -1.75 36.27 12.37
C LEU D 209 -2.02 36.36 13.86
N THR D 210 -2.96 35.58 14.38
CA THR D 210 -3.34 35.66 15.78
C THR D 210 -3.38 34.28 16.39
N TYR D 211 -2.74 34.12 17.54
CA TYR D 211 -2.71 32.88 18.28
C TYR D 211 -3.03 33.19 19.73
N VAL D 212 -3.72 32.28 20.40
CA VAL D 212 -4.04 32.43 21.81
C VAL D 212 -3.37 31.32 22.59
N GLN D 213 -2.61 31.70 23.63
CA GLN D 213 -1.94 30.72 24.44
C GLN D 213 -2.98 29.81 25.07
N LEU D 214 -2.71 28.52 25.09
CA LEU D 214 -3.71 27.53 25.44
C LEU D 214 -3.47 27.00 26.85
N GLU D 215 -4.57 26.83 27.58
CA GLU D 215 -4.56 26.24 28.91
C GLU D 215 -5.49 25.03 28.90
N SER D 216 -5.27 24.12 29.84
CA SER D 216 -6.03 22.88 29.86
C SER D 216 -7.52 23.13 30.05
N ARG D 217 -7.88 24.09 30.89
CA ARG D 217 -9.29 24.30 31.22
C ARG D 217 -10.12 24.60 29.97
N PHE D 218 -9.53 25.27 28.99
CA PHE D 218 -10.27 25.66 27.79
C PHE D 218 -10.82 24.43 27.08
N THR D 219 -12.11 24.47 26.75
CA THR D 219 -12.81 23.39 26.09
C THR D 219 -13.04 23.75 24.63
N PRO D 220 -13.29 22.77 23.75
CA PRO D 220 -13.48 23.11 22.32
C PRO D 220 -14.57 24.12 22.07
N GLN D 221 -15.70 24.02 22.77
CA GLN D 221 -16.77 25.00 22.59
C GLN D 221 -16.28 26.39 22.96
N PHE D 222 -15.61 26.48 24.10
CA PHE D 222 -15.00 27.75 24.50
C PHE D 222 -14.03 28.24 23.45
N LEU D 223 -13.17 27.35 22.94
CA LEU D 223 -12.20 27.75 21.94
C LEU D 223 -12.87 28.35 20.70
N LEU D 224 -13.96 27.73 20.23
CA LEU D 224 -14.66 28.28 19.07
C LEU D 224 -15.30 29.63 19.42
N GLN D 225 -15.82 29.75 20.63
CA GLN D 225 -16.33 31.05 21.06
C GLN D 225 -15.22 32.08 21.10
N LEU D 226 -14.03 31.67 21.54
CA LEU D 226 -12.87 32.54 21.53
C LEU D 226 -12.55 32.97 20.12
N ASN D 227 -12.74 32.06 19.17
CA ASN D 227 -12.52 32.37 17.76
C ASN D 227 -13.44 33.51 17.34
N GLU D 228 -14.70 33.42 17.73
CA GLU D 228 -15.66 34.46 17.35
C GLU D 228 -15.35 35.78 18.04
N THR D 229 -15.05 35.74 19.34
CA THR D 229 -14.79 36.99 20.07
C THR D 229 -13.52 37.66 19.54
N ILE D 230 -12.50 36.87 19.23
CA ILE D 230 -11.29 37.43 18.63
C ILE D 230 -11.60 38.05 17.28
N TYR D 231 -12.54 37.46 16.53
CA TYR D 231 -12.88 38.06 15.25
C TYR D 231 -13.32 39.51 15.39
N THR D 232 -14.01 39.85 16.49
CA THR D 232 -14.54 41.21 16.62
C THR D 232 -13.48 42.18 17.14
N SER D 233 -12.81 41.85 18.24
CA SER D 233 -11.88 42.77 18.89
C SER D 233 -10.44 42.27 18.87
N GLY D 234 -10.16 41.19 18.15
CA GLY D 234 -8.84 40.60 18.16
C GLY D 234 -7.74 41.50 17.63
N LYS D 235 -8.09 42.55 16.88
CA LYS D 235 -7.09 43.37 16.21
C LYS D 235 -6.16 42.49 15.38
N ARG D 236 -6.77 41.49 14.72
CA ARG D 236 -5.98 40.54 13.94
C ARG D 236 -5.20 41.22 12.83
N SER D 237 -5.81 42.19 12.13
CA SER D 237 -5.14 42.82 10.99
C SER D 237 -4.20 43.96 11.42
N ASN D 238 -3.13 43.58 12.11
CA ASN D 238 -2.08 44.51 12.50
C ASN D 238 -0.75 44.07 11.90
N THR D 239 0.02 45.05 11.43
CA THR D 239 1.30 44.76 10.79
C THR D 239 2.40 44.49 11.80
N THR D 240 2.09 44.57 13.10
CA THR D 240 3.11 44.41 14.13
C THR D 240 3.76 43.03 14.04
N GLY D 241 2.97 42.00 13.80
CA GLY D 241 3.47 40.64 13.75
C GLY D 241 2.43 39.67 14.28
N LYS D 242 2.84 38.42 14.38
CA LYS D 242 1.98 37.39 14.93
C LYS D 242 1.74 37.66 16.40
N LEU D 243 0.49 37.55 16.83
CA LEU D 243 0.10 37.89 18.19
C LEU D 243 -0.23 36.62 18.96
N ILE D 244 0.43 36.44 20.09
CA ILE D 244 0.14 35.34 21.00
C ILE D 244 -0.67 35.94 22.14
N TRP D 245 -1.99 35.93 21.98
CA TRP D 245 -2.86 36.43 23.04
C TRP D 245 -2.93 35.42 24.18
N LYS D 246 -3.12 35.94 25.39
CA LYS D 246 -3.43 35.11 26.54
C LYS D 246 -4.84 35.46 26.98
N VAL D 247 -5.67 34.44 27.14
CA VAL D 247 -7.09 34.63 27.39
C VAL D 247 -7.47 34.02 28.73
N ASN D 248 -8.27 34.77 29.49
CA ASN D 248 -8.84 34.29 30.73
C ASN D 248 -10.35 34.50 30.71
N PRO D 249 -11.15 33.46 30.93
CA PRO D 249 -12.59 33.65 31.11
C PRO D 249 -12.86 34.07 32.54
N GLU D 250 -13.28 35.32 32.72
CA GLU D 250 -13.44 35.89 34.06
C GLU D 250 -14.84 35.54 34.57
N ILE D 251 -14.98 34.30 35.02
CA ILE D 251 -16.23 33.78 35.57
C ILE D 251 -15.92 33.01 36.83
N ASP D 252 -16.89 33.00 37.76
CA ASP D 252 -16.67 32.34 39.04
C ASP D 252 -16.47 30.83 38.88
N THR D 253 -17.31 30.17 38.08
CA THR D 253 -17.19 28.73 37.93
C THR D 253 -16.13 28.38 36.89
N THR D 254 -15.64 27.14 36.97
CA THR D 254 -14.67 26.65 36.00
C THR D 254 -15.36 26.32 34.68
N ILE D 255 -14.73 26.70 33.58
CA ILE D 255 -15.27 26.41 32.26
C ILE D 255 -15.17 24.92 31.99
N GLY D 256 -16.20 24.38 31.33
CA GLY D 256 -16.20 22.97 30.94
C GLY D 256 -16.09 22.00 32.09
N GLU D 257 -16.82 22.26 33.18
CA GLU D 257 -16.74 21.39 34.35
C GLU D 257 -17.24 19.99 34.05
N TRP D 258 -18.31 19.88 33.27
CA TRP D 258 -18.97 18.61 33.01
C TRP D 258 -18.56 18.05 31.66
N ALA D 259 -18.77 16.74 31.50
CA ALA D 259 -18.46 16.08 30.24
C ALA D 259 -19.48 16.46 29.17
N PHE D 260 -19.13 16.16 27.92
CA PHE D 260 -19.98 16.60 26.82
C PHE D 260 -21.39 16.02 26.91
N TRP D 261 -21.52 14.74 27.28
CA TRP D 261 -22.86 14.19 27.46
C TRP D 261 -23.56 14.86 28.63
N GLU D 262 -22.85 15.07 29.75
CA GLU D 262 -23.48 15.68 30.91
C GLU D 262 -23.80 17.15 30.69
N THR D 263 -22.87 17.89 30.06
CA THR D 263 -23.03 19.34 29.97
C THR D 263 -24.26 19.72 29.14
N LYS D 264 -24.55 18.96 28.08
CA LYS D 264 -25.77 19.24 27.32
C LYS D 264 -27.02 18.99 28.17
N LYS D 265 -27.00 17.94 29.00
CA LYS D 265 -28.09 17.70 29.93
C LYS D 265 -28.21 18.84 30.93
N ASN D 266 -27.07 19.31 31.44
CA ASN D 266 -27.06 20.43 32.35
C ASN D 266 -27.34 21.73 31.62
N LEU D 267 -27.75 22.75 32.37
CA LEU D 267 -27.95 24.06 31.76
C LEU D 267 -26.60 24.60 31.31
N THR D 268 -26.49 24.95 30.03
CA THR D 268 -25.22 25.40 29.51
C THR D 268 -24.92 26.82 29.98
N ARG D 269 -23.65 27.08 30.21
CA ARG D 269 -23.18 28.42 30.57
C ARG D 269 -22.59 29.08 29.34
N LYS D 270 -23.13 30.23 28.96
CA LYS D 270 -22.68 30.94 27.78
C LYS D 270 -21.89 32.16 28.22
N ILE D 271 -20.68 32.28 27.72
CA ILE D 271 -19.74 33.29 28.17
C ILE D 271 -19.81 34.47 27.21
N ARG D 272 -20.14 35.64 27.73
CA ARG D 272 -20.18 36.80 26.88
C ARG D 272 -18.77 37.19 26.44
N SER D 273 -18.71 37.92 25.32
CA SER D 273 -17.43 38.36 24.79
C SER D 273 -16.72 39.27 25.78
N GLU D 274 -17.49 40.09 26.50
CA GLU D 274 -16.90 41.05 27.42
C GLU D 274 -16.12 40.35 28.52
N GLU D 275 -16.64 39.22 29.01
CA GLU D 275 -16.01 38.52 30.13
C GLU D 275 -14.59 38.05 29.78
N LEU D 276 -14.38 37.62 28.55
CA LEU D 276 -13.04 37.22 28.12
C LEU D 276 -12.07 38.39 28.22
N SER D 277 -10.88 38.10 28.74
CA SER D 277 -9.83 39.10 28.91
C SER D 277 -8.61 38.71 28.10
N PHE D 278 -8.08 39.66 27.33
CA PHE D 278 -6.95 39.41 26.45
C PHE D 278 -5.77 40.28 26.83
N THR D 279 -4.61 39.67 27.00
CA THR D 279 -3.36 40.40 27.21
C THR D 279 -2.34 39.91 26.20
N VAL D 280 -1.67 40.84 25.53
CA VAL D 280 -0.71 40.48 24.51
C VAL D 280 0.54 39.90 25.17
N VAL D 281 1.02 38.78 24.64
CA VAL D 281 2.25 38.19 25.14
C VAL D 281 3.35 38.31 24.09
N ASN D 282 5.63 40.36 25.09
CA ASN D 282 5.34 41.18 23.92
C ASN D 282 5.78 40.49 22.63
N ASP E 1 4.17 -33.07 -17.87
CA ASP E 1 4.44 -34.42 -17.38
C ASP E 1 5.81 -34.82 -17.91
N ILE E 2 6.71 -35.17 -16.99
CA ILE E 2 8.06 -35.59 -17.35
C ILE E 2 8.01 -36.95 -18.05
N GLN E 3 8.65 -37.03 -19.21
CA GLN E 3 8.67 -38.23 -20.05
C GLN E 3 10.07 -38.80 -20.14
N MET E 4 10.36 -39.85 -19.37
CA MET E 4 11.61 -40.57 -19.52
C MET E 4 11.63 -41.34 -20.83
N THR E 5 12.74 -41.20 -21.56
CA THR E 5 13.01 -41.98 -22.77
C THR E 5 14.42 -42.52 -22.67
N GLN E 6 14.56 -43.84 -22.72
CA GLN E 6 15.86 -44.49 -22.73
C GLN E 6 16.20 -44.79 -24.17
N SER E 7 17.25 -44.14 -24.70
CA SER E 7 17.50 -44.20 -26.14
C SER E 7 17.87 -45.60 -26.61
N PRO E 8 18.84 -46.33 -26.01
CA PRO E 8 19.17 -47.63 -26.56
C PRO E 8 18.27 -48.72 -26.01
N SER E 9 17.12 -48.94 -26.64
CA SER E 9 16.12 -49.84 -26.07
C SER E 9 16.69 -51.25 -25.89
N SER E 10 17.50 -51.70 -26.84
CA SER E 10 18.22 -52.96 -26.71
C SER E 10 19.67 -52.73 -27.11
N LEU E 11 20.58 -52.92 -26.17
CA LEU E 11 22.01 -52.78 -26.42
C LEU E 11 22.68 -54.13 -26.21
N SER E 12 23.45 -54.56 -27.20
CA SER E 12 24.25 -55.77 -27.10
C SER E 12 25.72 -55.40 -27.13
N ALA E 13 26.46 -55.83 -26.11
CA ALA E 13 27.88 -55.57 -26.03
C ALA E 13 28.61 -56.79 -25.49
N SER E 14 29.90 -56.87 -25.79
CA SER E 14 30.73 -57.97 -25.33
C SER E 14 31.39 -57.62 -23.99
N VAL E 15 32.21 -58.55 -23.50
CA VAL E 15 32.89 -58.34 -22.22
C VAL E 15 34.02 -57.33 -22.40
N GLY E 16 34.37 -56.66 -21.30
CA GLY E 16 35.53 -55.78 -21.27
C GLY E 16 35.52 -54.66 -22.28
N ASP E 17 34.38 -53.99 -22.46
CA ASP E 17 34.28 -52.82 -23.31
C ASP E 17 33.41 -51.77 -22.63
N ARG E 18 33.67 -50.50 -22.95
CA ARG E 18 32.84 -49.43 -22.41
C ARG E 18 31.47 -49.41 -23.07
N VAL E 19 30.43 -49.19 -22.26
CA VAL E 19 29.08 -49.01 -22.76
C VAL E 19 28.45 -47.80 -22.09
N THR E 20 27.79 -46.97 -22.88
CA THR E 20 27.08 -45.81 -22.38
C THR E 20 25.58 -45.98 -22.64
N ILE E 21 24.77 -45.73 -21.61
CA ILE E 21 23.32 -45.76 -21.71
C ILE E 21 22.81 -44.36 -21.39
N THR E 22 21.95 -43.83 -22.24
CA THR E 22 21.47 -42.47 -22.11
C THR E 22 19.97 -42.45 -21.86
N CYS E 23 19.55 -41.67 -20.86
CA CYS E 23 18.16 -41.42 -20.53
C CYS E 23 17.86 -39.94 -20.70
N ARG E 24 16.85 -39.63 -21.51
CA ARG E 24 16.51 -38.26 -21.86
C ARG E 24 15.20 -37.84 -21.23
N ALA E 25 15.14 -36.58 -20.82
CA ALA E 25 14.00 -36.02 -20.12
C ALA E 25 13.29 -35.03 -21.03
N SER E 26 11.96 -35.02 -20.96
CA SER E 26 11.18 -34.13 -21.83
C SER E 26 11.53 -32.67 -21.57
N GLN E 27 11.62 -32.27 -20.31
CA GLN E 27 12.10 -30.95 -19.96
C GLN E 27 13.11 -31.11 -18.82
N SER E 28 13.91 -30.06 -18.60
CA SER E 28 15.06 -30.18 -17.72
C SER E 28 14.69 -30.59 -16.31
N ILE E 29 15.38 -31.62 -15.81
CA ILE E 29 15.31 -32.04 -14.41
C ILE E 29 16.71 -31.92 -13.83
N SER E 30 16.83 -31.22 -12.71
CA SER E 30 18.15 -30.84 -12.22
C SER E 30 18.79 -32.01 -11.48
N SER E 31 19.53 -32.83 -12.23
CA SER E 31 20.39 -33.88 -11.66
C SER E 31 19.62 -34.77 -10.69
N PHE E 32 18.37 -35.08 -11.01
CA PHE E 32 17.52 -35.88 -10.13
C PHE E 32 17.23 -37.25 -10.70
N LEU E 33 17.96 -37.69 -11.72
CA LEU E 33 17.76 -39.02 -12.28
C LEU E 33 18.47 -40.06 -11.42
N ASN E 34 17.95 -41.28 -11.44
CA ASN E 34 18.53 -42.41 -10.71
C ASN E 34 18.56 -43.64 -11.60
N TRP E 35 19.64 -44.41 -11.52
CA TRP E 35 19.83 -45.57 -12.37
C TRP E 35 19.72 -46.85 -11.55
N TYR E 36 18.85 -47.76 -11.98
CA TYR E 36 18.64 -49.03 -11.31
C TYR E 36 18.88 -50.16 -12.30
N GLN E 37 19.68 -51.15 -11.90
CA GLN E 37 19.87 -52.36 -12.69
C GLN E 37 18.99 -53.44 -12.09
N GLN E 38 18.28 -54.16 -12.95
CA GLN E 38 17.42 -55.26 -12.52
C GLN E 38 17.86 -56.55 -13.18
N LYS E 39 18.49 -57.42 -12.40
CA LYS E 39 18.77 -58.76 -12.90
C LYS E 39 17.45 -59.48 -13.15
N PRO E 40 17.34 -60.27 -14.19
CA PRO E 40 16.05 -60.91 -14.49
C PRO E 40 15.59 -61.79 -13.33
N GLY E 41 14.34 -61.60 -12.93
CA GLY E 41 13.75 -62.39 -11.87
C GLY E 41 14.09 -61.94 -10.46
N LYS E 42 14.80 -60.83 -10.29
CA LYS E 42 15.20 -60.36 -8.97
C LYS E 42 14.84 -58.88 -8.82
N ALA E 43 14.93 -58.41 -7.59
CA ALA E 43 14.54 -57.04 -7.28
C ALA E 43 15.49 -56.06 -7.97
N PRO E 44 14.99 -54.94 -8.46
CA PRO E 44 15.89 -53.90 -8.97
C PRO E 44 16.80 -53.39 -7.86
N LYS E 45 17.98 -52.95 -8.25
CA LYS E 45 18.99 -52.49 -7.31
C LYS E 45 19.51 -51.12 -7.75
N LEU E 46 19.61 -50.19 -6.80
CA LEU E 46 20.04 -48.85 -7.12
C LEU E 46 21.53 -48.84 -7.48
N LEU E 47 21.87 -48.13 -8.56
CA LEU E 47 23.26 -48.00 -9.00
C LEU E 47 23.77 -46.58 -8.89
N ILE E 48 23.06 -45.62 -9.48
CA ILE E 48 23.47 -44.22 -9.48
C ILE E 48 22.33 -43.40 -8.90
N TYR E 49 22.64 -42.58 -7.90
CA TYR E 49 21.68 -41.65 -7.35
C TYR E 49 22.14 -40.23 -7.62
N ALA E 50 21.19 -39.36 -7.97
CA ALA E 50 21.43 -37.95 -8.26
C ALA E 50 22.15 -37.75 -9.58
N ALA E 51 22.19 -38.79 -10.40
CA ALA E 51 22.69 -38.85 -11.76
C ALA E 51 24.21 -38.92 -11.81
N SER E 52 24.90 -38.70 -10.70
CA SER E 52 26.36 -38.72 -10.72
C SER E 52 26.91 -39.65 -9.64
N SER E 53 26.41 -39.49 -8.42
CA SER E 53 26.94 -40.22 -7.28
C SER E 53 26.70 -41.71 -7.42
N LEU E 54 27.60 -42.48 -6.81
CA LEU E 54 27.54 -43.93 -6.84
C LEU E 54 27.13 -44.45 -5.47
N GLN E 55 26.09 -45.27 -5.43
CA GLN E 55 25.63 -45.83 -4.17
C GLN E 55 26.69 -46.76 -3.58
N SER E 56 26.80 -46.77 -2.26
CA SER E 56 27.84 -47.53 -1.60
C SER E 56 27.71 -49.01 -1.93
N GLY E 57 28.85 -49.64 -2.20
CA GLY E 57 28.88 -51.05 -2.51
C GLY E 57 28.73 -51.36 -3.99
N VAL E 58 28.29 -50.41 -4.79
CA VAL E 58 28.22 -50.62 -6.24
C VAL E 58 29.63 -50.66 -6.80
N PRO E 59 29.93 -51.52 -7.76
CA PRO E 59 31.26 -51.50 -8.37
C PRO E 59 31.57 -50.14 -8.97
N SER E 60 32.82 -49.72 -8.84
CA SER E 60 33.22 -48.40 -9.30
C SER E 60 33.07 -48.25 -10.81
N ARG E 61 32.94 -49.38 -11.53
CA ARG E 61 32.88 -49.34 -12.99
C ARG E 61 31.72 -48.48 -13.47
N PHE E 62 30.57 -48.59 -12.80
CA PHE E 62 29.42 -47.77 -13.17
C PHE E 62 29.71 -46.31 -12.87
N SER E 63 29.36 -45.45 -13.81
CA SER E 63 29.47 -44.01 -13.63
C SER E 63 28.40 -43.33 -14.46
N GLY E 64 28.02 -42.14 -14.04
CA GLY E 64 26.94 -41.42 -14.67
C GLY E 64 27.26 -39.95 -14.81
N SER E 65 26.64 -39.33 -15.81
CA SER E 65 26.80 -37.92 -16.09
C SER E 65 25.43 -37.26 -16.05
N GLY E 66 25.38 -36.05 -15.52
CA GLY E 66 24.11 -35.41 -15.25
C GLY E 66 24.04 -34.02 -15.86
N SER E 67 22.81 -33.62 -16.15
CA SER E 67 22.52 -32.33 -16.78
C SER E 67 21.05 -32.05 -16.53
N GLY E 68 20.58 -30.91 -17.03
CA GLY E 68 19.17 -30.61 -16.92
C GLY E 68 18.30 -31.60 -17.67
N THR E 69 18.68 -31.91 -18.91
CA THR E 69 17.85 -32.70 -19.80
C THR E 69 18.40 -34.08 -20.12
N ASP E 70 19.70 -34.19 -20.43
CA ASP E 70 20.28 -35.41 -20.94
C ASP E 70 21.19 -36.05 -19.89
N PHE E 71 21.05 -37.35 -19.70
CA PHE E 71 21.84 -38.10 -18.74
C PHE E 71 22.40 -39.34 -19.42
N THR E 72 23.58 -39.77 -18.96
CA THR E 72 24.24 -40.92 -19.52
C THR E 72 24.79 -41.78 -18.38
N LEU E 73 24.73 -43.10 -18.57
CA LEU E 73 25.30 -44.05 -17.63
C LEU E 73 26.40 -44.82 -18.34
N THR E 74 27.60 -44.84 -17.76
CA THR E 74 28.76 -45.44 -18.39
C THR E 74 29.25 -46.60 -17.55
N ILE E 75 29.21 -47.80 -18.11
CA ILE E 75 29.78 -48.98 -17.49
C ILE E 75 31.17 -49.17 -18.10
N SER E 76 32.21 -48.96 -17.30
CA SER E 76 33.57 -48.93 -17.86
C SER E 76 33.94 -50.28 -18.46
N SER E 77 33.70 -51.37 -17.74
CA SER E 77 33.96 -52.71 -18.24
C SER E 77 32.74 -53.59 -17.99
N LEU E 78 32.28 -54.28 -19.05
CA LEU E 78 31.08 -55.12 -18.96
C LEU E 78 31.47 -56.57 -18.65
N GLN E 79 31.74 -56.83 -17.38
CA GLN E 79 31.90 -58.20 -16.94
C GLN E 79 30.54 -58.90 -17.08
N PRO E 80 30.54 -60.22 -17.32
CA PRO E 80 29.27 -60.90 -17.67
C PRO E 80 28.15 -60.70 -16.66
N GLU E 81 28.45 -60.59 -15.37
CA GLU E 81 27.38 -60.40 -14.39
C GLU E 81 26.62 -59.10 -14.65
N ASP E 82 27.32 -58.05 -15.11
CA ASP E 82 26.63 -56.78 -15.30
C ASP E 82 25.88 -56.79 -16.61
N PHE E 83 25.06 -57.82 -16.83
CA PHE E 83 24.20 -57.93 -18.00
C PHE E 83 22.78 -58.04 -17.50
N ALA E 84 22.00 -56.98 -17.64
CA ALA E 84 20.65 -56.94 -17.08
C ALA E 84 19.93 -55.72 -17.65
N THR E 85 18.69 -55.53 -17.20
CA THR E 85 17.93 -54.36 -17.58
C THR E 85 18.34 -53.19 -16.69
N TYR E 86 18.55 -52.03 -17.30
CA TYR E 86 18.89 -50.81 -16.59
C TYR E 86 17.78 -49.79 -16.75
N TYR E 87 17.32 -49.24 -15.64
CA TYR E 87 16.20 -48.29 -15.62
C TYR E 87 16.67 -46.94 -15.11
N CYS E 88 16.12 -45.88 -15.69
CA CYS E 88 16.39 -44.52 -15.25
C CYS E 88 15.12 -43.99 -14.59
N GLN E 89 15.26 -43.55 -13.35
CA GLN E 89 14.16 -43.00 -12.58
C GLN E 89 14.37 -41.51 -12.39
N GLN E 90 13.38 -40.71 -12.79
CA GLN E 90 13.46 -39.26 -12.64
C GLN E 90 12.72 -38.87 -11.37
N SER E 91 13.42 -38.19 -10.48
CA SER E 91 12.87 -37.85 -9.17
C SER E 91 12.42 -36.39 -9.10
N TYR E 92 12.46 -35.67 -10.20
CA TYR E 92 12.08 -34.26 -10.16
C TYR E 92 10.59 -34.11 -9.93
N SER E 93 9.77 -34.86 -10.66
CA SER E 93 8.33 -34.80 -10.47
C SER E 93 7.71 -36.13 -10.87
N THR E 94 6.87 -36.66 -9.99
CA THR E 94 5.94 -37.78 -10.16
C THR E 94 6.64 -39.12 -10.38
N LEU E 95 7.97 -39.18 -10.19
CA LEU E 95 8.73 -40.42 -10.14
C LEU E 95 8.39 -41.44 -11.23
N THR E 96 8.60 -41.04 -12.48
CA THR E 96 8.34 -41.94 -13.59
C THR E 96 9.63 -42.67 -13.96
N PHE E 97 9.54 -43.98 -14.09
CA PHE E 97 10.67 -44.79 -14.51
C PHE E 97 10.76 -44.78 -16.03
N GLY E 98 11.93 -45.12 -16.53
CA GLY E 98 12.09 -45.19 -17.97
C GLY E 98 11.64 -46.54 -18.50
N GLN E 99 11.56 -46.63 -19.82
CA GLN E 99 11.12 -47.88 -20.44
C GLN E 99 12.06 -49.02 -20.08
N GLY E 100 13.34 -48.74 -20.01
CA GLY E 100 14.36 -49.66 -19.59
C GLY E 100 15.13 -50.24 -20.76
N THR E 101 16.36 -50.63 -20.49
CA THR E 101 17.25 -51.17 -21.52
C THR E 101 17.87 -52.44 -21.01
N ARG E 102 17.78 -53.51 -21.80
CA ARG E 102 18.34 -54.80 -21.44
C ARG E 102 19.66 -55.00 -22.19
N LEU E 103 20.75 -55.01 -21.45
CA LEU E 103 22.07 -55.21 -22.03
C LEU E 103 22.39 -56.71 -22.05
N GLU E 104 22.85 -57.20 -23.21
CA GLU E 104 23.10 -58.61 -23.40
C GLU E 104 24.34 -58.83 -24.26
N ILE E 105 24.81 -60.07 -24.26
CA ILE E 105 25.93 -60.49 -25.08
C ILE E 105 25.42 -61.13 -26.36
N ASP F 1 -31.78 8.49 3.95
CA ASP F 1 -31.18 8.24 2.63
C ASP F 1 -31.59 9.32 1.64
N ILE F 2 -31.28 9.08 0.36
CA ILE F 2 -31.67 10.01 -0.68
C ILE F 2 -33.18 10.04 -0.81
N GLN F 3 -33.74 11.23 -1.02
CA GLN F 3 -35.18 11.43 -1.13
C GLN F 3 -35.53 11.87 -2.55
N MET F 4 -36.50 11.20 -3.15
CA MET F 4 -36.86 11.45 -4.54
C MET F 4 -38.07 12.37 -4.60
N THR F 5 -37.95 13.46 -5.34
CA THR F 5 -39.01 14.46 -5.44
C THR F 5 -39.29 14.76 -6.91
N GLN F 6 -40.54 14.53 -7.33
CA GLN F 6 -40.99 15.02 -8.62
C GLN F 6 -41.62 16.40 -8.42
N SER F 7 -41.08 17.40 -9.09
CA SER F 7 -41.53 18.77 -8.85
C SER F 7 -42.99 18.99 -9.23
N PRO F 8 -43.47 18.61 -10.42
CA PRO F 8 -44.90 18.81 -10.72
C PRO F 8 -45.72 17.66 -10.15
N SER F 9 -46.47 17.95 -9.09
CA SER F 9 -47.37 16.93 -8.53
C SER F 9 -48.46 16.57 -9.52
N SER F 10 -49.07 17.58 -10.15
CA SER F 10 -50.05 17.35 -11.19
C SER F 10 -50.01 18.52 -12.17
N LEU F 11 -50.21 18.20 -13.45
CA LEU F 11 -50.32 19.23 -14.47
C LEU F 11 -51.17 18.69 -15.61
N SER F 12 -51.91 19.59 -16.27
CA SER F 12 -52.82 19.22 -17.34
C SER F 12 -52.41 19.94 -18.61
N ALA F 13 -52.28 19.19 -19.70
CA ALA F 13 -51.96 19.75 -21.01
C ALA F 13 -52.78 19.04 -22.08
N SER F 14 -52.96 19.74 -23.21
CA SER F 14 -53.68 19.19 -24.33
C SER F 14 -52.78 18.27 -25.17
N VAL F 15 -53.40 17.59 -26.13
CA VAL F 15 -52.65 16.73 -27.04
C VAL F 15 -51.76 17.58 -27.94
N GLY F 16 -50.62 17.02 -28.33
CA GLY F 16 -49.70 17.70 -29.22
C GLY F 16 -48.81 18.74 -28.57
N ASP F 17 -48.61 18.65 -27.27
CA ASP F 17 -47.90 19.68 -26.52
C ASP F 17 -46.55 19.15 -26.01
N ARG F 18 -45.69 20.09 -25.64
CA ARG F 18 -44.40 19.78 -25.02
C ARG F 18 -44.53 19.90 -23.51
N VAL F 19 -44.32 18.78 -22.81
CA VAL F 19 -44.39 18.76 -21.35
C VAL F 19 -43.13 18.10 -20.82
N THR F 20 -42.60 18.67 -19.74
CA THR F 20 -41.44 18.10 -19.05
C THR F 20 -41.82 17.79 -17.61
N ILE F 21 -41.57 16.55 -17.20
CA ILE F 21 -41.76 16.13 -15.83
C ILE F 21 -40.38 15.90 -15.23
N THR F 22 -40.13 16.50 -14.06
CA THR F 22 -38.81 16.52 -13.46
C THR F 22 -38.84 15.78 -12.13
N CYS F 23 -37.89 14.87 -11.95
CA CYS F 23 -37.70 14.16 -10.68
C CYS F 23 -36.36 14.58 -10.11
N ARG F 24 -36.35 15.04 -8.87
CA ARG F 24 -35.16 15.59 -8.23
C ARG F 24 -34.72 14.69 -7.10
N ALA F 25 -33.42 14.41 -7.03
CA ALA F 25 -32.83 13.61 -5.96
C ALA F 25 -32.09 14.53 -4.99
N SER F 26 -32.28 14.27 -3.69
CA SER F 26 -31.63 15.09 -2.67
C SER F 26 -30.12 15.01 -2.79
N GLN F 27 -29.59 13.82 -2.99
CA GLN F 27 -28.17 13.61 -3.25
C GLN F 27 -27.99 12.99 -4.63
N SER F 28 -26.88 13.35 -5.28
CA SER F 28 -26.67 12.99 -6.67
C SER F 28 -26.66 11.48 -6.88
N ILE F 29 -27.37 11.03 -7.90
CA ILE F 29 -27.36 9.65 -8.34
C ILE F 29 -26.81 9.61 -9.76
N SER F 30 -25.87 8.69 -10.01
CA SER F 30 -25.09 8.71 -11.25
C SER F 30 -25.93 8.09 -12.37
N SER F 31 -26.85 8.90 -12.89
CA SER F 31 -27.73 8.52 -14.01
C SER F 31 -28.35 7.15 -13.79
N PHE F 32 -28.85 6.93 -12.58
CA PHE F 32 -29.51 5.67 -12.22
C PHE F 32 -31.01 5.82 -12.05
N LEU F 33 -31.61 6.85 -12.64
CA LEU F 33 -33.04 7.07 -12.52
C LEU F 33 -33.74 6.50 -13.74
N ASN F 34 -34.77 5.70 -13.50
CA ASN F 34 -35.59 5.09 -14.53
C ASN F 34 -37.05 5.50 -14.30
N TRP F 35 -37.73 5.81 -15.40
CA TRP F 35 -39.10 6.31 -15.34
C TRP F 35 -40.10 5.19 -15.56
N TYR F 36 -41.23 5.28 -14.88
CA TYR F 36 -42.31 4.31 -15.00
C TYR F 36 -43.61 5.01 -15.36
N GLN F 37 -44.32 4.48 -16.35
CA GLN F 37 -45.65 4.95 -16.70
C GLN F 37 -46.66 3.93 -16.20
N GLN F 38 -47.56 4.37 -15.34
CA GLN F 38 -48.61 3.53 -14.81
C GLN F 38 -49.95 3.98 -15.40
N LYS F 39 -50.52 3.17 -16.27
CA LYS F 39 -51.87 3.44 -16.73
C LYS F 39 -52.82 3.32 -15.54
N PRO F 40 -53.86 4.13 -15.46
CA PRO F 40 -54.73 4.09 -14.29
C PRO F 40 -55.38 2.71 -14.13
N GLY F 41 -55.12 2.09 -12.99
CA GLY F 41 -55.64 0.77 -12.71
C GLY F 41 -54.85 -0.38 -13.32
N LYS F 42 -53.72 -0.11 -13.96
CA LYS F 42 -52.93 -1.15 -14.61
C LYS F 42 -51.50 -1.09 -14.10
N ALA F 43 -50.81 -2.22 -14.23
CA ALA F 43 -49.46 -2.34 -13.70
C ALA F 43 -48.52 -1.36 -14.40
N PRO F 44 -47.60 -0.74 -13.66
CA PRO F 44 -46.69 0.23 -14.27
C PRO F 44 -45.86 -0.38 -15.38
N LYS F 45 -45.50 0.47 -16.35
CA LYS F 45 -44.67 0.08 -17.48
C LYS F 45 -43.40 0.91 -17.49
N LEU F 46 -42.26 0.23 -17.64
CA LEU F 46 -40.98 0.93 -17.67
C LEU F 46 -40.88 1.78 -18.94
N LEU F 47 -40.32 2.97 -18.79
CA LEU F 47 -40.18 3.91 -19.90
C LEU F 47 -38.72 4.15 -20.28
N ILE F 48 -37.91 4.63 -19.34
CA ILE F 48 -36.53 5.04 -19.58
C ILE F 48 -35.61 4.07 -18.85
N TYR F 49 -34.66 3.46 -19.57
CA TYR F 49 -33.80 2.47 -18.91
C TYR F 49 -33.05 3.11 -17.75
N ALA F 50 -32.35 4.21 -18.02
CA ALA F 50 -31.57 4.88 -16.99
C ALA F 50 -31.34 6.32 -17.46
N ALA F 51 -32.21 7.21 -17.02
CA ALA F 51 -32.12 8.66 -17.24
C ALA F 51 -32.36 9.05 -18.69
N SER F 52 -31.77 8.34 -19.65
CA SER F 52 -31.92 8.76 -21.04
C SER F 52 -32.37 7.64 -21.98
N SER F 53 -31.92 6.41 -21.73
CA SER F 53 -32.21 5.31 -22.65
C SER F 53 -33.70 5.01 -22.69
N LEU F 54 -34.26 4.89 -23.88
CA LEU F 54 -35.68 4.65 -24.05
C LEU F 54 -35.94 3.17 -24.22
N GLN F 55 -36.86 2.64 -23.40
CA GLN F 55 -37.19 1.22 -23.43
C GLN F 55 -37.64 0.79 -24.83
N SER F 56 -37.23 -0.41 -25.23
CA SER F 56 -37.64 -0.95 -26.51
C SER F 56 -39.16 -1.13 -26.55
N GLY F 57 -39.76 -0.66 -27.64
CA GLY F 57 -41.19 -0.79 -27.83
C GLY F 57 -42.01 0.34 -27.23
N VAL F 58 -41.41 1.18 -26.39
CA VAL F 58 -42.07 2.37 -25.87
C VAL F 58 -41.97 3.43 -26.98
N PRO F 59 -43.01 4.22 -27.20
CA PRO F 59 -42.98 5.17 -28.33
C PRO F 59 -41.80 6.12 -28.23
N SER F 60 -41.22 6.44 -29.39
CA SER F 60 -40.05 7.31 -29.44
C SER F 60 -40.36 8.72 -28.94
N ARG F 61 -41.64 9.08 -28.87
CA ARG F 61 -42.01 10.42 -28.42
C ARG F 61 -41.53 10.66 -26.99
N PHE F 62 -41.55 9.63 -26.16
CA PHE F 62 -40.99 9.73 -24.82
C PHE F 62 -39.48 9.93 -24.93
N SER F 63 -38.96 10.95 -24.27
CA SER F 63 -37.53 11.25 -24.31
C SER F 63 -36.97 11.30 -22.91
N GLY F 64 -35.91 10.53 -22.66
CA GLY F 64 -35.28 10.50 -21.36
C GLY F 64 -34.13 11.48 -21.28
N SER F 65 -34.17 12.34 -20.27
CA SER F 65 -33.11 13.31 -20.01
C SER F 65 -32.53 13.02 -18.63
N GLY F 66 -31.20 13.13 -18.52
CA GLY F 66 -30.52 12.74 -17.30
C GLY F 66 -29.44 13.74 -16.94
N SER F 67 -29.11 13.75 -15.65
CA SER F 67 -28.06 14.60 -15.10
C SER F 67 -27.61 14.01 -13.78
N GLY F 68 -26.64 14.66 -13.15
CA GLY F 68 -26.09 14.15 -11.91
C GLY F 68 -27.13 14.08 -10.79
N THR F 69 -27.91 15.14 -10.63
CA THR F 69 -28.87 15.21 -9.53
C THR F 69 -30.30 15.44 -9.95
N ASP F 70 -30.55 16.10 -11.08
CA ASP F 70 -31.90 16.43 -11.52
C ASP F 70 -32.19 15.73 -12.83
N PHE F 71 -33.34 15.04 -12.88
CA PHE F 71 -33.73 14.29 -14.06
C PHE F 71 -35.08 14.79 -14.57
N THR F 72 -35.27 14.72 -15.88
CA THR F 72 -36.50 15.16 -16.50
C THR F 72 -36.94 14.15 -17.55
N LEU F 73 -38.26 14.07 -17.75
CA LEU F 73 -38.84 13.27 -18.82
C LEU F 73 -39.79 14.17 -19.61
N THR F 74 -39.69 14.11 -20.94
CA THR F 74 -40.49 14.95 -21.81
C THR F 74 -41.33 14.10 -22.73
N ILE F 75 -42.62 14.41 -22.83
CA ILE F 75 -43.52 13.73 -23.76
C ILE F 75 -43.67 14.62 -24.98
N SER F 76 -43.31 14.07 -26.15
CA SER F 76 -43.24 14.89 -27.36
C SER F 76 -44.63 15.37 -27.82
N SER F 77 -45.61 14.47 -27.89
CA SER F 77 -46.87 14.81 -28.54
C SER F 77 -48.13 14.58 -27.71
N LEU F 78 -48.03 14.03 -26.51
CA LEU F 78 -49.16 13.90 -25.58
C LEU F 78 -50.34 13.17 -26.22
N GLN F 79 -50.09 11.99 -26.76
CA GLN F 79 -51.19 11.17 -27.21
C GLN F 79 -52.04 10.72 -26.02
N PRO F 80 -53.32 10.41 -26.24
CA PRO F 80 -54.20 10.11 -25.10
C PRO F 80 -53.73 8.95 -24.24
N GLU F 81 -53.14 7.91 -24.86
CA GLU F 81 -52.64 6.80 -24.06
C GLU F 81 -51.48 7.20 -23.16
N ASP F 82 -50.80 8.31 -23.45
CA ASP F 82 -49.68 8.78 -22.66
C ASP F 82 -50.09 9.74 -21.57
N PHE F 83 -51.40 9.98 -21.42
CA PHE F 83 -51.91 10.92 -20.43
C PHE F 83 -51.89 10.31 -19.03
N ALA F 84 -51.51 9.05 -18.89
CA ALA F 84 -51.50 8.37 -17.60
C ALA F 84 -50.38 8.90 -16.71
N THR F 85 -50.44 8.54 -15.44
CA THR F 85 -49.48 9.02 -14.45
C THR F 85 -48.10 8.41 -14.68
N TYR F 86 -47.08 9.10 -14.15
CA TYR F 86 -45.69 8.69 -14.30
C TYR F 86 -45.00 8.65 -12.93
N TYR F 87 -43.97 7.83 -12.84
CA TYR F 87 -43.20 7.67 -11.62
C TYR F 87 -41.71 7.67 -11.95
N CYS F 88 -40.90 8.03 -10.96
CA CYS F 88 -39.45 8.01 -11.09
C CYS F 88 -38.86 7.13 -9.99
N GLN F 89 -37.95 6.23 -10.38
CA GLN F 89 -37.27 5.33 -9.46
C GLN F 89 -35.78 5.60 -9.48
N GLN F 90 -35.18 5.71 -8.30
CA GLN F 90 -33.74 5.79 -8.20
C GLN F 90 -33.15 4.41 -7.95
N SER F 91 -31.95 4.19 -8.47
CA SER F 91 -31.25 2.92 -8.27
C SER F 91 -29.91 3.09 -7.60
N TYR F 92 -29.70 4.22 -6.90
CA TYR F 92 -28.43 4.38 -6.20
C TYR F 92 -28.42 3.61 -4.90
N SER F 93 -29.45 3.78 -4.07
CA SER F 93 -29.62 2.95 -2.88
C SER F 93 -31.08 2.88 -2.51
N THR F 94 -31.54 1.67 -2.17
CA THR F 94 -32.82 1.34 -1.57
C THR F 94 -33.99 1.38 -2.56
N LEU F 95 -33.79 1.80 -3.81
CA LEU F 95 -34.80 1.70 -4.87
C LEU F 95 -36.13 2.36 -4.49
N THR F 96 -36.04 3.57 -3.93
CA THR F 96 -37.26 4.29 -3.64
C THR F 96 -37.87 4.87 -4.91
N PHE F 97 -39.15 5.20 -4.82
CA PHE F 97 -39.89 5.83 -5.90
C PHE F 97 -40.30 7.23 -5.46
N GLY F 98 -40.32 8.16 -6.40
CA GLY F 98 -40.85 9.47 -6.10
C GLY F 98 -42.37 9.43 -6.04
N GLN F 99 -42.95 10.42 -5.37
CA GLN F 99 -44.39 10.51 -5.35
C GLN F 99 -44.90 10.70 -6.77
N GLY F 100 -45.99 10.01 -7.09
CA GLY F 100 -46.42 9.97 -8.47
C GLY F 100 -46.87 11.32 -8.99
N THR F 101 -46.72 11.52 -10.29
CA THR F 101 -47.17 12.73 -10.96
C THR F 101 -48.40 12.41 -11.80
N ARG F 102 -49.42 13.23 -11.67
CA ARG F 102 -50.72 13.04 -12.31
C ARG F 102 -50.86 14.00 -13.48
N LEU F 103 -51.26 13.47 -14.63
CA LEU F 103 -51.53 14.34 -15.77
C LEU F 103 -53.01 14.70 -15.79
N ASP G 1 22.08 7.48 -8.30
CA ASP G 1 23.36 6.99 -7.83
C ASP G 1 24.06 8.05 -6.99
N ILE G 2 24.77 7.62 -5.96
CA ILE G 2 25.46 8.56 -5.10
C ILE G 2 26.59 9.24 -5.87
N VAL G 3 26.63 10.57 -5.81
CA VAL G 3 27.68 11.36 -6.43
C VAL G 3 28.43 12.08 -5.32
N MET G 4 29.76 11.97 -5.34
CA MET G 4 30.60 12.54 -4.30
C MET G 4 31.19 13.85 -4.80
N THR G 5 31.00 14.91 -4.02
CA THR G 5 31.57 16.22 -4.33
C THR G 5 32.50 16.62 -3.20
N GLN G 6 33.76 16.88 -3.53
CA GLN G 6 34.72 17.38 -2.56
C GLN G 6 34.84 18.89 -2.69
N SER G 7 34.53 19.61 -1.60
CA SER G 7 34.33 21.05 -1.71
C SER G 7 35.61 21.80 -2.06
N PRO G 8 36.70 21.73 -1.27
CA PRO G 8 37.85 22.58 -1.60
C PRO G 8 38.67 21.99 -2.73
N ASP G 9 38.49 22.49 -3.95
CA ASP G 9 39.13 21.87 -5.11
C ASP G 9 40.65 21.97 -5.00
N SER G 10 41.16 23.11 -4.54
CA SER G 10 42.58 23.26 -4.25
C SER G 10 42.70 23.84 -2.85
N LEU G 11 43.65 23.33 -2.08
CA LEU G 11 43.73 23.62 -0.67
C LEU G 11 45.17 23.97 -0.25
N ALA G 12 45.58 25.20 -0.49
CA ALA G 12 46.92 25.62 -0.10
C ALA G 12 47.02 25.72 1.42
N VAL G 13 48.01 25.03 1.99
CA VAL G 13 48.24 25.03 3.43
C VAL G 13 49.75 24.96 3.67
N SER G 14 50.21 25.65 4.70
CA SER G 14 51.63 25.66 5.01
C SER G 14 52.04 24.39 5.77
N LEU G 15 53.34 24.17 5.84
CA LEU G 15 53.86 22.98 6.50
C LEU G 15 53.48 22.96 7.97
N GLY G 16 53.07 21.79 8.45
CA GLY G 16 52.77 21.60 9.84
C GLY G 16 51.40 22.08 10.28
N GLU G 17 50.59 22.57 9.36
CA GLU G 17 49.28 23.13 9.67
C GLU G 17 48.18 22.18 9.23
N ARG G 18 47.06 22.22 9.93
CA ARG G 18 45.97 21.31 9.64
C ARG G 18 45.40 21.60 8.26
N ALA G 19 45.05 20.53 7.55
CA ALA G 19 44.39 20.62 6.26
C ALA G 19 43.15 19.75 6.29
N THR G 20 42.05 20.28 5.76
CA THR G 20 40.77 19.59 5.82
C THR G 20 40.13 19.51 4.45
N ILE G 21 39.84 18.30 4.01
CA ILE G 21 39.15 18.05 2.76
C ILE G 21 37.78 17.46 3.08
N ASN G 22 36.73 18.03 2.49
CA ASN G 22 35.38 17.62 2.79
C ASN G 22 34.79 16.93 1.58
N CYS G 23 34.25 15.73 1.77
CA CYS G 23 33.56 15.00 0.71
C CYS G 23 32.11 14.84 1.10
N LYS G 24 31.22 15.38 0.28
CA LYS G 24 29.78 15.36 0.54
C LYS G 24 29.09 14.51 -0.50
N SER G 25 28.29 13.56 -0.06
CA SER G 25 27.63 12.63 -0.95
C SER G 25 26.17 12.99 -1.11
N SER G 26 25.63 12.73 -2.30
CA SER G 26 24.24 13.06 -2.56
C SER G 26 23.31 12.29 -1.63
N GLN G 27 23.62 11.03 -1.37
CA GLN G 27 22.81 10.19 -0.51
C GLN G 27 23.65 9.67 0.65
N SER G 28 22.99 9.40 1.77
CA SER G 28 23.70 8.90 2.94
C SER G 28 24.30 7.55 2.65
N VAL G 29 25.55 7.36 3.05
CA VAL G 29 26.21 6.07 2.92
C VAL G 29 26.40 5.43 4.30
N LEU G 30 25.65 5.89 5.29
CA LEU G 30 25.62 5.22 6.58
C LEU G 30 24.61 4.09 6.50
N TYR G 31 25.07 2.88 6.80
CA TYR G 31 24.23 1.69 6.68
C TYR G 31 23.64 1.38 8.04
N SER G 32 22.31 1.28 8.10
CA SER G 32 21.61 1.26 9.38
C SER G 32 21.98 0.04 10.20
N SER G 33 22.12 -1.13 9.56
CA SER G 33 22.28 -2.36 10.31
C SER G 33 23.54 -2.33 11.19
N ASN G 34 24.65 -1.86 10.63
CA ASN G 34 25.90 -1.81 11.37
C ASN G 34 26.31 -0.40 11.80
N ASN G 35 25.60 0.62 11.33
CA ASN G 35 25.93 2.02 11.65
C ASN G 35 27.38 2.30 11.27
N LYS G 36 27.80 1.77 10.15
CA LYS G 36 29.19 1.81 9.71
C LYS G 36 29.23 2.38 8.31
N ASN G 37 30.08 3.37 8.08
CA ASN G 37 30.03 4.19 6.87
C ASN G 37 30.85 3.59 5.74
N TYR G 38 30.23 3.46 4.57
CA TYR G 38 30.87 2.92 3.38
C TYR G 38 31.55 4.04 2.60
N LEU G 39 32.69 4.51 3.10
CA LEU G 39 33.47 5.48 2.36
C LEU G 39 34.95 5.13 2.47
N ALA G 40 35.72 5.54 1.47
CA ALA G 40 37.16 5.35 1.46
C ALA G 40 37.84 6.59 0.92
N TRP G 41 39.07 6.84 1.37
CA TRP G 41 39.85 7.99 0.96
C TRP G 41 41.13 7.52 0.27
N TYR G 42 41.39 8.04 -0.92
CA TYR G 42 42.56 7.65 -1.70
C TYR G 42 43.47 8.84 -1.93
N GLN G 43 44.77 8.60 -1.78
CA GLN G 43 45.80 9.61 -2.04
C GLN G 43 46.48 9.26 -3.34
N GLN G 44 46.45 10.16 -4.30
CA GLN G 44 47.13 9.97 -5.58
C GLN G 44 48.28 10.94 -5.70
N LYS G 45 49.49 10.45 -5.51
CA LYS G 45 50.67 11.27 -5.73
C LYS G 45 50.78 11.60 -7.21
N PRO G 46 51.39 12.72 -7.58
CA PRO G 46 51.53 13.05 -9.00
C PRO G 46 52.29 11.95 -9.72
N GLY G 47 51.73 11.52 -10.85
CA GLY G 47 52.34 10.44 -11.61
C GLY G 47 52.49 9.16 -10.82
N GLN G 48 51.51 8.82 -10.01
CA GLN G 48 51.56 7.62 -9.18
C GLN G 48 50.17 7.00 -9.14
N PRO G 49 50.08 5.70 -8.88
CA PRO G 49 48.78 5.08 -8.70
C PRO G 49 48.15 5.54 -7.40
N PRO G 50 46.83 5.62 -7.35
CA PRO G 50 46.17 5.98 -6.09
C PRO G 50 46.47 4.97 -5.00
N LYS G 51 46.51 5.45 -3.77
CA LYS G 51 46.76 4.63 -2.60
C LYS G 51 45.63 4.82 -1.61
N LEU G 52 45.22 3.75 -0.95
CA LEU G 52 44.11 3.82 -0.02
C LEU G 52 44.59 4.37 1.31
N LEU G 53 43.91 5.41 1.81
CA LEU G 53 44.29 6.03 3.07
C LEU G 53 43.35 5.64 4.20
N ILE G 54 42.07 5.97 4.05
CA ILE G 54 41.07 5.73 5.08
C ILE G 54 39.95 4.91 4.48
N TYR G 55 39.49 3.92 5.22
CA TYR G 55 38.32 3.14 4.84
C TYR G 55 37.37 3.10 6.02
N TRP G 56 36.10 2.86 5.72
CA TRP G 56 35.02 2.93 6.70
C TRP G 56 34.92 4.32 7.30
N ALA G 57 35.32 5.31 6.51
CA ALA G 57 35.25 6.73 6.83
C ALA G 57 36.28 7.13 7.87
N SER G 58 36.56 6.25 8.83
CA SER G 58 37.47 6.57 9.92
C SER G 58 38.64 5.61 10.05
N THR G 59 38.45 4.33 9.72
CA THR G 59 39.50 3.35 9.92
C THR G 59 40.68 3.65 9.01
N ARG G 60 41.88 3.58 9.57
CA ARG G 60 43.10 3.95 8.87
C ARG G 60 43.80 2.73 8.30
N GLU G 61 44.27 2.87 7.07
CA GLU G 61 45.09 1.85 6.46
C GLU G 61 46.34 1.61 7.29
N SER G 62 46.90 0.41 7.19
CA SER G 62 48.05 0.06 8.02
C SER G 62 49.23 0.99 7.75
N GLY G 63 49.54 1.24 6.48
CA GLY G 63 50.71 2.01 6.13
C GLY G 63 50.62 3.49 6.45
N VAL G 64 49.43 4.07 6.39
CA VAL G 64 49.30 5.53 6.40
C VAL G 64 49.86 6.10 7.70
N PRO G 65 50.54 7.23 7.67
CA PRO G 65 50.99 7.87 8.92
C PRO G 65 49.80 8.34 9.73
N ASP G 66 50.06 8.54 11.03
CA ASP G 66 48.97 8.90 11.94
C ASP G 66 48.36 10.25 11.61
N ARG G 67 49.03 11.06 10.79
CA ARG G 67 48.53 12.40 10.49
C ARG G 67 47.15 12.35 9.85
N PHE G 68 46.93 11.42 8.94
CA PHE G 68 45.66 11.37 8.24
C PHE G 68 44.58 10.84 9.16
N SER G 69 43.47 11.56 9.24
CA SER G 69 42.34 11.15 10.04
C SER G 69 41.06 11.35 9.23
N GLY G 70 40.12 10.45 9.41
CA GLY G 70 38.85 10.50 8.70
C GLY G 70 37.72 10.63 9.69
N SER G 71 36.73 11.44 9.34
CA SER G 71 35.60 11.69 10.22
C SER G 71 34.38 11.97 9.38
N GLY G 72 33.23 12.01 10.05
CA GLY G 72 32.01 12.37 9.37
C GLY G 72 31.01 11.24 9.37
N SER G 73 29.75 11.56 9.11
CA SER G 73 28.69 10.56 9.09
C SER G 73 27.63 10.98 8.09
N GLY G 74 26.81 10.02 7.69
CA GLY G 74 25.72 10.32 6.78
C GLY G 74 26.23 10.79 5.43
N THR G 75 25.65 11.88 4.95
CA THR G 75 25.93 12.31 3.58
C THR G 75 27.34 12.85 3.42
N GLU G 76 27.80 13.67 4.37
CA GLU G 76 29.04 14.41 4.23
C GLU G 76 30.11 13.94 5.20
N PHE G 77 31.36 13.89 4.70
CA PHE G 77 32.51 13.37 5.40
C PHE G 77 33.69 14.31 5.27
N THR G 78 34.67 14.12 6.15
CA THR G 78 35.83 15.00 6.21
C THR G 78 37.10 14.18 6.40
N LEU G 79 38.15 14.55 5.68
CA LEU G 79 39.48 13.99 5.87
C LEU G 79 40.41 15.10 6.34
N THR G 80 41.09 14.87 7.46
CA THR G 80 41.90 15.89 8.09
C THR G 80 43.36 15.44 8.18
N ILE G 81 44.25 16.28 7.68
CA ILE G 81 45.69 16.10 7.86
C ILE G 81 46.09 17.01 9.02
N THR G 82 46.45 16.42 10.16
CA THR G 82 46.77 17.23 11.32
C THR G 82 47.98 18.12 11.08
N SER G 83 49.05 17.54 10.53
CA SER G 83 50.23 18.29 10.12
C SER G 83 50.54 17.95 8.69
N LEU G 84 50.53 18.93 7.81
CA LEU G 84 50.70 18.70 6.38
C LEU G 84 52.19 18.64 6.09
N GLN G 85 52.73 17.43 5.99
CA GLN G 85 54.12 17.28 5.63
C GLN G 85 54.33 17.64 4.16
N ALA G 86 55.59 17.87 3.81
CA ALA G 86 55.90 18.27 2.44
C ALA G 86 55.52 17.19 1.45
N GLU G 87 55.79 15.93 1.79
CA GLU G 87 55.47 14.84 0.87
C GLU G 87 53.97 14.62 0.68
N ASP G 88 53.13 15.08 1.61
CA ASP G 88 51.67 14.99 1.42
C ASP G 88 51.17 16.13 0.55
N VAL G 89 51.57 16.09 -0.72
CA VAL G 89 51.06 17.01 -1.74
C VAL G 89 50.54 16.14 -2.88
N ALA G 90 49.29 15.72 -2.77
CA ALA G 90 48.71 14.79 -3.72
C ALA G 90 47.23 15.08 -3.84
N VAL G 91 46.64 14.63 -4.94
CA VAL G 91 45.20 14.70 -5.07
C VAL G 91 44.58 13.65 -4.17
N TYR G 92 43.55 14.03 -3.42
CA TYR G 92 42.88 13.12 -2.49
C TYR G 92 41.47 12.86 -2.97
N TYR G 93 41.14 11.59 -3.17
CA TYR G 93 39.84 11.18 -3.68
C TYR G 93 39.05 10.45 -2.60
N CYS G 94 37.74 10.68 -2.59
CA CYS G 94 36.83 9.94 -1.74
C CYS G 94 36.03 9.00 -2.63
N GLN G 95 35.68 7.85 -2.07
CA GLN G 95 34.90 6.85 -2.79
C GLN G 95 33.77 6.37 -1.91
N GLN G 96 32.65 6.05 -2.54
CA GLN G 96 31.55 5.41 -1.85
C GLN G 96 31.39 4.01 -2.41
N TYR G 97 31.42 3.02 -1.53
CA TYR G 97 31.17 1.63 -1.90
C TYR G 97 29.86 1.13 -1.34
N TYR G 98 28.98 2.06 -0.93
CA TYR G 98 27.65 1.72 -0.46
C TYR G 98 26.79 1.16 -1.58
N SER G 99 26.86 1.72 -2.77
CA SER G 99 25.90 1.40 -3.82
C SER G 99 26.57 0.81 -5.06
N SER G 100 25.77 0.73 -6.14
CA SER G 100 26.17 -0.03 -7.32
C SER G 100 27.33 0.58 -8.10
N PRO G 101 27.33 1.86 -8.47
CA PRO G 101 28.33 2.34 -9.43
C PRO G 101 29.68 2.72 -8.84
N LEU G 102 29.88 2.63 -7.53
CA LEU G 102 31.18 2.88 -6.89
C LEU G 102 31.79 4.20 -7.36
N THR G 103 31.01 5.27 -7.25
CA THR G 103 31.45 6.55 -7.76
C THR G 103 32.56 7.15 -6.90
N PHE G 104 33.47 7.86 -7.56
CA PHE G 104 34.55 8.60 -6.93
C PHE G 104 34.30 10.09 -7.09
N GLY G 105 34.66 10.87 -6.08
CA GLY G 105 34.46 12.29 -6.19
C GLY G 105 35.59 12.95 -6.96
N GLY G 106 35.33 14.18 -7.41
CA GLY G 106 36.38 14.94 -8.06
C GLY G 106 37.50 15.23 -7.08
N GLY G 107 38.73 15.09 -7.55
CA GLY G 107 39.85 15.16 -6.65
C GLY G 107 40.11 16.56 -6.14
N THR G 108 40.85 16.62 -5.03
CA THR G 108 41.29 17.88 -4.45
C THR G 108 42.80 17.82 -4.26
N LYS G 109 43.50 18.82 -4.79
CA LYS G 109 44.95 18.85 -4.76
C LYS G 109 45.41 19.82 -3.68
N VAL G 110 46.23 19.33 -2.76
CA VAL G 110 46.81 20.16 -1.71
C VAL G 110 48.23 20.53 -2.09
N GLU G 111 48.57 21.80 -1.89
CA GLU G 111 49.92 22.31 -2.16
C GLU G 111 50.41 23.06 -0.93
N ILE G 112 51.68 22.86 -0.59
CA ILE G 112 52.30 23.52 0.55
C ILE G 112 52.55 24.98 0.23
N LYS G 113 52.85 25.78 1.25
CA LYS G 113 53.22 27.18 1.06
C LYS G 113 54.57 27.48 1.70
N ILE H 2 -31.73 -20.77 -15.20
CA ILE H 2 -30.84 -20.97 -16.34
C ILE H 2 -30.06 -19.67 -16.47
N VAL H 3 -29.29 -19.50 -17.56
CA VAL H 3 -28.42 -18.35 -17.72
C VAL H 3 -28.80 -17.51 -18.94
N ASN H 4 -29.99 -17.73 -19.52
CA ASN H 4 -30.36 -16.85 -20.63
C ASN H 4 -30.65 -15.43 -20.19
N ALA H 5 -30.81 -15.18 -18.88
CA ALA H 5 -30.88 -13.81 -18.40
C ALA H 5 -29.61 -13.07 -18.76
N GLN H 6 -28.52 -13.72 -18.57
CA GLN H 6 -27.19 -13.34 -18.98
C GLN H 6 -27.10 -13.56 -20.49
N PRO H 7 -26.50 -12.63 -21.25
CA PRO H 7 -26.60 -12.73 -22.72
C PRO H 7 -26.09 -14.00 -23.36
N LYS H 8 -24.87 -14.41 -23.08
CA LYS H 8 -24.32 -15.65 -23.64
C LYS H 8 -23.64 -16.44 -22.54
N CYS H 9 -23.89 -17.74 -22.50
CA CYS H 9 -23.23 -18.63 -21.56
C CYS H 9 -22.23 -19.51 -22.29
N ASN H 10 -21.01 -19.56 -21.79
CA ASN H 10 -19.97 -20.39 -22.37
C ASN H 10 -20.21 -21.85 -22.02
N PRO H 11 -20.47 -22.71 -23.00
CA PRO H 11 -20.74 -24.11 -22.68
C PRO H 11 -19.56 -24.83 -22.06
N ASN H 12 -18.34 -24.49 -22.46
CA ASN H 12 -17.12 -25.15 -22.00
C ASN H 12 -16.46 -24.34 -20.89
N LEU H 13 -16.00 -25.02 -19.85
CA LEU H 13 -15.19 -24.39 -18.81
C LEU H 13 -13.81 -25.02 -18.84
N HIS H 14 -12.80 -24.24 -19.20
CA HIS H 14 -11.41 -24.67 -19.17
C HIS H 14 -10.78 -24.01 -17.95
N TYR H 15 -10.51 -24.77 -16.89
CA TYR H 15 -10.07 -24.19 -15.62
C TYR H 15 -8.59 -24.45 -15.36
N TRP H 16 -7.89 -23.43 -14.90
CA TRP H 16 -6.52 -23.54 -14.42
C TRP H 16 -6.50 -23.41 -12.90
N THR H 17 -5.86 -24.35 -12.22
CA THR H 17 -5.82 -24.34 -10.77
C THR H 17 -4.43 -24.70 -10.26
N THR H 18 -4.15 -24.27 -9.03
CA THR H 18 -2.91 -24.63 -8.34
C THR H 18 -2.90 -26.13 -8.07
N GLN H 19 -1.70 -26.71 -8.10
CA GLN H 19 -1.62 -28.16 -8.06
C GLN H 19 -2.04 -28.71 -6.70
N ASP H 20 -2.54 -29.94 -6.75
CA ASP H 20 -2.95 -30.66 -5.55
C ASP H 20 -1.71 -30.96 -4.71
N GLU H 21 -1.85 -30.91 -3.40
CA GLU H 21 -0.73 -31.27 -2.54
C GLU H 21 -0.27 -32.72 -2.70
N GLY H 22 -1.20 -33.67 -2.78
CA GLY H 22 -0.79 -35.07 -2.87
C GLY H 22 -0.06 -35.51 -4.13
N ALA H 23 -0.40 -34.97 -5.29
CA ALA H 23 0.17 -35.52 -6.53
C ALA H 23 1.68 -35.36 -6.60
N ALA H 24 2.21 -34.22 -6.17
CA ALA H 24 3.63 -33.97 -6.35
C ALA H 24 4.45 -34.72 -5.31
N ILE H 25 5.33 -35.58 -5.82
CA ILE H 25 6.22 -36.38 -4.99
C ILE H 25 7.69 -36.12 -5.28
N GLY H 26 8.01 -35.49 -6.40
CA GLY H 26 9.40 -35.34 -6.77
C GLY H 26 10.06 -34.26 -5.96
N LEU H 27 11.38 -34.19 -6.08
CA LEU H 27 12.09 -33.12 -5.40
C LEU H 27 11.96 -31.81 -6.17
N ALA H 28 10.72 -31.45 -6.51
CA ALA H 28 10.42 -30.16 -7.10
C ALA H 28 9.57 -29.33 -6.16
N TRP H 29 9.18 -29.87 -5.01
CA TRP H 29 8.52 -29.07 -4.00
C TRP H 29 9.45 -27.99 -3.51
N ILE H 30 10.73 -28.32 -3.38
CA ILE H 30 11.75 -27.40 -2.88
C ILE H 30 11.69 -26.15 -3.74
N PRO H 31 11.62 -24.96 -3.15
CA PRO H 31 11.48 -23.76 -3.98
C PRO H 31 12.66 -23.59 -4.92
N TYR H 32 13.87 -23.88 -4.45
CA TYR H 32 15.05 -23.65 -5.28
C TYR H 32 14.99 -24.50 -6.54
N PHE H 33 14.61 -25.77 -6.40
CA PHE H 33 14.59 -26.69 -7.53
C PHE H 33 13.23 -26.76 -8.18
N GLY H 34 12.27 -25.95 -7.73
CA GLY H 34 10.92 -26.08 -8.18
C GLY H 34 10.61 -25.29 -9.43
N PRO H 35 9.38 -25.46 -9.92
CA PRO H 35 8.96 -24.74 -11.11
C PRO H 35 8.82 -23.26 -10.82
N ALA H 36 8.98 -22.45 -11.85
CA ALA H 36 8.83 -21.02 -11.71
C ALA H 36 7.35 -20.70 -11.52
N ALA H 37 7.05 -19.42 -11.28
CA ALA H 37 5.68 -19.04 -10.96
C ALA H 37 4.72 -19.47 -12.06
N GLU H 38 5.13 -19.34 -13.32
CA GLU H 38 4.25 -19.67 -14.43
C GLU H 38 3.87 -21.14 -14.45
N GLY H 39 4.81 -22.01 -14.08
CA GLY H 39 4.61 -23.45 -14.22
C GLY H 39 3.82 -24.15 -13.13
N ILE H 40 3.51 -23.50 -12.01
CA ILE H 40 2.87 -24.20 -10.92
C ILE H 40 1.46 -24.67 -11.30
N TYR H 41 0.83 -24.01 -12.26
CA TYR H 41 -0.58 -24.24 -12.56
C TYR H 41 -0.81 -25.59 -13.23
N THR H 42 -2.06 -26.04 -13.16
CA THR H 42 -2.55 -27.28 -13.74
C THR H 42 -3.75 -26.95 -14.60
N GLU H 43 -4.20 -27.95 -15.35
CA GLU H 43 -5.23 -27.71 -16.34
C GLU H 43 -6.38 -28.68 -16.12
N GLY H 44 -7.54 -28.30 -16.63
CA GLY H 44 -8.69 -29.18 -16.62
C GLY H 44 -9.72 -28.67 -17.60
N LEU H 45 -10.60 -29.57 -18.02
CA LEU H 45 -11.73 -29.20 -18.86
C LEU H 45 -13.00 -29.88 -18.36
N MET H 46 -14.05 -29.10 -18.16
CA MET H 46 -15.33 -29.61 -17.67
C MET H 46 -16.40 -29.48 -18.73
N HIS H 47 -16.01 -29.64 -20.00
CA HIS H 47 -16.90 -29.38 -21.12
C HIS H 47 -18.16 -30.25 -21.10
N ASN H 48 -18.05 -31.48 -20.61
CA ASN H 48 -19.15 -32.44 -20.72
C ASN H 48 -20.44 -31.93 -20.10
N GLN H 49 -20.36 -31.30 -18.93
CA GLN H 49 -21.54 -30.84 -18.21
C GLN H 49 -21.74 -29.34 -18.44
N ASP H 50 -22.68 -28.99 -19.31
CA ASP H 50 -23.03 -27.60 -19.54
C ASP H 50 -23.81 -27.00 -18.40
N GLY H 51 -24.73 -27.77 -17.81
CA GLY H 51 -25.65 -27.20 -16.83
C GLY H 51 -24.98 -26.67 -15.58
N LEU H 52 -24.07 -27.46 -15.01
CA LEU H 52 -23.39 -27.04 -13.79
C LEU H 52 -22.53 -25.80 -14.01
N ILE H 53 -21.67 -25.83 -15.03
CA ILE H 53 -20.76 -24.70 -15.22
C ILE H 53 -21.55 -23.45 -15.59
N CYS H 54 -22.61 -23.61 -16.37
CA CYS H 54 -23.35 -22.45 -16.80
C CYS H 54 -24.04 -21.82 -15.59
N GLY H 55 -24.77 -22.63 -14.83
CA GLY H 55 -25.31 -22.22 -13.55
C GLY H 55 -24.24 -21.50 -12.75
N LEU H 56 -23.00 -22.00 -12.83
CA LEU H 56 -21.91 -21.43 -12.06
C LEU H 56 -21.61 -20.01 -12.50
N ARG H 57 -21.64 -19.76 -13.81
CA ARG H 57 -21.39 -18.41 -14.29
C ARG H 57 -22.47 -17.49 -13.75
N GLN H 58 -23.71 -17.98 -13.75
CA GLN H 58 -24.79 -17.18 -13.19
C GLN H 58 -24.55 -16.91 -11.71
N LEU H 59 -24.11 -17.92 -10.97
CA LEU H 59 -23.89 -17.76 -9.54
C LEU H 59 -22.81 -16.74 -9.29
N ALA H 60 -21.80 -16.67 -10.15
CA ALA H 60 -20.70 -15.72 -9.94
C ALA H 60 -21.18 -14.31 -10.22
N ASN H 61 -21.98 -14.16 -11.27
CA ASN H 61 -22.57 -12.86 -11.57
C ASN H 61 -23.45 -12.40 -10.43
N GLU H 62 -24.19 -13.32 -9.82
CA GLU H 62 -25.05 -12.97 -8.70
C GLU H 62 -24.25 -12.63 -7.45
N THR H 63 -23.24 -13.42 -7.13
CA THR H 63 -22.51 -13.25 -5.88
C THR H 63 -21.62 -12.03 -5.89
N THR H 64 -21.29 -11.49 -7.07
CA THR H 64 -20.35 -10.38 -7.08
C THR H 64 -20.87 -9.20 -6.26
N GLN H 65 -22.18 -8.96 -6.24
CA GLN H 65 -22.72 -7.85 -5.46
C GLN H 65 -22.40 -8.01 -3.99
N ALA H 66 -22.65 -9.20 -3.45
CA ALA H 66 -22.37 -9.44 -2.04
C ALA H 66 -20.87 -9.34 -1.78
N LEU H 67 -20.08 -9.88 -2.71
CA LEU H 67 -18.63 -9.83 -2.52
C LEU H 67 -18.14 -8.39 -2.47
N GLN H 68 -18.66 -7.54 -3.35
CA GLN H 68 -18.25 -6.15 -3.37
C GLN H 68 -18.66 -5.45 -2.09
N LEU H 69 -19.89 -5.69 -1.61
CA LEU H 69 -20.30 -5.04 -0.37
C LEU H 69 -19.45 -5.50 0.80
N PHE H 70 -19.13 -6.80 0.84
CA PHE H 70 -18.27 -7.32 1.89
C PHE H 70 -16.90 -6.67 1.84
N LEU H 71 -16.35 -6.50 0.64
CA LEU H 71 -15.07 -5.83 0.50
C LEU H 71 -15.15 -4.39 0.97
N ARG H 72 -16.26 -3.72 0.66
CA ARG H 72 -16.40 -2.33 1.07
C ARG H 72 -16.39 -2.22 2.58
N ALA H 73 -17.13 -3.11 3.26
CA ALA H 73 -17.17 -3.04 4.72
C ALA H 73 -15.82 -3.36 5.32
N THR H 74 -15.14 -4.38 4.81
CA THR H 74 -13.85 -4.78 5.37
C THR H 74 -12.78 -3.74 5.06
N THR H 75 -11.80 -3.66 5.96
CA THR H 75 -10.65 -2.79 5.78
C THR H 75 -9.46 -3.53 5.20
N GLU H 76 -9.64 -4.79 4.84
CA GLU H 76 -8.56 -5.61 4.32
C GLU H 76 -8.01 -5.05 3.02
N LEU H 77 -6.70 -4.82 2.99
CA LEU H 77 -6.07 -4.53 1.71
C LEU H 77 -6.09 -5.79 0.86
N ARG H 78 -5.76 -6.92 1.46
CA ARG H 78 -5.80 -8.23 0.83
C ARG H 78 -6.66 -9.13 1.67
N THR H 79 -7.72 -9.68 1.09
CA THR H 79 -8.70 -10.48 1.81
C THR H 79 -8.54 -11.94 1.41
N PHE H 80 -8.09 -12.77 2.35
CA PHE H 80 -7.98 -14.20 2.07
C PHE H 80 -8.78 -15.05 3.05
N SER H 81 -9.65 -14.44 3.85
CA SER H 81 -10.32 -15.16 4.92
C SER H 81 -11.78 -15.47 4.61
N ILE H 82 -12.24 -15.16 3.40
CA ILE H 82 -13.65 -15.35 3.10
C ILE H 82 -14.03 -16.81 3.17
N LEU H 83 -13.19 -17.70 2.62
CA LEU H 83 -13.52 -19.12 2.66
C LEU H 83 -13.56 -19.63 4.09
N ASN H 84 -12.58 -19.24 4.90
CA ASN H 84 -12.58 -19.65 6.29
C ASN H 84 -13.78 -19.10 7.03
N ARG H 85 -14.14 -17.83 6.75
CA ARG H 85 -15.32 -17.28 7.38
C ARG H 85 -16.58 -18.03 6.96
N LYS H 86 -16.65 -18.47 5.71
CA LYS H 86 -17.77 -19.30 5.29
C LYS H 86 -17.79 -20.62 6.03
N ALA H 87 -16.62 -21.21 6.26
CA ALA H 87 -16.55 -22.47 6.99
C ALA H 87 -17.03 -22.29 8.42
N ILE H 88 -16.50 -21.28 9.11
CA ILE H 88 -16.91 -21.04 10.49
C ILE H 88 -18.38 -20.66 10.55
N ASP H 89 -18.90 -19.97 9.53
CA ASP H 89 -20.33 -19.70 9.49
C ASP H 89 -21.11 -20.99 9.40
N PHE H 90 -20.65 -21.91 8.57
CA PHE H 90 -21.36 -23.17 8.39
C PHE H 90 -21.39 -23.97 9.69
N LEU H 91 -20.25 -24.08 10.36
CA LEU H 91 -20.21 -24.80 11.63
C LEU H 91 -21.00 -24.07 12.70
N LEU H 92 -20.86 -22.75 12.78
CA LEU H 92 -21.57 -21.97 13.80
C LEU H 92 -23.06 -22.08 13.60
N GLN H 93 -23.48 -22.23 12.35
CA GLN H 93 -24.90 -22.26 12.04
C GLN H 93 -25.45 -23.63 12.41
N ARG H 94 -24.86 -24.69 11.87
CA ARG H 94 -25.39 -26.03 12.13
C ARG H 94 -25.24 -26.42 13.61
N TRP H 95 -24.11 -26.11 14.22
CA TRP H 95 -23.79 -26.55 15.58
C TRP H 95 -23.53 -25.39 16.54
N GLY H 96 -24.30 -24.30 16.43
CA GLY H 96 -24.04 -23.15 17.26
C GLY H 96 -24.22 -23.44 18.74
N GLY H 97 -25.25 -24.19 19.08
CA GLY H 97 -25.50 -24.61 20.44
C GLY H 97 -26.97 -24.85 20.65
N THR H 98 -27.28 -25.48 21.78
CA THR H 98 -28.66 -25.76 22.20
C THR H 98 -29.40 -26.46 21.05
N CYS H 99 -28.72 -27.43 20.44
CA CYS H 99 -29.22 -28.11 19.26
C CYS H 99 -30.01 -29.34 19.69
N HIS H 100 -31.27 -29.40 19.29
CA HIS H 100 -32.12 -30.50 19.72
C HIS H 100 -31.70 -31.79 19.02
N ILE H 101 -31.73 -32.89 19.76
CA ILE H 101 -31.23 -34.15 19.22
C ILE H 101 -32.04 -34.55 18.00
N LEU H 102 -33.35 -34.27 18.01
CA LEU H 102 -34.25 -34.54 16.90
C LEU H 102 -34.97 -33.22 16.60
N GLY H 103 -34.26 -32.30 15.95
CA GLY H 103 -34.82 -31.01 15.63
C GLY H 103 -34.31 -30.47 14.32
N PRO H 104 -35.04 -29.51 13.75
CA PRO H 104 -34.52 -28.85 12.53
C PRO H 104 -33.22 -28.11 12.76
N ASP H 105 -33.06 -27.50 13.94
CA ASP H 105 -31.90 -26.67 14.23
C ASP H 105 -30.60 -27.48 14.19
N CYS H 106 -30.63 -28.72 14.66
CA CYS H 106 -29.43 -29.53 14.81
C CYS H 106 -29.48 -30.71 13.85
N CYS H 107 -28.38 -30.92 13.14
CA CYS H 107 -28.32 -31.98 12.14
C CYS H 107 -28.35 -33.37 12.74
N ILE H 108 -27.99 -33.51 14.03
CA ILE H 108 -27.76 -34.84 14.60
C ILE H 108 -28.99 -35.71 14.38
N GLU H 109 -28.75 -36.98 14.07
CA GLU H 109 -29.85 -37.93 13.91
C GLU H 109 -29.53 -39.23 14.64
N PRO H 110 -30.50 -39.78 15.37
CA PRO H 110 -30.27 -41.03 16.10
C PRO H 110 -30.04 -42.21 15.17
N HIS H 111 -29.15 -43.10 15.59
CA HIS H 111 -28.75 -44.26 14.79
C HIS H 111 -28.26 -43.84 13.41
N GLU I 1 22.44 -56.41 5.02
CA GLU I 1 21.92 -56.79 6.33
C GLU I 1 20.44 -56.43 6.49
N VAL I 2 20.07 -55.23 6.03
CA VAL I 2 18.68 -54.79 6.12
C VAL I 2 17.84 -55.58 5.12
N GLN I 3 16.72 -56.14 5.60
CA GLN I 3 15.88 -56.99 4.78
C GLN I 3 14.46 -56.44 4.79
N LEU I 4 13.90 -56.25 3.59
CA LEU I 4 12.49 -55.92 3.41
C LEU I 4 11.81 -57.15 2.84
N VAL I 5 10.89 -57.74 3.60
CA VAL I 5 10.16 -58.92 3.16
C VAL I 5 8.69 -58.56 3.07
N GLU I 6 8.18 -58.42 1.85
CA GLU I 6 6.74 -58.28 1.66
C GLU I 6 6.12 -59.65 1.43
N SER I 7 4.84 -59.75 1.76
CA SER I 7 4.12 -61.02 1.67
C SER I 7 2.64 -60.71 1.53
N GLY I 8 1.88 -61.76 1.22
CA GLY I 8 0.45 -61.61 0.98
C GLY I 8 0.04 -61.50 -0.47
N GLY I 9 0.97 -61.69 -1.41
CA GLY I 9 0.58 -61.67 -2.81
C GLY I 9 -0.04 -62.97 -3.25
N GLY I 10 -1.26 -62.87 -3.79
CA GLY I 10 -2.01 -64.05 -4.22
C GLY I 10 -3.02 -63.65 -5.28
N LEU I 11 -3.60 -64.68 -5.90
CA LEU I 11 -4.64 -64.43 -6.90
C LEU I 11 -5.83 -63.75 -6.28
N VAL I 12 -6.37 -62.77 -7.00
CA VAL I 12 -7.57 -62.05 -6.60
C VAL I 12 -8.50 -61.97 -7.79
N GLN I 13 -9.80 -61.99 -7.51
CA GLN I 13 -10.77 -61.86 -8.58
C GLN I 13 -10.76 -60.42 -9.11
N PRO I 14 -10.97 -60.22 -10.41
CA PRO I 14 -11.11 -58.85 -10.90
C PRO I 14 -12.21 -58.11 -10.17
N GLY I 15 -11.92 -56.86 -9.81
CA GLY I 15 -12.79 -56.11 -8.94
C GLY I 15 -12.57 -56.39 -7.47
N GLY I 16 -11.68 -57.33 -7.14
CA GLY I 16 -11.43 -57.71 -5.77
C GLY I 16 -10.45 -56.79 -5.07
N SER I 17 -10.30 -57.01 -3.77
CA SER I 17 -9.37 -56.27 -2.95
C SER I 17 -8.49 -57.22 -2.14
N LEU I 18 -7.22 -56.86 -1.98
CA LEU I 18 -6.30 -57.62 -1.14
C LEU I 18 -5.37 -56.66 -0.42
N ARG I 19 -4.75 -57.16 0.64
CA ARG I 19 -3.83 -56.38 1.46
C ARG I 19 -2.42 -56.93 1.34
N LEU I 20 -1.47 -56.08 0.97
CA LEU I 20 -0.06 -56.44 0.92
C LEU I 20 0.67 -55.86 2.12
N SER I 21 1.40 -56.72 2.83
CA SER I 21 2.16 -56.31 3.99
C SER I 21 3.64 -56.51 3.71
N CYS I 22 4.44 -55.46 3.91
CA CYS I 22 5.87 -55.53 3.78
C CYS I 22 6.50 -55.34 5.15
N ALA I 23 7.22 -56.37 5.61
CA ALA I 23 7.84 -56.37 6.92
C ALA I 23 9.32 -56.02 6.77
N ALA I 24 9.79 -55.08 7.58
CA ALA I 24 11.16 -54.60 7.51
C ALA I 24 11.95 -55.16 8.68
N SER I 25 13.09 -55.78 8.39
CA SER I 25 13.95 -56.36 9.39
C SER I 25 15.37 -55.86 9.18
N GLY I 26 16.10 -55.69 10.27
CA GLY I 26 17.45 -55.20 10.24
C GLY I 26 17.56 -53.70 10.42
N PHE I 27 16.44 -52.98 10.37
CA PHE I 27 16.40 -51.56 10.62
C PHE I 27 14.98 -51.18 10.99
N THR I 28 14.82 -49.99 11.57
CA THR I 28 13.52 -49.47 11.93
C THR I 28 12.93 -48.70 10.75
N SER I 29 11.79 -49.16 10.25
CA SER I 29 11.14 -48.52 9.11
C SER I 29 10.58 -47.15 9.45
N SER I 30 10.31 -46.88 10.73
CA SER I 30 9.61 -45.65 11.10
C SER I 30 10.32 -44.41 10.55
N SER I 31 11.64 -44.34 10.73
CA SER I 31 12.37 -43.13 10.35
C SER I 31 12.35 -42.91 8.84
N TYR I 32 12.39 -43.97 8.06
CA TYR I 32 12.54 -43.88 6.61
C TYR I 32 11.19 -44.04 5.93
N ALA I 33 10.89 -43.13 5.01
CA ALA I 33 9.70 -43.32 4.20
C ALA I 33 9.85 -44.56 3.34
N MET I 34 8.72 -45.19 3.02
CA MET I 34 8.67 -46.43 2.28
C MET I 34 7.90 -46.24 0.98
N ASN I 35 8.27 -47.02 -0.02
CA ASN I 35 7.70 -46.87 -1.35
C ASN I 35 7.22 -48.21 -1.87
N TRP I 36 6.14 -48.19 -2.65
CA TRP I 36 5.63 -49.36 -3.33
C TRP I 36 5.79 -49.18 -4.84
N VAL I 37 6.43 -50.14 -5.48
CA VAL I 37 6.64 -50.13 -6.92
C VAL I 37 6.17 -51.46 -7.48
N ARG I 38 5.38 -51.40 -8.56
CA ARG I 38 4.87 -52.60 -9.20
C ARG I 38 5.55 -52.78 -10.54
N GLN I 39 6.06 -53.97 -10.79
CA GLN I 39 6.64 -54.33 -12.07
C GLN I 39 5.69 -55.27 -12.78
N ALA I 40 4.99 -54.76 -13.78
CA ALA I 40 4.18 -55.64 -14.60
C ALA I 40 5.11 -56.61 -15.34
N PRO I 41 4.69 -57.85 -15.56
CA PRO I 41 5.61 -58.84 -16.12
C PRO I 41 6.13 -58.42 -17.48
N GLY I 42 7.43 -58.19 -17.56
CA GLY I 42 8.06 -57.77 -18.79
C GLY I 42 7.76 -56.36 -19.23
N LYS I 43 7.12 -55.56 -18.37
CA LYS I 43 6.65 -54.23 -18.76
C LYS I 43 7.32 -53.12 -17.94
N GLY I 44 8.47 -53.41 -17.34
CA GLY I 44 9.21 -52.37 -16.66
C GLY I 44 8.69 -52.07 -15.28
N LEU I 45 9.11 -50.93 -14.75
CA LEU I 45 8.80 -50.51 -13.38
C LEU I 45 7.90 -49.30 -13.39
N GLU I 46 6.92 -49.28 -12.49
CA GLU I 46 6.07 -48.12 -12.30
C GLU I 46 5.86 -47.90 -10.81
N TRP I 47 6.03 -46.67 -10.36
CA TRP I 47 5.83 -46.33 -8.96
C TRP I 47 4.34 -46.38 -8.61
N VAL I 48 4.02 -46.96 -7.46
CA VAL I 48 2.63 -47.11 -7.05
C VAL I 48 2.26 -46.07 -6.01
N SER I 49 2.94 -46.11 -4.87
CA SER I 49 2.61 -45.22 -3.77
C SER I 49 3.80 -45.13 -2.83
N THR I 50 3.85 -44.03 -2.08
CA THR I 50 4.83 -43.86 -1.04
C THR I 50 4.19 -43.26 0.20
N ILE I 51 4.69 -43.67 1.36
CA ILE I 51 4.19 -43.20 2.64
C ILE I 51 5.35 -42.53 3.37
N SER I 52 5.04 -41.43 4.06
CA SER I 52 6.06 -40.72 4.82
C SER I 52 6.46 -41.55 6.04
N GLY I 53 7.58 -41.16 6.66
CA GLY I 53 8.10 -41.92 7.77
C GLY I 53 7.09 -42.09 8.89
N MET I 54 6.62 -40.99 9.46
CA MET I 54 5.59 -41.07 10.49
C MET I 54 4.30 -41.64 9.93
N GLY I 55 3.93 -41.22 8.71
CA GLY I 55 2.70 -41.65 8.08
C GLY I 55 1.72 -40.53 7.79
N GLY I 56 2.09 -39.28 8.09
CA GLY I 56 1.15 -38.19 7.86
C GLY I 56 0.90 -37.92 6.39
N SER I 57 1.95 -38.01 5.57
CA SER I 57 1.83 -37.72 4.15
C SER I 57 1.70 -39.03 3.37
N THR I 58 0.55 -39.23 2.73
CA THR I 58 0.31 -40.40 1.91
C THR I 58 0.24 -39.98 0.45
N TYR I 59 1.07 -40.59 -0.38
CA TYR I 59 1.27 -40.19 -1.77
C TYR I 59 0.99 -41.39 -2.67
N TYR I 60 0.16 -41.18 -3.68
CA TYR I 60 -0.25 -42.25 -4.58
C TYR I 60 0.04 -41.85 -6.01
N ALA I 61 0.29 -42.84 -6.85
CA ALA I 61 0.46 -42.57 -8.27
C ALA I 61 -0.88 -42.20 -8.89
N ASP I 62 -0.80 -41.53 -10.05
CA ASP I 62 -2.02 -41.07 -10.71
C ASP I 62 -2.92 -42.22 -11.10
N SER I 63 -2.33 -43.33 -11.54
CA SER I 63 -3.15 -44.45 -12.01
C SER I 63 -3.91 -45.10 -10.87
N VAL I 64 -3.26 -45.28 -9.71
CA VAL I 64 -3.84 -46.03 -8.62
C VAL I 64 -4.49 -45.13 -7.58
N LYS I 65 -4.68 -43.85 -7.90
CA LYS I 65 -5.25 -42.92 -6.93
C LYS I 65 -6.65 -43.37 -6.53
N GLY I 66 -6.95 -43.22 -5.25
CA GLY I 66 -8.27 -43.65 -4.76
C GLY I 66 -8.41 -45.14 -4.55
N ARG I 67 -8.08 -45.94 -5.56
CA ARG I 67 -8.24 -47.38 -5.46
C ARG I 67 -7.35 -47.96 -4.37
N PHE I 68 -6.15 -47.43 -4.21
CA PHE I 68 -5.18 -47.98 -3.28
C PHE I 68 -5.05 -47.06 -2.09
N THR I 69 -4.83 -47.65 -0.92
CA THR I 69 -4.51 -46.88 0.28
C THR I 69 -3.31 -47.52 0.96
N ILE I 70 -2.27 -46.72 1.17
CA ILE I 70 -1.04 -47.18 1.79
C ILE I 70 -1.08 -46.85 3.26
N SER I 71 -0.69 -47.81 4.10
CA SER I 71 -0.65 -47.61 5.53
C SER I 71 0.66 -48.14 6.07
N ARG I 72 1.13 -47.53 7.15
CA ARG I 72 2.34 -47.96 7.83
C ARG I 72 2.06 -48.18 9.30
N ASP I 73 2.53 -49.29 9.84
CA ASP I 73 2.50 -49.54 11.27
C ASP I 73 3.93 -49.46 11.79
N ASN I 74 4.25 -48.37 12.49
CA ASN I 74 5.60 -48.19 13.00
C ASN I 74 5.95 -49.23 14.06
N SER I 75 4.98 -49.64 14.86
CA SER I 75 5.25 -50.55 15.96
C SER I 75 5.82 -51.87 15.47
N LYS I 76 5.27 -52.42 14.40
CA LYS I 76 5.68 -53.72 13.89
C LYS I 76 6.64 -53.60 12.71
N ASN I 77 7.13 -52.39 12.42
CA ASN I 77 8.04 -52.17 11.29
C ASN I 77 7.44 -52.66 9.98
N THR I 78 6.12 -52.57 9.86
CA THR I 78 5.41 -53.12 8.72
C THR I 78 4.54 -52.04 8.10
N LEU I 79 4.60 -51.91 6.78
CA LEU I 79 3.69 -51.06 6.05
C LEU I 79 2.72 -51.90 5.24
N TYR I 80 1.47 -51.46 5.20
CA TYR I 80 0.40 -52.18 4.54
C TYR I 80 -0.04 -51.39 3.31
N LEU I 81 -0.14 -52.07 2.18
CA LEU I 81 -0.78 -51.50 1.00
C LEU I 81 -2.11 -52.22 0.84
N GLN I 82 -3.20 -51.51 1.11
CA GLN I 82 -4.54 -52.05 0.98
C GLN I 82 -5.09 -51.60 -0.37
N MET I 83 -5.18 -52.54 -1.30
CA MET I 83 -5.57 -52.26 -2.67
C MET I 83 -6.97 -52.79 -2.94
N ASN I 84 -7.83 -51.94 -3.50
CA ASN I 84 -9.22 -52.27 -3.74
C ASN I 84 -9.53 -52.01 -5.22
N SER I 85 -10.60 -52.65 -5.70
CA SER I 85 -11.11 -52.43 -7.04
C SER I 85 -10.04 -52.69 -8.10
N LEU I 86 -9.37 -53.83 -7.96
CA LEU I 86 -8.23 -54.15 -8.82
C LEU I 86 -8.73 -54.48 -10.22
N ARG I 87 -8.37 -53.66 -11.20
CA ARG I 87 -8.63 -54.03 -12.58
C ARG I 87 -7.46 -54.84 -13.13
N ALA I 88 -7.60 -55.27 -14.40
CA ALA I 88 -6.74 -56.31 -14.95
C ALA I 88 -5.27 -55.91 -14.97
N GLU I 89 -4.95 -54.67 -15.37
CA GLU I 89 -3.54 -54.33 -15.54
C GLU I 89 -2.77 -54.32 -14.22
N ASP I 90 -3.46 -54.24 -13.09
CA ASP I 90 -2.78 -54.13 -11.81
C ASP I 90 -1.91 -55.33 -11.52
N THR I 91 -2.13 -56.46 -12.19
CA THR I 91 -1.31 -57.64 -11.96
C THR I 91 0.16 -57.33 -12.24
N ALA I 92 1.01 -57.60 -11.26
CA ALA I 92 2.42 -57.28 -11.36
C ALA I 92 3.13 -57.89 -10.16
N VAL I 93 4.45 -57.77 -10.15
CA VAL I 93 5.25 -58.11 -8.98
C VAL I 93 5.43 -56.82 -8.20
N TYR I 94 4.73 -56.71 -7.07
CA TYR I 94 4.79 -55.48 -6.28
C TYR I 94 6.03 -55.49 -5.41
N TYR I 95 6.76 -54.39 -5.43
CA TYR I 95 8.02 -54.27 -4.69
C TYR I 95 7.87 -53.24 -3.58
N CYS I 96 8.58 -53.48 -2.49
CA CYS I 96 8.58 -52.62 -1.33
C CYS I 96 9.98 -52.03 -1.20
N ALA I 97 10.06 -50.71 -1.08
CA ALA I 97 11.35 -50.03 -1.15
C ALA I 97 11.41 -48.89 -0.15
N LYS I 98 12.62 -48.40 0.05
CA LYS I 98 12.93 -47.29 0.95
C LYS I 98 13.38 -46.09 0.13
N ARG I 99 13.09 -44.89 0.64
CA ARG I 99 13.47 -43.70 -0.09
C ARG I 99 14.94 -43.39 0.15
N GLY I 100 15.47 -42.46 -0.65
CA GLY I 100 16.87 -42.11 -0.61
C GLY I 100 17.07 -40.63 -0.88
N TYR I 101 18.31 -40.20 -1.17
CA TYR I 101 18.55 -38.77 -1.30
C TYR I 101 17.75 -38.13 -2.43
N PRO I 102 17.79 -38.61 -3.68
CA PRO I 102 16.88 -38.08 -4.71
C PRO I 102 15.60 -38.90 -4.75
N HIS I 103 15.01 -39.13 -3.58
CA HIS I 103 13.84 -39.99 -3.44
C HIS I 103 14.04 -41.31 -4.16
N SER I 104 15.25 -41.85 -4.06
CA SER I 104 15.56 -43.09 -4.76
C SER I 104 15.12 -44.29 -3.96
N PHE I 105 14.91 -45.40 -4.65
CA PHE I 105 14.53 -46.65 -4.02
C PHE I 105 15.80 -47.44 -3.80
N ASP I 106 16.45 -47.18 -2.66
CA ASP I 106 17.77 -47.76 -2.40
C ASP I 106 17.68 -49.21 -1.96
N ILE I 107 16.83 -49.53 -0.99
CA ILE I 107 16.70 -50.88 -0.46
C ILE I 107 15.37 -51.46 -0.94
N TRP I 108 15.46 -52.51 -1.74
CA TRP I 108 14.30 -53.11 -2.39
C TRP I 108 13.95 -54.43 -1.70
N GLY I 109 12.68 -54.60 -1.37
CA GLY I 109 12.22 -55.88 -0.89
C GLY I 109 11.98 -56.83 -2.04
N GLN I 110 12.16 -58.12 -1.78
CA GLN I 110 11.88 -59.11 -2.81
C GLN I 110 10.38 -59.13 -3.08
N GLY I 111 10.02 -58.96 -4.34
CA GLY I 111 8.63 -58.72 -4.67
C GLY I 111 7.77 -59.95 -4.50
N THR I 112 6.46 -59.70 -4.43
CA THR I 112 5.45 -60.75 -4.37
C THR I 112 4.49 -60.57 -5.53
N MET I 113 4.23 -61.65 -6.25
CA MET I 113 3.38 -61.58 -7.42
C MET I 113 1.93 -61.41 -7.01
N VAL I 114 1.27 -60.42 -7.62
CA VAL I 114 -0.16 -60.22 -7.45
C VAL I 114 -0.78 -60.45 -8.82
N THR I 115 -1.71 -61.38 -8.89
CA THR I 115 -2.38 -61.74 -10.13
C THR I 115 -3.87 -61.48 -10.01
N VAL I 116 -4.43 -60.85 -11.03
CA VAL I 116 -5.86 -60.54 -11.04
C VAL I 116 -6.52 -61.13 -12.27
N VAL J 2 -43.09 -14.07 -21.14
CA VAL J 2 -43.54 -12.75 -21.52
C VAL J 2 -44.62 -12.29 -20.54
N GLN J 3 -45.14 -13.23 -19.76
CA GLN J 3 -46.23 -12.96 -18.84
C GLN J 3 -45.85 -13.38 -17.42
N LEU J 4 -46.19 -12.52 -16.46
CA LEU J 4 -46.05 -12.82 -15.04
C LEU J 4 -47.44 -12.83 -14.41
N VAL J 5 -47.73 -13.87 -13.65
CA VAL J 5 -49.04 -14.07 -13.05
C VAL J 5 -48.90 -14.04 -11.52
N GLU J 6 -49.77 -13.28 -10.87
CA GLU J 6 -49.76 -13.15 -9.42
C GLU J 6 -51.01 -13.77 -8.82
N SER J 7 -50.86 -14.34 -7.63
CA SER J 7 -51.96 -15.00 -6.96
C SER J 7 -51.72 -14.99 -5.45
N GLY J 8 -52.74 -15.42 -4.70
CA GLY J 8 -52.68 -15.50 -3.27
C GLY J 8 -53.28 -14.32 -2.53
N GLY J 9 -53.68 -13.26 -3.24
CA GLY J 9 -54.25 -12.12 -2.57
C GLY J 9 -55.62 -12.41 -1.99
N GLY J 10 -55.97 -11.70 -0.92
CA GLY J 10 -57.22 -11.94 -0.25
C GLY J 10 -57.35 -11.13 1.03
N LEU J 11 -58.26 -11.59 1.89
CA LEU J 11 -58.53 -10.96 3.18
C LEU J 11 -57.76 -11.70 4.26
N VAL J 12 -56.91 -10.98 4.99
CA VAL J 12 -56.19 -11.51 6.13
C VAL J 12 -56.35 -10.55 7.29
N GLN J 13 -56.71 -11.06 8.46
CA GLN J 13 -56.85 -10.20 9.63
C GLN J 13 -55.47 -9.72 10.08
N PRO J 14 -55.41 -8.59 10.79
CA PRO J 14 -54.11 -8.07 11.25
C PRO J 14 -53.32 -9.15 11.97
N GLY J 15 -52.03 -9.21 11.68
CA GLY J 15 -51.23 -10.34 12.07
C GLY J 15 -51.35 -11.45 11.03
N GLY J 16 -50.89 -12.63 11.41
CA GLY J 16 -51.06 -13.75 10.52
C GLY J 16 -50.04 -13.75 9.39
N SER J 17 -50.28 -14.61 8.42
CA SER J 17 -49.35 -14.80 7.32
C SER J 17 -50.12 -14.97 6.01
N LEU J 18 -49.46 -14.62 4.91
CA LEU J 18 -50.01 -14.83 3.58
C LEU J 18 -48.85 -15.12 2.62
N ARG J 19 -49.11 -15.98 1.64
CA ARG J 19 -48.13 -16.30 0.62
C ARG J 19 -48.60 -15.79 -0.73
N LEU J 20 -47.80 -14.92 -1.34
CA LEU J 20 -48.07 -14.39 -2.67
C LEU J 20 -47.25 -15.18 -3.68
N SER J 21 -47.93 -15.75 -4.67
CA SER J 21 -47.27 -16.57 -5.68
C SER J 21 -47.23 -15.80 -6.98
N CYS J 22 -46.03 -15.52 -7.46
CA CYS J 22 -45.80 -14.93 -8.78
C CYS J 22 -45.19 -15.99 -9.67
N ALA J 23 -45.83 -16.27 -10.79
CA ALA J 23 -45.38 -17.30 -11.73
C ALA J 23 -44.98 -16.65 -13.03
N ALA J 24 -43.96 -17.19 -13.68
CA ALA J 24 -43.41 -16.64 -14.90
C ALA J 24 -43.83 -17.48 -16.11
N SER J 25 -44.39 -16.82 -17.10
CA SER J 25 -44.78 -17.44 -18.37
C SER J 25 -43.98 -16.80 -19.48
N GLY J 26 -43.30 -17.63 -20.26
CA GLY J 26 -42.46 -17.17 -21.36
C GLY J 26 -41.07 -16.77 -20.95
N PHE J 27 -40.75 -16.80 -19.67
CA PHE J 27 -39.41 -16.53 -19.16
C PHE J 27 -38.97 -17.68 -18.27
N THR J 28 -37.68 -17.96 -18.32
CA THR J 28 -37.07 -18.87 -17.35
C THR J 28 -36.76 -18.02 -16.13
N SER J 29 -37.65 -18.05 -15.14
CA SER J 29 -37.51 -17.16 -13.99
C SER J 29 -36.20 -17.40 -13.25
N SER J 30 -35.68 -18.63 -13.30
CA SER J 30 -34.43 -18.93 -12.62
C SER J 30 -33.34 -17.96 -13.05
N SER J 31 -33.27 -17.68 -14.35
CA SER J 31 -32.22 -16.81 -14.86
C SER J 31 -32.34 -15.39 -14.31
N TYR J 32 -33.54 -14.84 -14.30
CA TYR J 32 -33.76 -13.43 -13.98
C TYR J 32 -34.05 -13.23 -12.51
N ALA J 33 -33.58 -12.10 -11.98
CA ALA J 33 -33.84 -11.73 -10.59
C ALA J 33 -35.19 -11.01 -10.55
N MET J 34 -36.20 -11.69 -10.02
CA MET J 34 -37.54 -11.12 -9.96
C MET J 34 -37.70 -10.36 -8.66
N ASN J 35 -38.59 -9.36 -8.69
CA ASN J 35 -38.78 -8.44 -7.58
C ASN J 35 -40.25 -8.27 -7.27
N TRP J 36 -40.55 -7.89 -6.04
CA TRP J 36 -41.90 -7.55 -5.62
C TRP J 36 -41.96 -6.05 -5.34
N VAL J 37 -42.97 -5.40 -5.91
CA VAL J 37 -43.23 -3.98 -5.68
C VAL J 37 -44.66 -3.83 -5.18
N ARG J 38 -44.84 -3.04 -4.13
CA ARG J 38 -46.13 -2.85 -3.52
C ARG J 38 -46.60 -1.42 -3.75
N GLN J 39 -47.83 -1.27 -4.26
CA GLN J 39 -48.43 0.04 -4.47
C GLN J 39 -49.56 0.19 -3.45
N ALA J 40 -49.36 1.09 -2.49
CA ALA J 40 -50.44 1.42 -1.59
C ALA J 40 -51.52 2.19 -2.35
N PRO J 41 -52.80 1.97 -2.03
CA PRO J 41 -53.87 2.62 -2.80
C PRO J 41 -53.79 4.14 -2.64
N GLY J 42 -53.52 4.82 -3.75
CA GLY J 42 -53.44 6.26 -3.79
C GLY J 42 -52.22 6.88 -3.14
N LYS J 43 -51.27 6.07 -2.69
CA LYS J 43 -50.09 6.60 -1.99
C LYS J 43 -48.78 6.25 -2.69
N GLY J 44 -48.84 5.87 -3.96
CA GLY J 44 -47.62 5.61 -4.71
C GLY J 44 -47.10 4.19 -4.57
N LEU J 45 -45.91 4.00 -5.11
CA LEU J 45 -45.26 2.69 -5.18
C LEU J 45 -44.02 2.67 -4.30
N GLU J 46 -43.82 1.56 -3.60
CA GLU J 46 -42.60 1.33 -2.86
C GLU J 46 -42.13 -0.10 -3.10
N TRP J 47 -40.82 -0.30 -3.15
CA TRP J 47 -40.25 -1.60 -3.41
C TRP J 47 -40.15 -2.36 -2.09
N VAL J 48 -40.63 -3.59 -2.08
CA VAL J 48 -40.70 -4.37 -0.84
C VAL J 48 -39.60 -5.41 -0.75
N SER J 49 -39.38 -6.20 -1.80
CA SER J 49 -38.32 -7.20 -1.73
C SER J 49 -37.90 -7.64 -3.13
N THR J 50 -36.69 -8.20 -3.21
CA THR J 50 -36.19 -8.80 -4.43
C THR J 50 -35.33 -10.01 -4.10
N ILE J 51 -35.18 -10.90 -5.08
CA ILE J 51 -34.39 -12.12 -4.91
C ILE J 51 -33.40 -12.18 -6.05
N SER J 52 -32.29 -12.85 -5.82
CA SER J 52 -31.39 -13.14 -6.93
C SER J 52 -32.02 -14.24 -7.80
N GLY J 53 -31.45 -14.44 -8.98
CA GLY J 53 -32.01 -15.41 -9.91
C GLY J 53 -32.02 -16.81 -9.34
N MET J 54 -30.88 -17.23 -8.77
CA MET J 54 -30.78 -18.57 -8.22
C MET J 54 -31.40 -18.69 -6.83
N GLY J 55 -31.72 -17.58 -6.18
CA GLY J 55 -32.26 -17.61 -4.84
C GLY J 55 -31.25 -17.44 -3.73
N GLY J 56 -29.96 -17.26 -4.04
CA GLY J 56 -28.98 -17.10 -2.99
C GLY J 56 -29.15 -15.81 -2.20
N SER J 57 -29.43 -14.71 -2.90
CA SER J 57 -29.51 -13.40 -2.27
C SER J 57 -30.97 -12.99 -2.12
N THR J 58 -31.39 -12.75 -0.88
CA THR J 58 -32.72 -12.25 -0.60
C THR J 58 -32.60 -10.84 -0.05
N TYR J 59 -33.35 -9.92 -0.63
CA TYR J 59 -33.22 -8.51 -0.27
C TYR J 59 -34.58 -7.95 0.11
N TYR J 60 -34.63 -7.17 1.19
CA TYR J 60 -35.88 -6.66 1.71
C TYR J 60 -35.80 -5.17 1.95
N ALA J 61 -36.97 -4.52 1.95
CA ALA J 61 -37.06 -3.11 2.28
C ALA J 61 -36.92 -2.91 3.79
N ASP J 62 -36.73 -1.65 4.18
CA ASP J 62 -36.56 -1.33 5.60
C ASP J 62 -37.82 -1.66 6.40
N SER J 63 -38.99 -1.39 5.83
CA SER J 63 -40.24 -1.60 6.56
C SER J 63 -40.48 -3.07 6.87
N VAL J 64 -40.15 -3.95 5.93
CA VAL J 64 -40.49 -5.37 6.07
C VAL J 64 -39.23 -6.18 6.26
N LYS J 65 -38.20 -5.58 6.86
CA LYS J 65 -36.91 -6.25 6.96
C LYS J 65 -37.01 -7.55 7.76
N GLY J 66 -37.76 -7.53 8.85
CA GLY J 66 -37.87 -8.71 9.70
C GLY J 66 -39.21 -9.41 9.58
N ARG J 67 -40.11 -8.86 8.78
CA ARG J 67 -41.49 -9.35 8.69
C ARG J 67 -41.72 -10.27 7.51
N PHE J 68 -41.07 -10.03 6.38
CA PHE J 68 -41.34 -10.75 5.14
C PHE J 68 -40.21 -11.72 4.86
N THR J 69 -40.57 -12.93 4.44
CA THR J 69 -39.61 -13.93 3.97
C THR J 69 -39.94 -14.23 2.52
N ILE J 70 -38.97 -14.02 1.64
CA ILE J 70 -39.18 -14.20 0.20
C ILE J 70 -38.29 -15.32 -0.31
N SER J 71 -38.86 -16.19 -1.14
CA SER J 71 -38.14 -17.35 -1.64
C SER J 71 -38.59 -17.64 -3.06
N ARG J 72 -37.71 -18.31 -3.81
CA ARG J 72 -37.97 -18.65 -5.20
C ARG J 72 -37.82 -20.15 -5.41
N ASP J 73 -38.81 -20.75 -6.06
CA ASP J 73 -38.72 -22.13 -6.54
C ASP J 73 -38.42 -22.04 -8.04
N ASN J 74 -37.13 -22.15 -8.37
CA ASN J 74 -36.72 -21.99 -9.77
C ASN J 74 -37.27 -23.09 -10.65
N SER J 75 -37.53 -24.27 -10.08
CA SER J 75 -38.01 -25.39 -10.88
C SER J 75 -39.34 -25.07 -11.55
N LYS J 76 -40.23 -24.38 -10.84
CA LYS J 76 -41.58 -24.11 -11.33
C LYS J 76 -41.71 -22.74 -11.98
N ASN J 77 -40.61 -21.98 -12.09
CA ASN J 77 -40.64 -20.60 -12.58
C ASN J 77 -41.62 -19.75 -11.78
N THR J 78 -41.64 -19.98 -10.47
CA THR J 78 -42.57 -19.31 -9.57
C THR J 78 -41.81 -18.61 -8.46
N LEU J 79 -42.33 -17.46 -8.03
CA LEU J 79 -41.77 -16.70 -6.92
C LEU J 79 -42.80 -16.67 -5.80
N TYR J 80 -42.34 -16.91 -4.57
CA TYR J 80 -43.20 -16.84 -3.40
C TYR J 80 -42.71 -15.75 -2.47
N LEU J 81 -43.62 -14.85 -2.09
CA LEU J 81 -43.37 -13.84 -1.07
C LEU J 81 -44.22 -14.18 0.15
N GLN J 82 -43.58 -14.66 1.21
CA GLN J 82 -44.29 -15.09 2.41
C GLN J 82 -44.39 -13.92 3.39
N MET J 83 -45.41 -13.10 3.18
CA MET J 83 -45.71 -12.04 4.13
C MET J 83 -46.11 -12.63 5.46
N ASN J 84 -45.60 -12.07 6.54
CA ASN J 84 -45.91 -12.54 7.87
C ASN J 84 -46.07 -11.34 8.81
N SER J 85 -46.85 -11.53 9.86
CA SER J 85 -47.13 -10.49 10.84
C SER J 85 -47.66 -9.23 10.15
N LEU J 86 -48.67 -9.43 9.30
CA LEU J 86 -49.20 -8.36 8.48
C LEU J 86 -49.68 -7.20 9.35
N ARG J 87 -49.38 -5.98 8.91
CA ARG J 87 -49.76 -4.77 9.61
C ARG J 87 -50.88 -4.06 8.84
N ALA J 88 -51.38 -2.98 9.44
CA ALA J 88 -52.49 -2.24 8.84
C ALA J 88 -52.09 -1.62 7.50
N GLU J 89 -50.89 -1.05 7.41
CA GLU J 89 -50.49 -0.35 6.19
C GLU J 89 -50.29 -1.30 5.01
N ASP J 90 -50.12 -2.60 5.26
CA ASP J 90 -49.85 -3.56 4.19
C ASP J 90 -51.05 -3.79 3.28
N THR J 91 -52.19 -3.15 3.53
CA THR J 91 -53.39 -3.37 2.73
C THR J 91 -53.23 -2.64 1.39
N ALA J 92 -52.48 -3.29 0.49
CA ALA J 92 -52.15 -2.67 -0.78
C ALA J 92 -51.99 -3.74 -1.85
N VAL J 93 -52.10 -3.32 -3.11
CA VAL J 93 -51.86 -4.22 -4.24
C VAL J 93 -50.36 -4.49 -4.33
N TYR J 94 -50.00 -5.73 -4.66
CA TYR J 94 -48.62 -6.15 -4.78
C TYR J 94 -48.33 -6.56 -6.22
N TYR J 95 -47.22 -6.06 -6.76
CA TYR J 95 -46.78 -6.39 -8.11
C TYR J 95 -45.46 -7.13 -8.06
N CYS J 96 -45.28 -8.11 -8.93
CA CYS J 96 -44.01 -8.81 -9.07
C CYS J 96 -43.40 -8.43 -10.42
N ALA J 97 -42.12 -8.10 -10.42
CA ALA J 97 -41.46 -7.58 -11.61
C ALA J 97 -40.05 -8.16 -11.70
N LYS J 98 -39.46 -8.02 -12.88
CA LYS J 98 -38.14 -8.58 -13.19
C LYS J 98 -37.11 -7.47 -13.27
N ARG J 99 -35.91 -7.75 -12.77
CA ARG J 99 -34.85 -6.76 -12.71
C ARG J 99 -34.49 -6.26 -14.12
N GLY J 100 -33.75 -5.16 -14.15
CA GLY J 100 -33.37 -4.48 -15.38
C GLY J 100 -32.02 -3.80 -15.25
N TYR J 101 -31.69 -2.90 -16.18
CA TYR J 101 -30.35 -2.32 -16.17
C TYR J 101 -30.00 -1.55 -14.90
N PRO J 102 -30.79 -0.57 -14.40
CA PRO J 102 -30.40 -0.02 -13.10
C PRO J 102 -31.27 -0.66 -12.04
N HIS J 103 -31.22 -1.99 -11.91
CA HIS J 103 -32.10 -2.68 -10.98
C HIS J 103 -33.52 -2.19 -11.22
N SER J 104 -33.88 -2.14 -12.51
CA SER J 104 -35.13 -1.58 -12.98
C SER J 104 -36.17 -2.64 -13.31
N PHE J 105 -37.32 -2.53 -12.67
CA PHE J 105 -38.43 -3.44 -12.96
C PHE J 105 -38.89 -3.21 -14.39
N ASP J 106 -38.86 -4.24 -15.23
CA ASP J 106 -39.17 -4.08 -16.63
C ASP J 106 -40.48 -4.75 -17.02
N ILE J 107 -40.60 -6.06 -16.83
CA ILE J 107 -41.86 -6.76 -17.10
C ILE J 107 -42.64 -6.86 -15.79
N TRP J 108 -43.83 -6.28 -15.78
CA TRP J 108 -44.67 -6.23 -14.59
C TRP J 108 -45.83 -7.20 -14.75
N GLY J 109 -45.95 -8.14 -13.81
CA GLY J 109 -47.13 -8.98 -13.78
C GLY J 109 -48.31 -8.25 -13.18
N GLN J 110 -49.51 -8.73 -13.50
CA GLN J 110 -50.71 -8.06 -13.01
C GLN J 110 -50.78 -8.13 -11.50
N GLY J 111 -51.05 -6.99 -10.87
CA GLY J 111 -51.01 -6.92 -9.42
C GLY J 111 -52.12 -7.71 -8.78
N THR J 112 -51.84 -8.18 -7.56
CA THR J 112 -52.84 -8.83 -6.72
C THR J 112 -53.04 -7.98 -5.47
N MET J 113 -54.24 -8.07 -4.91
CA MET J 113 -54.63 -7.21 -3.79
C MET J 113 -54.56 -8.00 -2.49
N VAL J 114 -53.87 -7.45 -1.51
CA VAL J 114 -53.80 -7.99 -0.15
C VAL J 114 -54.43 -6.98 0.78
N THR J 115 -55.38 -7.42 1.58
CA THR J 115 -56.12 -6.54 2.48
C THR J 115 -56.04 -7.05 3.90
N VAL J 116 -55.76 -6.15 4.83
CA VAL J 116 -55.65 -6.52 6.24
C VAL J 116 -56.85 -5.98 7.02
N GLN K 1 -26.89 -12.53 -56.57
CA GLN K 1 -27.90 -11.80 -57.31
C GLN K 1 -27.82 -10.29 -57.06
N VAL K 2 -26.61 -9.83 -56.72
CA VAL K 2 -26.40 -8.42 -56.43
C VAL K 2 -26.60 -7.61 -57.70
N GLN K 3 -27.40 -6.55 -57.60
CA GLN K 3 -27.71 -5.68 -58.72
C GLN K 3 -27.29 -4.26 -58.38
N LEU K 4 -26.39 -3.72 -59.19
CA LEU K 4 -25.99 -2.32 -59.12
C LEU K 4 -26.63 -1.60 -60.29
N VAL K 5 -27.47 -0.61 -59.99
CA VAL K 5 -28.22 0.11 -61.01
C VAL K 5 -27.73 1.55 -61.05
N GLU K 6 -27.15 1.94 -62.18
CA GLU K 6 -26.71 3.31 -62.37
C GLU K 6 -27.89 4.19 -62.76
N SER K 7 -27.72 5.49 -62.57
CA SER K 7 -28.79 6.44 -62.83
C SER K 7 -28.18 7.81 -63.13
N GLY K 8 -29.02 8.72 -63.60
CA GLY K 8 -28.58 10.05 -63.95
C GLY K 8 -28.32 10.19 -65.43
N GLY K 9 -27.05 10.33 -65.81
CA GLY K 9 -26.69 10.43 -67.20
C GLY K 9 -27.31 11.64 -67.88
N GLY K 10 -27.81 11.42 -69.09
CA GLY K 10 -28.36 12.50 -69.88
C GLY K 10 -27.30 13.31 -70.59
N VAL K 11 -27.77 14.32 -71.32
CA VAL K 11 -26.90 15.17 -72.13
C VAL K 11 -26.82 16.54 -71.46
N VAL K 12 -25.61 16.96 -71.11
CA VAL K 12 -25.38 18.27 -70.52
C VAL K 12 -24.27 18.97 -71.29
N GLN K 13 -24.50 20.25 -71.63
CA GLN K 13 -23.45 21.08 -72.17
C GLN K 13 -22.39 21.32 -71.08
N PRO K 14 -21.14 21.53 -71.47
CA PRO K 14 -20.07 21.66 -70.47
C PRO K 14 -20.37 22.73 -69.44
N GLY K 15 -20.01 22.44 -68.19
CA GLY K 15 -20.10 23.42 -67.12
C GLY K 15 -21.32 23.38 -66.23
N ARG K 16 -22.27 22.47 -66.45
CA ARG K 16 -23.39 22.33 -65.54
C ARG K 16 -23.25 21.05 -64.73
N SER K 17 -23.46 21.15 -63.42
CA SER K 17 -23.29 20.01 -62.53
C SER K 17 -24.29 18.91 -62.85
N LEU K 18 -23.82 17.67 -62.82
CA LEU K 18 -24.66 16.49 -63.02
C LEU K 18 -24.44 15.53 -61.85
N ARG K 19 -25.52 14.99 -61.30
CA ARG K 19 -25.42 14.05 -60.20
C ARG K 19 -25.78 12.66 -60.67
N LEU K 20 -24.89 11.70 -60.40
CA LEU K 20 -25.10 10.30 -60.77
C LEU K 20 -25.32 9.48 -59.50
N SER K 21 -26.22 8.52 -59.58
CA SER K 21 -26.48 7.61 -58.47
C SER K 21 -26.40 6.17 -58.95
N CYS K 22 -25.67 5.34 -58.22
CA CYS K 22 -25.64 3.91 -58.44
C CYS K 22 -26.42 3.26 -57.30
N ALA K 23 -27.56 2.66 -57.64
CA ALA K 23 -28.33 1.92 -56.65
C ALA K 23 -27.64 0.62 -56.31
N ALA K 24 -27.77 0.19 -55.06
CA ALA K 24 -27.16 -1.03 -54.58
C ALA K 24 -28.22 -1.94 -53.98
N SER K 25 -28.20 -3.21 -54.37
CA SER K 25 -29.14 -4.18 -53.84
C SER K 25 -28.44 -5.53 -53.72
N GLY K 26 -28.90 -6.33 -52.76
CA GLY K 26 -28.42 -7.68 -52.60
C GLY K 26 -27.13 -7.83 -51.83
N PHE K 27 -26.53 -6.75 -51.36
CA PHE K 27 -25.33 -6.85 -50.55
C PHE K 27 -25.35 -5.73 -49.51
N THR K 28 -24.53 -5.91 -48.48
CA THR K 28 -24.43 -4.93 -47.41
C THR K 28 -23.58 -3.77 -47.87
N PHE K 29 -24.20 -2.60 -48.05
CA PHE K 29 -23.48 -1.42 -48.53
C PHE K 29 -22.46 -0.94 -47.52
N ASN K 30 -22.67 -1.22 -46.24
CA ASN K 30 -21.85 -0.62 -45.19
C ASN K 30 -20.39 -1.03 -45.29
N ASN K 31 -20.14 -2.31 -45.56
CA ASN K 31 -18.80 -2.87 -45.44
C ASN K 31 -18.08 -2.98 -46.77
N TYR K 32 -18.58 -2.36 -47.82
CA TYR K 32 -17.94 -2.37 -49.13
C TYR K 32 -17.60 -0.96 -49.56
N GLY K 33 -16.33 -0.70 -49.82
CA GLY K 33 -15.98 0.51 -50.52
C GLY K 33 -16.37 0.39 -51.98
N MET K 34 -16.65 1.52 -52.62
CA MET K 34 -17.21 1.48 -53.95
C MET K 34 -16.35 2.32 -54.89
N HIS K 35 -16.45 2.03 -56.17
CA HIS K 35 -15.64 2.67 -57.18
C HIS K 35 -16.53 3.28 -58.26
N TRP K 36 -16.05 4.37 -58.85
CA TRP K 36 -16.65 4.93 -60.05
C TRP K 36 -15.63 4.79 -61.17
N VAL K 37 -15.97 4.01 -62.19
CA VAL K 37 -15.09 3.80 -63.33
C VAL K 37 -15.83 4.26 -64.58
N ARG K 38 -15.17 5.08 -65.37
CA ARG K 38 -15.73 5.64 -66.59
C ARG K 38 -15.09 4.96 -67.78
N GLN K 39 -15.91 4.43 -68.68
CA GLN K 39 -15.42 3.78 -69.89
C GLN K 39 -15.74 4.66 -71.08
N ALA K 40 -14.72 5.03 -71.82
CA ALA K 40 -14.88 5.89 -72.96
C ALA K 40 -15.67 5.17 -74.04
N PRO K 41 -16.24 5.90 -75.01
CA PRO K 41 -17.06 5.23 -76.03
C PRO K 41 -16.33 4.11 -76.75
N GLY K 42 -15.08 4.35 -77.18
CA GLY K 42 -14.29 3.28 -77.74
C GLY K 42 -12.89 3.20 -77.18
N MET K 43 -12.45 4.27 -76.51
CA MET K 43 -11.05 4.36 -76.09
C MET K 43 -10.73 3.34 -74.99
N GLY K 44 -11.64 3.11 -74.07
CA GLY K 44 -11.38 2.19 -72.97
C GLY K 44 -11.61 2.80 -71.61
N LEU K 45 -11.85 1.95 -70.62
CA LEU K 45 -12.26 2.41 -69.30
C LEU K 45 -11.11 2.98 -68.49
N GLU K 46 -11.38 4.11 -67.84
CA GLU K 46 -10.43 4.78 -66.95
C GLU K 46 -11.07 4.97 -65.59
N TRP K 47 -10.34 4.63 -64.53
CA TRP K 47 -10.87 4.78 -63.19
C TRP K 47 -11.05 6.26 -62.85
N VAL K 48 -12.13 6.58 -62.16
CA VAL K 48 -12.48 7.95 -61.83
C VAL K 48 -12.35 8.24 -60.34
N ALA K 49 -13.03 7.46 -59.51
CA ALA K 49 -13.09 7.79 -58.09
C ALA K 49 -13.39 6.54 -57.29
N VAL K 50 -13.01 6.59 -56.01
CA VAL K 50 -13.29 5.52 -55.07
C VAL K 50 -13.62 6.14 -53.73
N ILE K 51 -14.47 5.46 -52.96
CA ILE K 51 -14.85 5.89 -51.63
C ILE K 51 -14.66 4.74 -50.67
N TRP K 52 -14.30 5.06 -49.44
CA TRP K 52 -14.10 4.05 -48.43
C TRP K 52 -15.45 3.47 -48.01
N HIS K 53 -15.41 2.34 -47.29
CA HIS K 53 -16.66 1.66 -46.97
C HIS K 53 -17.58 2.54 -46.13
N ASP K 54 -17.03 3.22 -45.13
CA ASP K 54 -17.86 4.08 -44.30
C ASP K 54 -18.20 5.39 -45.00
N GLY K 55 -17.49 5.73 -46.07
CA GLY K 55 -17.69 6.99 -46.76
C GLY K 55 -16.74 8.09 -46.33
N SER K 56 -15.93 7.85 -45.31
CA SER K 56 -15.06 8.90 -44.78
C SER K 56 -13.95 9.26 -45.76
N ASP K 57 -13.31 8.27 -46.36
CA ASP K 57 -12.12 8.49 -47.18
C ASP K 57 -12.46 8.26 -48.65
N LYS K 58 -12.15 9.26 -49.48
CA LYS K 58 -12.46 9.23 -50.90
C LYS K 58 -11.26 9.69 -51.71
N TYR K 59 -10.86 8.89 -52.69
CA TYR K 59 -9.77 9.21 -53.59
C TYR K 59 -10.28 9.42 -55.01
N TYR K 60 -9.57 10.26 -55.75
CA TYR K 60 -9.97 10.62 -57.10
C TYR K 60 -8.81 10.42 -58.06
N ALA K 61 -9.14 10.24 -59.33
CA ALA K 61 -8.12 10.14 -60.36
C ALA K 61 -7.47 11.50 -60.60
N ASP K 62 -6.25 11.45 -61.13
CA ASP K 62 -5.46 12.68 -61.29
C ASP K 62 -6.17 13.68 -62.18
N SER K 63 -6.82 13.22 -63.24
CA SER K 63 -7.52 14.12 -64.14
C SER K 63 -8.65 14.85 -63.42
N VAL K 64 -9.29 14.19 -62.47
CA VAL K 64 -10.50 14.69 -61.84
C VAL K 64 -10.29 15.06 -60.37
N LYS K 65 -9.09 15.51 -60.03
CA LYS K 65 -8.73 15.69 -58.62
C LYS K 65 -9.72 16.56 -57.87
N GLY K 66 -10.17 17.64 -58.47
CA GLY K 66 -11.13 18.49 -57.79
C GLY K 66 -12.50 18.58 -58.44
N ARG K 67 -12.57 18.31 -59.74
CA ARG K 67 -13.83 18.51 -60.45
C ARG K 67 -14.91 17.57 -59.97
N PHE K 68 -14.58 16.32 -59.67
CA PHE K 68 -15.60 15.34 -59.31
C PHE K 68 -15.48 14.98 -57.84
N THR K 69 -16.60 15.04 -57.12
CA THR K 69 -16.66 14.62 -55.72
C THR K 69 -17.66 13.48 -55.57
N ILE K 70 -17.24 12.43 -54.86
CA ILE K 70 -18.04 11.23 -54.66
C ILE K 70 -18.55 11.19 -53.23
N SER K 71 -19.77 10.67 -53.05
CA SER K 71 -20.34 10.51 -51.73
C SER K 71 -21.30 9.33 -51.73
N ARG K 72 -21.53 8.78 -50.53
CA ARG K 72 -22.46 7.68 -50.33
C ARG K 72 -23.25 7.92 -49.05
N ASP K 73 -24.49 7.44 -49.03
CA ASP K 73 -25.28 7.38 -47.82
C ASP K 73 -25.61 5.91 -47.52
N ASN K 74 -25.04 5.39 -46.44
CA ASN K 74 -25.18 3.97 -46.13
C ASN K 74 -26.64 3.58 -45.91
N SER K 75 -27.44 4.49 -45.35
CA SER K 75 -28.83 4.16 -45.03
C SER K 75 -29.60 3.78 -46.28
N LYS K 76 -29.42 4.52 -47.37
CA LYS K 76 -30.19 4.31 -48.58
C LYS K 76 -29.54 3.33 -49.55
N ASN K 77 -28.35 2.83 -49.24
CA ASN K 77 -27.62 1.92 -50.11
C ASN K 77 -27.41 2.54 -51.50
N THR K 78 -27.13 3.84 -51.51
CA THR K 78 -26.86 4.56 -52.75
C THR K 78 -25.59 5.37 -52.60
N LEU K 79 -24.87 5.51 -53.70
CA LEU K 79 -23.72 6.38 -53.77
C LEU K 79 -23.94 7.43 -54.84
N TYR K 80 -23.37 8.60 -54.63
CA TYR K 80 -23.57 9.74 -55.53
C TYR K 80 -22.24 10.28 -56.01
N LEU K 81 -22.10 10.40 -57.32
CA LEU K 81 -20.97 11.07 -57.93
C LEU K 81 -21.43 12.44 -58.39
N GLN K 82 -20.85 13.48 -57.82
CA GLN K 82 -21.22 14.85 -58.15
C GLN K 82 -20.31 15.33 -59.27
N MET K 83 -20.89 15.54 -60.45
CA MET K 83 -20.14 15.99 -61.62
C MET K 83 -20.13 17.52 -61.56
N ASN K 84 -19.27 18.07 -60.71
CA ASN K 84 -19.28 19.51 -60.51
C ASN K 84 -18.88 20.26 -61.77
N SER K 85 -17.81 19.82 -62.42
CA SER K 85 -17.28 20.49 -63.59
C SER K 85 -17.31 19.51 -64.76
N LEU K 86 -17.81 19.98 -65.90
CA LEU K 86 -18.00 19.11 -67.05
C LEU K 86 -17.16 19.61 -68.22
N ARG K 87 -16.36 18.72 -68.78
CA ARG K 87 -15.59 18.97 -69.98
C ARG K 87 -15.98 17.95 -71.04
N ALA K 88 -15.76 18.31 -72.31
CA ALA K 88 -16.25 17.48 -73.41
C ALA K 88 -15.64 16.09 -73.38
N GLU K 89 -14.37 15.99 -72.99
CA GLU K 89 -13.71 14.69 -72.91
C GLU K 89 -14.31 13.79 -71.83
N ASP K 90 -15.05 14.37 -70.88
CA ASP K 90 -15.70 13.55 -69.86
C ASP K 90 -16.78 12.64 -70.42
N THR K 91 -17.22 12.89 -71.66
CA THR K 91 -18.29 12.10 -72.25
C THR K 91 -17.88 10.64 -72.34
N ALA K 92 -18.64 9.77 -71.66
CA ALA K 92 -18.38 8.35 -71.66
C ALA K 92 -19.46 7.67 -70.81
N VAL K 93 -19.43 6.34 -70.82
CA VAL K 93 -20.29 5.56 -69.94
C VAL K 93 -19.62 5.48 -68.58
N TYR K 94 -20.43 5.44 -67.52
CA TYR K 94 -19.92 5.36 -66.15
C TYR K 94 -20.40 4.10 -65.48
N TYR K 95 -19.49 3.44 -64.78
CA TYR K 95 -19.78 2.18 -64.10
C TYR K 95 -19.43 2.30 -62.62
N CYS K 96 -20.32 1.81 -61.76
CA CYS K 96 -20.00 1.67 -60.36
C CYS K 96 -19.49 0.26 -60.08
N ALA K 97 -18.64 0.13 -59.07
CA ALA K 97 -18.04 -1.15 -58.71
C ALA K 97 -18.19 -1.40 -57.22
N ARG K 98 -18.26 -2.67 -56.84
CA ARG K 98 -18.74 -3.03 -55.52
C ARG K 98 -17.63 -3.25 -54.49
N ASN K 99 -16.36 -3.23 -54.88
CA ASN K 99 -15.33 -3.54 -53.92
C ASN K 99 -14.10 -2.68 -54.16
N TRP K 100 -13.47 -2.26 -53.05
CA TRP K 100 -12.33 -1.37 -53.12
C TRP K 100 -11.14 -2.01 -53.80
N ASN K 101 -10.76 -3.20 -53.34
CA ASN K 101 -9.56 -3.84 -53.88
C ASN K 101 -9.79 -4.36 -55.27
N LEU K 102 -10.89 -5.07 -55.48
CA LEU K 102 -11.16 -5.76 -56.73
C LEU K 102 -12.56 -5.43 -57.20
N PHE K 103 -12.69 -5.00 -58.45
CA PHE K 103 -13.96 -4.53 -58.97
C PHE K 103 -14.81 -5.73 -59.33
N ASP K 104 -15.25 -6.43 -58.29
CA ASP K 104 -15.91 -7.71 -58.49
C ASP K 104 -17.22 -7.56 -59.24
N TYR K 105 -18.04 -6.58 -58.87
CA TYR K 105 -19.37 -6.42 -59.42
C TYR K 105 -19.48 -5.04 -60.06
N TRP K 106 -19.79 -5.01 -61.34
CA TRP K 106 -20.00 -3.77 -62.09
C TRP K 106 -21.48 -3.65 -62.45
N GLY K 107 -22.06 -2.50 -62.13
CA GLY K 107 -23.41 -2.24 -62.59
C GLY K 107 -23.44 -1.93 -64.07
N GLN K 108 -24.61 -2.16 -64.68
CA GLN K 108 -24.79 -1.79 -66.07
C GLN K 108 -24.57 -0.28 -66.22
N GLY K 109 -23.78 0.10 -67.21
CA GLY K 109 -23.29 1.46 -67.26
C GLY K 109 -24.39 2.47 -67.51
N THR K 110 -24.10 3.71 -67.14
CA THR K 110 -24.95 4.85 -67.44
C THR K 110 -24.21 5.77 -68.39
N LEU K 111 -24.90 6.20 -69.45
CA LEU K 111 -24.28 7.00 -70.48
C LEU K 111 -24.33 8.47 -70.10
N VAL K 112 -23.17 9.11 -70.11
CA VAL K 112 -23.06 10.55 -69.86
C VAL K 112 -22.38 11.15 -71.07
N THR K 113 -23.07 12.07 -71.74
CA THR K 113 -22.52 12.80 -72.86
C THR K 113 -22.45 14.28 -72.51
N VAL K 114 -21.27 14.86 -72.64
CA VAL K 114 -21.10 16.29 -72.44
C VAL K 114 -21.34 16.96 -73.79
N SER K 115 -22.48 17.64 -73.92
CA SER K 115 -22.88 18.22 -75.19
C SER K 115 -24.02 19.21 -75.01
N ILE L 2 3.16 0.05 -60.09
CA ILE L 2 2.23 1.17 -60.22
C ILE L 2 1.64 1.20 -61.61
N GLN L 3 2.39 0.69 -62.60
CA GLN L 3 1.95 0.69 -63.98
C GLN L 3 1.79 -0.78 -64.36
N MET L 4 0.63 -1.14 -64.89
CA MET L 4 0.37 -2.53 -65.25
C MET L 4 0.18 -2.54 -66.77
N THR L 5 0.87 -3.43 -67.48
CA THR L 5 0.72 -3.57 -68.94
C THR L 5 0.37 -4.98 -69.36
N GLN L 6 -0.63 -5.14 -70.21
CA GLN L 6 -0.87 -6.46 -70.83
C GLN L 6 0.02 -6.62 -72.06
N SER L 7 1.09 -7.40 -71.91
CA SER L 7 2.09 -7.60 -72.96
C SER L 7 1.50 -7.78 -74.36
N PRO L 8 0.57 -8.72 -74.62
CA PRO L 8 -0.02 -8.82 -75.97
C PRO L 8 -1.03 -7.72 -76.18
N SER L 9 -0.69 -6.74 -77.03
CA SER L 9 -1.57 -5.59 -77.23
C SER L 9 -2.89 -6.03 -77.86
N SER L 10 -2.83 -6.92 -78.85
CA SER L 10 -4.01 -7.47 -79.48
C SER L 10 -3.76 -8.94 -79.76
N LEU L 11 -4.84 -9.72 -79.77
CA LEU L 11 -4.74 -11.14 -80.10
C LEU L 11 -5.93 -11.57 -80.95
N SER L 12 -5.65 -12.49 -81.88
CA SER L 12 -6.68 -13.12 -82.70
C SER L 12 -6.44 -14.62 -82.69
N ALA L 13 -7.53 -15.39 -82.74
CA ALA L 13 -7.42 -16.83 -82.59
C ALA L 13 -8.70 -17.49 -83.11
N SER L 14 -8.62 -18.80 -83.25
CA SER L 14 -9.76 -19.60 -83.68
C SER L 14 -10.81 -19.68 -82.58
N VAL L 15 -12.02 -20.12 -82.99
CA VAL L 15 -13.13 -20.23 -82.04
C VAL L 15 -12.79 -21.20 -80.92
N GLY L 16 -12.09 -22.28 -81.23
CA GLY L 16 -11.62 -23.22 -80.23
C GLY L 16 -10.14 -23.14 -79.92
N ASP L 17 -9.47 -22.08 -80.32
CA ASP L 17 -8.01 -22.02 -80.23
C ASP L 17 -7.52 -21.97 -78.78
N ARG L 18 -6.28 -22.44 -78.60
CA ARG L 18 -5.53 -22.30 -77.37
C ARG L 18 -4.79 -20.96 -77.36
N ILE L 19 -5.17 -20.08 -76.44
CA ILE L 19 -4.64 -18.72 -76.39
C ILE L 19 -4.37 -18.34 -74.94
N THR L 20 -3.36 -17.48 -74.75
CA THR L 20 -3.03 -16.96 -73.44
C THR L 20 -2.69 -15.48 -73.55
N ILE L 21 -2.85 -14.77 -72.43
CA ILE L 21 -2.49 -13.37 -72.33
C ILE L 21 -1.62 -13.18 -71.10
N THR L 22 -0.73 -12.18 -71.17
CA THR L 22 0.21 -11.92 -70.09
C THR L 22 0.12 -10.45 -69.72
N CYS L 23 0.23 -10.16 -68.42
CA CYS L 23 0.20 -8.78 -67.95
C CYS L 23 1.54 -8.42 -67.32
N ARG L 24 2.08 -7.26 -67.70
CA ARG L 24 3.39 -6.77 -67.32
C ARG L 24 3.28 -5.73 -66.22
N ALA L 25 4.00 -5.94 -65.12
CA ALA L 25 3.95 -5.08 -63.94
C ALA L 25 5.24 -4.28 -63.81
N SER L 26 5.09 -2.98 -63.55
CA SER L 26 6.26 -2.14 -63.30
C SER L 26 7.00 -2.57 -62.03
N GLN L 27 6.25 -2.87 -60.97
CA GLN L 27 6.83 -3.37 -59.74
C GLN L 27 6.59 -4.87 -59.63
N SER L 28 6.81 -5.43 -58.44
CA SER L 28 6.54 -6.83 -58.18
C SER L 28 5.28 -6.93 -57.33
N ILE L 29 4.28 -7.62 -57.87
CA ILE L 29 2.99 -7.78 -57.23
C ILE L 29 2.88 -9.22 -56.73
N SER L 30 2.69 -9.40 -55.43
CA SER L 30 2.68 -10.74 -54.85
C SER L 30 1.25 -11.27 -54.91
N THR L 31 0.91 -11.89 -56.04
CA THR L 31 -0.37 -12.55 -56.24
C THR L 31 -1.56 -11.63 -55.99
N TYR L 32 -1.40 -10.34 -56.32
CA TYR L 32 -2.45 -9.35 -56.12
C TYR L 32 -2.97 -8.79 -57.44
N LEU L 33 -2.83 -9.54 -58.53
CA LEU L 33 -3.39 -9.13 -59.80
C LEU L 33 -4.80 -9.67 -59.97
N HIS L 34 -5.65 -8.88 -60.60
CA HIS L 34 -7.05 -9.22 -60.79
C HIS L 34 -7.36 -9.14 -62.28
N TRP L 35 -8.10 -10.13 -62.78
CA TRP L 35 -8.41 -10.19 -64.21
C TRP L 35 -9.89 -9.93 -64.44
N TYR L 36 -10.16 -8.97 -65.33
CA TYR L 36 -11.53 -8.55 -65.64
C TYR L 36 -11.79 -8.78 -67.12
N GLN L 37 -12.95 -9.34 -67.44
CA GLN L 37 -13.37 -9.56 -68.82
C GLN L 37 -14.54 -8.65 -69.12
N GLN L 38 -14.45 -7.89 -70.21
CA GLN L 38 -15.51 -7.00 -70.66
C GLN L 38 -15.94 -7.37 -72.07
N LYS L 39 -17.19 -7.77 -72.23
CA LYS L 39 -17.74 -7.96 -73.56
C LYS L 39 -18.01 -6.59 -74.19
N PRO L 40 -18.00 -6.50 -75.51
CA PRO L 40 -18.28 -5.21 -76.16
C PRO L 40 -19.66 -4.69 -75.78
N GLY L 41 -19.71 -3.40 -75.46
CA GLY L 41 -20.97 -2.78 -75.04
C GLY L 41 -21.56 -3.42 -73.82
N LYS L 42 -20.72 -3.86 -72.88
CA LYS L 42 -21.19 -4.58 -71.71
C LYS L 42 -20.35 -4.19 -70.50
N ALA L 43 -20.91 -4.39 -69.32
CA ALA L 43 -20.19 -4.08 -68.10
C ALA L 43 -19.03 -5.05 -67.92
N PRO L 44 -17.87 -4.56 -67.47
CA PRO L 44 -16.76 -5.46 -67.20
C PRO L 44 -17.10 -6.42 -66.07
N LYS L 45 -16.50 -7.61 -66.13
CA LYS L 45 -16.74 -8.62 -65.10
C LYS L 45 -15.42 -9.21 -64.65
N LEU L 46 -15.28 -9.41 -63.35
CA LEU L 46 -14.07 -9.97 -62.78
C LEU L 46 -13.97 -11.46 -63.10
N LEU L 47 -12.73 -11.94 -63.24
CA LEU L 47 -12.50 -13.36 -63.44
C LEU L 47 -11.71 -14.00 -62.31
N ILE L 48 -10.49 -13.53 -62.05
CA ILE L 48 -9.57 -14.17 -61.11
C ILE L 48 -9.25 -13.21 -59.98
N TYR L 49 -9.50 -13.65 -58.75
CA TYR L 49 -9.32 -12.76 -57.59
C TYR L 49 -7.85 -12.37 -57.41
N ALA L 50 -6.98 -13.36 -57.28
CA ALA L 50 -5.61 -13.12 -56.83
C ALA L 50 -4.59 -13.56 -57.87
N ALA L 51 -5.01 -13.57 -59.14
CA ALA L 51 -4.25 -14.05 -60.29
C ALA L 51 -4.16 -15.56 -60.30
N SER L 52 -4.67 -16.23 -59.27
CA SER L 52 -4.81 -17.68 -59.27
C SER L 52 -6.24 -18.08 -58.97
N THR L 53 -6.82 -17.51 -57.91
CA THR L 53 -8.15 -17.91 -57.46
C THR L 53 -9.22 -17.38 -58.40
N LEU L 54 -10.07 -18.27 -58.88
CA LEU L 54 -11.10 -17.93 -59.84
C LEU L 54 -12.39 -17.50 -59.13
N GLN L 55 -13.21 -16.73 -59.83
CA GLN L 55 -14.50 -16.35 -59.31
C GLN L 55 -15.49 -17.51 -59.47
N SER L 56 -16.59 -17.43 -58.74
CA SER L 56 -17.55 -18.55 -58.72
C SER L 56 -18.16 -18.80 -60.09
N GLY L 57 -18.52 -17.75 -60.81
CA GLY L 57 -19.21 -17.92 -62.07
C GLY L 57 -18.36 -18.06 -63.31
N VAL L 58 -17.04 -17.96 -63.20
CA VAL L 58 -16.17 -18.00 -64.38
C VAL L 58 -16.05 -19.42 -64.92
N PRO L 59 -15.99 -19.59 -66.23
CA PRO L 59 -15.70 -20.92 -66.79
C PRO L 59 -14.30 -21.40 -66.40
N SER L 60 -14.19 -22.72 -66.19
CA SER L 60 -12.94 -23.31 -65.72
C SER L 60 -11.78 -22.93 -66.63
N ARG L 61 -11.96 -23.04 -67.94
CA ARG L 61 -10.93 -22.71 -68.91
C ARG L 61 -10.26 -21.37 -68.63
N PHE L 62 -10.99 -20.45 -67.98
CA PHE L 62 -10.44 -19.14 -67.64
C PHE L 62 -9.56 -19.29 -66.39
N SER L 63 -8.38 -19.87 -66.61
CA SER L 63 -7.41 -20.09 -65.55
C SER L 63 -6.11 -19.41 -65.91
N GLY L 64 -5.62 -18.57 -65.01
CA GLY L 64 -4.34 -17.92 -65.21
C GLY L 64 -3.54 -17.97 -63.93
N SER L 65 -2.22 -17.85 -64.09
CA SER L 65 -1.33 -17.84 -62.94
C SER L 65 -0.18 -16.87 -63.20
N GLY L 66 0.32 -16.31 -62.11
CA GLY L 66 1.49 -15.45 -62.17
C GLY L 66 1.97 -15.16 -60.76
N SER L 67 3.13 -14.53 -60.69
CA SER L 67 3.63 -14.05 -59.40
C SER L 67 4.60 -12.91 -59.65
N GLY L 68 4.81 -12.11 -58.62
CA GLY L 68 5.77 -11.02 -58.72
C GLY L 68 5.43 -10.09 -59.86
N THR L 69 6.44 -9.77 -60.68
CA THR L 69 6.26 -8.83 -61.77
C THR L 69 5.42 -9.42 -62.91
N ASP L 70 5.51 -10.72 -63.17
CA ASP L 70 4.89 -11.31 -64.35
C ASP L 70 3.62 -12.05 -63.98
N PHE L 71 2.54 -11.76 -64.70
CA PHE L 71 1.27 -12.45 -64.53
C PHE L 71 0.71 -12.83 -65.89
N THR L 72 0.06 -13.98 -65.96
CA THR L 72 -0.51 -14.49 -67.20
C THR L 72 -1.92 -15.01 -66.98
N LEU L 73 -2.76 -14.84 -68.00
CA LEU L 73 -4.10 -15.40 -68.03
C LEU L 73 -4.19 -16.33 -69.23
N THR L 74 -4.61 -17.56 -68.99
CA THR L 74 -4.62 -18.59 -70.02
C THR L 74 -6.04 -19.10 -70.26
N ILE L 75 -6.40 -19.21 -71.53
CA ILE L 75 -7.68 -19.83 -71.92
C ILE L 75 -7.33 -21.14 -72.60
N SER L 76 -7.67 -22.26 -71.96
CA SER L 76 -7.29 -23.56 -72.50
C SER L 76 -7.96 -23.82 -73.84
N SER L 77 -9.26 -23.56 -73.92
CA SER L 77 -10.01 -23.65 -75.17
C SER L 77 -10.82 -22.38 -75.32
N LEU L 78 -10.71 -21.74 -76.48
CA LEU L 78 -11.47 -20.53 -76.69
C LEU L 78 -12.95 -20.86 -76.92
N GLN L 79 -13.79 -19.84 -76.80
CA GLN L 79 -15.22 -19.96 -77.04
C GLN L 79 -15.69 -18.71 -77.76
N PRO L 80 -16.89 -18.74 -78.36
CA PRO L 80 -17.39 -17.54 -79.03
C PRO L 80 -17.56 -16.34 -78.12
N GLU L 81 -18.10 -16.55 -76.91
CA GLU L 81 -18.27 -15.43 -75.99
C GLU L 81 -16.94 -14.87 -75.51
N ASP L 82 -15.90 -15.71 -75.48
CA ASP L 82 -14.62 -15.27 -74.93
C ASP L 82 -13.99 -14.16 -75.76
N PHE L 83 -14.47 -13.93 -76.97
CA PHE L 83 -13.89 -12.90 -77.85
C PHE L 83 -14.31 -11.55 -77.30
N ALA L 84 -13.56 -11.10 -76.29
CA ALA L 84 -13.82 -9.83 -75.64
C ALA L 84 -12.53 -9.34 -75.01
N THR L 85 -12.51 -8.07 -74.65
CA THR L 85 -11.31 -7.51 -74.06
C THR L 85 -11.13 -8.00 -72.63
N TYR L 86 -9.89 -8.00 -72.18
CA TYR L 86 -9.53 -8.39 -70.83
C TYR L 86 -8.69 -7.30 -70.18
N TYR L 87 -8.70 -7.28 -68.84
CA TYR L 87 -7.93 -6.30 -68.10
C TYR L 87 -7.30 -6.94 -66.88
N CYS L 88 -6.18 -6.35 -66.46
CA CYS L 88 -5.43 -6.76 -65.29
C CYS L 88 -5.17 -5.54 -64.41
N GLN L 89 -5.36 -5.70 -63.09
CA GLN L 89 -5.18 -4.62 -62.14
C GLN L 89 -4.27 -5.01 -60.99
N GLN L 90 -3.38 -4.09 -60.61
CA GLN L 90 -2.57 -4.27 -59.43
C GLN L 90 -3.36 -3.91 -58.19
N SER L 91 -2.96 -4.46 -57.06
CA SER L 91 -3.58 -4.16 -55.78
C SER L 91 -2.64 -3.52 -54.77
N PHE L 92 -1.35 -3.43 -55.06
CA PHE L 92 -0.41 -2.87 -54.09
C PHE L 92 -0.65 -1.38 -53.88
N SER L 93 -0.68 -0.59 -54.94
CA SER L 93 -0.92 0.84 -54.84
C SER L 93 -2.36 1.15 -55.21
N THR L 94 -3.26 0.80 -54.30
CA THR L 94 -4.68 0.96 -54.56
C THR L 94 -5.15 2.42 -54.73
N PRO L 95 -4.62 3.42 -54.03
CA PRO L 95 -5.18 4.76 -54.20
C PRO L 95 -5.11 5.24 -55.64
N PRO L 96 -3.93 5.18 -56.32
CA PRO L 96 -3.91 5.51 -57.76
C PRO L 96 -4.03 4.29 -58.65
N ILE L 97 -5.18 3.61 -58.58
CA ILE L 97 -5.43 2.50 -59.48
C ILE L 97 -5.54 3.00 -60.91
N ASN L 98 -4.84 2.34 -61.82
CA ASN L 98 -4.81 2.72 -63.23
C ASN L 98 -5.16 1.51 -64.06
N PHE L 99 -6.11 1.68 -64.98
CA PHE L 99 -6.44 0.65 -65.95
C PHE L 99 -5.71 0.96 -67.24
N GLY L 100 -5.12 -0.07 -67.83
CA GLY L 100 -4.41 0.06 -69.08
C GLY L 100 -5.17 -0.68 -70.16
N GLN L 101 -5.06 -0.20 -71.39
CA GLN L 101 -5.78 -0.84 -72.49
C GLN L 101 -5.36 -2.30 -72.57
N GLY L 102 -6.35 -3.17 -72.76
CA GLY L 102 -6.15 -4.59 -72.71
C GLY L 102 -6.36 -5.24 -74.07
N THR L 103 -5.90 -6.48 -74.17
CA THR L 103 -5.99 -7.18 -75.45
C THR L 103 -7.43 -7.31 -75.89
N LYS L 104 -7.68 -7.05 -77.16
CA LYS L 104 -9.01 -7.19 -77.74
C LYS L 104 -9.05 -8.55 -78.45
N LEU L 105 -9.60 -9.54 -77.76
CA LEU L 105 -9.69 -10.87 -78.34
C LEU L 105 -10.65 -10.85 -79.52
N GLU L 106 -10.23 -11.46 -80.63
CA GLU L 106 -11.03 -11.45 -81.84
C GLU L 106 -10.73 -12.72 -82.62
N ILE L 107 -11.59 -13.02 -83.59
CA ILE L 107 -11.43 -14.24 -84.37
C ILE L 107 -10.12 -14.18 -85.15
N LYS L 108 -9.46 -15.33 -85.26
CA LYS L 108 -8.22 -15.42 -86.00
C LYS L 108 -8.41 -15.79 -87.46
N ASP M 1 13.54 -13.42 36.18
CA ASP M 1 12.42 -12.74 36.83
C ASP M 1 12.94 -11.52 37.59
N ILE M 2 12.03 -10.58 37.88
CA ILE M 2 12.37 -9.40 38.67
C ILE M 2 12.20 -9.74 40.14
N GLN M 3 13.29 -9.68 40.89
CA GLN M 3 13.29 -9.93 42.32
C GLN M 3 13.55 -8.61 43.04
N MET M 4 12.67 -8.27 43.98
CA MET M 4 12.73 -6.96 44.61
C MET M 4 13.29 -7.19 46.01
N THR M 5 14.40 -6.53 46.34
CA THR M 5 15.08 -6.75 47.61
C THR M 5 15.23 -5.44 48.40
N GLN M 6 14.80 -5.48 49.66
CA GLN M 6 14.92 -4.34 50.57
C GLN M 6 16.20 -4.47 51.38
N SER M 7 17.19 -3.61 51.10
CA SER M 7 18.48 -3.65 51.77
C SER M 7 18.33 -3.73 53.29
N PRO M 8 17.65 -2.76 53.97
CA PRO M 8 17.55 -2.83 55.43
C PRO M 8 16.51 -3.87 55.84
N SER M 9 16.99 -4.99 56.38
CA SER M 9 16.08 -6.04 56.84
C SER M 9 15.26 -5.58 58.04
N SER M 10 15.88 -4.90 59.00
CA SER M 10 15.21 -4.48 60.22
C SER M 10 15.43 -2.99 60.45
N LEU M 11 14.41 -2.33 60.99
CA LEU M 11 14.45 -0.90 61.25
C LEU M 11 14.56 -0.67 62.76
N SER M 12 15.57 0.08 63.17
CA SER M 12 15.70 0.54 64.55
C SER M 12 15.93 2.05 64.49
N ALA M 13 14.97 2.82 65.01
CA ALA M 13 15.04 4.27 64.93
C ALA M 13 14.45 4.89 66.19
N SER M 14 15.02 6.02 66.57
CA SER M 14 14.47 6.81 67.66
C SER M 14 13.35 7.71 67.16
N VAL M 15 12.44 8.07 68.07
CA VAL M 15 11.25 8.81 67.68
C VAL M 15 11.64 10.20 67.19
N GLY M 16 10.84 10.75 66.28
CA GLY M 16 11.06 12.08 65.74
C GLY M 16 12.31 12.28 64.92
N ASP M 17 12.67 11.30 64.09
CA ASP M 17 13.82 11.41 63.20
C ASP M 17 13.41 11.02 61.79
N ARG M 18 14.23 11.43 60.83
CA ARG M 18 14.01 11.09 59.43
C ARG M 18 14.75 9.79 59.14
N VAL M 19 14.00 8.76 58.76
CA VAL M 19 14.56 7.44 58.44
C VAL M 19 14.15 7.06 57.03
N THR M 20 15.13 6.63 56.24
CA THR M 20 14.91 6.19 54.87
C THR M 20 15.34 4.74 54.71
N ILE M 21 14.44 3.92 54.18
CA ILE M 21 14.76 2.55 53.80
C ILE M 21 14.79 2.49 52.28
N THR M 22 15.70 1.69 51.73
CA THR M 22 15.91 1.63 50.30
C THR M 22 15.49 0.27 49.78
N CYS M 23 14.81 0.27 48.64
CA CYS M 23 14.32 -0.95 48.02
C CYS M 23 14.93 -1.03 46.63
N ARG M 24 15.68 -2.11 46.36
CA ARG M 24 16.46 -2.22 45.14
C ARG M 24 15.91 -3.35 44.27
N ALA M 25 15.81 -3.08 42.96
CA ALA M 25 15.24 -4.01 42.02
C ALA M 25 16.31 -4.68 41.17
N SER M 26 16.12 -5.98 40.91
CA SER M 26 17.04 -6.71 40.05
C SER M 26 17.02 -6.16 38.62
N GLN M 27 15.84 -5.82 38.12
CA GLN M 27 15.68 -5.24 36.79
C GLN M 27 14.93 -3.92 36.92
N SER M 28 15.19 -3.02 35.97
CA SER M 28 14.59 -1.68 36.03
C SER M 28 13.09 -1.77 35.88
N ILE M 29 12.37 -1.18 36.84
CA ILE M 29 10.92 -1.08 36.79
C ILE M 29 10.55 0.39 36.78
N SER M 30 9.68 0.77 35.85
CA SER M 30 9.43 2.19 35.57
C SER M 30 8.44 2.75 36.59
N SER M 31 8.98 3.13 37.75
CA SER M 31 8.24 3.88 38.78
C SER M 31 6.93 3.18 39.14
N PHE M 32 6.97 1.86 39.21
CA PHE M 32 5.79 1.06 39.52
C PHE M 32 5.82 0.47 40.92
N LEU M 33 6.78 0.86 41.74
CA LEU M 33 6.87 0.31 43.09
C LEU M 33 5.77 0.88 43.99
N ASN M 34 5.24 0.02 44.86
CA ASN M 34 4.23 0.40 45.83
C ASN M 34 4.71 0.08 47.23
N TRP M 35 4.60 1.05 48.14
CA TRP M 35 5.02 0.88 49.53
C TRP M 35 3.83 0.53 50.39
N TYR M 36 3.98 -0.51 51.20
CA TYR M 36 2.90 -0.96 52.08
C TYR M 36 3.37 -0.93 53.54
N GLN M 37 2.48 -0.48 54.41
CA GLN M 37 2.70 -0.47 55.85
C GLN M 37 1.84 -1.54 56.49
N GLN M 38 2.45 -2.44 57.25
CA GLN M 38 1.73 -3.47 57.98
C GLN M 38 2.05 -3.35 59.47
N LYS M 39 1.06 -2.97 60.25
CA LYS M 39 1.22 -3.12 61.69
C LYS M 39 1.02 -4.57 62.08
N PRO M 40 1.81 -5.10 63.02
CA PRO M 40 1.71 -6.52 63.36
C PRO M 40 0.30 -6.89 63.79
N GLY M 41 -0.24 -7.93 63.15
CA GLY M 41 -1.59 -8.35 63.44
C GLY M 41 -2.68 -7.52 62.79
N LYS M 42 -2.33 -6.59 61.90
CA LYS M 42 -3.30 -5.77 61.20
C LYS M 42 -3.06 -5.87 59.70
N ALA M 43 -4.15 -5.83 58.94
CA ALA M 43 -4.03 -5.92 57.49
C ALA M 43 -3.28 -4.70 56.95
N PRO M 44 -2.37 -4.90 56.00
CA PRO M 44 -1.58 -3.77 55.49
C PRO M 44 -2.47 -2.72 54.83
N LYS M 45 -2.04 -1.47 54.93
CA LYS M 45 -2.72 -0.36 54.28
C LYS M 45 -1.77 0.29 53.28
N LEU M 46 -2.28 0.59 52.10
CA LEU M 46 -1.43 1.16 51.05
C LEU M 46 -0.89 2.51 51.51
N LEU M 47 0.41 2.70 51.32
CA LEU M 47 1.10 3.88 51.83
C LEU M 47 1.61 4.78 50.71
N ILE M 48 2.41 4.24 49.80
CA ILE M 48 2.90 4.98 48.64
C ILE M 48 2.56 4.18 47.39
N TYR M 49 1.90 4.83 46.44
CA TYR M 49 1.59 4.23 45.15
C TYR M 49 2.31 5.01 44.07
N ALA M 50 2.85 4.28 43.09
CA ALA M 50 3.58 4.78 41.94
C ALA M 50 5.00 5.15 42.35
N ALA M 51 5.37 4.91 43.60
CA ALA M 51 6.69 5.09 44.21
C ALA M 51 6.97 6.54 44.57
N SER M 52 6.09 7.48 44.25
CA SER M 52 6.28 8.86 44.66
C SER M 52 5.00 9.58 45.07
N SER M 53 3.86 8.89 45.09
CA SER M 53 2.58 9.53 45.38
C SER M 53 2.01 8.98 46.68
N LEU M 54 1.65 9.89 47.58
CA LEU M 54 1.01 9.51 48.83
C LEU M 54 -0.41 9.03 48.58
N GLN M 55 -0.81 8.00 49.30
CA GLN M 55 -2.17 7.49 49.23
C GLN M 55 -3.10 8.42 50.00
N SER M 56 -4.39 8.34 49.70
CA SER M 56 -5.38 9.20 50.34
C SER M 56 -5.41 8.97 51.84
N GLY M 57 -5.60 10.05 52.59
CA GLY M 57 -5.71 9.96 54.04
C GLY M 57 -4.49 9.37 54.71
N VAL M 58 -3.30 9.77 54.28
CA VAL M 58 -2.05 9.27 54.86
C VAL M 58 -1.29 10.45 55.45
N PRO M 59 -0.63 10.29 56.59
CA PRO M 59 0.18 11.38 57.14
C PRO M 59 1.23 11.84 56.15
N SER M 60 1.44 13.17 56.10
CA SER M 60 2.35 13.76 55.12
C SER M 60 3.79 13.36 55.35
N ARG M 61 4.15 12.87 56.54
CA ARG M 61 5.55 12.56 56.82
C ARG M 61 6.10 11.54 55.84
N PHE M 62 5.28 10.58 55.42
CA PHE M 62 5.74 9.57 54.49
C PHE M 62 6.00 10.18 53.13
N SER M 63 7.17 9.89 52.55
CA SER M 63 7.54 10.41 51.25
C SER M 63 8.16 9.30 50.43
N GLY M 64 7.86 9.30 49.14
CA GLY M 64 8.36 8.28 48.23
C GLY M 64 9.23 8.89 47.14
N SER M 65 10.35 8.24 46.86
CA SER M 65 11.29 8.66 45.83
C SER M 65 11.31 7.62 44.73
N GLY M 66 11.23 8.08 43.48
CA GLY M 66 11.09 7.19 42.35
C GLY M 66 12.24 7.18 41.37
N SER M 67 12.89 6.03 41.24
CA SER M 67 13.91 5.81 40.22
C SER M 67 13.76 4.38 39.70
N GLY M 68 14.04 4.19 38.42
CA GLY M 68 13.71 2.92 37.79
C GLY M 68 14.38 1.73 38.45
N THR M 69 15.69 1.83 38.68
CA THR M 69 16.41 0.70 39.28
C THR M 69 16.16 0.59 40.79
N ASP M 70 16.14 1.71 41.50
CA ASP M 70 16.13 1.70 42.96
C ASP M 70 15.07 2.68 43.47
N PHE M 71 14.35 2.26 44.51
CA PHE M 71 13.37 3.11 45.17
C PHE M 71 13.64 3.14 46.66
N THR M 72 13.39 4.30 47.27
CA THR M 72 13.59 4.48 48.70
C THR M 72 12.35 5.09 49.32
N LEU M 73 12.03 4.67 50.54
CA LEU M 73 10.93 5.23 51.31
C LEU M 73 11.50 5.93 52.54
N THR M 74 11.19 7.20 52.69
CA THR M 74 11.70 7.99 53.81
C THR M 74 10.54 8.66 54.53
N ILE M 75 10.57 8.59 55.87
CA ILE M 75 9.61 9.27 56.72
C ILE M 75 10.30 10.48 57.34
N SER M 76 9.68 11.66 57.17
CA SER M 76 10.32 12.90 57.60
C SER M 76 10.52 12.91 59.12
N SER M 77 9.47 12.60 59.87
CA SER M 77 9.53 12.60 61.33
C SER M 77 8.91 11.31 61.83
N LEU M 78 9.68 10.51 62.56
CA LEU M 78 9.19 9.25 63.07
C LEU M 78 8.16 9.48 64.18
N GLN M 79 7.18 8.60 64.24
CA GLN M 79 6.16 8.56 65.28
C GLN M 79 6.05 7.14 65.79
N PRO M 80 5.50 6.94 66.99
CA PRO M 80 5.49 5.57 67.56
C PRO M 80 4.80 4.54 66.70
N GLU M 81 3.68 4.90 66.06
CA GLU M 81 2.95 3.93 65.25
C GLU M 81 3.73 3.51 64.02
N ASP M 82 4.60 4.38 63.50
CA ASP M 82 5.28 4.15 62.24
C ASP M 82 6.35 3.07 62.33
N PHE M 83 6.70 2.60 63.53
CA PHE M 83 7.80 1.66 63.68
C PHE M 83 7.53 0.33 63.00
N ALA M 84 6.27 0.05 62.66
CA ALA M 84 5.89 -1.25 62.11
C ALA M 84 6.61 -1.51 60.78
N THR M 85 6.58 -2.78 60.38
CA THR M 85 7.30 -3.22 59.19
C THR M 85 6.69 -2.60 57.92
N TYR M 86 7.52 -2.50 56.88
CA TYR M 86 7.12 -1.92 55.61
C TYR M 86 7.46 -2.87 54.48
N TYR M 87 6.75 -2.72 53.36
CA TYR M 87 6.87 -3.65 52.23
C TYR M 87 7.03 -2.91 50.91
N CYS M 88 7.50 -3.64 49.91
CA CYS M 88 7.62 -3.18 48.54
C CYS M 88 6.75 -4.03 47.64
N GLN M 89 6.05 -3.38 46.70
CA GLN M 89 5.32 -4.07 45.64
C GLN M 89 5.79 -3.54 44.31
N GLN M 90 6.36 -4.39 43.48
CA GLN M 90 6.74 -4.03 42.12
C GLN M 90 5.65 -4.51 41.17
N SER M 91 4.88 -3.58 40.64
CA SER M 91 3.77 -3.91 39.77
C SER M 91 4.19 -3.98 38.31
N TYR M 92 5.47 -3.78 38.00
CA TYR M 92 5.91 -3.81 36.62
C TYR M 92 5.78 -5.21 36.04
N SER M 93 6.16 -6.24 36.80
CA SER M 93 6.03 -7.62 36.33
C SER M 93 5.80 -8.55 37.50
N THR M 94 4.65 -9.24 37.48
CA THR M 94 4.30 -10.38 38.35
C THR M 94 3.94 -10.02 39.79
N LEU M 95 3.86 -8.74 40.15
CA LEU M 95 3.39 -8.32 41.47
C LEU M 95 4.23 -8.92 42.60
N THR M 96 5.55 -8.90 42.45
CA THR M 96 6.43 -9.50 43.44
C THR M 96 6.62 -8.54 44.61
N PHE M 97 6.35 -9.04 45.82
CA PHE M 97 6.52 -8.25 47.03
C PHE M 97 7.94 -8.34 47.55
N GLY M 98 8.29 -7.39 48.41
CA GLY M 98 9.57 -7.42 49.07
C GLY M 98 9.53 -8.25 50.34
N GLN M 99 10.71 -8.51 50.90
CA GLN M 99 10.79 -9.31 52.11
C GLN M 99 10.12 -8.61 53.28
N GLY M 100 10.24 -7.30 53.36
CA GLY M 100 9.69 -6.54 54.46
C GLY M 100 10.77 -6.04 55.41
N THR M 101 10.41 -5.01 56.18
CA THR M 101 11.34 -4.42 57.12
C THR M 101 10.64 -3.96 58.40
N VAL N 2 -17.06 0.43 51.81
CA VAL N 2 -15.62 0.64 51.79
C VAL N 2 -14.96 -0.34 52.74
N GLN N 3 -15.74 -1.31 53.22
CA GLN N 3 -15.27 -2.30 54.19
C GLN N 3 -15.23 -3.66 53.52
N LEU N 4 -14.07 -4.32 53.60
CA LEU N 4 -13.89 -5.65 53.04
C LEU N 4 -13.80 -6.65 54.19
N VAL N 5 -14.67 -7.66 54.15
CA VAL N 5 -14.76 -8.68 55.20
C VAL N 5 -14.54 -10.05 54.57
N GLU N 6 -13.80 -10.90 55.26
CA GLU N 6 -13.42 -12.21 54.75
C GLU N 6 -14.03 -13.31 55.60
N SER N 7 -14.47 -14.38 54.95
CA SER N 7 -15.11 -15.49 55.64
C SER N 7 -14.59 -16.79 55.05
N GLY N 8 -14.88 -17.88 55.77
CA GLY N 8 -14.58 -19.22 55.30
C GLY N 8 -13.22 -19.76 55.68
N GLY N 9 -12.35 -18.94 56.28
CA GLY N 9 -11.05 -19.43 56.71
C GLY N 9 -11.18 -20.48 57.80
N GLY N 10 -10.53 -21.63 57.61
CA GLY N 10 -10.66 -22.70 58.57
C GLY N 10 -9.53 -23.69 58.45
N LEU N 11 -9.42 -24.53 59.48
CA LEU N 11 -8.41 -25.58 59.48
C LEU N 11 -8.81 -26.69 58.51
N VAL N 12 -7.88 -27.08 57.65
CA VAL N 12 -8.08 -28.19 56.71
C VAL N 12 -6.81 -29.03 56.69
N GLN N 13 -6.98 -30.33 56.53
CA GLN N 13 -5.88 -31.26 56.37
C GLN N 13 -5.32 -31.16 54.96
N PRO N 14 -4.14 -31.74 54.69
CA PRO N 14 -3.63 -31.75 53.32
C PRO N 14 -4.64 -32.38 52.37
N GLY N 15 -4.78 -31.78 51.19
CA GLY N 15 -5.82 -32.19 50.28
C GLY N 15 -7.11 -31.47 50.56
N GLY N 16 -8.10 -31.71 49.70
CA GLY N 16 -9.41 -31.12 49.89
C GLY N 16 -9.51 -29.71 49.34
N SER N 17 -10.68 -29.11 49.56
CA SER N 17 -10.99 -27.81 48.97
C SER N 17 -11.60 -26.88 50.01
N LEU N 18 -11.21 -25.61 49.96
CA LEU N 18 -11.80 -24.56 50.77
C LEU N 18 -12.11 -23.37 49.88
N ARG N 19 -13.30 -22.80 50.04
CA ARG N 19 -13.69 -21.58 49.34
C ARG N 19 -13.61 -20.39 50.28
N LEU N 20 -12.86 -19.37 49.88
CA LEU N 20 -12.72 -18.13 50.66
C LEU N 20 -13.58 -17.04 50.03
N SER N 21 -14.42 -16.41 50.84
CA SER N 21 -15.32 -15.38 50.37
C SER N 21 -14.95 -14.05 51.01
N CYS N 22 -14.73 -13.04 50.19
CA CYS N 22 -14.54 -11.67 50.62
C CYS N 22 -15.74 -10.86 50.14
N ALA N 23 -16.44 -10.23 51.07
CA ALA N 23 -17.64 -9.46 50.77
C ALA N 23 -17.36 -7.98 50.94
N ALA N 24 -17.75 -7.18 49.95
CA ALA N 24 -17.54 -5.75 49.95
C ALA N 24 -18.81 -5.04 50.39
N SER N 25 -18.66 -4.10 51.32
CA SER N 25 -19.78 -3.31 51.83
C SER N 25 -19.54 -1.84 51.53
N GLY N 26 -20.57 -1.18 51.01
CA GLY N 26 -20.55 0.25 50.78
C GLY N 26 -20.01 0.70 49.45
N PHE N 27 -19.53 -0.21 48.61
CA PHE N 27 -19.10 0.14 47.26
C PHE N 27 -19.38 -1.02 46.32
N THR N 28 -19.45 -0.71 45.04
CA THR N 28 -19.75 -1.72 44.01
C THR N 28 -18.45 -2.42 43.66
N SER N 29 -18.19 -3.54 44.34
CA SER N 29 -16.95 -4.28 44.10
C SER N 29 -16.89 -4.82 42.69
N SER N 30 -18.03 -5.19 42.11
CA SER N 30 -18.02 -5.75 40.76
C SER N 30 -17.40 -4.77 39.78
N SER N 31 -17.64 -3.48 39.99
CA SER N 31 -17.01 -2.48 39.15
C SER N 31 -15.49 -2.49 39.30
N TYR N 32 -15.00 -2.61 40.53
CA TYR N 32 -13.57 -2.58 40.77
C TYR N 32 -12.95 -3.95 40.52
N ALA N 33 -11.63 -4.01 40.50
CA ALA N 33 -10.91 -5.26 40.35
C ALA N 33 -10.37 -5.72 41.70
N MET N 34 -10.64 -6.97 42.05
CA MET N 34 -10.31 -7.52 43.36
C MET N 34 -9.13 -8.46 43.30
N ASN N 35 -8.33 -8.45 44.36
CA ASN N 35 -7.09 -9.23 44.42
C ASN N 35 -7.01 -10.05 45.70
N TRP N 36 -6.61 -11.32 45.58
CA TRP N 36 -6.30 -12.17 46.72
C TRP N 36 -4.79 -12.18 46.96
N VAL N 37 -4.38 -11.77 48.15
CA VAL N 37 -2.97 -11.78 48.54
C VAL N 37 -2.86 -12.44 49.91
N ARG N 38 -1.90 -13.34 50.07
CA ARG N 38 -1.74 -14.10 51.30
C ARG N 38 -0.47 -13.68 52.01
N GLN N 39 -0.55 -13.57 53.33
CA GLN N 39 0.62 -13.33 54.16
C GLN N 39 0.97 -14.63 54.86
N ALA N 40 2.16 -15.14 54.60
CA ALA N 40 2.61 -16.35 55.26
C ALA N 40 2.76 -16.07 56.75
N PRO N 41 2.68 -17.13 57.58
CA PRO N 41 2.69 -16.89 59.04
C PRO N 41 3.86 -16.06 59.53
N GLY N 42 5.05 -16.30 59.00
CA GLY N 42 6.19 -15.46 59.34
C GLY N 42 6.96 -14.93 58.14
N LYS N 43 6.81 -15.58 56.99
CA LYS N 43 7.63 -15.23 55.83
C LYS N 43 7.32 -13.84 55.31
N GLY N 44 6.04 -13.48 55.20
CA GLY N 44 5.70 -12.18 54.65
C GLY N 44 4.61 -12.30 53.63
N LEU N 45 4.45 -11.23 52.84
CA LEU N 45 3.38 -11.13 51.86
C LEU N 45 3.79 -11.73 50.53
N GLU N 46 2.85 -12.41 49.89
CA GLU N 46 3.02 -12.92 48.53
C GLU N 46 1.71 -12.79 47.78
N TRP N 47 1.80 -12.49 46.49
CA TRP N 47 0.60 -12.41 45.67
C TRP N 47 0.04 -13.79 45.38
N VAL N 48 -1.28 -13.88 45.31
CA VAL N 48 -1.93 -15.16 45.05
C VAL N 48 -2.69 -15.17 43.74
N SER N 49 -3.67 -14.28 43.60
CA SER N 49 -4.56 -14.33 42.45
C SER N 49 -5.11 -12.96 42.15
N THR N 50 -5.58 -12.80 40.92
CA THR N 50 -6.25 -11.59 40.48
C THR N 50 -7.44 -11.91 39.61
N ILE N 51 -8.54 -11.20 39.83
CA ILE N 51 -9.73 -11.29 38.99
C ILE N 51 -10.00 -9.91 38.42
N SER N 52 -10.43 -9.87 37.15
CA SER N 52 -10.83 -8.62 36.56
C SER N 52 -12.13 -8.13 37.16
N GLY N 53 -12.39 -6.83 37.01
CA GLY N 53 -13.59 -6.26 37.58
C GLY N 53 -14.86 -6.86 37.01
N MET N 54 -14.92 -6.97 35.69
CA MET N 54 -16.08 -7.62 35.08
C MET N 54 -16.07 -9.11 35.36
N GLY N 55 -14.89 -9.70 35.53
CA GLY N 55 -14.72 -11.11 35.80
C GLY N 55 -14.17 -11.93 34.66
N GLY N 56 -14.02 -11.32 33.48
CA GLY N 56 -13.51 -12.07 32.35
C GLY N 56 -12.07 -12.47 32.50
N SER N 57 -11.23 -11.57 32.99
CA SER N 57 -9.80 -11.80 33.10
C SER N 57 -9.48 -12.37 34.48
N THR N 58 -8.95 -13.58 34.51
CA THR N 58 -8.61 -14.32 35.72
C THR N 58 -7.11 -14.54 35.75
N TYR N 59 -6.46 -14.12 36.83
CA TYR N 59 -5.00 -14.10 36.87
C TYR N 59 -4.54 -14.81 38.14
N TYR N 60 -3.50 -15.64 38.02
CA TYR N 60 -2.99 -16.39 39.15
C TYR N 60 -1.47 -16.28 39.23
N ALA N 61 -0.96 -16.41 40.46
CA ALA N 61 0.47 -16.50 40.67
C ALA N 61 1.01 -17.85 40.20
N ASP N 62 2.33 -17.88 39.95
CA ASP N 62 2.95 -19.08 39.39
C ASP N 62 2.83 -20.27 40.33
N SER N 63 3.00 -20.03 41.64
CA SER N 63 2.99 -21.14 42.60
C SER N 63 1.63 -21.82 42.65
N VAL N 64 0.55 -21.05 42.52
CA VAL N 64 -0.80 -21.58 42.67
C VAL N 64 -1.52 -21.52 41.34
N LYS N 65 -0.76 -21.73 40.25
CA LYS N 65 -1.30 -21.50 38.90
C LYS N 65 -2.54 -22.35 38.62
N GLY N 66 -2.52 -23.62 39.00
CA GLY N 66 -3.64 -24.49 38.68
C GLY N 66 -4.45 -24.92 39.88
N ARG N 67 -3.82 -24.89 41.06
CA ARG N 67 -4.48 -25.37 42.27
C ARG N 67 -5.63 -24.45 42.68
N PHE N 68 -5.47 -23.14 42.49
CA PHE N 68 -6.42 -22.17 43.01
C PHE N 68 -7.30 -21.68 41.88
N THR N 69 -8.59 -21.49 42.17
CA THR N 69 -9.54 -20.91 41.24
C THR N 69 -10.22 -19.73 41.91
N ILE N 70 -10.16 -18.56 41.28
CA ILE N 70 -10.79 -17.34 41.79
C ILE N 70 -12.02 -17.04 40.95
N SER N 71 -13.11 -16.71 41.61
CA SER N 71 -14.33 -16.29 40.95
C SER N 71 -14.99 -15.19 41.76
N ARG N 72 -15.76 -14.34 41.10
CA ARG N 72 -16.47 -13.26 41.77
C ARG N 72 -17.92 -13.27 41.35
N ASP N 73 -18.78 -12.84 42.27
CA ASP N 73 -20.20 -12.69 42.01
C ASP N 73 -20.52 -11.21 41.97
N ASN N 74 -20.88 -10.73 40.78
CA ASN N 74 -21.21 -9.32 40.62
C ASN N 74 -22.49 -8.95 41.38
N SER N 75 -23.48 -9.84 41.37
CA SER N 75 -24.77 -9.52 41.97
C SER N 75 -24.65 -9.27 43.47
N LYS N 76 -23.90 -10.13 44.17
CA LYS N 76 -23.80 -10.05 45.63
C LYS N 76 -22.55 -9.31 46.09
N ASN N 77 -21.73 -8.80 45.16
CA ASN N 77 -20.47 -8.15 45.48
C ASN N 77 -19.58 -9.07 46.31
N THR N 78 -19.61 -10.37 45.98
CA THR N 78 -18.86 -11.38 46.70
C THR N 78 -17.90 -12.07 45.74
N LEU N 79 -16.64 -12.16 46.15
CA LEU N 79 -15.60 -12.84 45.39
C LEU N 79 -15.24 -14.14 46.10
N TYR N 80 -15.15 -15.24 45.34
CA TYR N 80 -14.84 -16.55 45.89
C TYR N 80 -13.50 -17.05 45.38
N LEU N 81 -12.61 -17.43 46.30
CA LEU N 81 -11.35 -18.07 45.93
C LEU N 81 -11.47 -19.54 46.28
N GLN N 82 -11.52 -20.40 45.27
CA GLN N 82 -11.69 -21.83 45.44
C GLN N 82 -10.35 -22.51 45.32
N MET N 83 -9.91 -23.18 46.38
CA MET N 83 -8.61 -23.84 46.40
C MET N 83 -8.84 -25.33 46.24
N ASN N 84 -8.26 -25.92 45.21
CA ASN N 84 -8.35 -27.35 44.94
C ASN N 84 -6.94 -27.94 44.99
N SER N 85 -6.86 -29.19 45.47
CA SER N 85 -5.58 -29.87 45.65
C SER N 85 -4.66 -29.05 46.55
N LEU N 86 -5.26 -28.47 47.59
CA LEU N 86 -4.52 -27.64 48.53
C LEU N 86 -3.44 -28.45 49.23
N ARG N 87 -2.28 -27.83 49.41
CA ARG N 87 -1.11 -28.52 49.96
C ARG N 87 -0.65 -27.81 51.23
N ALA N 88 0.24 -28.50 51.96
CA ALA N 88 0.69 -28.01 53.26
C ALA N 88 1.40 -26.67 53.17
N GLU N 89 2.05 -26.39 52.04
CA GLU N 89 2.77 -25.13 51.89
C GLU N 89 1.84 -23.92 51.94
N ASP N 90 0.56 -24.11 51.66
CA ASP N 90 -0.39 -23.01 51.54
C ASP N 90 -0.71 -22.35 52.87
N THR N 91 -0.26 -22.90 53.99
CA THR N 91 -0.59 -22.34 55.30
C THR N 91 -0.19 -20.87 55.37
N ALA N 92 -1.18 -20.01 55.60
CA ALA N 92 -0.96 -18.57 55.68
C ALA N 92 -2.25 -17.86 56.05
N VAL N 93 -2.18 -16.55 56.24
CA VAL N 93 -3.37 -15.72 56.43
C VAL N 93 -3.63 -14.98 55.13
N TYR N 94 -4.81 -15.19 54.55
CA TYR N 94 -5.14 -14.68 53.22
C TYR N 94 -5.88 -13.36 53.34
N TYR N 95 -5.48 -12.39 52.51
CA TYR N 95 -6.10 -11.08 52.47
C TYR N 95 -6.73 -10.84 51.11
N CYS N 96 -7.89 -10.20 51.11
CA CYS N 96 -8.56 -9.78 49.88
C CYS N 96 -8.35 -8.28 49.72
N ALA N 97 -7.98 -7.87 48.52
CA ALA N 97 -7.57 -6.49 48.28
C ALA N 97 -8.26 -5.98 47.01
N LYS N 98 -8.22 -4.66 46.84
CA LYS N 98 -8.82 -4.00 45.70
C LYS N 98 -7.74 -3.30 44.88
N ARG N 99 -7.99 -3.16 43.58
CA ARG N 99 -7.02 -2.64 42.64
C ARG N 99 -6.73 -1.17 42.86
N GLY N 100 -5.53 -0.75 42.43
CA GLY N 100 -5.11 0.63 42.51
C GLY N 100 -4.43 1.02 41.20
N TYR N 101 -3.97 2.27 41.15
CA TYR N 101 -3.37 2.76 39.91
C TYR N 101 -2.15 1.96 39.48
N PRO N 102 -1.11 1.75 40.31
CA PRO N 102 0.02 0.91 39.91
C PRO N 102 -0.19 -0.54 40.30
N HIS N 103 -1.34 -1.08 39.90
CA HIS N 103 -1.74 -2.45 40.26
C HIS N 103 -1.64 -2.66 41.76
N SER N 104 -1.92 -1.61 42.53
CA SER N 104 -1.69 -1.63 43.97
C SER N 104 -2.93 -2.11 44.71
N PHE N 105 -2.72 -2.46 45.97
CA PHE N 105 -3.78 -2.90 46.87
C PHE N 105 -4.03 -1.77 47.86
N ASP N 106 -5.23 -1.21 47.84
CA ASP N 106 -5.54 -0.07 48.70
C ASP N 106 -6.50 -0.42 49.82
N ILE N 107 -7.63 -1.05 49.51
CA ILE N 107 -8.60 -1.48 50.51
C ILE N 107 -8.36 -2.94 50.80
N TRP N 108 -7.85 -3.24 51.99
CA TRP N 108 -7.50 -4.59 52.41
C TRP N 108 -8.55 -5.08 53.40
N GLY N 109 -9.14 -6.23 53.11
CA GLY N 109 -9.97 -6.87 54.10
C GLY N 109 -9.11 -7.48 55.20
N GLN N 110 -9.69 -7.60 56.38
CA GLN N 110 -8.97 -8.26 57.46
C GLN N 110 -8.70 -9.71 57.08
N GLY N 111 -7.45 -10.14 57.27
CA GLY N 111 -7.04 -11.43 56.78
C GLY N 111 -7.74 -12.57 57.52
N THR N 112 -7.96 -13.66 56.80
CA THR N 112 -8.47 -14.89 57.36
C THR N 112 -7.38 -15.96 57.32
N MET N 113 -7.41 -16.84 58.30
CA MET N 113 -6.33 -17.82 58.51
C MET N 113 -6.78 -19.21 58.07
N VAL N 114 -5.96 -19.85 57.24
CA VAL N 114 -6.14 -21.24 56.86
C VAL N 114 -4.91 -22.01 57.34
N THR N 115 -5.15 -23.12 58.04
CA THR N 115 -4.08 -23.89 58.67
C THR N 115 -4.13 -25.33 58.19
N VAL N 116 -2.97 -25.87 57.82
CA VAL N 116 -2.87 -27.26 57.41
C VAL N 116 -1.89 -28.02 58.31
N ILE O 2 10.58 -43.04 15.25
CA ILE O 2 12.00 -43.08 15.54
C ILE O 2 12.70 -42.04 14.68
N VAL O 3 13.95 -41.72 15.01
CA VAL O 3 14.72 -40.70 14.32
C VAL O 3 15.99 -41.31 13.72
N ASN O 4 15.90 -42.59 13.36
CA ASN O 4 17.09 -43.30 12.86
C ASN O 4 17.63 -42.69 11.57
N ALA O 5 16.75 -42.13 10.74
CA ALA O 5 17.16 -41.61 9.44
C ALA O 5 18.17 -40.48 9.59
N GLN O 6 17.89 -39.53 10.47
CA GLN O 6 18.80 -38.42 10.66
C GLN O 6 20.08 -38.89 11.32
N PRO O 7 21.23 -38.34 10.92
CA PRO O 7 22.51 -38.80 11.51
C PRO O 7 22.55 -38.67 13.02
N LYS O 8 22.00 -37.57 13.55
CA LYS O 8 22.06 -37.31 14.99
C LYS O 8 20.82 -36.53 15.39
N CYS O 9 20.17 -36.99 16.44
CA CYS O 9 19.01 -36.31 17.02
C CYS O 9 19.44 -35.71 18.36
N ASN O 10 19.11 -34.45 18.56
CA ASN O 10 19.44 -33.81 19.82
C ASN O 10 18.51 -34.31 20.93
N PRO O 11 19.03 -34.95 21.99
CA PRO O 11 18.16 -35.37 23.09
C PRO O 11 17.52 -34.23 23.86
N ASN O 12 18.22 -33.12 24.09
CA ASN O 12 17.64 -32.00 24.82
C ASN O 12 17.01 -31.04 23.83
N LEU O 13 15.80 -30.56 24.10
CA LEU O 13 15.20 -29.52 23.28
C LEU O 13 15.06 -28.28 24.15
N HIS O 14 15.88 -27.27 23.86
CA HIS O 14 15.80 -25.98 24.53
C HIS O 14 14.96 -25.03 23.68
N TYR O 15 13.74 -24.75 24.12
CA TYR O 15 12.77 -24.02 23.31
C TYR O 15 12.55 -22.61 23.86
N TRP O 16 12.36 -21.66 22.94
CA TRP O 16 11.99 -20.30 23.28
C TRP O 16 10.60 -20.03 22.68
N THR O 17 9.70 -19.50 23.49
CA THR O 17 8.34 -19.24 23.06
C THR O 17 7.93 -17.85 23.49
N THR O 18 6.88 -17.32 22.86
CA THR O 18 6.35 -16.04 23.26
C THR O 18 5.77 -16.15 24.66
N GLN O 19 5.75 -15.03 25.38
CA GLN O 19 5.37 -15.09 26.79
C GLN O 19 3.94 -15.57 26.96
N ASP O 20 3.74 -16.34 28.03
CA ASP O 20 2.41 -16.74 28.42
C ASP O 20 1.61 -15.51 28.82
N GLU O 21 0.38 -15.41 28.34
CA GLU O 21 -0.42 -14.21 28.60
C GLU O 21 -0.64 -14.07 30.11
N GLY O 22 -1.01 -15.16 30.77
CA GLY O 22 -1.25 -15.11 32.19
C GLY O 22 0.00 -14.79 32.98
N ALA O 23 1.16 -15.16 32.44
CA ALA O 23 2.42 -15.04 33.18
C ALA O 23 2.72 -13.60 33.55
N ALA O 24 2.42 -12.65 32.66
CA ALA O 24 2.76 -11.25 32.87
C ALA O 24 1.61 -10.61 33.62
N ILE O 25 1.81 -10.38 34.92
CA ILE O 25 0.79 -9.70 35.71
C ILE O 25 1.13 -8.25 35.94
N GLY O 26 2.29 -7.82 35.47
CA GLY O 26 2.76 -6.49 35.69
C GLY O 26 2.06 -5.45 34.83
N LEU O 27 2.37 -4.19 35.12
CA LEU O 27 1.90 -3.12 34.26
C LEU O 27 2.75 -3.00 33.02
N ALA O 28 3.56 -4.02 32.75
CA ALA O 28 4.35 -4.11 31.54
C ALA O 28 3.53 -4.59 30.36
N TRP O 29 2.26 -4.91 30.56
CA TRP O 29 1.40 -5.23 29.44
C TRP O 29 1.32 -4.04 28.50
N ILE O 30 1.26 -2.83 29.06
CA ILE O 30 1.21 -1.64 28.24
C ILE O 30 2.43 -1.62 27.32
N PRO O 31 2.27 -1.36 26.03
CA PRO O 31 3.44 -1.44 25.14
C PRO O 31 4.50 -0.44 25.52
N TYR O 32 4.10 0.78 25.91
CA TYR O 32 5.07 1.82 26.22
C TYR O 32 5.93 1.43 27.43
N PHE O 33 5.29 0.98 28.50
CA PHE O 33 6.02 0.56 29.70
C PHE O 33 6.30 -0.94 29.64
N GLY O 34 6.93 -1.39 28.57
CA GLY O 34 7.07 -2.81 28.40
C GLY O 34 8.35 -3.27 27.77
N PRO O 35 8.60 -4.58 27.84
CA PRO O 35 9.85 -5.13 27.31
C PRO O 35 9.95 -4.92 25.82
N ALA O 36 11.17 -4.72 25.36
CA ALA O 36 11.41 -4.53 23.94
C ALA O 36 11.29 -5.87 23.23
N ALA O 37 11.43 -5.87 21.90
CA ALA O 37 11.20 -7.09 21.14
C ALA O 37 12.05 -8.25 21.63
N GLU O 38 13.30 -7.97 22.01
CA GLU O 38 14.19 -9.04 22.45
C GLU O 38 13.70 -9.73 23.71
N GLY O 39 13.11 -8.98 24.64
CA GLY O 39 12.77 -9.54 25.94
C GLY O 39 11.44 -10.24 26.09
N ILE O 40 10.56 -10.22 25.08
CA ILE O 40 9.24 -10.81 25.23
C ILE O 40 9.30 -12.32 25.45
N TYR O 41 10.29 -12.99 24.87
CA TYR O 41 10.36 -14.44 24.86
C TYR O 41 10.50 -15.04 26.25
N THR O 42 9.91 -16.23 26.40
CA THR O 42 9.90 -17.07 27.57
C THR O 42 10.69 -18.34 27.26
N GLU O 43 11.19 -19.00 28.28
CA GLU O 43 12.12 -20.10 28.10
C GLU O 43 11.63 -21.40 28.71
N GLY O 44 12.13 -22.49 28.15
CA GLY O 44 11.81 -23.82 28.65
C GLY O 44 12.82 -24.83 28.15
N LEU O 45 12.85 -25.97 28.82
CA LEU O 45 13.66 -27.10 28.40
C LEU O 45 12.82 -28.35 28.45
N MET O 46 12.94 -29.19 27.43
CA MET O 46 12.24 -30.47 27.42
C MET O 46 13.21 -31.64 27.37
N HIS O 47 14.34 -31.53 28.07
CA HIS O 47 15.39 -32.54 27.98
C HIS O 47 14.92 -33.92 28.43
N ASN O 48 13.95 -33.96 29.35
CA ASN O 48 13.55 -35.24 29.95
C ASN O 48 13.08 -36.24 28.91
N GLN O 49 12.28 -35.80 27.94
CA GLN O 49 11.65 -36.69 26.97
C GLN O 49 12.49 -36.72 25.70
N ASP O 50 13.27 -37.79 25.53
CA ASP O 50 14.00 -37.99 24.28
C ASP O 50 13.07 -38.41 23.16
N GLY O 51 12.14 -39.33 23.47
CA GLY O 51 11.30 -39.88 22.43
C GLY O 51 10.41 -38.83 21.77
N LEU O 52 9.79 -37.98 22.58
CA LEU O 52 8.86 -37.00 22.03
C LEU O 52 9.57 -36.03 21.10
N ILE O 53 10.71 -35.47 21.52
CA ILE O 53 11.38 -34.48 20.68
C ILE O 53 11.95 -35.16 19.44
N CYS O 54 12.58 -36.33 19.61
CA CYS O 54 13.18 -36.95 18.45
C CYS O 54 12.10 -37.35 17.47
N GLY O 55 10.87 -37.49 17.95
CA GLY O 55 9.74 -37.68 17.05
C GLY O 55 9.37 -36.37 16.38
N LEU O 56 9.30 -35.29 17.14
CA LEU O 56 8.99 -33.97 16.58
C LEU O 56 9.93 -33.59 15.46
N ARG O 57 11.23 -33.86 15.62
CA ARG O 57 12.17 -33.45 14.58
C ARG O 57 11.85 -34.19 13.28
N GLN O 58 11.51 -35.47 13.40
CA GLN O 58 11.06 -36.21 12.22
C GLN O 58 9.79 -35.62 11.67
N LEU O 59 8.83 -35.29 12.54
CA LEU O 59 7.56 -34.79 12.06
C LEU O 59 7.74 -33.50 11.27
N ALA O 60 8.59 -32.61 11.77
CA ALA O 60 8.94 -31.41 11.03
C ALA O 60 9.58 -31.76 9.69
N ASN O 61 10.54 -32.68 9.71
CA ASN O 61 11.23 -33.07 8.49
C ASN O 61 10.26 -33.60 7.45
N GLU O 62 9.28 -34.38 7.88
CA GLU O 62 8.29 -34.93 6.97
C GLU O 62 7.30 -33.86 6.52
N THR O 63 6.91 -32.96 7.42
CA THR O 63 5.87 -32.00 7.10
C THR O 63 6.37 -30.84 6.24
N THR O 64 7.68 -30.63 6.16
CA THR O 64 8.13 -29.55 5.28
C THR O 64 7.76 -29.83 3.83
N GLN O 65 7.67 -31.12 3.48
CA GLN O 65 7.26 -31.52 2.13
C GLN O 65 5.89 -30.96 1.78
N ALA O 66 4.93 -31.12 2.69
CA ALA O 66 3.59 -30.59 2.44
C ALA O 66 3.56 -29.09 2.60
N LEU O 67 4.28 -28.57 3.58
CA LEU O 67 4.24 -27.14 3.87
C LEU O 67 4.72 -26.32 2.70
N GLN O 68 5.82 -26.75 2.06
CA GLN O 68 6.34 -25.97 0.95
C GLN O 68 5.38 -25.94 -0.22
N LEU O 69 4.73 -27.07 -0.50
CA LEU O 69 3.72 -27.09 -1.54
C LEU O 69 2.54 -26.20 -1.19
N PHE O 70 2.11 -26.22 0.06
CA PHE O 70 1.01 -25.37 0.47
C PHE O 70 1.37 -23.90 0.31
N LEU O 71 2.60 -23.53 0.68
CA LEU O 71 3.04 -22.16 0.51
C LEU O 71 3.10 -21.80 -0.97
N ARG O 72 3.51 -22.75 -1.82
CA ARG O 72 3.55 -22.46 -3.25
C ARG O 72 2.17 -22.19 -3.80
N ALA O 73 1.18 -22.97 -3.34
CA ALA O 73 -0.18 -22.79 -3.86
C ALA O 73 -0.73 -21.43 -3.48
N THR O 74 -0.64 -21.06 -2.21
CA THR O 74 -1.22 -19.81 -1.76
C THR O 74 -0.38 -18.62 -2.23
N THR O 75 -1.06 -17.49 -2.40
CA THR O 75 -0.41 -16.24 -2.76
C THR O 75 -0.18 -15.36 -1.55
N GLU O 76 -0.30 -15.92 -0.35
CA GLU O 76 0.03 -15.21 0.88
C GLU O 76 1.49 -14.77 0.85
N LEU O 77 1.74 -13.48 0.99
CA LEU O 77 3.11 -13.07 1.24
C LEU O 77 3.58 -13.64 2.57
N ARG O 78 2.76 -13.48 3.60
CA ARG O 78 3.01 -14.02 4.92
C ARG O 78 1.76 -14.78 5.34
N THR O 79 1.94 -16.05 5.70
CA THR O 79 0.81 -16.95 5.94
C THR O 79 0.66 -17.18 7.43
N PHE O 80 -0.49 -16.78 7.97
CA PHE O 80 -0.76 -16.93 9.39
C PHE O 80 -2.03 -17.71 9.69
N SER O 81 -2.68 -18.26 8.67
CA SER O 81 -3.96 -18.92 8.85
C SER O 81 -3.85 -20.42 8.92
N ILE O 82 -2.63 -20.97 8.87
CA ILE O 82 -2.49 -22.42 8.79
C ILE O 82 -3.06 -23.09 10.02
N LEU O 83 -2.78 -22.55 11.20
CA LEU O 83 -3.31 -23.17 12.41
C LEU O 83 -4.83 -23.06 12.45
N ASN O 84 -5.36 -21.92 12.02
CA ASN O 84 -6.82 -21.78 11.96
C ASN O 84 -7.42 -22.76 10.97
N ARG O 85 -6.79 -22.94 9.81
CA ARG O 85 -7.30 -23.90 8.84
C ARG O 85 -7.25 -25.31 9.39
N LYS O 86 -6.18 -25.66 10.11
CA LYS O 86 -6.12 -26.98 10.73
C LYS O 86 -7.23 -27.17 11.75
N ALA O 87 -7.53 -26.13 12.53
CA ALA O 87 -8.65 -26.21 13.46
C ALA O 87 -9.96 -26.38 12.72
N ILE O 88 -10.15 -25.64 11.63
CA ILE O 88 -11.37 -25.73 10.86
C ILE O 88 -11.52 -27.12 10.25
N ASP O 89 -10.42 -27.67 9.75
CA ASP O 89 -10.46 -29.03 9.22
C ASP O 89 -10.81 -30.02 10.31
N PHE O 90 -10.25 -29.84 11.51
CA PHE O 90 -10.53 -30.77 12.59
C PHE O 90 -12.01 -30.75 12.96
N LEU O 91 -12.58 -29.55 13.07
CA LEU O 91 -14.00 -29.44 13.37
C LEU O 91 -14.84 -30.00 12.24
N LEU O 92 -14.51 -29.64 11.00
CA LEU O 92 -15.31 -30.09 9.87
C LEU O 92 -15.23 -31.59 9.70
N GLN O 93 -14.12 -32.19 10.09
CA GLN O 93 -13.99 -33.64 10.05
C GLN O 93 -14.85 -34.30 11.12
N ARG O 94 -14.79 -33.80 12.35
CA ARG O 94 -15.61 -34.40 13.40
C ARG O 94 -17.09 -34.18 13.15
N TRP O 95 -17.47 -33.00 12.67
CA TRP O 95 -18.86 -32.57 12.54
C TRP O 95 -19.12 -32.03 11.15
N GLY O 96 -18.81 -32.81 10.11
CA GLY O 96 -19.14 -32.39 8.77
C GLY O 96 -20.63 -32.28 8.53
N GLY O 97 -21.38 -33.28 8.97
CA GLY O 97 -22.82 -33.27 8.82
C GLY O 97 -23.36 -34.67 8.89
N THR O 98 -24.69 -34.74 9.02
CA THR O 98 -25.43 -36.02 8.99
C THR O 98 -24.81 -37.02 9.96
N CYS O 99 -24.59 -36.57 11.19
CA CYS O 99 -23.92 -37.41 12.18
C CYS O 99 -24.77 -38.61 12.53
N HIS O 100 -24.10 -39.74 12.78
CA HIS O 100 -24.75 -40.98 13.18
C HIS O 100 -24.30 -41.31 14.60
N ILE O 101 -25.26 -41.63 15.47
CA ILE O 101 -24.93 -41.85 16.87
C ILE O 101 -24.06 -43.09 17.02
N LEU O 102 -24.51 -44.20 16.44
CA LEU O 102 -23.75 -45.45 16.48
C LEU O 102 -22.60 -45.43 15.46
N GLY O 103 -22.82 -44.83 14.30
CA GLY O 103 -21.85 -44.86 13.23
C GLY O 103 -20.54 -44.16 13.59
N PRO O 104 -19.43 -44.70 13.10
CA PRO O 104 -18.12 -44.11 13.40
C PRO O 104 -17.87 -42.77 12.74
N ASP O 105 -18.69 -42.37 11.75
CA ASP O 105 -18.41 -41.14 11.02
C ASP O 105 -18.37 -39.94 11.95
N CYS O 106 -19.33 -39.84 12.87
CA CYS O 106 -19.31 -38.82 13.90
C CYS O 106 -19.00 -39.49 15.23
N CYS O 107 -18.54 -38.69 16.19
CA CYS O 107 -18.00 -39.25 17.44
C CYS O 107 -18.61 -38.65 18.70
N ILE O 108 -19.68 -39.26 19.20
CA ILE O 108 -20.26 -38.92 20.50
C ILE O 108 -20.66 -40.21 21.20
N GLU O 109 -19.95 -40.57 22.27
CA GLU O 109 -20.19 -41.84 22.94
C GLU O 109 -21.61 -41.86 23.49
N PRO O 110 -22.37 -42.94 23.26
CA PRO O 110 -23.79 -42.92 23.66
C PRO O 110 -24.07 -42.73 25.16
N HIS O 111 -23.29 -43.36 26.04
CA HIS O 111 -23.48 -43.16 27.49
C HIS O 111 -22.20 -43.35 28.30
N ALA P 5 -15.90 1.36 38.91
CA ALA P 5 -14.53 1.76 39.13
C ALA P 5 -14.20 2.92 38.23
N GLN P 6 -14.86 2.91 37.08
CA GLN P 6 -14.62 3.96 36.12
C GLN P 6 -15.11 5.29 36.69
N PRO P 7 -14.41 6.41 36.43
CA PRO P 7 -14.83 7.67 37.06
C PRO P 7 -16.19 8.15 36.59
N LYS P 8 -16.35 8.27 35.28
CA LYS P 8 -17.60 8.71 34.66
C LYS P 8 -17.88 7.80 33.48
N CYS P 9 -19.07 7.24 33.43
CA CYS P 9 -19.50 6.43 32.31
C CYS P 9 -20.50 7.20 31.44
N ASN P 10 -20.18 7.34 30.17
CA ASN P 10 -21.12 7.97 29.25
C ASN P 10 -22.33 7.06 29.12
N PRO P 11 -23.52 7.48 29.52
CA PRO P 11 -24.66 6.56 29.49
C PRO P 11 -25.10 6.19 28.07
N ASN P 12 -25.03 7.12 27.14
CA ASN P 12 -25.52 6.92 25.78
C ASN P 12 -24.36 6.67 24.82
N LEU P 13 -24.50 5.65 23.98
CA LEU P 13 -23.48 5.28 23.01
C LEU P 13 -23.97 5.62 21.61
N HIS P 14 -23.22 6.49 20.93
CA HIS P 14 -23.48 6.83 19.54
C HIS P 14 -22.47 6.04 18.71
N TYR P 15 -22.94 5.07 17.94
CA TYR P 15 -22.04 4.17 17.25
C TYR P 15 -22.08 4.37 15.75
N TRP P 16 -20.91 4.38 15.12
CA TRP P 16 -20.79 4.39 13.67
C TRP P 16 -20.32 3.01 13.26
N THR P 17 -21.06 2.38 12.36
CA THR P 17 -20.73 1.03 11.92
C THR P 17 -20.78 0.97 10.41
N THR P 18 -20.11 -0.03 9.84
CA THR P 18 -20.17 -0.23 8.41
C THR P 18 -21.58 -0.65 8.02
N GLN P 19 -21.95 -0.32 6.78
CA GLN P 19 -23.31 -0.55 6.33
C GLN P 19 -23.63 -2.04 6.27
N ASP P 20 -24.89 -2.36 6.51
CA ASP P 20 -25.36 -3.73 6.35
C ASP P 20 -25.30 -4.12 4.88
N GLU P 21 -24.81 -5.33 4.61
CA GLU P 21 -24.79 -5.80 3.23
C GLU P 21 -26.20 -5.95 2.68
N GLY P 22 -27.13 -6.44 3.51
CA GLY P 22 -28.51 -6.56 3.07
C GLY P 22 -29.14 -5.22 2.77
N ALA P 23 -28.77 -4.18 3.53
CA ALA P 23 -29.41 -2.87 3.41
C ALA P 23 -29.23 -2.27 2.03
N ALA P 24 -28.06 -2.42 1.42
CA ALA P 24 -27.75 -1.74 0.18
C ALA P 24 -28.39 -2.52 -0.96
N ILE P 25 -29.24 -1.85 -1.74
CA ILE P 25 -29.85 -2.50 -2.90
C ILE P 25 -29.57 -1.75 -4.19
N GLY P 26 -29.15 -0.50 -4.12
CA GLY P 26 -28.94 0.30 -5.30
C GLY P 26 -27.67 -0.10 -6.01
N LEU P 27 -27.50 0.42 -7.22
CA LEU P 27 -26.22 0.17 -7.88
C LEU P 27 -25.17 1.11 -7.31
N ALA P 28 -25.04 1.11 -5.98
CA ALA P 28 -23.94 1.76 -5.30
C ALA P 28 -22.98 0.73 -4.75
N TRP P 29 -23.32 -0.55 -4.88
CA TRP P 29 -22.37 -1.59 -4.54
C TRP P 29 -21.18 -1.51 -5.48
N ILE P 30 -21.45 -1.13 -6.73
CA ILE P 30 -20.40 -0.98 -7.73
C ILE P 30 -19.36 -0.03 -7.17
N PRO P 31 -18.07 -0.37 -7.14
CA PRO P 31 -17.12 0.55 -6.51
C PRO P 31 -17.06 1.87 -7.23
N TYR P 32 -17.06 1.85 -8.57
CA TYR P 32 -16.91 3.09 -9.33
C TYR P 32 -18.11 4.00 -9.09
N PHE P 33 -19.32 3.44 -9.19
CA PHE P 33 -20.57 4.18 -8.92
C PHE P 33 -20.95 4.05 -7.47
N GLY P 34 -20.08 4.49 -6.57
CA GLY P 34 -20.36 4.24 -5.18
C GLY P 34 -19.85 5.26 -4.20
N PRO P 35 -20.31 5.13 -2.96
CA PRO P 35 -19.92 6.08 -1.92
C PRO P 35 -18.43 6.04 -1.66
N ALA P 36 -17.88 7.20 -1.33
CA ALA P 36 -16.46 7.30 -1.04
C ALA P 36 -16.22 6.72 0.36
N ALA P 37 -14.98 6.81 0.83
CA ALA P 37 -14.65 6.18 2.10
C ALA P 37 -15.52 6.70 3.23
N GLU P 38 -15.82 8.00 3.22
CA GLU P 38 -16.62 8.59 4.29
C GLU P 38 -18.05 8.05 4.32
N GLY P 39 -18.64 7.80 3.15
CA GLY P 39 -20.05 7.45 3.06
C GLY P 39 -20.44 6.08 3.58
N ILE P 40 -19.50 5.14 3.67
CA ILE P 40 -19.86 3.75 3.97
C ILE P 40 -20.55 3.61 5.33
N TYR P 41 -20.13 4.41 6.31
CA TYR P 41 -20.62 4.23 7.68
C TYR P 41 -22.11 4.49 7.84
N THR P 42 -22.71 3.71 8.73
CA THR P 42 -24.12 3.74 9.09
C THR P 42 -24.24 4.10 10.56
N GLU P 43 -25.22 4.94 10.90
CA GLU P 43 -25.29 5.53 12.22
C GLU P 43 -26.24 4.77 13.13
N GLY P 44 -26.04 4.94 14.44
CA GLY P 44 -26.95 4.40 15.43
C GLY P 44 -26.73 5.07 16.76
N LEU P 45 -27.76 5.03 17.61
CA LEU P 45 -27.64 5.51 18.98
C LEU P 45 -28.25 4.50 19.94
N MET P 46 -27.43 3.90 20.80
CA MET P 46 -27.92 2.97 21.82
C MET P 46 -28.19 3.67 23.16
N HIS P 47 -29.05 4.68 23.13
CA HIS P 47 -29.29 5.47 24.33
C HIS P 47 -30.25 4.80 25.30
N ASN P 48 -30.98 3.78 24.86
CA ASN P 48 -32.07 3.22 25.67
C ASN P 48 -31.58 2.65 27.00
N GLN P 49 -30.49 1.87 26.98
CA GLN P 49 -30.05 1.16 28.18
C GLN P 49 -28.69 1.70 28.61
N ASP P 50 -28.68 2.41 29.74
CA ASP P 50 -27.43 2.91 30.30
C ASP P 50 -26.57 1.78 30.86
N GLY P 51 -27.22 0.81 31.52
CA GLY P 51 -26.47 -0.25 32.17
C GLY P 51 -25.66 -1.09 31.20
N LEU P 52 -26.25 -1.41 30.05
CA LEU P 52 -25.54 -2.16 29.03
C LEU P 52 -24.32 -1.39 28.55
N ILE P 53 -24.48 -0.08 28.29
CA ILE P 53 -23.37 0.70 27.76
C ILE P 53 -22.25 0.76 28.78
N CYS P 54 -22.59 0.98 30.05
CA CYS P 54 -21.56 1.07 31.06
C CYS P 54 -20.86 -0.27 31.25
N GLY P 55 -21.60 -1.36 31.07
CA GLY P 55 -20.99 -2.67 31.12
C GLY P 55 -20.03 -2.82 29.95
N LEU P 56 -20.43 -2.36 28.77
CA LEU P 56 -19.59 -2.48 27.60
C LEU P 56 -18.29 -1.71 27.79
N ARG P 57 -18.38 -0.51 28.34
CA ARG P 57 -17.16 0.28 28.55
C ARG P 57 -16.24 -0.39 29.55
N GLN P 58 -16.81 -0.93 30.63
CA GLN P 58 -15.99 -1.65 31.59
C GLN P 58 -15.35 -2.87 30.94
N LEU P 59 -16.13 -3.59 30.12
CA LEU P 59 -15.62 -4.77 29.44
C LEU P 59 -14.44 -4.40 28.57
N ALA P 60 -14.57 -3.32 27.80
CA ALA P 60 -13.49 -2.91 26.90
C ALA P 60 -12.24 -2.58 27.69
N ASN P 61 -12.42 -1.86 28.80
CA ASN P 61 -11.27 -1.48 29.62
C ASN P 61 -10.59 -2.73 30.18
N GLU P 62 -11.37 -3.72 30.60
CA GLU P 62 -10.76 -4.94 31.12
C GLU P 62 -10.09 -5.75 30.03
N THR P 63 -10.71 -5.85 28.85
CA THR P 63 -10.16 -6.66 27.78
C THR P 63 -8.86 -6.10 27.23
N THR P 64 -8.67 -4.78 27.30
CA THR P 64 -7.48 -4.20 26.67
C THR P 64 -6.20 -4.84 27.17
N GLN P 65 -6.19 -5.32 28.43
CA GLN P 65 -5.02 -6.00 28.97
C GLN P 65 -4.65 -7.22 28.11
N ALA P 66 -5.64 -8.07 27.87
CA ALA P 66 -5.41 -9.27 27.09
C ALA P 66 -5.12 -8.92 25.66
N LEU P 67 -5.84 -7.94 25.12
CA LEU P 67 -5.65 -7.58 23.72
C LEU P 67 -4.23 -7.11 23.47
N GLN P 68 -3.69 -6.29 24.37
CA GLN P 68 -2.32 -5.84 24.22
C GLN P 68 -1.34 -6.99 24.35
N LEU P 69 -1.55 -7.88 25.32
CA LEU P 69 -0.61 -8.99 25.46
C LEU P 69 -0.65 -9.90 24.24
N PHE P 70 -1.85 -10.18 23.73
CA PHE P 70 -1.99 -10.99 22.53
C PHE P 70 -1.32 -10.32 21.35
N LEU P 71 -1.45 -8.99 21.24
CA LEU P 71 -0.76 -8.29 20.16
C LEU P 71 0.74 -8.45 20.30
N ARG P 72 1.23 -8.42 21.53
CA ARG P 72 2.67 -8.59 21.74
C ARG P 72 3.13 -9.95 21.26
N ALA P 73 2.37 -11.00 21.59
CA ALA P 73 2.78 -12.33 21.18
C ALA P 73 2.76 -12.47 19.66
N THR P 74 1.68 -12.02 19.03
CA THR P 74 1.54 -12.19 17.58
C THR P 74 2.56 -11.34 16.84
N THR P 75 2.96 -11.83 15.67
CA THR P 75 3.85 -11.10 14.78
C THR P 75 3.08 -10.37 13.69
N GLU P 76 1.75 -10.39 13.76
CA GLU P 76 0.92 -9.66 12.82
C GLU P 76 1.19 -8.18 12.87
N LEU P 77 1.47 -7.58 11.71
CA LEU P 77 1.43 -6.13 11.63
C LEU P 77 0.00 -5.65 11.79
N ARG P 78 -0.93 -6.30 11.08
CA ARG P 78 -2.35 -5.98 11.15
C ARG P 78 -3.08 -7.28 11.48
N THR P 79 -3.70 -7.33 12.65
CA THR P 79 -4.33 -8.56 13.15
C THR P 79 -5.84 -8.48 12.90
N PHE P 80 -6.33 -9.28 11.97
CA PHE P 80 -7.76 -9.30 11.67
C PHE P 80 -8.43 -10.62 12.05
N SER P 81 -7.76 -11.46 12.83
CA SER P 81 -8.25 -12.81 13.07
C SER P 81 -8.79 -13.02 14.47
N ILE P 82 -8.87 -11.97 15.28
CA ILE P 82 -9.29 -12.17 16.67
C ILE P 82 -10.71 -12.72 16.71
N LEU P 83 -11.61 -12.17 15.90
CA LEU P 83 -12.98 -12.65 15.91
C LEU P 83 -13.06 -14.08 15.41
N ASN P 84 -12.33 -14.40 14.35
CA ASN P 84 -12.34 -15.76 13.84
C ASN P 84 -11.77 -16.72 14.88
N ARG P 85 -10.70 -16.32 15.56
CA ARG P 85 -10.15 -17.19 16.59
C ARG P 85 -11.15 -17.39 17.73
N LYS P 86 -11.89 -16.34 18.10
CA LYS P 86 -12.91 -16.51 19.13
C LYS P 86 -13.98 -17.48 18.68
N ALA P 87 -14.41 -17.39 17.42
CA ALA P 87 -15.42 -18.32 16.92
C ALA P 87 -14.89 -19.75 16.91
N ILE P 88 -13.67 -19.93 16.45
CA ILE P 88 -13.08 -21.26 16.40
C ILE P 88 -12.91 -21.82 17.81
N ASP P 89 -12.46 -20.99 18.75
CA ASP P 89 -12.32 -21.46 20.13
C ASP P 89 -13.67 -21.83 20.72
N PHE P 90 -14.70 -21.03 20.44
CA PHE P 90 -16.03 -21.29 20.96
C PHE P 90 -16.54 -22.64 20.46
N LEU P 91 -16.36 -22.89 19.17
CA LEU P 91 -16.73 -24.19 18.61
C LEU P 91 -15.85 -25.30 19.18
N LEU P 92 -14.55 -25.05 19.32
CA LEU P 92 -13.65 -26.10 19.79
C LEU P 92 -13.94 -26.49 21.22
N GLN P 93 -14.41 -25.55 22.03
CA GLN P 93 -14.69 -25.88 23.42
C GLN P 93 -16.01 -26.62 23.50
N ARG P 94 -17.00 -26.15 22.75
CA ARG P 94 -18.29 -26.83 22.77
C ARG P 94 -18.21 -28.24 22.19
N TRP P 95 -17.49 -28.42 21.10
CA TRP P 95 -17.47 -29.70 20.39
C TRP P 95 -16.06 -30.22 20.14
N GLY P 96 -15.16 -30.10 21.10
CA GLY P 96 -13.79 -30.51 20.82
C GLY P 96 -13.68 -31.99 20.54
N GLY P 97 -14.27 -32.82 21.41
CA GLY P 97 -14.35 -34.23 21.13
C GLY P 97 -15.25 -35.01 22.07
N THR P 98 -15.79 -36.13 21.58
CA THR P 98 -16.54 -37.10 22.38
C THR P 98 -17.55 -36.43 23.33
N CYS P 99 -18.46 -35.65 22.76
CA CYS P 99 -19.51 -35.07 23.59
C CYS P 99 -20.33 -36.15 24.28
N HIS P 100 -20.60 -35.93 25.56
CA HIS P 100 -21.44 -36.81 26.34
C HIS P 100 -22.87 -36.30 26.28
N ILE P 101 -23.81 -37.14 25.86
CA ILE P 101 -25.17 -36.67 25.64
C ILE P 101 -25.74 -36.20 26.96
N LEU P 102 -25.98 -37.14 27.88
CA LEU P 102 -26.58 -36.80 29.17
C LEU P 102 -25.74 -35.75 29.89
N GLY P 103 -24.42 -35.88 29.83
CA GLY P 103 -23.51 -35.02 30.53
C GLY P 103 -23.64 -33.60 30.05
N PRO P 104 -23.54 -32.64 30.98
CA PRO P 104 -23.63 -31.23 30.58
C PRO P 104 -22.34 -30.65 30.02
N ASP P 105 -21.22 -31.38 30.03
CA ASP P 105 -20.01 -30.85 29.40
C ASP P 105 -20.31 -30.44 27.96
N CYS P 106 -21.03 -31.27 27.23
CA CYS P 106 -21.52 -30.97 25.90
C CYS P 106 -23.03 -31.00 26.02
N CYS P 107 -23.69 -29.88 25.76
CA CYS P 107 -25.14 -29.86 26.04
C CYS P 107 -25.93 -30.17 24.78
N ILE P 108 -26.18 -31.45 24.51
CA ILE P 108 -27.09 -31.78 23.43
C ILE P 108 -28.34 -32.28 24.12
N GLU P 109 -29.46 -31.64 23.81
CA GLU P 109 -30.71 -31.88 24.52
C GLU P 109 -31.46 -33.10 24.00
N PRO P 110 -31.51 -34.20 24.76
CA PRO P 110 -32.34 -35.33 24.32
C PRO P 110 -33.81 -34.93 24.42
N HIS P 111 -34.51 -34.97 23.29
CA HIS P 111 -35.92 -34.61 23.17
C HIS P 111 -36.42 -33.57 24.18
N GLN Q 1 -22.36 37.31 48.23
CA GLN Q 1 -21.87 38.67 48.37
C GLN Q 1 -20.37 38.74 48.15
N VAL Q 2 -19.92 39.87 47.60
CA VAL Q 2 -18.50 40.11 47.30
C VAL Q 2 -17.99 41.14 48.29
N GLN Q 3 -16.99 40.76 49.08
CA GLN Q 3 -16.44 41.62 50.12
C GLN Q 3 -14.96 41.86 49.87
N LEU Q 4 -14.56 43.14 49.91
CA LEU Q 4 -13.17 43.53 49.76
C LEU Q 4 -12.79 44.42 50.94
N VAL Q 5 -11.74 44.03 51.65
CA VAL Q 5 -11.25 44.79 52.80
C VAL Q 5 -9.78 45.14 52.57
N GLU Q 6 -9.45 46.41 52.75
CA GLU Q 6 -8.09 46.91 52.54
C GLU Q 6 -7.55 47.38 53.88
N SER Q 7 -6.39 46.84 54.27
CA SER Q 7 -5.81 47.12 55.57
C SER Q 7 -4.40 47.65 55.43
N GLY Q 8 -3.96 48.39 56.46
CA GLY Q 8 -2.66 49.01 56.44
C GLY Q 8 -2.55 50.25 55.58
N GLY Q 9 -3.65 50.93 55.30
CA GLY Q 9 -3.67 52.11 54.47
C GLY Q 9 -3.99 53.36 55.27
N GLY Q 10 -3.24 54.43 54.99
CA GLY Q 10 -3.39 55.65 55.76
C GLY Q 10 -2.31 56.65 55.38
N VAL Q 11 -2.18 57.67 56.24
CA VAL Q 11 -1.22 58.74 56.00
C VAL Q 11 0.19 58.18 56.10
N VAL Q 12 1.08 58.64 55.21
CA VAL Q 12 2.45 58.17 55.16
C VAL Q 12 3.35 59.32 54.74
N GLN Q 13 4.62 59.25 55.16
CA GLN Q 13 5.62 60.23 54.76
C GLN Q 13 5.84 60.16 53.25
N PRO Q 14 6.10 61.29 52.59
CA PRO Q 14 6.31 61.24 51.14
C PRO Q 14 7.54 60.44 50.71
N GLY Q 15 8.62 60.48 51.49
CA GLY Q 15 9.86 59.86 51.05
C GLY Q 15 9.77 58.35 50.87
N ARG Q 16 9.14 57.68 51.83
CA ARG Q 16 8.99 56.23 51.82
C ARG Q 16 7.49 55.92 51.84
N SER Q 17 7.12 54.77 51.29
CA SER Q 17 5.72 54.47 51.09
C SER Q 17 5.34 53.10 51.64
N LEU Q 18 4.05 52.96 51.93
CA LEU Q 18 3.44 51.78 52.54
C LEU Q 18 3.15 50.71 51.48
N ARG Q 19 2.86 49.51 51.96
CA ARG Q 19 2.37 48.43 51.09
C ARG Q 19 0.91 48.17 51.43
N LEU Q 20 0.00 48.56 50.53
CA LEU Q 20 -1.43 48.42 50.73
C LEU Q 20 -1.93 47.10 50.16
N SER Q 21 -2.68 46.35 50.98
CA SER Q 21 -3.22 45.04 50.62
C SER Q 21 -4.73 45.11 50.45
N CYS Q 22 -5.21 44.76 49.26
CA CYS Q 22 -6.65 44.61 49.01
C CYS Q 22 -7.03 43.16 49.28
N ALA Q 23 -7.30 42.84 50.54
CA ALA Q 23 -7.80 41.53 50.89
C ALA Q 23 -9.23 41.37 50.39
N ALA Q 24 -9.53 40.20 49.83
CA ALA Q 24 -10.84 39.95 49.25
C ALA Q 24 -11.31 38.55 49.63
N SER Q 25 -12.63 38.38 49.63
CA SER Q 25 -13.24 37.10 49.97
C SER Q 25 -14.63 37.05 49.33
N GLY Q 26 -15.20 35.85 49.32
CA GLY Q 26 -16.54 35.66 48.83
C GLY Q 26 -16.65 35.40 47.34
N PHE Q 27 -15.54 35.42 46.61
CA PHE Q 27 -15.55 35.13 45.19
C PHE Q 27 -14.28 34.36 44.83
N THR Q 28 -14.31 33.74 43.65
CA THR Q 28 -13.20 32.91 43.20
C THR Q 28 -12.06 33.81 42.75
N PHE Q 29 -11.03 33.93 43.60
CA PHE Q 29 -9.94 34.84 43.32
C PHE Q 29 -9.09 34.37 42.14
N ASN Q 30 -9.02 33.05 41.92
CA ASN Q 30 -8.08 32.50 40.96
C ASN Q 30 -8.33 33.03 39.55
N ASN Q 31 -9.58 33.12 39.14
CA ASN Q 31 -9.94 33.39 37.75
C ASN Q 31 -10.30 34.85 37.48
N TYR Q 32 -10.16 35.75 38.44
CA TYR Q 32 -10.57 37.14 38.26
C TYR Q 32 -9.37 38.07 38.29
N GLY Q 33 -9.23 38.88 37.25
CA GLY Q 33 -8.22 39.90 37.24
C GLY Q 33 -8.55 41.04 38.18
N MET Q 34 -7.51 41.72 38.65
CA MET Q 34 -7.67 42.77 39.65
C MET Q 34 -7.12 44.09 39.12
N HIS Q 35 -7.78 45.18 39.49
CA HIS Q 35 -7.39 46.53 39.11
C HIS Q 35 -7.17 47.38 40.35
N TRP Q 36 -6.35 48.42 40.19
CA TRP Q 36 -6.15 49.44 41.23
C TRP Q 36 -6.57 50.80 40.70
N VAL Q 37 -7.49 51.42 41.41
CA VAL Q 37 -8.01 52.74 41.05
C VAL Q 37 -7.71 53.68 42.21
N ARG Q 38 -6.93 54.73 41.92
CA ARG Q 38 -6.64 55.79 42.87
C ARG Q 38 -7.46 57.02 42.49
N GLN Q 39 -8.24 57.52 43.45
CA GLN Q 39 -9.11 58.67 43.22
C GLN Q 39 -8.76 59.80 44.16
N ALA Q 40 -8.44 60.89 43.63
CA ALA Q 40 -8.23 62.10 44.36
C ALA Q 40 -9.44 63.02 44.20
N PRO Q 41 -9.76 63.86 45.17
CA PRO Q 41 -10.98 64.67 45.04
C PRO Q 41 -10.96 65.58 43.83
N GLY Q 42 -9.87 66.31 43.62
CA GLY Q 42 -9.76 67.13 42.41
C GLY Q 42 -9.55 66.34 41.13
N MET Q 43 -8.58 65.41 41.15
CA MET Q 43 -8.26 64.70 39.91
C MET Q 43 -9.36 63.73 39.49
N GLY Q 44 -9.96 63.01 40.41
CA GLY Q 44 -10.96 62.06 40.00
C GLY Q 44 -10.39 60.67 39.80
N LEU Q 45 -11.20 59.82 39.16
CA LEU Q 45 -10.85 58.42 38.95
C LEU Q 45 -9.68 58.31 37.96
N GLU Q 46 -8.64 57.57 38.35
CA GLU Q 46 -7.54 57.26 37.46
C GLU Q 46 -7.10 55.82 37.70
N TRP Q 47 -6.90 55.08 36.61
CA TRP Q 47 -6.40 53.72 36.71
C TRP Q 47 -4.95 53.73 37.17
N VAL Q 48 -4.57 52.73 37.97
CA VAL Q 48 -3.20 52.67 38.48
C VAL Q 48 -2.52 51.37 38.08
N ALA Q 49 -3.12 50.24 38.46
CA ALA Q 49 -2.47 48.95 38.28
C ALA Q 49 -3.49 47.90 37.88
N VAL Q 50 -3.01 46.88 37.18
CA VAL Q 50 -3.81 45.71 36.85
C VAL Q 50 -2.90 44.49 36.87
N ILE Q 51 -3.47 43.34 37.21
CA ILE Q 51 -2.72 42.09 37.21
C ILE Q 51 -3.60 41.01 36.61
N TRP Q 52 -2.94 39.99 36.04
CA TRP Q 52 -3.65 38.90 35.39
C TRP Q 52 -4.31 38.02 36.45
N HIS Q 53 -5.19 37.13 36.00
CA HIS Q 53 -5.94 36.30 36.94
C HIS Q 53 -5.00 35.43 37.76
N ASP Q 54 -3.95 34.90 37.12
CA ASP Q 54 -2.95 34.12 37.83
C ASP Q 54 -1.77 34.95 38.29
N GLY Q 55 -1.75 36.25 37.97
CA GLY Q 55 -0.70 37.14 38.40
C GLY Q 55 0.50 37.24 37.49
N SER Q 56 0.51 36.55 36.35
CA SER Q 56 1.68 36.55 35.48
C SER Q 56 1.93 37.93 34.88
N ASP Q 57 0.88 38.63 34.46
CA ASP Q 57 1.02 39.87 33.70
C ASP Q 57 0.56 41.04 34.54
N LYS Q 58 1.38 42.09 34.58
CA LYS Q 58 1.06 43.33 35.29
C LYS Q 58 1.21 44.51 34.35
N TYR Q 59 0.21 45.38 34.33
CA TYR Q 59 0.30 46.65 33.62
C TYR Q 59 -0.01 47.77 34.60
N TYR Q 60 0.81 48.82 34.58
CA TYR Q 60 0.64 49.97 35.46
C TYR Q 60 0.31 51.21 34.65
N ALA Q 61 -0.19 52.23 35.34
CA ALA Q 61 -0.50 53.49 34.69
C ALA Q 61 0.77 54.17 34.22
N ASP Q 62 0.64 55.01 33.19
CA ASP Q 62 1.80 55.64 32.58
C ASP Q 62 2.63 56.41 33.60
N SER Q 63 1.97 57.04 34.56
CA SER Q 63 2.69 57.78 35.60
C SER Q 63 3.52 56.85 36.47
N VAL Q 64 2.97 55.67 36.79
CA VAL Q 64 3.47 54.87 37.90
C VAL Q 64 4.18 53.61 37.44
N LYS Q 65 4.89 53.70 36.31
CA LYS Q 65 5.65 52.55 35.81
C LYS Q 65 6.64 52.05 36.85
N GLY Q 66 7.42 52.95 37.43
CA GLY Q 66 8.53 52.53 38.28
C GLY Q 66 8.22 52.25 39.74
N ARG Q 67 7.53 53.19 40.38
CA ARG Q 67 7.32 53.10 41.83
C ARG Q 67 6.18 52.18 42.27
N PHE Q 68 5.10 52.03 41.50
CA PHE Q 68 4.00 51.18 41.96
C PHE Q 68 4.08 49.82 41.30
N THR Q 69 3.98 48.77 42.10
CA THR Q 69 4.09 47.39 41.65
C THR Q 69 2.98 46.55 42.28
N ILE Q 70 2.38 45.66 41.49
CA ILE Q 70 1.31 44.79 41.96
C ILE Q 70 1.80 43.36 41.99
N SER Q 71 1.80 42.77 43.19
CA SER Q 71 2.06 41.35 43.37
C SER Q 71 0.81 40.66 43.90
N ARG Q 72 0.55 39.45 43.43
CA ARG Q 72 -0.61 38.70 43.87
C ARG Q 72 -0.18 37.37 44.44
N ASP Q 73 -0.68 37.04 45.62
CA ASP Q 73 -0.50 35.72 46.22
C ASP Q 73 -1.89 35.10 46.22
N ASN Q 74 -2.17 34.30 45.20
CA ASN Q 74 -3.50 33.74 45.01
C ASN Q 74 -3.91 32.82 46.14
N SER Q 75 -2.97 32.02 46.65
CA SER Q 75 -3.33 31.02 47.66
C SER Q 75 -3.88 31.64 48.95
N LYS Q 76 -3.28 32.73 49.42
CA LYS Q 76 -3.78 33.33 50.65
C LYS Q 76 -5.10 34.07 50.40
N ASN Q 77 -5.49 34.23 49.12
CA ASN Q 77 -6.69 34.95 48.69
C ASN Q 77 -6.68 36.45 49.01
N THR Q 78 -5.51 37.07 48.87
CA THR Q 78 -5.36 38.50 49.14
C THR Q 78 -4.56 39.12 47.99
N LEU Q 79 -4.69 40.43 47.85
CA LEU Q 79 -3.93 41.19 46.88
C LEU Q 79 -2.97 42.13 47.61
N TYR Q 80 -1.71 42.13 47.18
CA TYR Q 80 -0.68 43.04 47.66
C TYR Q 80 -0.33 44.09 46.62
N LEU Q 81 -0.56 45.36 46.94
CA LEU Q 81 -0.13 46.45 46.06
C LEU Q 81 1.02 47.18 46.72
N GLN Q 82 2.15 47.24 46.04
CA GLN Q 82 3.35 47.84 46.60
C GLN Q 82 3.59 49.20 45.96
N MET Q 83 3.69 50.24 46.78
CA MET Q 83 4.01 51.59 46.35
C MET Q 83 5.43 51.88 46.83
N ASN Q 84 6.38 51.95 45.88
CA ASN Q 84 7.75 52.26 46.26
C ASN Q 84 7.93 53.75 46.58
N SER Q 85 7.36 54.64 45.78
CA SER Q 85 7.61 56.06 45.98
C SER Q 85 6.31 56.83 45.88
N LEU Q 86 6.26 57.96 46.59
CA LEU Q 86 5.09 58.82 46.67
C LEU Q 86 5.40 60.20 46.11
N ARG Q 87 4.59 60.64 45.15
CA ARG Q 87 4.72 61.98 44.59
C ARG Q 87 3.71 62.92 45.22
N ALA Q 88 3.77 64.19 44.81
CA ALA Q 88 2.80 65.17 45.29
C ALA Q 88 1.38 64.82 44.88
N GLU Q 89 1.22 64.33 43.64
CA GLU Q 89 -0.11 63.95 43.15
C GLU Q 89 -0.60 62.64 43.75
N ASP Q 90 0.24 61.91 44.46
CA ASP Q 90 -0.10 60.57 44.93
C ASP Q 90 -1.30 60.57 45.87
N THR Q 91 -1.45 61.63 46.68
CA THR Q 91 -2.47 61.67 47.73
C THR Q 91 -3.87 61.40 47.17
N ALA Q 92 -4.49 60.30 47.62
CA ALA Q 92 -5.83 59.92 47.18
C ALA Q 92 -6.37 58.68 47.89
N VAL Q 93 -7.61 58.28 47.56
CA VAL Q 93 -8.22 57.05 48.08
C VAL Q 93 -8.12 55.93 47.06
N TYR Q 94 -7.70 54.75 47.53
CA TYR Q 94 -7.41 53.60 46.68
C TYR Q 94 -8.63 52.69 46.52
N TYR Q 95 -8.91 52.29 45.29
CA TYR Q 95 -9.95 51.30 45.00
C TYR Q 95 -9.33 50.13 44.25
N CYS Q 96 -9.75 48.92 44.62
CA CYS Q 96 -9.32 47.70 43.95
C CYS Q 96 -10.51 47.03 43.30
N ALA Q 97 -10.40 46.76 42.00
CA ALA Q 97 -11.49 46.20 41.21
C ALA Q 97 -11.33 44.70 41.01
N ARG Q 98 -12.46 44.02 40.83
CA ARG Q 98 -12.54 42.57 40.76
C ARG Q 98 -12.47 42.01 39.34
N ASN Q 99 -12.32 42.85 38.33
CA ASN Q 99 -12.30 42.35 36.96
C ASN Q 99 -11.27 43.08 36.11
N TRP Q 100 -10.70 42.35 35.15
CA TRP Q 100 -9.77 42.95 34.20
C TRP Q 100 -10.46 43.98 33.32
N ASN Q 101 -11.68 43.68 32.87
CA ASN Q 101 -12.45 44.58 32.04
C ASN Q 101 -13.67 45.16 32.75
N LEU Q 102 -14.44 44.32 33.43
CA LEU Q 102 -15.74 44.75 33.93
C LEU Q 102 -15.62 45.77 35.05
N PHE Q 103 -14.65 45.60 35.96
CA PHE Q 103 -14.63 46.35 37.22
C PHE Q 103 -15.93 46.11 37.99
N ASP Q 104 -16.40 44.85 37.96
CA ASP Q 104 -17.75 44.55 38.44
C ASP Q 104 -17.93 44.89 39.91
N TYR Q 105 -16.96 44.55 40.76
CA TYR Q 105 -17.05 44.83 42.18
C TYR Q 105 -15.83 45.64 42.62
N TRP Q 106 -16.09 46.70 43.36
CA TRP Q 106 -15.06 47.62 43.82
C TRP Q 106 -14.92 47.55 45.33
N GLY Q 107 -13.68 47.53 45.80
CA GLY Q 107 -13.42 47.61 47.22
C GLY Q 107 -13.56 49.03 47.73
N GLN Q 108 -13.72 49.14 49.05
CA GLN Q 108 -13.86 50.45 49.68
C GLN Q 108 -12.58 51.26 49.51
N GLY Q 109 -12.75 52.57 49.29
CA GLY Q 109 -11.60 53.43 49.07
C GLY Q 109 -10.74 53.55 50.32
N THR Q 110 -9.43 53.44 50.13
CA THR Q 110 -8.46 53.59 51.21
C THR Q 110 -7.55 54.77 50.89
N LEU Q 111 -7.51 55.74 51.79
CA LEU Q 111 -6.84 57.00 51.56
C LEU Q 111 -5.32 56.85 51.68
N VAL Q 112 -4.60 57.66 50.91
CA VAL Q 112 -3.15 57.76 51.01
C VAL Q 112 -2.78 59.24 50.90
N THR Q 113 -1.62 59.58 51.45
CA THR Q 113 -1.11 60.95 51.33
C THR Q 113 0.35 60.96 50.90
N ILE R 2 -9.34 54.80 22.35
CA ILE R 2 -8.34 54.65 23.39
C ILE R 2 -8.48 55.79 24.40
N GLN R 3 -9.12 56.88 23.98
CA GLN R 3 -9.40 58.03 24.84
C GLN R 3 -10.90 58.32 24.82
N MET R 4 -11.51 58.38 26.00
CA MET R 4 -12.94 58.58 26.12
C MET R 4 -13.23 59.94 26.73
N THR R 5 -14.13 60.69 26.10
CA THR R 5 -14.53 62.03 26.52
C THR R 5 -16.03 62.01 26.80
N GLN R 6 -16.43 62.54 27.96
CA GLN R 6 -17.83 62.59 28.36
C GLN R 6 -18.40 63.97 28.08
N SER R 7 -19.38 64.02 27.19
CA SER R 7 -19.96 65.29 26.75
C SER R 7 -20.69 66.10 27.83
N PRO R 8 -21.49 65.52 28.74
CA PRO R 8 -22.29 66.36 29.63
C PRO R 8 -21.41 67.29 30.48
N SER R 9 -21.78 68.57 30.49
CA SER R 9 -21.05 69.56 31.27
C SER R 9 -21.24 69.35 32.77
N SER R 10 -22.47 69.11 33.20
CA SER R 10 -22.77 68.98 34.61
C SER R 10 -22.08 67.75 35.22
N THR R 22 -23.51 59.14 26.35
CA THR R 22 -22.92 60.40 25.93
C THR R 22 -21.39 60.33 25.96
N CYS R 23 -20.85 59.18 25.58
CA CYS R 23 -19.41 58.98 25.51
C CYS R 23 -19.03 58.67 24.08
N ARG R 24 -17.98 59.33 23.58
CA ARG R 24 -17.56 59.25 22.19
C ARG R 24 -16.20 58.57 22.11
N ALA R 25 -16.01 57.77 21.06
CA ALA R 25 -14.79 57.00 20.88
C ALA R 25 -14.06 57.48 19.63
N SER R 26 -12.75 57.72 19.77
CA SER R 26 -11.94 58.11 18.63
C SER R 26 -11.89 57.01 17.57
N GLN R 27 -11.77 55.76 18.01
CA GLN R 27 -11.71 54.61 17.12
C GLN R 27 -12.90 53.72 17.41
N SER R 28 -13.26 52.90 16.42
CA SER R 28 -14.46 52.08 16.55
C SER R 28 -14.32 51.09 17.70
N ILE R 29 -15.37 51.02 18.53
CA ILE R 29 -15.45 50.08 19.63
C ILE R 29 -16.70 49.24 19.44
N SER R 30 -16.53 47.92 19.45
CA SER R 30 -17.65 47.00 19.20
C SER R 30 -18.35 46.72 20.54
N THR R 31 -19.12 47.72 20.99
CA THR R 31 -19.98 47.64 22.17
C THR R 31 -19.22 47.08 23.38
N TYR R 32 -17.98 47.55 23.56
CA TYR R 32 -17.16 47.13 24.68
C TYR R 32 -17.13 48.15 25.81
N LEU R 33 -17.88 49.24 25.69
CA LEU R 33 -17.83 50.29 26.69
C LEU R 33 -18.51 49.85 27.99
N HIS R 34 -18.03 50.38 29.11
CA HIS R 34 -18.57 50.09 30.43
C HIS R 34 -19.00 51.41 31.08
N TRP R 35 -20.19 51.43 31.67
CA TRP R 35 -20.74 52.65 32.26
C TRP R 35 -20.65 52.57 33.78
N TYR R 36 -20.04 53.58 34.39
CA TYR R 36 -19.75 53.60 35.82
C TYR R 36 -20.45 54.77 36.49
N GLN R 37 -21.25 54.47 37.51
CA GLN R 37 -21.84 55.49 38.39
C GLN R 37 -21.03 55.53 39.68
N GLN R 38 -20.46 56.69 39.98
CA GLN R 38 -19.76 56.91 41.23
C GLN R 38 -20.59 57.84 42.10
N LYS R 39 -21.09 57.32 43.21
CA LYS R 39 -21.72 58.17 44.20
C LYS R 39 -20.65 58.75 45.11
N PRO R 40 -20.59 60.07 45.29
CA PRO R 40 -19.49 60.66 46.08
C PRO R 40 -19.41 60.04 47.47
N GLY R 41 -18.20 59.70 47.88
CA GLY R 41 -17.97 59.01 49.13
C GLY R 41 -18.07 57.52 49.05
N LYS R 42 -18.32 56.95 47.87
CA LYS R 42 -18.39 55.51 47.68
C LYS R 42 -17.74 55.13 46.36
N ALA R 43 -17.27 53.89 46.29
CA ALA R 43 -16.64 53.38 45.09
C ALA R 43 -17.66 53.30 43.95
N PRO R 44 -17.21 53.51 42.71
CA PRO R 44 -18.11 53.36 41.56
C PRO R 44 -18.59 51.93 41.41
N LYS R 45 -19.84 51.78 40.98
CA LYS R 45 -20.43 50.48 40.67
C LYS R 45 -20.75 50.40 39.19
N LEU R 46 -20.33 49.31 38.54
CA LEU R 46 -20.65 49.09 37.14
C LEU R 46 -22.15 48.96 36.92
N LEU R 47 -22.68 49.69 35.95
CA LEU R 47 -24.09 49.65 35.62
C LEU R 47 -24.41 48.73 34.45
N ILE R 48 -23.74 48.92 33.32
CA ILE R 48 -24.04 48.20 32.10
C ILE R 48 -22.81 47.42 31.67
N TYR R 49 -23.01 46.12 31.39
CA TYR R 49 -21.92 45.23 31.01
C TYR R 49 -21.23 45.67 29.72
N ALA R 50 -21.97 45.62 28.61
CA ALA R 50 -21.43 45.85 27.28
C ALA R 50 -21.78 47.23 26.74
N ALA R 51 -22.19 48.15 27.62
CA ALA R 51 -22.66 49.50 27.33
C ALA R 51 -24.09 49.46 26.82
N SER R 52 -24.66 48.27 26.65
CA SER R 52 -26.07 48.11 26.28
C SER R 52 -26.83 47.27 27.29
N THR R 53 -26.29 46.13 27.70
CA THR R 53 -26.98 45.20 28.59
C THR R 53 -26.69 45.56 30.05
N LEU R 54 -27.74 45.85 30.80
CA LEU R 54 -27.62 46.29 32.18
C LEU R 54 -27.11 45.16 33.08
N GLN R 55 -26.37 45.54 34.12
CA GLN R 55 -25.97 44.56 35.13
C GLN R 55 -27.19 44.02 35.86
N SER R 56 -27.16 42.72 36.16
CA SER R 56 -28.28 42.10 36.87
C SER R 56 -28.48 42.72 38.25
N GLY R 57 -27.38 43.00 38.96
CA GLY R 57 -27.49 43.59 40.28
C GLY R 57 -28.13 44.97 40.26
N VAL R 58 -27.79 45.77 39.26
CA VAL R 58 -28.33 47.14 39.16
C VAL R 58 -29.84 47.05 38.92
N PRO R 59 -30.64 47.91 39.56
CA PRO R 59 -32.09 47.87 39.32
C PRO R 59 -32.43 48.14 37.86
N SER R 60 -33.46 47.45 37.38
CA SER R 60 -33.88 47.54 35.98
C SER R 60 -34.19 48.97 35.56
N ARG R 61 -34.53 49.85 36.51
CA ARG R 61 -34.91 51.22 36.17
C ARG R 61 -33.80 51.93 35.39
N PHE R 62 -32.55 51.76 35.81
CA PHE R 62 -31.44 52.33 35.05
C PHE R 62 -31.36 51.70 33.67
N SER R 63 -31.17 52.54 32.66
CA SER R 63 -31.15 52.04 31.29
C SER R 63 -30.17 52.86 30.47
N GLY R 64 -29.56 52.19 29.49
CA GLY R 64 -28.67 52.82 28.53
C GLY R 64 -28.52 51.95 27.29
N SER R 65 -28.41 52.57 26.12
CA SER R 65 -28.18 51.83 24.88
C SER R 65 -27.26 52.63 23.99
N GLY R 66 -26.15 52.03 23.58
CA GLY R 66 -25.22 52.66 22.67
C GLY R 66 -24.53 51.63 21.81
N SER R 67 -24.20 52.03 20.58
CA SER R 67 -23.45 51.19 19.66
C SER R 67 -22.56 52.08 18.81
N GLY R 68 -21.52 51.48 18.24
CA GLY R 68 -20.58 52.27 17.48
C GLY R 68 -19.67 53.06 18.38
N THR R 69 -19.06 54.10 17.82
CA THR R 69 -18.12 54.92 18.58
C THR R 69 -18.79 55.61 19.75
N ASP R 70 -20.01 56.13 19.56
CA ASP R 70 -20.68 56.94 20.57
C ASP R 70 -21.73 56.11 21.29
N PHE R 71 -21.73 56.19 22.62
CA PHE R 71 -22.66 55.45 23.45
C PHE R 71 -23.50 56.43 24.27
N THR R 72 -24.75 56.07 24.51
CA THR R 72 -25.68 56.97 25.18
C THR R 72 -26.47 56.24 26.27
N LEU R 73 -26.46 56.80 27.47
CA LEU R 73 -27.22 56.28 28.60
C LEU R 73 -28.22 57.37 29.00
N THR R 74 -29.51 57.09 28.86
CA THR R 74 -30.54 58.03 29.28
C THR R 74 -31.47 57.32 30.27
N ILE R 75 -31.61 57.90 31.46
CA ILE R 75 -32.48 57.36 32.49
C ILE R 75 -33.84 58.03 32.35
N SER R 76 -34.89 57.20 32.27
CA SER R 76 -36.28 57.65 32.04
C SER R 76 -36.64 58.88 32.87
N SER R 77 -36.23 58.89 34.15
CA SER R 77 -36.55 59.97 35.06
C SER R 77 -35.33 60.24 35.92
N LEU R 78 -35.46 61.19 36.85
CA LEU R 78 -34.35 61.60 37.69
C LEU R 78 -34.71 61.38 39.15
N GLN R 79 -33.84 60.68 39.86
CA GLN R 79 -33.93 60.46 41.30
C GLN R 79 -32.59 60.84 41.93
N PRO R 80 -32.52 60.87 43.27
CA PRO R 80 -31.25 61.28 43.90
C PRO R 80 -30.08 60.39 43.57
N GLU R 81 -30.30 59.10 43.33
CA GLU R 81 -29.20 58.22 42.94
C GLU R 81 -28.57 58.69 41.63
N ASP R 82 -29.40 59.18 40.70
CA ASP R 82 -28.89 59.64 39.41
C ASP R 82 -27.91 60.81 39.56
N PHE R 83 -28.11 61.66 40.56
CA PHE R 83 -27.31 62.88 40.70
C PHE R 83 -25.94 62.50 41.27
N ALA R 84 -25.11 61.93 40.40
CA ALA R 84 -23.74 61.58 40.74
C ALA R 84 -22.95 61.49 39.44
N THR R 85 -21.62 61.54 39.56
CA THR R 85 -20.76 61.48 38.39
C THR R 85 -20.88 60.11 37.72
N TYR R 86 -20.87 60.11 36.39
CA TYR R 86 -21.00 58.90 35.60
C TYR R 86 -19.78 58.75 34.71
N TYR R 87 -19.29 57.52 34.56
CA TYR R 87 -18.04 57.24 33.87
C TYR R 87 -18.27 56.21 32.77
N CYS R 88 -17.48 56.32 31.69
CA CYS R 88 -17.50 55.38 30.59
C CYS R 88 -16.10 54.82 30.38
N GLN R 89 -15.99 53.50 30.29
CA GLN R 89 -14.71 52.84 30.05
C GLN R 89 -14.84 51.87 28.89
N GLN R 90 -13.97 52.00 27.89
CA GLN R 90 -13.92 51.04 26.80
C GLN R 90 -13.07 49.85 27.22
N SER R 91 -13.54 48.64 26.89
CA SER R 91 -12.78 47.43 27.10
C SER R 91 -11.99 47.00 25.88
N PHE R 92 -12.12 47.72 24.77
CA PHE R 92 -11.49 47.30 23.52
C PHE R 92 -9.98 47.29 23.62
N SER R 93 -9.38 48.30 24.27
CA SER R 93 -7.94 48.41 24.44
C SER R 93 -7.60 48.36 25.93
N THR R 94 -7.33 47.16 26.43
CA THR R 94 -7.08 46.95 27.86
C THR R 94 -5.83 47.60 28.45
N PRO R 95 -4.66 47.58 27.80
CA PRO R 95 -3.44 48.10 28.47
C PRO R 95 -3.48 49.59 28.83
N PRO R 96 -3.93 50.54 27.96
CA PRO R 96 -4.06 51.91 28.47
C PRO R 96 -5.49 52.18 28.91
N ILE R 97 -5.74 52.26 30.21
CA ILE R 97 -7.08 52.56 30.73
C ILE R 97 -7.13 54.02 31.14
N ASN R 98 -7.97 54.79 30.47
CA ASN R 98 -8.15 56.22 30.72
C ASN R 98 -9.58 56.45 31.18
N PHE R 99 -9.74 57.08 32.33
CA PHE R 99 -11.07 57.28 32.92
C PHE R 99 -11.59 58.66 32.56
N GLY R 100 -12.65 58.69 31.75
CA GLY R 100 -13.28 59.96 31.41
C GLY R 100 -13.85 60.63 32.64
N GLN R 101 -13.76 61.95 32.68
CA GLN R 101 -14.23 62.70 33.84
C GLN R 101 -15.73 62.48 34.05
N GLY R 102 -16.10 62.20 35.30
CA GLY R 102 -17.49 61.88 35.59
C GLY R 102 -18.41 63.07 35.37
N THR R 103 -19.62 62.78 34.88
CA THR R 103 -20.60 63.80 34.54
C THR R 103 -21.83 63.63 35.42
N LYS R 104 -21.92 64.43 36.47
CA LYS R 104 -23.04 64.35 37.40
C LYS R 104 -24.28 64.95 36.74
N LEU R 105 -25.43 64.29 36.93
CA LEU R 105 -26.69 64.81 36.41
C LEU R 105 -27.20 65.97 37.26
N GLU R 106 -27.58 67.06 36.60
CA GLU R 106 -28.06 68.23 37.32
C GLU R 106 -29.37 67.94 38.03
N ILE R 107 -29.49 68.46 39.25
CA ILE R 107 -30.71 68.35 40.02
C ILE R 107 -31.67 69.48 39.66
N GLU S 1 4.38 16.16 -45.00
CA GLU S 1 2.97 15.87 -44.75
C GLU S 1 2.47 16.69 -43.57
N VAL S 2 2.87 16.29 -42.36
CA VAL S 2 2.42 16.97 -41.15
C VAL S 2 3.02 18.37 -41.11
N GLN S 3 2.15 19.37 -40.94
CA GLN S 3 2.59 20.76 -40.90
C GLN S 3 2.02 21.42 -39.65
N LEU S 4 2.90 21.93 -38.81
CA LEU S 4 2.50 22.70 -37.63
C LEU S 4 3.03 24.12 -37.78
N VAL S 5 2.14 25.10 -37.69
CA VAL S 5 2.48 26.50 -37.85
C VAL S 5 2.15 27.24 -36.57
N GLU S 6 3.12 28.03 -36.09
CA GLU S 6 2.96 28.85 -34.90
C GLU S 6 2.62 30.28 -35.28
N SER S 7 1.80 30.92 -34.46
CA SER S 7 1.40 32.31 -34.70
C SER S 7 1.20 33.00 -33.36
N GLY S 8 1.17 34.32 -33.40
CA GLY S 8 0.88 35.10 -32.21
C GLY S 8 2.08 35.55 -31.41
N GLY S 9 3.30 35.23 -31.83
CA GLY S 9 4.46 35.71 -31.12
C GLY S 9 4.64 37.21 -31.25
N GLY S 10 5.32 37.80 -30.28
CA GLY S 10 5.53 39.23 -30.30
C GLY S 10 6.15 39.71 -29.01
N LEU S 11 6.14 41.03 -28.85
CA LEU S 11 6.65 41.68 -27.65
C LEU S 11 5.52 41.90 -26.67
N VAL S 12 5.70 41.45 -25.44
CA VAL S 12 4.71 41.59 -24.39
C VAL S 12 5.35 42.27 -23.19
N GLN S 13 4.64 43.22 -22.60
CA GLN S 13 5.14 43.90 -21.42
C GLN S 13 5.19 42.91 -20.26
N PRO S 14 6.20 42.98 -19.39
CA PRO S 14 6.25 42.05 -18.27
C PRO S 14 4.99 42.14 -17.43
N GLY S 15 4.46 40.98 -17.07
CA GLY S 15 3.20 40.94 -16.36
C GLY S 15 1.99 40.95 -17.25
N GLY S 16 2.17 41.06 -18.57
CA GLY S 16 1.09 41.08 -19.51
C GLY S 16 0.72 39.68 -19.97
N SER S 17 -0.17 39.64 -20.96
CA SER S 17 -0.67 38.37 -21.47
C SER S 17 -0.49 38.30 -22.98
N LEU S 18 -0.26 37.08 -23.46
CA LEU S 18 -0.14 36.81 -24.88
C LEU S 18 -0.82 35.49 -25.18
N ARG S 19 -1.38 35.37 -26.38
CA ARG S 19 -2.05 34.15 -26.82
C ARG S 19 -1.32 33.62 -28.05
N LEU S 20 -0.83 32.39 -27.97
CA LEU S 20 -0.15 31.74 -29.08
C LEU S 20 -1.09 30.73 -29.72
N SER S 21 -1.08 30.68 -31.05
CA SER S 21 -1.95 29.79 -31.81
C SER S 21 -1.09 28.87 -32.68
N CYS S 22 -1.37 27.58 -32.63
CA CYS S 22 -0.71 26.59 -33.47
C CYS S 22 -1.74 25.95 -34.38
N ALA S 23 -1.62 26.21 -35.69
CA ALA S 23 -2.43 25.52 -36.68
C ALA S 23 -1.79 24.20 -37.07
N ALA S 24 -2.62 23.23 -37.40
CA ALA S 24 -2.14 21.90 -37.75
C ALA S 24 -2.80 21.41 -39.03
N SER S 25 -2.04 20.63 -39.80
CA SER S 25 -2.56 20.08 -41.04
C SER S 25 -1.80 18.79 -41.35
N GLY S 26 -2.41 17.95 -42.16
CA GLY S 26 -1.80 16.71 -42.60
C GLY S 26 -1.98 15.54 -41.66
N PHE S 27 -2.68 15.73 -40.55
CA PHE S 27 -2.98 14.63 -39.64
C PHE S 27 -4.29 14.92 -38.92
N THR S 28 -4.86 13.89 -38.32
CA THR S 28 -6.09 14.03 -37.55
C THR S 28 -5.74 14.69 -36.22
N PHE S 29 -6.14 15.95 -36.06
CA PHE S 29 -5.74 16.72 -34.88
C PHE S 29 -6.32 16.14 -33.61
N SER S 30 -7.55 15.65 -33.66
CA SER S 30 -8.22 15.22 -32.43
C SER S 30 -7.47 14.09 -31.75
N SER S 31 -6.97 13.13 -32.52
CA SER S 31 -6.39 11.92 -31.93
C SER S 31 -5.11 12.22 -31.16
N TYR S 32 -4.24 13.05 -31.70
CA TYR S 32 -2.90 13.19 -31.14
C TYR S 32 -2.86 14.17 -29.98
N ASP S 33 -1.96 13.90 -29.04
CA ASP S 33 -1.73 14.78 -27.91
C ASP S 33 -0.74 15.85 -28.31
N MET S 34 -1.10 17.11 -28.09
CA MET S 34 -0.29 18.24 -28.51
C MET S 34 0.40 18.87 -27.32
N HIS S 35 1.63 19.31 -27.54
CA HIS S 35 2.46 19.88 -26.50
C HIS S 35 3.03 21.21 -26.98
N TRP S 36 3.29 22.09 -26.02
CA TRP S 36 4.06 23.29 -26.26
C TRP S 36 5.42 23.12 -25.61
N VAL S 37 6.47 23.45 -26.33
CA VAL S 37 7.83 23.32 -25.82
C VAL S 37 8.53 24.66 -25.93
N ARG S 38 9.20 25.07 -24.87
CA ARG S 38 9.88 26.34 -24.79
C ARG S 38 11.38 26.13 -24.92
N GLN S 39 12.01 26.90 -25.80
CA GLN S 39 13.46 26.88 -25.94
C GLN S 39 13.98 28.29 -25.72
N ALA S 40 14.63 28.51 -24.58
CA ALA S 40 15.29 29.78 -24.37
C ALA S 40 16.52 29.86 -25.28
N THR S 41 16.97 31.09 -25.52
CA THR S 41 18.05 31.29 -26.48
C THR S 41 19.31 30.54 -26.05
N GLY S 42 19.63 30.58 -24.76
CA GLY S 42 20.81 29.93 -24.24
C GLY S 42 20.59 28.77 -23.29
N LYS S 43 19.35 28.32 -23.09
CA LYS S 43 19.08 27.32 -22.06
C LYS S 43 18.54 26.00 -22.59
N GLY S 44 18.34 25.85 -23.89
CA GLY S 44 17.93 24.56 -24.43
C GLY S 44 16.44 24.35 -24.32
N LEU S 45 16.00 23.18 -24.81
CA LEU S 45 14.57 22.90 -24.89
C LEU S 45 14.00 22.67 -23.49
N GLU S 46 12.78 23.17 -23.28
CA GLU S 46 12.07 22.95 -22.03
C GLU S 46 10.60 22.73 -22.31
N TRP S 47 10.02 21.70 -21.71
CA TRP S 47 8.62 21.41 -21.91
C TRP S 47 7.78 22.36 -21.08
N VAL S 48 6.81 23.02 -21.70
CA VAL S 48 6.07 24.07 -21.02
C VAL S 48 4.58 23.76 -20.88
N SER S 49 4.00 22.89 -21.70
CA SER S 49 2.59 22.57 -21.54
C SER S 49 2.25 21.31 -22.30
N ALA S 50 1.12 20.70 -21.93
CA ALA S 50 0.60 19.53 -22.62
C ALA S 50 -0.92 19.59 -22.62
N ILE S 51 -1.51 19.25 -23.75
CA ILE S 51 -2.96 19.14 -23.88
C ILE S 51 -3.28 17.74 -24.38
N GLY S 52 -4.21 17.08 -23.72
CA GLY S 52 -4.60 15.74 -24.11
C GLY S 52 -5.71 15.74 -25.13
N THR S 53 -6.12 14.53 -25.53
CA THR S 53 -7.20 14.42 -26.50
C THR S 53 -8.50 14.97 -25.94
N ALA S 54 -8.76 14.73 -24.66
CA ALA S 54 -10.01 15.11 -24.03
C ALA S 54 -10.03 16.55 -23.53
N GLY S 55 -8.97 17.32 -23.76
CA GLY S 55 -8.88 18.66 -23.25
C GLY S 55 -8.21 18.79 -21.90
N ASP S 56 -7.74 17.69 -21.32
CA ASP S 56 -6.98 17.74 -20.08
C ASP S 56 -5.67 18.49 -20.29
N THR S 57 -5.33 19.36 -19.35
CA THR S 57 -4.18 20.24 -19.45
C THR S 57 -3.17 19.91 -18.38
N TYR S 58 -1.89 19.79 -18.76
CA TYR S 58 -0.81 19.54 -17.82
C TYR S 58 0.28 20.57 -18.00
N TYR S 59 0.76 21.12 -16.88
CA TYR S 59 1.80 22.13 -16.93
C TYR S 59 2.91 21.81 -15.95
N PRO S 60 4.13 22.22 -16.24
CA PRO S 60 5.20 22.16 -15.24
C PRO S 60 4.99 23.24 -14.20
N GLY S 61 5.82 23.21 -13.15
CA GLY S 61 5.64 24.15 -12.06
C GLY S 61 5.74 25.60 -12.49
N SER S 62 6.62 25.90 -13.44
CA SER S 62 6.93 27.28 -13.79
C SER S 62 5.68 28.01 -14.27
N VAL S 63 4.85 27.33 -15.05
CA VAL S 63 3.69 27.96 -15.64
C VAL S 63 2.42 27.29 -15.13
N LYS S 64 2.47 26.80 -13.89
CA LYS S 64 1.38 25.97 -13.39
C LYS S 64 0.05 26.73 -13.40
N GLY S 65 0.08 28.00 -13.00
CA GLY S 65 -1.13 28.79 -12.99
C GLY S 65 -1.12 29.90 -14.02
N ARG S 66 0.09 30.29 -14.45
CA ARG S 66 0.21 31.40 -15.38
C ARG S 66 -0.27 31.04 -16.78
N PHE S 67 -0.09 29.80 -17.20
CA PHE S 67 -0.34 29.38 -18.57
C PHE S 67 -1.57 28.49 -18.62
N THR S 68 -2.46 28.74 -19.57
CA THR S 68 -3.57 27.84 -19.84
C THR S 68 -3.54 27.46 -21.31
N ILE S 69 -3.49 26.17 -21.59
CA ILE S 69 -3.47 25.64 -22.94
C ILE S 69 -4.87 25.17 -23.31
N SER S 70 -5.25 25.42 -24.55
CA SER S 70 -6.54 24.96 -25.04
C SER S 70 -6.41 24.52 -26.49
N ARG S 71 -7.15 23.48 -26.84
CA ARG S 71 -7.21 22.97 -28.20
C ARG S 71 -8.66 23.03 -28.64
N GLU S 72 -8.90 23.53 -29.84
CA GLU S 72 -10.21 23.47 -30.45
C GLU S 72 -10.07 22.58 -31.69
N ASN S 73 -10.63 21.37 -31.61
CA ASN S 73 -10.37 20.35 -32.62
C ASN S 73 -10.94 20.71 -33.98
N ALA S 74 -12.11 21.37 -34.01
CA ALA S 74 -12.82 21.54 -35.28
C ALA S 74 -11.97 22.30 -36.29
N LYS S 75 -11.26 23.34 -35.86
CA LYS S 75 -10.46 24.15 -36.75
C LYS S 75 -8.99 23.75 -36.75
N ASN S 76 -8.65 22.62 -36.13
CA ASN S 76 -7.29 22.07 -36.19
C ASN S 76 -6.29 23.05 -35.60
N SER S 77 -6.65 23.70 -34.50
CA SER S 77 -5.80 24.73 -33.93
C SER S 77 -5.50 24.43 -32.47
N LEU S 78 -4.32 24.86 -32.04
CA LEU S 78 -3.86 24.73 -30.66
C LEU S 78 -3.58 26.12 -30.11
N TYR S 79 -4.06 26.38 -28.90
CA TYR S 79 -3.98 27.70 -28.28
C TYR S 79 -3.24 27.62 -26.95
N LEU S 80 -2.23 28.46 -26.77
CA LEU S 80 -1.56 28.64 -25.50
C LEU S 80 -1.78 30.08 -25.04
N GLN S 81 -2.46 30.24 -23.92
CA GLN S 81 -2.73 31.55 -23.35
C GLN S 81 -1.76 31.80 -22.22
N MET S 82 -0.86 32.75 -22.40
CA MET S 82 0.17 33.06 -21.44
C MET S 82 -0.25 34.29 -20.64
N ASN S 83 -0.29 34.16 -19.32
CA ASN S 83 -0.66 35.27 -18.46
C ASN S 83 0.45 35.56 -17.46
N SER S 84 0.52 36.81 -17.03
CA SER S 84 1.50 37.25 -16.04
C SER S 84 2.92 36.87 -16.47
N LEU S 85 3.23 37.11 -17.74
CA LEU S 85 4.55 36.77 -18.24
C LEU S 85 5.64 37.53 -17.51
N ARG S 86 6.73 36.82 -17.24
CA ARG S 86 7.90 37.36 -16.57
C ARG S 86 9.10 37.29 -17.51
N ALA S 87 10.20 37.87 -17.06
CA ALA S 87 11.39 37.95 -17.91
C ALA S 87 11.87 36.57 -18.33
N GLY S 88 11.74 35.57 -17.45
CA GLY S 88 12.20 34.24 -17.78
C GLY S 88 11.47 33.59 -18.93
N ASP S 89 10.23 34.01 -19.19
CA ASP S 89 9.43 33.35 -20.22
C ASP S 89 9.90 33.65 -21.64
N THR S 90 10.75 34.66 -21.83
CA THR S 90 11.16 35.00 -23.19
C THR S 90 11.92 33.83 -23.82
N ALA S 91 11.42 33.35 -24.95
CA ALA S 91 12.00 32.19 -25.61
C ALA S 91 11.30 31.92 -26.93
N VAL S 92 11.74 30.87 -27.62
CA VAL S 92 11.10 30.40 -28.83
C VAL S 92 10.14 29.28 -28.43
N TYR S 93 8.86 29.48 -28.69
CA TYR S 93 7.83 28.53 -28.29
C TYR S 93 7.45 27.66 -29.48
N TYR S 94 7.60 26.35 -29.31
CA TYR S 94 7.25 25.37 -30.33
C TYR S 94 5.98 24.65 -29.92
N CYS S 95 5.11 24.38 -30.88
CA CYS S 95 3.99 23.47 -30.65
C CYS S 95 4.42 22.14 -31.24
N ALA S 96 4.39 21.10 -30.43
CA ALA S 96 4.89 19.81 -30.83
C ALA S 96 3.79 18.78 -30.71
N ARG S 97 3.87 17.75 -31.54
CA ARG S 97 2.91 16.66 -31.51
C ARG S 97 3.66 15.41 -31.08
N THR S 98 3.23 14.82 -29.98
CA THR S 98 3.81 13.54 -29.59
C THR S 98 3.23 12.45 -30.48
N TRP S 99 4.01 11.40 -30.68
CA TRP S 99 3.49 10.28 -31.44
C TRP S 99 2.33 9.66 -30.68
N PHE S 100 1.45 8.99 -31.42
CA PHE S 100 0.23 8.42 -30.87
C PHE S 100 0.52 7.58 -29.65
N GLY S 101 0.06 8.01 -28.48
CA GLY S 101 0.20 7.21 -27.29
C GLY S 101 1.57 7.18 -26.67
N GLU S 102 2.54 7.91 -27.20
CA GLU S 102 3.86 7.99 -26.59
C GLU S 102 4.27 9.45 -26.46
N LEU S 103 5.28 9.69 -25.64
CA LEU S 103 5.60 11.04 -25.21
C LEU S 103 6.74 11.70 -25.98
N TYR S 104 7.33 11.03 -26.96
CA TYR S 104 8.36 11.69 -27.77
C TYR S 104 7.73 12.53 -28.88
N PHE S 105 8.30 13.70 -29.11
CA PHE S 105 7.72 14.71 -29.99
C PHE S 105 8.19 14.43 -31.41
N ASP S 106 7.35 13.76 -32.20
CA ASP S 106 7.76 13.41 -33.56
C ASP S 106 7.83 14.64 -34.46
N TYR S 107 6.85 15.53 -34.38
CA TYR S 107 6.74 16.66 -35.29
C TYR S 107 6.72 17.96 -34.50
N TRP S 108 7.55 18.91 -34.91
CA TRP S 108 7.69 20.21 -34.27
C TRP S 108 7.28 21.30 -35.24
N GLY S 109 6.55 22.29 -34.74
CA GLY S 109 6.20 23.41 -35.56
C GLY S 109 7.33 24.41 -35.69
N GLN S 110 7.28 25.20 -36.76
CA GLN S 110 8.27 26.26 -36.92
C GLN S 110 8.12 27.27 -35.80
N GLY S 111 9.18 27.49 -35.05
CA GLY S 111 9.05 28.16 -33.78
C GLY S 111 8.61 29.60 -33.88
N THR S 112 7.99 30.08 -32.81
CA THR S 112 7.65 31.49 -32.68
C THR S 112 8.35 32.04 -31.45
N LEU S 113 8.83 33.26 -31.56
CA LEU S 113 9.63 33.89 -30.52
C LEU S 113 8.78 34.93 -29.79
N VAL S 114 8.68 34.80 -28.47
CA VAL S 114 8.04 35.79 -27.61
C VAL S 114 9.08 36.41 -26.68
N THR S 115 9.06 37.73 -26.60
CA THR S 115 10.02 38.48 -25.80
C THR S 115 9.29 39.28 -24.73
N VAL S 116 9.81 39.24 -23.51
CA VAL S 116 9.21 39.93 -22.38
C VAL S 116 10.08 41.11 -21.96
N GLU T 1 55.20 -9.69 -2.82
CA GLU T 1 54.32 -8.61 -2.43
C GLU T 1 53.28 -8.41 -3.53
N VAL T 2 52.25 -7.60 -3.27
CA VAL T 2 51.15 -7.41 -4.21
C VAL T 2 51.55 -6.29 -5.15
N GLN T 3 51.97 -6.66 -6.36
CA GLN T 3 52.27 -5.70 -7.41
C GLN T 3 51.43 -6.02 -8.64
N LEU T 4 50.62 -5.06 -9.06
CA LEU T 4 49.78 -5.18 -10.24
C LEU T 4 50.43 -4.43 -11.38
N VAL T 5 50.71 -5.12 -12.49
CA VAL T 5 51.36 -4.52 -13.65
C VAL T 5 50.43 -4.64 -14.84
N GLU T 6 50.22 -3.53 -15.55
CA GLU T 6 49.32 -3.47 -16.69
C GLU T 6 50.09 -3.27 -17.98
N SER T 7 49.56 -3.82 -19.07
CA SER T 7 50.15 -3.68 -20.39
C SER T 7 49.06 -3.35 -21.40
N GLY T 8 49.47 -3.12 -22.64
CA GLY T 8 48.53 -2.95 -23.73
C GLY T 8 48.02 -1.55 -23.97
N GLY T 9 48.42 -0.57 -23.16
CA GLY T 9 47.98 0.79 -23.40
C GLY T 9 48.61 1.36 -24.66
N GLY T 10 47.80 1.99 -25.50
CA GLY T 10 48.30 2.54 -26.74
C GLY T 10 47.25 3.34 -27.46
N LEU T 11 47.68 3.98 -28.55
CA LEU T 11 46.76 4.70 -29.42
C LEU T 11 45.85 3.72 -30.15
N VAL T 12 44.56 4.05 -30.20
CA VAL T 12 43.58 3.27 -30.94
C VAL T 12 42.65 4.21 -31.69
N GLN T 13 42.33 3.86 -32.92
CA GLN T 13 41.41 4.66 -33.70
C GLN T 13 40.02 4.64 -33.07
N PRO T 14 39.29 5.75 -33.09
CA PRO T 14 37.94 5.77 -32.54
C PRO T 14 37.07 4.69 -33.18
N GLY T 15 36.36 3.96 -32.34
CA GLY T 15 35.57 2.84 -32.81
C GLY T 15 36.33 1.53 -32.91
N GLY T 16 37.63 1.54 -32.65
CA GLY T 16 38.43 0.34 -32.75
C GLY T 16 38.36 -0.47 -31.48
N SER T 17 39.30 -1.41 -31.36
CA SER T 17 39.35 -2.29 -30.21
C SER T 17 40.75 -2.31 -29.63
N LEU T 18 40.82 -2.46 -28.31
CA LEU T 18 42.08 -2.60 -27.61
C LEU T 18 41.89 -3.58 -26.46
N ARG T 19 42.95 -4.32 -26.14
CA ARG T 19 42.91 -5.30 -25.07
C ARG T 19 43.97 -4.97 -24.04
N LEU T 20 43.54 -4.76 -22.80
CA LEU T 20 44.44 -4.44 -21.70
C LEU T 20 44.62 -5.65 -20.80
N SER T 21 45.87 -5.95 -20.46
CA SER T 21 46.20 -7.10 -19.63
C SER T 21 46.84 -6.62 -18.34
N CYS T 22 46.29 -7.05 -17.21
CA CYS T 22 46.84 -6.75 -15.90
C CYS T 22 47.30 -8.06 -15.27
N ALA T 23 48.61 -8.21 -15.08
CA ALA T 23 49.17 -9.38 -14.42
C ALA T 23 49.36 -9.08 -12.94
N ALA T 24 48.88 -9.98 -12.10
CA ALA T 24 48.91 -9.80 -10.64
C ALA T 24 49.78 -10.87 -10.02
N SER T 25 50.65 -10.47 -9.10
CA SER T 25 51.56 -11.39 -8.44
C SER T 25 51.63 -11.06 -6.96
N GLY T 26 51.98 -12.07 -6.18
CA GLY T 26 52.17 -11.90 -4.75
C GLY T 26 50.95 -12.17 -3.90
N PHE T 27 49.79 -12.40 -4.51
CA PHE T 27 48.60 -12.78 -3.75
C PHE T 27 47.84 -13.84 -4.54
N THR T 28 46.93 -14.52 -3.86
CA THR T 28 46.11 -15.54 -4.50
C THR T 28 45.11 -14.83 -5.40
N PHE T 29 45.38 -14.84 -6.71
CA PHE T 29 44.56 -14.07 -7.64
C PHE T 29 43.13 -14.57 -7.66
N SER T 30 42.93 -15.87 -7.53
CA SER T 30 41.59 -16.42 -7.65
C SER T 30 40.67 -15.88 -6.55
N SER T 31 41.19 -15.73 -5.34
CA SER T 31 40.35 -15.37 -4.21
C SER T 31 39.75 -13.98 -4.36
N TYR T 32 40.53 -13.01 -4.80
CA TYR T 32 40.12 -11.62 -4.78
C TYR T 32 39.42 -11.23 -6.08
N ASP T 33 38.29 -10.55 -5.96
CA ASP T 33 37.67 -9.94 -7.10
C ASP T 33 38.42 -8.67 -7.48
N MET T 34 38.54 -8.42 -8.78
CA MET T 34 39.37 -7.35 -9.28
C MET T 34 38.54 -6.37 -10.10
N HIS T 35 39.04 -5.15 -10.18
CA HIS T 35 38.31 -4.06 -10.81
C HIS T 35 39.24 -3.28 -11.71
N TRP T 36 38.64 -2.59 -12.68
CA TRP T 36 39.34 -1.62 -13.49
C TRP T 36 38.77 -0.24 -13.16
N VAL T 37 39.64 0.72 -12.92
CA VAL T 37 39.23 2.09 -12.66
C VAL T 37 39.90 2.99 -13.69
N ARG T 38 39.12 3.90 -14.25
CA ARG T 38 39.58 4.81 -15.29
C ARG T 38 39.72 6.20 -14.71
N GLN T 39 40.88 6.82 -14.93
CA GLN T 39 41.12 8.20 -14.51
C GLN T 39 41.33 9.07 -15.74
N ALA T 40 40.35 9.91 -16.04
CA ALA T 40 40.48 10.84 -17.15
C ALA T 40 41.58 11.85 -16.85
N THR T 41 42.26 12.28 -17.92
CA THR T 41 43.42 13.15 -17.75
C THR T 41 43.04 14.45 -17.05
N GLY T 42 41.93 15.05 -17.43
CA GLY T 42 41.46 16.28 -16.83
C GLY T 42 40.39 16.09 -15.77
N LYS T 43 40.03 14.86 -15.47
CA LYS T 43 38.94 14.59 -14.53
C LYS T 43 39.48 13.66 -13.44
N GLY T 44 38.60 13.06 -12.63
CA GLY T 44 39.01 12.19 -11.56
C GLY T 44 38.65 10.74 -11.84
N LEU T 45 39.06 9.88 -10.91
CA LEU T 45 38.90 8.45 -11.07
C LEU T 45 37.45 8.07 -11.31
N GLU T 46 37.23 7.14 -12.22
CA GLU T 46 35.91 6.62 -12.49
C GLU T 46 35.99 5.10 -12.60
N TRP T 47 35.11 4.41 -11.88
CA TRP T 47 35.05 2.96 -11.96
C TRP T 47 34.52 2.54 -13.32
N VAL T 48 35.17 1.55 -13.93
CA VAL T 48 34.80 1.16 -15.29
C VAL T 48 34.47 -0.31 -15.44
N SER T 49 34.93 -1.22 -14.58
CA SER T 49 34.55 -2.61 -14.70
C SER T 49 34.86 -3.36 -13.42
N ALA T 50 34.19 -4.50 -13.25
CA ALA T 50 34.45 -5.37 -12.11
C ALA T 50 34.24 -6.82 -12.53
N ILE T 51 35.15 -7.69 -12.06
CA ILE T 51 35.05 -9.12 -12.28
C ILE T 51 34.97 -9.81 -10.93
N GLY T 52 34.06 -10.76 -10.81
CA GLY T 52 33.92 -11.50 -9.58
C GLY T 52 34.88 -12.67 -9.49
N THR T 53 34.84 -13.35 -8.35
CA THR T 53 35.63 -14.56 -8.18
C THR T 53 35.18 -15.64 -9.15
N ALA T 54 33.87 -15.82 -9.31
CA ALA T 54 33.37 -16.86 -10.20
C ALA T 54 33.68 -16.56 -11.66
N GLY T 55 33.69 -15.29 -12.03
CA GLY T 55 33.83 -14.90 -13.42
C GLY T 55 32.71 -14.04 -13.95
N ASP T 56 31.70 -13.74 -13.13
CA ASP T 56 30.66 -12.81 -13.53
C ASP T 56 31.21 -11.41 -13.68
N THR T 57 30.75 -10.70 -14.72
CA THR T 57 31.29 -9.42 -15.12
C THR T 57 30.25 -8.35 -14.88
N TYR T 58 30.67 -7.23 -14.28
CA TYR T 58 29.79 -6.11 -14.00
C TYR T 58 30.33 -4.85 -14.66
N TYR T 59 29.46 -4.14 -15.38
CA TYR T 59 29.88 -2.92 -16.04
C TYR T 59 28.95 -1.76 -15.69
N PRO T 60 29.49 -0.55 -15.59
CA PRO T 60 28.64 0.63 -15.46
C PRO T 60 27.94 0.95 -16.77
N GLY T 61 27.03 1.90 -16.70
CA GLY T 61 26.21 2.21 -17.88
C GLY T 61 27.04 2.65 -19.07
N SER T 62 28.08 3.44 -18.84
CA SER T 62 28.83 4.03 -19.95
C SER T 62 29.47 2.97 -20.83
N VAL T 63 30.00 1.92 -20.23
CA VAL T 63 30.72 0.89 -20.97
C VAL T 63 29.96 -0.43 -20.91
N LYS T 64 28.63 -0.34 -20.78
CA LYS T 64 27.84 -1.53 -20.49
C LYS T 64 27.98 -2.59 -21.58
N GLY T 65 27.96 -2.18 -22.84
CA GLY T 65 27.97 -3.15 -23.92
C GLY T 65 29.26 -3.16 -24.72
N ARG T 66 30.19 -2.28 -24.39
CA ARG T 66 31.41 -2.11 -25.16
C ARG T 66 32.63 -2.76 -24.55
N PHE T 67 32.68 -2.90 -23.23
CA PHE T 67 33.85 -3.39 -22.53
C PHE T 67 33.59 -4.82 -22.04
N THR T 68 34.56 -5.70 -22.26
CA THR T 68 34.49 -7.07 -21.77
C THR T 68 35.69 -7.35 -20.87
N ILE T 69 35.42 -7.63 -19.61
CA ILE T 69 36.44 -7.99 -18.65
C ILE T 69 36.44 -9.50 -18.47
N SER T 70 37.62 -10.09 -18.32
CA SER T 70 37.69 -11.51 -18.04
C SER T 70 38.95 -11.80 -17.24
N ARG T 71 38.86 -12.79 -16.36
CA ARG T 71 39.95 -13.24 -15.52
C ARG T 71 40.20 -14.72 -15.76
N GLU T 72 41.46 -15.09 -15.89
CA GLU T 72 41.85 -16.50 -15.93
C GLU T 72 42.71 -16.74 -14.69
N ASN T 73 42.12 -17.39 -13.68
CA ASN T 73 42.81 -17.53 -12.41
C ASN T 73 44.11 -18.32 -12.56
N ALA T 74 44.19 -19.18 -13.57
CA ALA T 74 45.32 -20.11 -13.70
C ALA T 74 46.65 -19.38 -13.82
N LYS T 75 46.73 -18.39 -14.70
CA LYS T 75 48.00 -17.72 -14.96
C LYS T 75 48.09 -16.36 -14.28
N ASN T 76 47.15 -16.05 -13.38
CA ASN T 76 47.20 -14.84 -12.57
C ASN T 76 47.25 -13.58 -13.44
N SER T 77 46.43 -13.55 -14.47
CA SER T 77 46.36 -12.41 -15.38
C SER T 77 44.91 -12.06 -15.61
N LEU T 78 44.63 -10.77 -15.66
CA LEU T 78 43.27 -10.26 -15.86
C LEU T 78 43.24 -9.36 -17.09
N TYR T 79 42.29 -9.61 -17.98
CA TYR T 79 42.15 -8.85 -19.21
C TYR T 79 40.87 -8.03 -19.21
N LEU T 80 40.99 -6.79 -19.67
CA LEU T 80 39.83 -5.97 -20.01
C LEU T 80 39.88 -5.71 -21.51
N GLN T 81 38.81 -6.08 -22.21
CA GLN T 81 38.72 -5.99 -23.66
C GLN T 81 37.77 -4.88 -24.02
N MET T 82 38.24 -3.89 -24.79
CA MET T 82 37.43 -2.74 -25.16
C MET T 82 37.08 -2.79 -26.64
N ASN T 83 35.81 -2.51 -26.94
CA ASN T 83 35.33 -2.43 -28.30
C ASN T 83 34.61 -1.11 -28.51
N SER T 84 34.60 -0.64 -29.76
CA SER T 84 33.86 0.56 -30.14
C SER T 84 34.27 1.76 -29.30
N LEU T 85 35.58 1.92 -29.09
CA LEU T 85 36.07 2.98 -28.23
C LEU T 85 35.67 4.33 -28.77
N ARG T 86 35.19 5.18 -27.87
CA ARG T 86 34.86 6.56 -28.19
C ARG T 86 35.94 7.48 -27.63
N ALA T 87 35.82 8.77 -27.96
CA ALA T 87 36.82 9.73 -27.49
C ALA T 87 36.77 9.92 -25.98
N GLY T 88 35.67 9.56 -25.35
CA GLY T 88 35.61 9.62 -23.89
C GLY T 88 36.56 8.65 -23.23
N ASP T 89 36.73 7.47 -23.83
CA ASP T 89 37.53 6.42 -23.21
C ASP T 89 39.01 6.64 -23.49
N THR T 90 39.53 7.83 -23.23
CA THR T 90 40.91 8.17 -23.54
C THR T 90 41.74 8.36 -22.28
N ALA T 91 41.35 7.72 -21.20
CA ALA T 91 41.93 7.99 -19.90
C ALA T 91 43.09 7.05 -19.59
N VAL T 92 43.54 7.08 -18.33
CA VAL T 92 44.52 6.14 -17.81
C VAL T 92 43.77 5.06 -17.06
N TYR T 93 44.02 3.80 -17.41
CA TYR T 93 43.28 2.68 -16.86
C TYR T 93 44.11 1.96 -15.81
N TYR T 94 43.50 1.74 -14.65
CA TYR T 94 44.14 1.11 -13.50
C TYR T 94 43.41 -0.18 -13.19
N CYS T 95 44.12 -1.30 -13.15
CA CYS T 95 43.51 -2.50 -12.58
C CYS T 95 43.64 -2.38 -11.09
N ALA T 96 42.54 -2.55 -10.37
CA ALA T 96 42.51 -2.31 -8.95
C ALA T 96 41.99 -3.54 -8.25
N ARG T 97 42.77 -4.06 -7.31
CA ARG T 97 42.29 -5.11 -6.44
C ARG T 97 41.43 -4.50 -5.36
N THR T 98 40.47 -5.26 -4.87
CA THR T 98 39.62 -4.84 -3.77
C THR T 98 39.88 -5.73 -2.58
N TRP T 99 39.97 -5.14 -1.40
CA TRP T 99 40.23 -5.95 -0.23
C TRP T 99 39.17 -7.03 -0.11
N PHE T 100 39.58 -8.18 0.42
CA PHE T 100 38.77 -9.39 0.40
C PHE T 100 37.35 -9.09 0.87
N GLY T 101 36.39 -9.28 -0.01
CA GLY T 101 35.00 -9.14 0.38
C GLY T 101 34.55 -7.73 0.63
N GLU T 102 35.35 -6.74 0.30
CA GLU T 102 34.97 -5.34 0.44
C GLU T 102 35.29 -4.61 -0.86
N LEU T 103 34.56 -3.53 -1.10
CA LEU T 103 34.58 -2.90 -2.40
C LEU T 103 35.54 -1.72 -2.50
N TYR T 104 36.21 -1.35 -1.42
CA TYR T 104 37.24 -0.33 -1.52
C TYR T 104 38.52 -0.92 -2.09
N PHE T 105 39.17 -0.17 -2.97
CA PHE T 105 40.29 -0.67 -3.76
C PHE T 105 41.57 -0.51 -2.94
N ASP T 106 42.03 -1.60 -2.34
CA ASP T 106 43.20 -1.50 -1.47
C ASP T 106 44.51 -1.42 -2.27
N TYR T 107 44.59 -2.12 -3.40
CA TYR T 107 45.83 -2.20 -4.15
C TYR T 107 45.61 -1.80 -5.60
N TRP T 108 46.31 -0.76 -6.03
CA TRP T 108 46.25 -0.27 -7.39
C TRP T 108 47.56 -0.60 -8.10
N GLY T 109 47.48 -0.78 -9.40
CA GLY T 109 48.65 -1.05 -10.23
C GLY T 109 48.91 0.16 -11.10
N GLN T 110 50.18 0.45 -11.35
CA GLN T 110 50.54 1.64 -12.11
C GLN T 110 49.82 1.64 -13.44
N GLY T 111 49.16 2.75 -13.75
CA GLY T 111 48.23 2.76 -14.84
C GLY T 111 48.90 2.78 -16.20
N THR T 112 48.09 2.52 -17.22
CA THR T 112 48.49 2.62 -18.61
C THR T 112 47.55 3.57 -19.32
N LEU T 113 48.10 4.31 -20.27
CA LEU T 113 47.34 5.32 -21.00
C LEU T 113 46.83 4.74 -22.31
N VAL T 114 45.54 4.93 -22.56
CA VAL T 114 44.93 4.61 -23.85
C VAL T 114 44.40 5.90 -24.43
N THR T 115 44.73 6.17 -25.68
CA THR T 115 44.36 7.42 -26.34
C THR T 115 43.52 7.11 -27.57
N VAL T 116 42.40 7.80 -27.70
CA VAL T 116 41.49 7.60 -28.81
C VAL T 116 41.51 8.80 -29.74
N ASP U 1 17.73 14.86 0.32
CA ASP U 1 18.21 16.15 0.79
C ASP U 1 17.86 17.22 -0.23
N ILE U 2 16.80 17.98 0.06
CA ILE U 2 16.35 19.01 -0.87
C ILE U 2 17.40 20.11 -0.97
N VAL U 3 17.81 20.41 -2.19
CA VAL U 3 18.76 21.48 -2.46
C VAL U 3 18.05 22.53 -3.31
N MET U 4 18.01 23.75 -2.81
CA MET U 4 17.35 24.85 -3.51
C MET U 4 18.33 25.56 -4.42
N THR U 5 17.93 25.77 -5.67
CA THR U 5 18.72 26.53 -6.62
C THR U 5 17.88 27.68 -7.15
N GLN U 6 18.37 28.91 -6.95
CA GLN U 6 17.67 30.10 -7.42
C GLN U 6 18.18 30.46 -8.80
N SER U 7 17.27 30.53 -9.77
CA SER U 7 17.68 30.58 -11.17
C SER U 7 18.46 31.85 -11.53
N PRO U 8 18.01 33.07 -11.22
CA PRO U 8 18.83 34.24 -11.56
C PRO U 8 19.83 34.54 -10.45
N ASP U 9 21.12 34.40 -10.74
CA ASP U 9 22.12 34.75 -9.74
C ASP U 9 22.11 36.24 -9.44
N SER U 10 21.93 37.06 -10.46
CA SER U 10 21.74 38.49 -10.29
C SER U 10 20.55 38.91 -11.15
N LEU U 11 19.87 39.98 -10.73
CA LEU U 11 18.66 40.41 -11.43
C LEU U 11 18.63 41.94 -11.47
N ALA U 12 19.30 42.52 -12.45
CA ALA U 12 19.26 43.97 -12.63
C ALA U 12 17.95 44.34 -13.30
N VAL U 13 17.11 45.10 -12.61
CA VAL U 13 15.86 45.60 -13.18
C VAL U 13 15.65 47.04 -12.74
N SER U 14 15.08 47.85 -13.61
CA SER U 14 14.90 49.27 -13.34
C SER U 14 13.87 49.50 -12.24
N LEU U 15 13.95 50.68 -11.63
CA LEU U 15 13.06 51.05 -10.54
C LEU U 15 11.61 51.04 -11.00
N GLY U 16 10.75 50.47 -10.17
CA GLY U 16 9.32 50.43 -10.45
C GLY U 16 8.89 49.33 -11.39
N GLU U 17 9.79 48.44 -11.78
CA GLU U 17 9.49 47.38 -12.73
C GLU U 17 9.46 46.05 -11.99
N ARG U 18 8.58 45.15 -12.42
CA ARG U 18 8.43 43.87 -11.75
C ARG U 18 9.72 43.07 -11.81
N ALA U 19 10.05 42.42 -10.70
CA ALA U 19 11.18 41.52 -10.60
C ALA U 19 10.69 40.16 -10.14
N THR U 20 11.26 39.10 -10.69
CA THR U 20 10.87 37.74 -10.35
C THR U 20 12.12 36.92 -10.07
N ILE U 21 12.15 36.28 -8.91
CA ILE U 21 13.22 35.37 -8.52
C ILE U 21 12.67 33.96 -8.51
N ASN U 22 13.34 33.08 -9.24
CA ASN U 22 12.90 31.70 -9.40
C ASN U 22 13.65 30.83 -8.39
N CYS U 23 12.96 29.82 -7.87
CA CYS U 23 13.50 28.95 -6.84
C CYS U 23 13.14 27.50 -7.14
N LYS U 24 14.11 26.72 -7.58
CA LYS U 24 13.90 25.30 -7.88
C LYS U 24 14.48 24.44 -6.76
N SER U 25 13.66 23.51 -6.30
CA SER U 25 14.08 22.57 -5.27
C SER U 25 14.31 21.21 -5.91
N SER U 26 15.27 20.46 -5.38
CA SER U 26 15.56 19.15 -5.95
C SER U 26 14.33 18.24 -5.82
N GLN U 27 13.65 18.32 -4.70
CA GLN U 27 12.48 17.50 -4.41
C GLN U 27 11.29 18.40 -4.12
N SER U 28 10.10 17.88 -4.38
CA SER U 28 8.88 18.64 -4.12
C SER U 28 8.73 18.87 -2.61
N VAL U 29 8.41 20.09 -2.23
CA VAL U 29 8.19 20.42 -0.82
C VAL U 29 6.72 20.68 -0.53
N LEU U 30 5.83 20.32 -1.45
CA LEU U 30 4.40 20.37 -1.16
C LEU U 30 4.02 19.17 -0.31
N TYR U 31 3.33 19.43 0.79
CA TYR U 31 2.92 18.37 1.71
C TYR U 31 1.50 17.96 1.37
N SER U 32 1.30 16.67 1.10
CA SER U 32 0.01 16.20 0.62
C SER U 32 -1.09 16.39 1.67
N SER U 33 -0.78 16.18 2.94
CA SER U 33 -1.82 16.18 3.96
C SER U 33 -2.54 17.52 4.04
N ASN U 34 -1.79 18.62 4.08
CA ASN U 34 -2.38 19.94 4.18
C ASN U 34 -2.36 20.71 2.87
N ASN U 35 -1.65 20.22 1.86
CA ASN U 35 -1.62 20.82 0.52
C ASN U 35 -1.10 22.26 0.58
N LYS U 36 -0.16 22.53 1.48
CA LYS U 36 0.46 23.84 1.57
C LYS U 36 1.97 23.68 1.53
N ASN U 37 2.61 24.53 0.72
CA ASN U 37 4.02 24.36 0.38
C ASN U 37 4.92 24.83 1.52
N TYR U 38 5.84 23.96 1.93
CA TYR U 38 6.74 24.25 3.04
C TYR U 38 7.98 24.98 2.54
N LEU U 39 7.79 26.24 2.17
CA LEU U 39 8.91 27.07 1.74
C LEU U 39 8.76 28.47 2.29
N ALA U 40 9.89 29.11 2.57
CA ALA U 40 9.94 30.48 3.06
C ALA U 40 10.97 31.27 2.28
N TRP U 41 10.74 32.57 2.18
CA TRP U 41 11.62 33.48 1.46
C TRP U 41 12.23 34.48 2.43
N TYR U 42 13.54 34.66 2.35
CA TYR U 42 14.26 35.55 3.24
C TYR U 42 14.93 36.66 2.46
N GLN U 43 14.87 37.88 2.99
CA GLN U 43 15.53 39.03 2.42
C GLN U 43 16.67 39.44 3.33
N GLN U 44 17.88 39.49 2.79
CA GLN U 44 19.04 39.96 3.54
C GLN U 44 19.54 41.24 2.87
N LYS U 45 19.20 42.38 3.43
CA LYS U 45 19.76 43.62 2.94
C LYS U 45 21.22 43.71 3.36
N PRO U 46 22.07 44.36 2.56
CA PRO U 46 23.50 44.37 2.87
C PRO U 46 23.77 44.98 4.24
N GLY U 47 24.48 44.23 5.08
CA GLY U 47 24.82 44.68 6.40
C GLY U 47 23.81 44.37 7.49
N GLN U 48 22.75 43.64 7.20
CA GLN U 48 21.72 43.36 8.18
C GLN U 48 21.43 41.87 8.21
N PRO U 49 20.88 41.37 9.32
CA PRO U 49 20.47 39.98 9.35
C PRO U 49 19.35 39.74 8.36
N PRO U 50 19.21 38.51 7.85
CA PRO U 50 18.11 38.22 6.95
C PRO U 50 16.76 38.48 7.61
N LYS U 51 15.79 38.85 6.79
CA LYS U 51 14.44 39.13 7.25
C LYS U 51 13.48 38.20 6.54
N LEU U 52 12.45 37.75 7.24
CA LEU U 52 11.52 36.75 6.74
C LEU U 52 10.45 37.45 5.92
N LEU U 53 10.54 37.36 4.60
CA LEU U 53 9.50 37.97 3.76
C LEU U 53 8.24 37.12 3.71
N ILE U 54 8.34 35.94 3.12
CA ILE U 54 7.17 35.12 2.84
C ILE U 54 7.39 33.72 3.40
N TYR U 55 6.35 33.18 4.03
CA TYR U 55 6.36 31.82 4.52
C TYR U 55 5.18 31.07 3.93
N TRP U 56 5.22 29.75 4.00
CA TRP U 56 4.21 28.89 3.38
C TRP U 56 4.09 29.18 1.90
N ALA U 57 5.22 29.52 1.28
CA ALA U 57 5.38 29.77 -0.15
C ALA U 57 4.71 31.07 -0.57
N SER U 58 3.49 31.33 -0.08
CA SER U 58 2.75 32.51 -0.48
C SER U 58 2.42 33.46 0.65
N THR U 59 2.23 32.96 1.87
CA THR U 59 1.80 33.82 2.97
C THR U 59 2.86 34.86 3.26
N ARG U 60 2.41 36.10 3.46
CA ARG U 60 3.32 37.22 3.62
C ARG U 60 3.40 37.62 5.08
N GLU U 61 4.63 37.85 5.55
CA GLU U 61 4.83 38.34 6.91
C GLU U 61 4.11 39.67 7.11
N SER U 62 3.75 39.96 8.36
CA SER U 62 2.95 41.14 8.64
C SER U 62 3.69 42.42 8.26
N GLY U 63 4.97 42.51 8.62
CA GLY U 63 5.73 43.71 8.33
C GLY U 63 5.96 43.92 6.84
N VAL U 64 6.08 42.84 6.10
CA VAL U 64 6.45 42.92 4.68
C VAL U 64 5.39 43.70 3.92
N PRO U 65 5.78 44.61 3.02
CA PRO U 65 4.78 45.31 2.21
C PRO U 65 4.13 44.37 1.21
N ASP U 66 3.00 44.83 0.67
CA ASP U 66 2.22 44.03 -0.26
C ASP U 66 2.97 43.73 -1.55
N ARG U 67 4.04 44.48 -1.84
CA ARG U 67 4.73 44.33 -3.12
C ARG U 67 5.29 42.92 -3.27
N PHE U 68 5.84 42.36 -2.20
CA PHE U 68 6.43 41.04 -2.25
C PHE U 68 5.32 40.00 -2.27
N SER U 69 5.23 39.23 -3.34
CA SER U 69 4.24 38.18 -3.47
C SER U 69 4.95 36.88 -3.84
N GLY U 70 4.63 35.81 -3.12
CA GLY U 70 5.23 34.51 -3.35
C GLY U 70 4.22 33.59 -3.99
N SER U 71 4.67 32.82 -4.98
CA SER U 71 3.79 31.92 -5.69
C SER U 71 4.57 30.69 -6.09
N GLY U 72 3.83 29.66 -6.49
CA GLY U 72 4.42 28.42 -6.95
C GLY U 72 3.93 27.23 -6.15
N SER U 73 4.19 26.06 -6.70
CA SER U 73 3.81 24.81 -6.04
C SER U 73 4.81 23.73 -6.42
N GLY U 74 4.83 22.67 -5.60
CA GLY U 74 5.70 21.55 -5.90
C GLY U 74 7.15 21.94 -5.84
N THR U 75 7.91 21.55 -6.87
CA THR U 75 9.36 21.66 -6.80
C THR U 75 9.81 23.10 -6.87
N GLU U 76 9.22 23.90 -7.74
CA GLU U 76 9.73 25.23 -8.05
C GLU U 76 8.77 26.32 -7.59
N PHE U 77 9.35 27.41 -7.10
CA PHE U 77 8.65 28.57 -6.58
C PHE U 77 9.26 29.86 -7.11
N THR U 78 8.48 30.93 -7.03
CA THR U 78 8.96 32.23 -7.45
C THR U 78 8.46 33.32 -6.50
N LEU U 79 9.30 34.34 -6.32
CA LEU U 79 8.98 35.53 -5.56
C LEU U 79 8.94 36.71 -6.51
N THR U 80 7.80 37.40 -6.56
CA THR U 80 7.60 38.51 -7.48
C THR U 80 7.46 39.81 -6.73
N ILE U 81 8.32 40.78 -7.05
CA ILE U 81 8.21 42.13 -6.52
C ILE U 81 7.44 42.95 -7.54
N THR U 82 6.19 43.31 -7.22
CA THR U 82 5.34 43.97 -8.20
C THR U 82 5.92 45.33 -8.60
N SER U 83 6.36 46.11 -7.63
CA SER U 83 7.05 47.37 -7.90
C SER U 83 8.32 47.35 -7.06
N LEU U 84 9.48 47.45 -7.72
CA LEU U 84 10.76 47.35 -7.04
C LEU U 84 11.28 48.74 -6.69
N GLN U 85 11.01 49.18 -5.46
CA GLN U 85 11.63 50.41 -4.99
C GLN U 85 13.11 50.18 -4.69
N ALA U 86 13.86 51.29 -4.67
CA ALA U 86 15.30 51.21 -4.47
C ALA U 86 15.66 50.57 -3.14
N GLU U 87 14.82 50.76 -2.11
CA GLU U 87 15.15 50.22 -0.81
C GLU U 87 15.02 48.71 -0.73
N ASP U 88 14.58 48.04 -1.79
CA ASP U 88 14.48 46.59 -1.82
C ASP U 88 15.70 45.93 -2.43
N VAL U 89 16.75 46.68 -2.76
CA VAL U 89 17.99 46.05 -3.18
C VAL U 89 18.52 45.21 -2.03
N ALA U 90 18.77 43.94 -2.29
CA ALA U 90 19.15 43.00 -1.25
C ALA U 90 19.48 41.67 -1.90
N VAL U 91 19.75 40.66 -1.08
CA VAL U 91 19.97 39.30 -1.53
C VAL U 91 18.83 38.46 -0.97
N TYR U 92 18.14 37.75 -1.84
CA TYR U 92 16.93 37.03 -1.47
C TYR U 92 17.19 35.54 -1.45
N TYR U 93 16.81 34.88 -0.36
CA TYR U 93 17.09 33.47 -0.14
C TYR U 93 15.80 32.68 -0.02
N CYS U 94 15.86 31.43 -0.47
CA CYS U 94 14.79 30.50 -0.21
C CYS U 94 15.11 29.70 1.03
N GLN U 95 14.10 29.02 1.55
CA GLN U 95 14.31 28.05 2.60
C GLN U 95 13.25 26.97 2.43
N GLN U 96 13.65 25.73 2.63
CA GLN U 96 12.70 24.63 2.69
C GLN U 96 12.75 24.03 4.07
N TYR U 97 11.60 23.95 4.72
CA TYR U 97 11.48 23.26 5.99
C TYR U 97 10.62 22.01 5.86
N TYR U 98 10.49 21.50 4.64
CA TYR U 98 9.82 20.23 4.43
C TYR U 98 10.60 19.08 5.06
N SER U 99 11.93 19.12 4.97
CA SER U 99 12.73 17.98 5.37
C SER U 99 13.79 18.35 6.40
N SER U 100 14.65 17.39 6.72
CA SER U 100 15.57 17.55 7.86
C SER U 100 16.59 18.66 7.70
N PRO U 101 17.38 18.76 6.62
CA PRO U 101 18.54 19.65 6.65
C PRO U 101 18.24 21.15 6.59
N LEU U 102 17.01 21.56 6.24
CA LEU U 102 16.67 22.99 6.19
C LEU U 102 17.68 23.79 5.39
N THR U 103 17.87 23.39 4.15
CA THR U 103 18.83 24.06 3.31
C THR U 103 18.27 25.40 2.82
N PHE U 104 19.18 26.27 2.38
CA PHE U 104 18.84 27.55 1.79
C PHE U 104 19.45 27.59 0.40
N GLY U 105 18.74 28.19 -0.53
CA GLY U 105 19.29 28.35 -1.86
C GLY U 105 20.34 29.44 -1.91
N GLY U 106 21.17 29.39 -2.95
CA GLY U 106 22.11 30.47 -3.16
C GLY U 106 21.37 31.78 -3.35
N GLY U 107 21.94 32.85 -2.82
CA GLY U 107 21.24 34.11 -2.83
C GLY U 107 21.08 34.67 -4.22
N THR U 108 20.03 35.47 -4.39
CA THR U 108 19.80 36.22 -5.62
C THR U 108 19.87 37.70 -5.29
N LYS U 109 20.76 38.40 -5.97
CA LYS U 109 20.99 39.82 -5.71
C LYS U 109 20.24 40.63 -6.76
N VAL U 110 19.35 41.51 -6.31
CA VAL U 110 18.62 42.39 -7.20
C VAL U 110 19.23 43.79 -7.10
N GLU U 111 19.54 44.38 -8.24
CA GLU U 111 20.14 45.71 -8.30
C GLU U 111 19.30 46.62 -9.16
N ILE U 112 19.04 47.83 -8.66
CA ILE U 112 18.28 48.82 -9.41
C ILE U 112 19.11 49.33 -10.58
N LYS U 113 18.44 49.90 -11.57
CA LYS U 113 19.10 50.47 -12.73
C LYS U 113 18.88 51.98 -12.80
N ASP V 1 12.67 14.28 -10.11
CA ASP V 1 12.55 14.32 -11.55
C ASP V 1 13.89 14.01 -12.22
N ILE V 2 13.85 13.26 -13.32
CA ILE V 2 15.06 12.99 -14.06
C ILE V 2 15.58 14.28 -14.68
N VAL V 3 16.86 14.57 -14.44
CA VAL V 3 17.54 15.70 -15.05
C VAL V 3 18.58 15.13 -16.01
N MET V 4 18.52 15.57 -17.26
CA MET V 4 19.31 14.98 -18.33
C MET V 4 20.58 15.82 -18.51
N THR V 5 21.73 15.15 -18.56
CA THR V 5 23.00 15.84 -18.70
C THR V 5 23.75 15.28 -19.89
N GLN V 6 24.09 16.15 -20.82
CA GLN V 6 24.87 15.78 -22.01
C GLN V 6 26.31 16.21 -21.77
N SER V 7 27.22 15.23 -21.68
CA SER V 7 28.57 15.52 -21.22
C SER V 7 29.35 16.45 -22.16
N PRO V 8 29.43 16.22 -23.47
CA PRO V 8 30.20 17.13 -24.32
C PRO V 8 29.36 18.34 -24.70
N ASP V 9 29.69 19.49 -24.13
CA ASP V 9 28.94 20.70 -24.44
C ASP V 9 29.12 21.08 -25.91
N SER V 10 30.37 21.03 -26.39
CA SER V 10 30.67 21.21 -27.81
C SER V 10 31.60 20.09 -28.23
N LEU V 11 31.39 19.56 -29.43
CA LEU V 11 32.15 18.40 -29.89
C LEU V 11 32.69 18.68 -31.29
N ALA V 12 33.77 19.45 -31.36
CA ALA V 12 34.41 19.72 -32.64
C ALA V 12 35.11 18.46 -33.13
N VAL V 13 34.72 17.98 -34.31
CA VAL V 13 35.37 16.81 -34.90
C VAL V 13 35.35 16.98 -36.42
N SER V 14 36.38 16.45 -37.07
CA SER V 14 36.49 16.55 -38.52
C SER V 14 35.47 15.66 -39.20
N LEU V 15 35.20 15.99 -40.47
CA LEU V 15 34.20 15.26 -41.24
C LEU V 15 34.66 13.83 -41.51
N GLY V 16 33.71 12.90 -41.44
CA GLY V 16 33.93 11.54 -41.87
C GLY V 16 34.30 10.53 -40.80
N GLU V 17 34.59 10.96 -39.58
CA GLU V 17 34.89 10.02 -38.51
C GLU V 17 33.87 10.13 -37.40
N ARG V 18 33.78 9.06 -36.61
CA ARG V 18 32.70 8.90 -35.64
C ARG V 18 32.68 10.05 -34.65
N ALA V 19 31.48 10.51 -34.33
CA ALA V 19 31.25 11.51 -33.29
C ALA V 19 30.21 10.95 -32.33
N THR V 20 30.51 10.99 -31.04
CA THR V 20 29.64 10.40 -30.03
C THR V 20 29.27 11.45 -29.00
N ILE V 21 27.98 11.59 -28.75
CA ILE V 21 27.45 12.48 -27.72
C ILE V 21 26.94 11.62 -26.58
N ASN V 22 27.35 11.94 -25.36
CA ASN V 22 27.03 11.14 -24.19
C ASN V 22 25.94 11.83 -23.40
N CYS V 23 24.94 11.06 -22.99
CA CYS V 23 23.80 11.59 -22.26
C CYS V 23 23.63 10.84 -20.95
N LYS V 24 23.56 11.58 -19.85
CA LYS V 24 23.43 11.00 -18.52
C LYS V 24 22.14 11.45 -17.87
N SER V 25 21.37 10.51 -17.34
CA SER V 25 20.14 10.80 -16.63
C SER V 25 20.35 10.59 -15.14
N SER V 26 19.68 11.42 -14.32
CA SER V 26 19.89 11.36 -12.88
C SER V 26 19.53 9.98 -12.33
N GLN V 27 18.36 9.47 -12.70
CA GLN V 27 17.99 8.09 -12.40
C GLN V 27 17.56 7.40 -13.68
N SER V 28 17.72 6.07 -13.68
CA SER V 28 17.55 5.29 -14.89
C SER V 28 16.15 5.44 -15.47
N VAL V 29 16.08 5.47 -16.80
CA VAL V 29 14.82 5.56 -17.52
C VAL V 29 14.50 4.26 -18.23
N LEU V 30 15.07 3.15 -17.78
CA LEU V 30 14.77 1.83 -18.34
C LEU V 30 13.61 1.24 -17.56
N TYR V 31 12.47 1.08 -18.22
CA TYR V 31 11.29 0.53 -17.58
C TYR V 31 11.40 -0.98 -17.51
N SER V 32 11.16 -1.53 -16.31
CA SER V 32 11.33 -2.96 -16.11
C SER V 32 10.34 -3.77 -16.93
N SER V 33 9.09 -3.31 -17.04
CA SER V 33 8.04 -4.13 -17.63
C SER V 33 8.33 -4.48 -19.08
N ASN V 34 8.69 -3.47 -19.89
CA ASN V 34 8.94 -3.70 -21.31
C ASN V 34 10.42 -3.75 -21.64
N ASN V 35 11.30 -3.37 -20.71
CA ASN V 35 12.74 -3.35 -20.94
C ASN V 35 13.07 -2.46 -22.13
N LYS V 36 12.36 -1.34 -22.24
CA LYS V 36 12.57 -0.35 -23.29
C LYS V 36 13.01 0.95 -22.63
N ASN V 37 14.08 1.54 -23.16
CA ASN V 37 14.62 2.75 -22.57
C ASN V 37 13.85 3.96 -23.07
N TYR V 38 13.27 4.71 -22.14
CA TYR V 38 12.41 5.85 -22.47
C TYR V 38 13.25 7.10 -22.68
N LEU V 39 14.04 7.08 -23.75
CA LEU V 39 14.84 8.23 -24.12
C LEU V 39 14.73 8.46 -25.61
N ALA V 40 14.77 9.72 -26.01
CA ALA V 40 14.72 10.12 -27.41
C ALA V 40 15.79 11.15 -27.68
N TRP V 41 16.22 11.24 -28.94
CA TRP V 41 17.25 12.16 -29.36
C TRP V 41 16.69 13.11 -30.43
N TYR V 42 16.93 14.39 -30.24
CA TYR V 42 16.45 15.41 -31.15
C TYR V 42 17.61 16.19 -31.75
N GLN V 43 17.53 16.48 -33.03
CA GLN V 43 18.51 17.28 -33.74
C GLN V 43 17.88 18.61 -34.10
N GLN V 44 18.52 19.70 -33.69
CA GLN V 44 18.05 21.04 -34.02
C GLN V 44 19.14 21.73 -34.84
N LYS V 45 18.91 21.85 -36.13
CA LYS V 45 19.79 22.63 -36.98
C LYS V 45 19.56 24.11 -36.72
N PRO V 46 20.56 24.96 -36.99
CA PRO V 46 20.40 26.39 -36.69
C PRO V 46 19.20 26.97 -37.43
N GLY V 47 18.29 27.56 -36.67
CA GLY V 47 17.10 28.15 -37.26
C GLY V 47 16.12 27.18 -37.87
N GLN V 48 15.98 25.98 -37.32
CA GLN V 48 14.92 25.06 -37.69
C GLN V 48 14.35 24.45 -36.42
N PRO V 49 13.10 23.99 -36.45
CA PRO V 49 12.55 23.29 -35.30
C PRO V 49 13.28 21.97 -35.09
N PRO V 50 13.44 21.53 -33.85
CA PRO V 50 14.10 20.25 -33.62
C PRO V 50 13.33 19.13 -34.28
N LYS V 51 14.06 18.15 -34.79
CA LYS V 51 13.46 17.00 -35.45
C LYS V 51 13.93 15.74 -34.76
N LEU V 52 12.99 14.82 -34.56
CA LEU V 52 13.31 13.58 -33.87
C LEU V 52 14.31 12.77 -34.67
N LEU V 53 15.31 12.22 -33.98
CA LEU V 53 16.28 11.35 -34.63
C LEU V 53 16.13 9.91 -34.17
N ILE V 54 16.29 9.66 -32.88
CA ILE V 54 16.30 8.31 -32.33
C ILE V 54 15.36 8.27 -31.15
N TYR V 55 14.43 7.32 -31.16
CA TYR V 55 13.48 7.16 -30.07
C TYR V 55 13.66 5.76 -29.50
N TRP V 56 13.16 5.57 -28.28
CA TRP V 56 13.36 4.32 -27.53
C TRP V 56 14.84 4.03 -27.38
N ALA V 57 15.64 5.09 -27.28
CA ALA V 57 17.07 5.07 -27.04
C ALA V 57 17.85 4.57 -28.25
N SER V 58 17.34 3.54 -28.93
CA SER V 58 18.04 2.95 -30.06
C SER V 58 17.25 2.99 -31.37
N THR V 59 15.93 2.93 -31.31
CA THR V 59 15.14 2.89 -32.53
C THR V 59 15.29 4.19 -33.30
N ARG V 60 15.48 4.07 -34.61
CA ARG V 60 15.77 5.22 -35.44
C ARG V 60 14.50 5.70 -36.14
N GLU V 61 14.45 7.00 -36.43
CA GLU V 61 13.33 7.56 -37.15
C GLU V 61 13.40 7.17 -38.62
N SER V 62 12.25 7.19 -39.28
CA SER V 62 12.19 6.73 -40.68
C SER V 62 13.07 7.58 -41.58
N GLY V 63 12.96 8.90 -41.48
CA GLY V 63 13.73 9.77 -42.35
C GLY V 63 15.22 9.73 -42.06
N VAL V 64 15.59 9.54 -40.80
CA VAL V 64 16.98 9.68 -40.37
C VAL V 64 17.86 8.67 -41.09
N PRO V 65 19.02 9.07 -41.61
CA PRO V 65 19.95 8.10 -42.20
C PRO V 65 20.51 7.16 -41.16
N ASP V 66 21.02 6.03 -41.63
CA ASP V 66 21.58 5.04 -40.72
C ASP V 66 22.88 5.49 -40.08
N ARG V 67 23.43 6.63 -40.51
CA ARG V 67 24.62 7.17 -39.87
C ARG V 67 24.38 7.48 -38.40
N PHE V 68 23.19 7.96 -38.08
CA PHE V 68 22.84 8.30 -36.70
C PHE V 68 22.50 7.02 -35.95
N SER V 69 23.42 6.56 -35.11
CA SER V 69 23.22 5.35 -34.33
C SER V 69 23.19 5.73 -32.85
N GLY V 70 22.15 5.26 -32.15
CA GLY V 70 21.99 5.56 -30.74
C GLY V 70 22.05 4.27 -29.94
N SER V 71 22.58 4.38 -28.73
CA SER V 71 22.76 3.19 -27.91
C SER V 71 22.81 3.61 -26.45
N GLY V 72 22.86 2.62 -25.58
CA GLY V 72 22.95 2.82 -24.15
C GLY V 72 21.81 2.16 -23.42
N SER V 73 21.95 2.10 -22.10
CA SER V 73 20.92 1.50 -21.28
C SER V 73 20.96 2.09 -19.89
N GLY V 74 19.84 1.98 -19.19
CA GLY V 74 19.79 2.40 -17.80
C GLY V 74 19.97 3.90 -17.68
N THR V 75 20.92 4.30 -16.83
CA THR V 75 21.06 5.70 -16.48
C THR V 75 21.67 6.52 -17.62
N GLU V 76 22.66 5.98 -18.32
CA GLU V 76 23.43 6.78 -19.26
C GLU V 76 23.19 6.30 -20.69
N PHE V 77 23.21 7.24 -21.62
CA PHE V 77 22.96 6.94 -23.03
C PHE V 77 23.94 7.69 -23.91
N THR V 78 24.04 7.25 -25.16
CA THR V 78 24.92 7.91 -26.10
C THR V 78 24.32 7.88 -27.50
N LEU V 79 24.69 8.88 -28.29
CA LEU V 79 24.33 8.97 -29.70
C LEU V 79 25.62 8.99 -30.50
N THR V 80 25.72 8.15 -31.52
CA THR V 80 26.92 8.02 -32.31
C THR V 80 26.62 8.30 -33.78
N ILE V 81 27.32 9.26 -34.36
CA ILE V 81 27.28 9.49 -35.80
C ILE V 81 28.44 8.71 -36.40
N THR V 82 28.14 7.65 -37.14
CA THR V 82 29.19 6.76 -37.64
C THR V 82 30.15 7.51 -38.55
N SER V 83 29.63 8.31 -39.47
CA SER V 83 30.44 9.20 -40.29
C SER V 83 29.80 10.57 -40.28
N LEU V 84 30.51 11.55 -39.73
CA LEU V 84 29.99 12.91 -39.70
C LEU V 84 30.07 13.53 -41.09
N GLN V 85 29.08 14.34 -41.43
CA GLN V 85 29.08 15.10 -42.67
C GLN V 85 28.79 16.55 -42.38
N ALA V 86 29.03 17.39 -43.38
CA ALA V 86 28.86 18.82 -43.21
C ALA V 86 27.43 19.15 -42.83
N GLU V 87 26.47 18.43 -43.43
CA GLU V 87 25.06 18.69 -43.18
C GLU V 87 24.66 18.38 -41.74
N ASP V 88 25.34 17.44 -41.09
CA ASP V 88 24.98 17.03 -39.74
C ASP V 88 25.18 18.11 -38.68
N VAL V 89 25.95 19.17 -38.97
CA VAL V 89 26.22 20.18 -37.95
C VAL V 89 24.92 20.72 -37.38
N ALA V 90 24.77 20.62 -36.06
CA ALA V 90 23.54 20.99 -35.38
C ALA V 90 23.70 20.88 -33.87
N VAL V 91 22.64 21.16 -33.13
CA VAL V 91 22.60 20.97 -31.69
C VAL V 91 21.74 19.76 -31.42
N TYR V 92 22.30 18.76 -30.74
CA TYR V 92 21.60 17.51 -30.50
C TYR V 92 21.12 17.48 -29.06
N TYR V 93 19.88 17.08 -28.85
CA TYR V 93 19.26 17.11 -27.54
C TYR V 93 18.84 15.72 -27.10
N CYS V 94 18.62 15.59 -25.81
CA CYS V 94 18.12 14.39 -25.18
C CYS V 94 16.72 14.67 -24.67
N GLN V 95 15.92 13.62 -24.57
CA GLN V 95 14.65 13.72 -23.88
C GLN V 95 14.41 12.43 -23.12
N GLN V 96 13.90 12.55 -21.91
CA GLN V 96 13.43 11.39 -21.17
C GLN V 96 11.93 11.54 -21.02
N TYR V 97 11.20 10.56 -21.53
CA TYR V 97 9.75 10.53 -21.45
C TYR V 97 9.26 9.46 -20.49
N TYR V 98 10.09 9.13 -19.50
CA TYR V 98 9.78 8.14 -18.50
C TYR V 98 9.12 8.71 -17.25
N SER V 99 9.01 10.03 -17.12
CA SER V 99 8.56 10.61 -15.86
C SER V 99 7.58 11.75 -16.11
N SER V 100 7.07 12.30 -15.00
CA SER V 100 6.02 13.30 -15.09
C SER V 100 6.47 14.59 -15.78
N PRO V 101 7.59 15.22 -15.40
CA PRO V 101 8.03 16.37 -16.18
C PRO V 101 8.92 15.95 -17.34
N LEU V 102 8.47 16.18 -18.56
CA LEU V 102 9.30 15.91 -19.73
C LEU V 102 10.50 16.86 -19.70
N THR V 103 11.70 16.31 -19.72
CA THR V 103 12.90 17.13 -19.58
C THR V 103 13.84 16.89 -20.75
N PHE V 104 14.38 17.98 -21.28
CA PHE V 104 15.40 17.93 -22.32
C PHE V 104 16.75 18.29 -21.72
N GLY V 105 17.76 17.51 -22.05
CA GLY V 105 19.10 17.85 -21.62
C GLY V 105 19.61 19.08 -22.35
N GLY V 106 20.61 19.72 -21.76
CA GLY V 106 21.27 20.82 -22.43
C GLY V 106 21.87 20.36 -23.74
N GLY V 107 21.80 21.24 -24.74
CA GLY V 107 22.17 20.82 -26.08
C GLY V 107 23.66 20.58 -26.22
N THR V 108 24.01 19.73 -27.18
CA THR V 108 25.39 19.49 -27.58
C THR V 108 25.56 19.92 -29.02
N LYS V 109 26.50 20.81 -29.26
CA LYS V 109 26.75 21.31 -30.60
C LYS V 109 27.94 20.58 -31.20
N VAL V 110 27.75 20.00 -32.38
CA VAL V 110 28.83 19.38 -33.13
C VAL V 110 29.27 20.33 -34.23
N GLU V 111 30.58 20.44 -34.43
CA GLU V 111 31.13 21.32 -35.44
C GLU V 111 32.23 20.61 -36.22
N ILE V 112 32.26 20.87 -37.53
CA ILE V 112 33.21 20.21 -38.41
C ILE V 112 34.62 20.75 -38.12
N LYS V 113 35.62 19.94 -38.41
CA LYS V 113 37.01 20.36 -38.26
C LYS V 113 37.79 20.17 -39.55
C1 NAG W . -24.19 -9.63 -14.34
C2 NAG W . -23.29 -8.50 -14.81
C3 NAG W . -24.14 -7.31 -15.24
C4 NAG W . -25.16 -7.78 -16.28
C5 NAG W . -25.97 -8.91 -15.67
C6 NAG W . -27.00 -9.46 -16.62
C7 NAG W . -21.18 -8.68 -13.57
C8 NAG W . -20.36 -8.14 -12.44
N2 NAG W . -22.37 -8.10 -13.76
O3 NAG W . -23.27 -6.31 -15.78
O4 NAG W . -26.07 -6.74 -16.63
O5 NAG W . -25.07 -9.98 -15.38
O6 NAG W . -26.42 -9.75 -17.89
O7 NAG W . -20.79 -9.60 -14.29
C1 NAG W . -25.51 -5.98 -17.71
C2 NAG W . -26.57 -5.66 -18.75
C3 NAG W . -25.95 -4.87 -19.88
C4 NAG W . -25.28 -3.62 -19.31
C5 NAG W . -24.30 -4.02 -18.21
C6 NAG W . -23.69 -2.82 -17.52
C7 NAG W . -28.43 -7.25 -18.99
C8 NAG W . -28.89 -8.53 -19.60
N2 NAG W . -27.18 -6.89 -19.26
O3 NAG W . -26.97 -4.50 -20.80
O4 NAG W . -24.59 -2.91 -20.34
O5 NAG W . -24.99 -4.76 -17.20
O6 NAG W . -23.90 -2.89 -16.11
O7 NAG W . -29.17 -6.56 -18.30
C1 BMA W . -25.31 -1.65 -20.47
C2 BMA W . -24.33 -0.47 -20.23
C3 BMA W . -25.20 0.78 -20.27
C4 BMA W . -25.87 0.94 -21.63
C5 BMA W . -26.74 -0.33 -21.88
C6 BMA W . -27.41 -0.34 -23.25
O2 BMA W . -23.40 -0.41 -21.28
O3 BMA W . -24.52 1.95 -19.78
O4 BMA W . -26.72 2.06 -21.61
O5 BMA W . -25.93 -1.52 -21.75
O6 BMA W . -28.74 -0.86 -23.10
C1 MAN W . -28.59 -2.27 -22.77
C2 MAN W . -28.28 -3.02 -24.13
C3 MAN W . -29.34 -4.02 -24.56
C4 MAN W . -29.62 -4.95 -23.41
C5 MAN W . -30.18 -4.14 -22.22
C6 MAN W . -30.38 -4.88 -20.89
O2 MAN W . -27.09 -3.79 -24.03
O3 MAN W . -28.92 -4.77 -25.69
O4 MAN W . -30.64 -5.86 -23.77
O5 MAN W . -29.74 -2.76 -22.05
O6 MAN W . -31.66 -5.50 -20.95
C1 MAN W . -32.13 -5.70 -19.60
C2 MAN W . -33.42 -6.51 -19.70
C3 MAN W . -34.44 -5.71 -20.49
C4 MAN W . -34.64 -4.33 -19.85
C5 MAN W . -33.30 -3.62 -19.70
C6 MAN W . -33.44 -2.34 -18.90
O2 MAN W . -34.02 -6.71 -18.42
O3 MAN W . -35.69 -6.39 -20.55
O4 MAN W . -35.50 -3.55 -20.67
O5 MAN W . -32.39 -4.47 -18.98
O6 MAN W . -34.39 -2.54 -17.88
C1 MAN W . -23.73 2.66 -20.77
C2 MAN W . -22.26 2.57 -20.37
C3 MAN W . -22.12 3.13 -18.97
C4 MAN W . -22.68 4.56 -18.91
C5 MAN W . -24.11 4.59 -19.49
C6 MAN W . -24.67 6.01 -19.62
O2 MAN W . -21.45 3.39 -21.18
O3 MAN W . -20.77 3.14 -18.55
O4 MAN W . -22.73 5.00 -17.58
O5 MAN W . -24.10 4.00 -20.81
O6 MAN W . -23.83 6.73 -20.52
C1 NAG X . 14.69 -34.44 5.99
C2 NAG X . 15.60 -33.39 5.37
C3 NAG X . 16.40 -33.98 4.23
C4 NAG X . 17.14 -35.22 4.70
C5 NAG X . 16.16 -36.20 5.34
C6 NAG X . 16.83 -37.41 5.93
C7 NAG X . 14.77 -31.09 5.61
C8 NAG X . 13.94 -30.01 4.98
N2 NAG X . 14.83 -32.24 4.92
O3 NAG X . 17.31 -32.97 3.78
O4 NAG X . 17.77 -35.90 3.60
O5 NAG X . 15.47 -35.54 6.40
O6 NAG X . 17.83 -37.02 6.87
O7 NAG X . 15.37 -30.94 6.66
C1 NAG X . 19.03 -35.30 3.28
C2 NAG X . 20.07 -36.36 2.96
C3 NAG X . 21.38 -35.70 2.54
C4 NAG X . 21.12 -34.75 1.37
C5 NAG X . 20.03 -33.75 1.75
C6 NAG X . 19.63 -32.85 0.61
C7 NAG X . 19.63 -38.37 4.29
C8 NAG X . 20.00 -39.15 5.52
N2 NAG X . 20.30 -37.23 4.10
O3 NAG X . 22.31 -36.69 2.16
O4 NAG X . 22.31 -34.03 1.06
O5 NAG X . 18.84 -34.45 2.15
O6 NAG X . 18.26 -33.02 0.28
O7 NAG X . 18.78 -38.76 3.50
C1 BMA X . 22.85 -34.52 -0.18
C2 BMA X . 23.06 -33.33 -1.08
C3 BMA X . 23.67 -33.84 -2.38
C4 BMA X . 24.99 -34.54 -2.11
C5 BMA X . 24.72 -35.70 -1.13
C6 BMA X . 25.99 -36.43 -0.70
O2 BMA X . 23.98 -32.46 -0.48
O3 BMA X . 23.76 -32.82 -3.42
O4 BMA X . 25.51 -35.10 -3.30
O5 BMA X . 24.07 -35.17 0.06
O6 BMA X . 25.66 -37.77 -0.37
C1 MAN X . 25.28 -37.84 1.01
C2 MAN X . 26.25 -38.80 1.74
C3 MAN X . 25.52 -39.39 2.93
C4 MAN X . 24.33 -40.24 2.47
C5 MAN X . 23.78 -39.71 1.14
C6 MAN X . 22.32 -39.96 1.04
O2 MAN X . 27.37 -38.10 2.28
O3 MAN X . 25.06 -38.37 3.80
O4 MAN X . 24.73 -41.58 2.29
O5 MAN X . 23.95 -38.29 1.11
O6 MAN X . 22.08 -41.28 1.46
C1 MAN X . 20.68 -41.52 1.31
C2 MAN X . 20.32 -42.72 2.20
C3 MAN X . 20.94 -43.99 1.64
C4 MAN X . 20.68 -44.13 0.14
C5 MAN X . 21.16 -42.89 -0.56
C6 MAN X . 20.95 -42.92 -2.05
O2 MAN X . 18.92 -42.97 2.20
O3 MAN X . 20.45 -45.14 2.31
O4 MAN X . 21.38 -45.24 -0.38
O5 MAN X . 20.40 -41.80 -0.04
O6 MAN X . 19.64 -42.44 -2.32
C1 MAN X . 24.94 -32.00 -3.36
C2 MAN X . 24.49 -30.57 -3.05
C3 MAN X . 23.59 -30.09 -4.17
C4 MAN X . 24.28 -30.28 -5.53
C5 MAN X . 24.76 -31.72 -5.68
C6 MAN X . 25.53 -31.97 -6.97
O2 MAN X . 25.59 -29.67 -3.04
O3 MAN X . 23.25 -28.74 -3.99
O4 MAN X . 23.37 -29.98 -6.57
O5 MAN X . 25.62 -32.02 -4.58
O6 MAN X . 26.66 -31.10 -6.99
C1 NAG Y . -9.20 1.37 32.63
C2 NAG Y . -8.11 2.22 32.01
C3 NAG Y . -7.06 2.55 33.06
C4 NAG Y . -7.72 3.18 34.28
C5 NAG Y . -8.83 2.27 34.78
C6 NAG Y . -9.61 2.85 35.94
C7 NAG Y . -7.51 2.03 29.65
C8 NAG Y . -6.82 1.20 28.61
N2 NAG Y . -7.50 1.53 30.89
O3 NAG Y . -6.11 3.44 32.49
O4 NAG Y . -6.77 3.33 35.33
O5 NAG Y . -9.77 2.06 33.72
O6 NAG Y . -10.89 2.25 36.06
O7 NAG Y . -8.05 3.09 29.37
C1 NAG Y . -6.21 4.65 35.24
C2 NAG Y . -6.34 5.32 36.60
C3 NAG Y . -5.61 6.67 36.59
C4 NAG Y . -4.21 6.54 36.04
C5 NAG Y . -4.24 5.82 34.70
C6 NAG Y . -2.87 5.57 34.13
C7 NAG Y . -8.21 5.13 38.16
C8 NAG Y . -9.66 5.39 38.39
N2 NAG Y . -7.73 5.49 36.98
O3 NAG Y . -5.57 7.15 37.92
O4 NAG Y . -3.63 7.83 35.88
O5 NAG Y . -4.85 4.54 34.89
O6 NAG Y . -2.53 4.19 34.21
O7 NAG Y . -7.50 4.62 39.02
C1 BMA Y . -2.64 8.06 36.90
C2 BMA Y . -1.44 8.70 36.22
C3 BMA Y . -0.43 9.11 37.27
C4 BMA Y . -1.10 9.99 38.31
C5 BMA Y . -2.23 9.23 38.98
C6 BMA Y . -2.92 10.10 40.06
O2 BMA Y . -1.82 9.88 35.55
O3 BMA Y . 0.64 9.83 36.67
O4 BMA Y . -0.16 10.37 39.29
O5 BMA Y . -3.16 8.90 37.92
O6 BMA Y . -3.90 9.39 40.86
C1 MAN Y . -5.09 9.11 40.09
C2 MAN Y . -5.81 10.45 39.69
C3 MAN Y . -6.42 11.10 40.91
C4 MAN Y . -7.34 10.11 41.62
C5 MAN Y . -6.52 8.88 42.03
C6 MAN Y . -7.36 7.81 42.67
O2 MAN Y . -6.91 10.20 38.81
O3 MAN Y . -7.14 12.27 40.55
O4 MAN Y . -7.88 10.70 42.79
O5 MAN Y . -6.01 8.29 40.82
O6 MAN Y . -6.48 6.74 42.99
C1 MAN Y . -6.68 5.56 42.21
C2 MAN Y . -7.93 4.84 42.68
C3 MAN Y . -7.77 4.55 44.18
C4 MAN Y . -6.43 3.85 44.46
C5 MAN Y . -5.28 4.62 43.80
C6 MAN Y . -3.96 3.92 43.95
O2 MAN Y . -8.06 3.56 42.07
O3 MAN Y . -8.85 3.78 44.68
O4 MAN Y . -6.21 3.78 45.86
O5 MAN Y . -5.58 4.76 42.40
O6 MAN Y . -3.59 4.00 45.32
C1 MAN Y . 1.77 8.96 36.48
C2 MAN Y . 3.06 9.81 36.55
C3 MAN Y . 3.14 10.74 35.35
C4 MAN Y . 2.91 9.95 34.05
C5 MAN Y . 1.58 9.23 34.14
C6 MAN Y . 1.24 8.42 32.91
O2 MAN Y . 4.23 9.00 36.47
O3 MAN Y . 4.39 11.39 35.29
O4 MAN Y . 2.87 10.83 32.95
O5 MAN Y . 1.67 8.32 35.24
O6 MAN Y . 2.00 7.24 32.94
C1 NAG Z . -17.69 12.70 -24.83
C2 NAG Z . -18.60 13.37 -25.84
C3 NAG Z . -18.50 14.88 -25.69
C4 NAG Z . -18.85 15.28 -24.26
C5 NAG Z . -17.96 14.52 -23.28
C6 NAG Z . -18.35 14.76 -21.84
C7 NAG Z . -19.15 12.36 -28.01
C8 NAG Z . -18.65 12.02 -29.38
N2 NAG Z . -18.27 12.97 -27.20
O3 NAG Z . -19.38 15.51 -26.61
O4 NAG Z . -18.68 16.68 -24.09
O5 NAG Z . -18.05 13.11 -23.49
O6 NAG Z . -19.26 15.85 -21.72
O7 NAG Z . -20.29 12.11 -27.65
C1 NAG AA . 11.43 -3.10 -33.63
C2 NAG AA . 12.21 -4.05 -34.51
C3 NAG AA . 12.91 -5.09 -33.64
C4 NAG AA . 13.78 -4.38 -32.60
C5 NAG AA . 12.97 -3.34 -31.83
C6 NAG AA . 13.83 -2.48 -30.93
C7 NAG AA . 11.14 -4.21 -36.71
C8 NAG AA . 10.22 -5.01 -37.58
N2 NAG AA . 11.35 -4.70 -35.48
O3 NAG AA . 13.71 -5.93 -34.46
O4 NAG AA . 14.29 -5.34 -31.68
O5 NAG AA . 12.31 -2.45 -32.74
O6 NAG AA . 14.85 -1.82 -31.68
O7 NAG AA . 11.67 -3.17 -37.09
C1 NAG BA . 3.07 -11.26 -36.90
C2 NAG BA . 4.11 -11.42 -38.02
C3 NAG BA . 5.43 -11.96 -37.45
C4 NAG BA . 5.86 -11.20 -36.20
C5 NAG BA . 4.70 -11.11 -35.22
C6 NAG BA . 5.02 -10.28 -34.00
C7 NAG BA . 4.25 -12.56 -40.20
C8 NAG BA . 3.57 -13.50 -41.14
N2 NAG BA . 3.60 -12.30 -39.05
O3 NAG BA . 6.45 -11.87 -38.44
O4 NAG BA . 6.95 -11.88 -35.58
O5 NAG BA . 3.61 -10.46 -35.87
O6 NAG BA . 3.84 -9.92 -33.30
O7 NAG BA . 5.33 -12.06 -40.47
C1 NAG CA . 32.18 -25.10 -9.73
C2 NAG CA . 33.30 -25.98 -10.31
C3 NAG CA . 33.45 -25.71 -11.80
C4 NAG CA . 32.12 -25.87 -12.51
C5 NAG CA . 31.06 -25.01 -11.84
C6 NAG CA . 29.68 -25.21 -12.41
C7 NAG CA . 34.88 -26.37 -8.47
C8 NAG CA . 36.21 -26.01 -7.89
N2 NAG CA . 34.55 -25.76 -9.62
O3 NAG CA . 34.41 -26.62 -12.35
O4 NAG CA . 32.25 -25.48 -13.87
O5 NAG CA . 30.97 -25.34 -10.44
O6 NAG CA . 29.28 -26.57 -12.35
O7 NAG CA . 34.11 -27.16 -7.92
C1 NAG DA . 37.93 -1.78 14.64
C2 NAG DA . 37.99 -0.28 14.96
C3 NAG DA . 36.75 0.16 15.73
C4 NAG DA . 35.48 -0.30 15.02
C5 NAG DA . 35.54 -1.79 14.74
C6 NAG DA . 34.36 -2.30 13.95
C7 NAG DA . 40.36 0.34 15.11
C8 NAG DA . 41.50 0.65 16.03
N2 NAG DA . 39.20 0.05 15.69
O3 NAG DA . 36.74 1.58 15.86
O4 NAG DA . 34.34 -0.02 15.82
O5 NAG DA . 36.71 -2.08 13.96
O6 NAG DA . 34.52 -3.67 13.60
O7 NAG DA . 40.50 0.34 13.89
C1 NAG EA . 10.57 17.54 33.05
C2 NAG EA . 11.04 18.46 34.19
C3 NAG EA . 12.56 18.41 34.32
C4 NAG EA . 13.03 16.96 34.45
C5 NAG EA . 12.49 16.15 33.28
C6 NAG EA . 12.85 14.67 33.37
C7 NAG EA . 9.48 20.32 34.53
C8 NAG EA . 9.16 21.75 34.21
N2 NAG EA . 10.59 19.83 33.98
O3 NAG EA . 12.96 19.17 35.45
O4 NAG EA . 14.45 16.91 34.45
O5 NAG EA . 11.05 16.22 33.28
O6 NAG EA . 13.03 14.11 32.08
O7 NAG EA . 8.76 19.65 35.26
C1 NAG FA . -4.81 31.86 6.16
C2 NAG FA . -4.77 32.37 4.72
C3 NAG FA . -5.67 31.51 3.83
C4 NAG FA . -5.28 30.04 3.96
C5 NAG FA . -5.31 29.63 5.43
C6 NAG FA . -4.85 28.21 5.65
C7 NAG FA . -4.36 34.78 4.96
C8 NAG FA . -4.94 36.16 4.83
N2 NAG FA . -5.17 33.77 4.65
O3 NAG FA . -5.54 31.93 2.48
O4 NAG FA . -6.18 29.23 3.22
O5 NAG FA . -4.45 30.47 6.20
O6 NAG FA . -4.95 27.84 7.03
O7 NAG FA . -3.21 34.61 5.35
C1 NAG GA . -13.31 30.06 13.33
C2 NAG GA . -14.51 30.76 12.70
C3 NAG GA . -14.62 30.43 11.22
C4 NAG GA . -13.30 30.71 10.51
C5 NAG GA . -12.15 30.02 11.23
C6 NAG GA . -10.78 30.37 10.65
C7 NAG GA . -16.25 29.19 13.48
C8 NAG GA . -17.55 29.06 14.23
N2 NAG GA . -15.75 30.43 13.39
O3 NAG GA . -15.66 31.18 10.63
O4 NAG GA . -13.36 30.25 9.17
O5 NAG GA . -12.11 30.39 12.61
O6 NAG GA . -9.75 30.13 11.58
O7 NAG GA . -15.70 28.21 12.98
#